data_9NGW
#
_entry.id   9NGW
#
_cell.length_a   1.00
_cell.length_b   1.00
_cell.length_c   1.00
_cell.angle_alpha   90.00
_cell.angle_beta   90.00
_cell.angle_gamma   90.00
#
_symmetry.space_group_name_H-M   'P 1'
#
_entity_poly.entity_id   1
_entity_poly.type   'polypeptide(L)'
_entity_poly.pdbx_seq_one_letter_code
;MASKKENLKSLFSNTRTRVIIIFTAALLIIAVVIGFFKIRGATTGSIAAAEVSTVPGGIQSIPGVLDPTAQYAKLQEEQN
ITQAQVAEKTGGSAIPTIIRTQALGEGVGVIGSQSGVGFAALAQEELGGPQRSLWIQELQDGSCSKSVITKVVNQGAQLT
DLKAACSCVQLKDSGYGLQELEQVCECKELKSAGYNARQLKEAGYSAGRLRNCGFDACELRNAGFTAQEMKDGGFSDGEL
KGAGFSDAEIAKASGLPDGITADDVRKAGCGAAALAKLRQAGVSASAIRKISGCTAEQLKAAGYTAKELKDAGFSAADLR
RAGFSAAELKDAGFTARDLLNAGFTPADLAKAGFSDAQIKAAQAELPPGITPQDVKNAGCDVEALKKEREAGVSAALIRQ
YAGCSAQALKAAGFTDADLANAGFTPAQISAATPLSDAEIKAAGCDPDKLKKLFSAGVSAKRIKELNGCSAEALKAAGYD
AQSLLAAGFTPQELLAAGFTPKQLEDAGLNPVSIIADGRVADCSVESLKKARAAGVSALTIKQTLGCSAAALKAAGYTAK
ELKDAGFTAAELKAAGFSAKELKDAGFTAKELRDAGFSAQELKDVGFSAKDLKDAGFSAAELKAAGFTAAQLKAAGFSAK
DLKDAGFSAAELKAAGFSAKELKDAGFSASDLKNAGFSAKELKDAGFSASDLKSAGFSASELKNAGYSADELKKAGYTSA
ELRNAGFSPQESAVAGLQGPDLQQLDSSITGIPSIPGATPRPTTSDAASSAEQLQAILQKQNEQLAEQKYQQEIQQRTSD
MLTAATQLVQDWKQVETQVYTEGTEETKTSGGESAVPGTGTGTGSNNQPVDQGAVSAQNQAIIKTGDIMFAVLDTSVNSD
EPGPILATIVTGKLKGSKLIGSFNLPSNADKMVITFNTMSIPGAEKTISISAYAIDPNTARTALASRTNHHYLMRYGSLF
ASSFLQGFGNAFQSANTTITIGGTGGGNNITVANGVRRSTLENAVIGLATVGKAWSQQAQQLFNTPTTVEVYSGTGLGIL
FTQDVTTI
;
_entity_poly.pdbx_strand_id   A,B,C,D,E,F,G,H,I,J,K,L,M,N,O,P
#
# COMPACT_ATOMS: atom_id res chain seq x y z
N ILE A 862 44.45 23.53 -50.93
CA ILE A 862 44.62 23.21 -49.52
C ILE A 862 44.11 24.38 -48.68
N ILE A 863 43.69 24.09 -47.44
CA ILE A 863 43.25 25.12 -46.50
C ILE A 863 43.74 24.71 -45.11
N LYS A 864 44.58 25.53 -44.51
CA LYS A 864 45.08 25.25 -43.18
C LYS A 864 44.05 25.64 -42.13
N THR A 865 44.17 25.04 -40.95
CA THR A 865 43.29 25.36 -39.84
C THR A 865 43.55 26.77 -39.35
N GLY A 866 42.49 27.54 -39.15
CA GLY A 866 42.58 28.93 -38.77
C GLY A 866 42.59 29.90 -39.93
N ASP A 867 42.66 29.40 -41.16
CA ASP A 867 42.61 30.28 -42.32
C ASP A 867 41.21 30.89 -42.45
N ILE A 868 41.18 32.21 -42.60
CA ILE A 868 39.93 32.95 -42.72
C ILE A 868 39.81 33.44 -44.16
N MET A 869 38.70 33.13 -44.80
CA MET A 869 38.38 33.73 -46.09
C MET A 869 37.01 34.39 -46.03
N PHE A 870 36.89 35.53 -46.69
CA PHE A 870 35.70 36.35 -46.57
C PHE A 870 34.62 35.89 -47.54
N ALA A 871 33.41 35.75 -47.04
CA ALA A 871 32.25 35.32 -47.82
C ALA A 871 31.16 36.37 -47.70
N VAL A 872 30.10 36.22 -48.48
CA VAL A 872 28.91 37.04 -48.35
C VAL A 872 27.71 36.12 -48.25
N LEU A 873 26.93 36.28 -47.18
CA LEU A 873 25.68 35.56 -47.06
C LEU A 873 24.73 35.99 -48.17
N ASP A 874 24.06 35.01 -48.79
CA ASP A 874 23.04 35.32 -49.78
C ASP A 874 21.77 34.50 -49.56
N THR A 875 21.63 33.86 -48.41
CA THR A 875 20.38 33.24 -48.01
C THR A 875 20.08 33.71 -46.60
N SER A 876 19.09 34.59 -46.46
CA SER A 876 18.74 35.13 -45.15
C SER A 876 18.24 34.01 -44.25
N VAL A 877 18.66 34.05 -42.99
CA VAL A 877 18.32 33.01 -42.03
C VAL A 877 17.45 33.62 -40.93
N ASN A 878 16.80 32.74 -40.18
CA ASN A 878 15.94 33.16 -39.08
C ASN A 878 15.82 31.94 -38.18
N SER A 879 16.03 32.16 -36.88
CA SER A 879 16.18 31.04 -35.94
C SER A 879 14.93 30.16 -35.85
N ASP A 880 13.76 30.70 -36.18
CA ASP A 880 12.53 29.92 -36.06
C ASP A 880 12.48 28.79 -37.07
N GLU A 881 13.00 29.02 -38.28
CA GLU A 881 12.87 28.07 -39.38
C GLU A 881 14.21 27.40 -39.66
N PRO A 882 14.41 26.15 -39.26
CA PRO A 882 15.64 25.45 -39.65
C PRO A 882 15.72 25.27 -41.15
N GLY A 883 16.93 25.40 -41.69
CA GLY A 883 17.15 25.28 -43.11
C GLY A 883 18.60 25.53 -43.48
N PRO A 884 18.96 25.17 -44.72
CA PRO A 884 20.35 25.37 -45.15
C PRO A 884 20.69 26.84 -45.30
N ILE A 885 21.97 27.14 -45.14
CA ILE A 885 22.51 28.49 -45.27
C ILE A 885 23.62 28.44 -46.31
N LEU A 886 23.53 29.32 -47.30
CA LEU A 886 24.47 29.38 -48.41
C LEU A 886 25.24 30.69 -48.38
N ALA A 887 26.56 30.61 -48.49
CA ALA A 887 27.43 31.78 -48.54
C ALA A 887 28.43 31.60 -49.67
N THR A 888 28.67 32.66 -50.43
CA THR A 888 29.60 32.63 -51.55
C THR A 888 30.87 33.38 -51.18
N ILE A 889 32.01 32.70 -51.27
CA ILE A 889 33.28 33.34 -50.97
C ILE A 889 33.61 34.36 -52.06
N VAL A 890 34.03 35.56 -51.64
CA VAL A 890 34.27 36.66 -52.57
C VAL A 890 35.76 36.86 -52.83
N THR A 891 36.58 36.86 -51.79
CA THR A 891 38.00 37.15 -51.91
C THR A 891 38.82 35.92 -51.59
N GLY A 892 39.82 35.65 -52.42
CA GLY A 892 40.78 34.59 -52.19
C GLY A 892 41.02 33.76 -53.43
N LYS A 893 41.89 32.76 -53.28
CA LYS A 893 42.17 31.83 -54.37
C LYS A 893 40.98 30.96 -54.70
N LEU A 894 40.01 30.84 -53.80
CA LEU A 894 38.76 30.12 -54.04
C LEU A 894 37.66 31.18 -54.10
N LYS A 895 37.47 31.76 -55.28
CA LYS A 895 36.53 32.85 -55.48
C LYS A 895 35.27 32.27 -56.12
N GLY A 896 34.15 32.35 -55.41
CA GLY A 896 32.88 31.88 -55.92
C GLY A 896 32.44 30.53 -55.40
N SER A 897 33.18 29.92 -54.48
CA SER A 897 32.76 28.65 -53.91
C SER A 897 31.50 28.84 -53.08
N LYS A 898 30.71 27.78 -52.97
CA LYS A 898 29.44 27.81 -52.26
C LYS A 898 29.56 27.01 -50.97
N LEU A 899 29.41 27.69 -49.84
CA LEU A 899 29.43 27.07 -48.52
C LEU A 899 28.00 26.87 -48.05
N ILE A 900 27.62 25.63 -47.77
CA ILE A 900 26.32 25.30 -47.20
C ILE A 900 26.53 24.78 -45.79
N GLY A 901 25.80 25.36 -44.85
CA GLY A 901 25.87 24.97 -43.46
C GLY A 901 24.57 25.23 -42.72
N SER A 902 24.62 25.17 -41.39
CA SER A 902 23.42 25.37 -40.58
C SER A 902 23.66 26.43 -39.52
N PHE A 903 22.70 26.59 -38.62
CA PHE A 903 22.83 27.52 -37.51
C PHE A 903 22.49 26.79 -36.21
N ASN A 904 22.69 27.49 -35.10
CA ASN A 904 22.40 26.93 -33.78
C ASN A 904 22.24 28.07 -32.79
N LEU A 905 21.04 28.22 -32.23
CA LEU A 905 20.82 29.20 -31.18
C LEU A 905 21.15 28.58 -29.83
N PRO A 906 22.07 29.14 -29.06
CA PRO A 906 22.54 28.47 -27.84
C PRO A 906 21.56 28.53 -26.68
N SER A 907 20.33 28.97 -26.94
CA SER A 907 19.22 29.02 -25.98
C SER A 907 19.44 30.02 -24.86
N ASN A 908 20.58 30.69 -24.81
CA ASN A 908 20.81 31.77 -23.86
C ASN A 908 21.48 32.98 -24.47
N ALA A 909 21.75 32.95 -25.78
CA ALA A 909 22.48 34.01 -26.46
C ALA A 909 21.56 34.77 -27.40
N ASP A 910 21.88 36.04 -27.60
CA ASP A 910 21.14 36.89 -28.53
C ASP A 910 21.64 36.77 -29.96
N LYS A 911 22.64 35.92 -30.20
CA LYS A 911 23.21 35.73 -31.54
C LYS A 911 23.30 34.25 -31.83
N MET A 912 23.31 33.91 -33.12
CA MET A 912 23.29 32.54 -33.57
C MET A 912 24.61 32.18 -34.24
N VAL A 913 24.97 30.90 -34.17
CA VAL A 913 26.27 30.41 -34.64
C VAL A 913 26.06 29.68 -35.96
N ILE A 914 26.59 30.24 -37.03
CA ILE A 914 26.53 29.63 -38.35
C ILE A 914 27.74 28.73 -38.52
N THR A 915 27.50 27.44 -38.78
CA THR A 915 28.57 26.45 -38.93
C THR A 915 28.45 25.77 -40.28
N PHE A 916 29.26 26.22 -41.23
CA PHE A 916 29.26 25.65 -42.57
C PHE A 916 29.91 24.27 -42.57
N ASN A 917 29.33 23.34 -43.33
CA ASN A 917 29.85 21.98 -43.36
C ASN A 917 29.89 21.37 -44.75
N THR A 918 29.75 22.15 -45.81
CA THR A 918 29.95 21.63 -47.16
C THR A 918 30.43 22.75 -48.06
N MET A 919 31.48 22.50 -48.84
CA MET A 919 32.04 23.50 -49.73
C MET A 919 32.03 22.99 -51.16
N SER A 920 31.57 23.81 -52.08
CA SER A 920 31.51 23.50 -53.51
C SER A 920 32.42 24.49 -54.24
N ILE A 921 33.62 24.03 -54.57
CA ILE A 921 34.60 24.87 -55.28
C ILE A 921 34.26 24.84 -56.77
N PRO A 922 34.21 26.00 -57.45
CA PRO A 922 34.02 25.98 -58.89
C PRO A 922 35.17 25.27 -59.58
N GLY A 923 34.84 24.52 -60.63
CA GLY A 923 35.84 23.74 -61.32
C GLY A 923 36.28 22.48 -60.60
N ALA A 924 35.50 22.02 -59.63
CA ALA A 924 35.79 20.79 -58.90
C ALA A 924 34.82 19.70 -59.33
N GLU A 925 35.31 18.45 -59.32
CA GLU A 925 34.47 17.34 -59.72
C GLU A 925 33.32 17.14 -58.75
N LYS A 926 33.58 17.23 -57.45
CA LYS A 926 32.58 17.00 -56.43
C LYS A 926 32.74 18.03 -55.32
N THR A 927 31.80 18.03 -54.39
CA THR A 927 31.80 18.94 -53.25
C THR A 927 32.43 18.25 -52.05
N ILE A 928 33.37 18.91 -51.41
CA ILE A 928 34.13 18.34 -50.31
C ILE A 928 33.44 18.67 -49.00
N SER A 929 33.49 17.72 -48.06
CA SER A 929 33.05 18.00 -46.71
C SER A 929 34.02 18.97 -46.05
N ILE A 930 33.55 19.69 -45.03
CA ILE A 930 34.30 20.78 -44.45
C ILE A 930 33.84 21.02 -43.01
N SER A 931 34.70 21.66 -42.23
CA SER A 931 34.37 22.14 -40.89
C SER A 931 34.72 23.62 -40.85
N ALA A 932 33.72 24.47 -40.74
CA ALA A 932 33.95 25.90 -40.79
C ALA A 932 32.90 26.62 -39.95
N TYR A 933 33.27 27.80 -39.49
CA TYR A 933 32.40 28.65 -38.68
C TYR A 933 32.38 30.05 -39.27
N ALA A 934 31.22 30.68 -39.27
CA ALA A 934 31.09 32.03 -39.79
C ALA A 934 31.24 33.01 -38.63
N ILE A 935 32.21 33.92 -38.77
CA ILE A 935 32.45 34.97 -37.78
C ILE A 935 31.98 36.28 -38.38
N ASP A 936 31.50 37.16 -37.49
CA ASP A 936 30.95 38.44 -37.91
C ASP A 936 32.05 39.48 -37.98
N PRO A 937 32.35 40.05 -39.16
CA PRO A 937 33.31 41.15 -39.22
C PRO A 937 32.81 42.36 -38.44
N ASN A 938 33.75 43.22 -38.08
CA ASN A 938 33.56 44.40 -37.24
C ASN A 938 33.30 44.04 -35.78
N THR A 939 33.15 42.76 -35.45
CA THR A 939 33.01 42.32 -34.07
C THR A 939 33.96 41.15 -33.80
N ALA A 940 34.27 40.40 -34.85
CA ALA A 940 35.13 39.21 -34.86
C ALA A 940 34.53 38.04 -34.09
N ARG A 941 33.36 38.20 -33.48
CA ARG A 941 32.74 37.10 -32.76
C ARG A 941 32.28 36.01 -33.73
N THR A 942 32.18 34.79 -33.23
CA THR A 942 31.77 33.66 -34.06
C THR A 942 30.27 33.57 -34.26
N ALA A 943 29.51 34.60 -33.92
CA ALA A 943 28.06 34.57 -33.99
C ALA A 943 27.55 35.73 -34.83
N LEU A 944 26.41 35.51 -35.49
CA LEU A 944 25.82 36.46 -36.41
C LEU A 944 24.43 36.84 -35.94
N ALA A 945 24.12 38.14 -35.98
CA ALA A 945 22.78 38.62 -35.67
C ALA A 945 22.59 39.98 -36.32
N SER A 946 21.82 40.03 -37.40
CA SER A 946 21.46 41.30 -38.01
C SER A 946 20.22 41.92 -37.38
N ARG A 947 19.40 41.13 -36.71
CA ARG A 947 18.24 41.65 -36.00
C ARG A 947 17.81 40.62 -34.96
N THR A 948 17.87 40.99 -33.68
CA THR A 948 17.47 40.11 -32.60
C THR A 948 16.13 40.59 -32.06
N ASN A 949 15.18 39.67 -31.97
CA ASN A 949 13.80 40.00 -31.60
C ASN A 949 13.42 39.22 -30.34
N HIS A 950 13.42 39.92 -29.21
CA HIS A 950 12.73 39.46 -28.02
C HIS A 950 11.30 39.99 -28.09
N HIS A 951 10.33 39.09 -27.91
CA HIS A 951 8.93 39.45 -28.07
C HIS A 951 8.44 40.12 -26.78
N TYR A 952 8.77 41.39 -26.64
CA TYR A 952 8.38 42.13 -25.45
C TYR A 952 6.91 42.50 -25.42
N LEU A 953 6.33 42.85 -26.57
CA LEU A 953 4.93 43.23 -26.63
C LEU A 953 3.99 42.03 -26.65
N MET A 954 4.47 40.84 -26.98
CA MET A 954 3.65 39.65 -27.00
C MET A 954 3.80 38.79 -25.74
N ARG A 955 4.97 38.82 -25.11
CA ARG A 955 5.17 38.06 -23.88
C ARG A 955 4.94 38.89 -22.62
N TYR A 956 5.39 40.15 -22.62
CA TYR A 956 5.11 41.04 -21.50
C TYR A 956 3.85 41.86 -21.70
N GLY A 957 3.45 42.11 -22.95
CA GLY A 957 2.19 42.79 -23.19
C GLY A 957 0.97 41.93 -22.97
N SER A 958 1.13 40.61 -23.01
CA SER A 958 0.06 39.69 -22.68
C SER A 958 0.15 39.16 -21.26
N LEU A 959 1.24 39.46 -20.55
CA LEU A 959 1.38 39.11 -19.14
C LEU A 959 1.05 40.27 -18.21
N PHE A 960 1.31 41.50 -18.64
CA PHE A 960 1.00 42.68 -17.84
C PHE A 960 -0.39 43.23 -18.12
N ALA A 961 -1.09 42.72 -19.13
CA ALA A 961 -2.43 43.17 -19.47
C ALA A 961 -3.51 42.16 -19.11
N SER A 962 -3.23 40.87 -19.24
CA SER A 962 -4.19 39.86 -18.80
C SER A 962 -4.27 39.82 -17.27
N SER A 963 -3.11 39.80 -16.61
CA SER A 963 -3.10 39.79 -15.16
C SER A 963 -3.60 41.10 -14.59
N PHE A 964 -3.33 42.22 -15.27
CA PHE A 964 -3.90 43.48 -14.83
C PHE A 964 -5.42 43.45 -14.90
N LEU A 965 -5.99 42.87 -15.94
CA LEU A 965 -7.44 42.73 -16.01
C LEU A 965 -7.95 41.85 -14.88
N GLN A 966 -7.24 40.74 -14.61
CA GLN A 966 -7.66 39.85 -13.53
C GLN A 966 -7.65 40.56 -12.19
N GLY A 967 -6.65 41.39 -11.93
CA GLY A 967 -6.55 42.13 -10.69
C GLY A 967 -7.51 43.29 -10.58
N PHE A 968 -7.68 44.04 -11.68
CA PHE A 968 -8.55 45.20 -11.71
C PHE A 968 -10.01 44.80 -11.62
N GLY A 969 -10.37 43.61 -12.11
CA GLY A 969 -11.72 43.13 -11.99
C GLY A 969 -12.04 42.59 -10.60
N ASN A 970 -11.18 41.71 -10.09
CA ASN A 970 -11.38 41.17 -8.76
C ASN A 970 -11.34 42.26 -7.70
N ALA A 971 -10.60 43.34 -7.95
CA ALA A 971 -10.58 44.47 -7.03
C ALA A 971 -11.95 45.14 -6.96
N PHE A 972 -12.64 45.26 -8.09
CA PHE A 972 -13.99 45.80 -8.08
C PHE A 972 -14.99 44.80 -7.53
N GLN A 973 -14.67 43.50 -7.55
CA GLN A 973 -15.60 42.50 -7.03
C GLN A 973 -15.83 42.69 -5.55
N SER A 974 -14.78 42.96 -4.78
CA SER A 974 -14.86 43.13 -3.34
C SER A 974 -14.79 44.59 -2.92
N ALA A 975 -15.40 45.48 -3.69
CA ALA A 975 -15.32 46.91 -3.42
C ALA A 975 -16.39 47.38 -2.44
N ASN A 976 -17.66 47.21 -2.80
CA ASN A 976 -18.77 47.66 -1.97
C ASN A 976 -19.40 46.46 -1.28
N THR A 977 -19.20 46.37 0.03
CA THR A 977 -19.72 45.27 0.83
C THR A 977 -20.21 45.83 2.16
N THR A 978 -21.19 45.14 2.75
CA THR A 978 -21.72 45.55 4.05
C THR A 978 -20.99 44.83 5.17
N ASN A 994 -23.15 41.29 -2.07
CA ASN A 994 -22.61 42.64 -2.17
C ASN A 994 -23.68 43.69 -1.91
N GLY A 995 -23.85 44.61 -2.85
CA GLY A 995 -24.80 45.71 -2.71
C GLY A 995 -25.20 46.17 -4.11
N VAL A 996 -25.82 47.35 -4.18
CA VAL A 996 -26.29 47.87 -5.46
C VAL A 996 -25.09 48.30 -6.30
N ARG A 997 -25.01 47.77 -7.51
CA ARG A 997 -23.94 48.07 -8.45
C ARG A 997 -24.53 48.51 -9.78
N ARG A 998 -23.88 49.48 -10.42
CA ARG A 998 -24.30 49.89 -11.74
C ARG A 998 -23.85 48.88 -12.79
N SER A 999 -24.44 48.99 -13.98
CA SER A 999 -24.22 47.97 -15.01
C SER A 999 -22.78 47.96 -15.48
N THR A 1000 -22.15 49.13 -15.60
CA THR A 1000 -20.74 49.20 -15.97
C THR A 1000 -19.81 48.87 -14.82
N LEU A 1001 -20.31 48.88 -13.59
CA LEU A 1001 -19.54 48.41 -12.45
C LEU A 1001 -19.34 46.90 -12.48
N GLU A 1002 -20.03 46.21 -13.39
CA GLU A 1002 -19.82 44.79 -13.63
C GLU A 1002 -19.52 44.47 -15.09
N ASN A 1003 -19.81 45.37 -16.02
CA ASN A 1003 -19.52 45.12 -17.43
C ASN A 1003 -18.04 45.34 -17.72
N ALA A 1004 -17.57 46.57 -17.57
CA ALA A 1004 -16.23 46.92 -18.02
C ALA A 1004 -15.16 46.74 -16.95
N VAL A 1005 -15.52 46.28 -15.76
CA VAL A 1005 -14.52 46.05 -14.73
C VAL A 1005 -14.58 44.63 -14.18
N ILE A 1006 -15.70 44.24 -13.55
CA ILE A 1006 -15.74 42.97 -12.85
C ILE A 1006 -15.73 41.80 -13.84
N GLY A 1007 -16.49 41.93 -14.93
CA GLY A 1007 -16.52 40.85 -15.91
C GLY A 1007 -15.15 40.59 -16.51
N LEU A 1008 -14.37 41.64 -16.73
CA LEU A 1008 -13.03 41.49 -17.29
C LEU A 1008 -12.18 40.56 -16.44
N ALA A 1009 -12.42 40.52 -15.14
CA ALA A 1009 -11.64 39.66 -14.25
C ALA A 1009 -11.71 38.20 -14.65
N THR A 1010 -12.73 37.80 -15.39
CA THR A 1010 -12.73 36.43 -15.88
C THR A 1010 -11.94 36.29 -17.18
N VAL A 1011 -12.11 37.22 -18.12
CA VAL A 1011 -11.35 37.11 -19.36
C VAL A 1011 -9.86 37.27 -19.07
N GLY A 1012 -9.49 38.24 -18.24
CA GLY A 1012 -8.13 38.35 -17.78
C GLY A 1012 -7.64 37.13 -17.04
N LYS A 1013 -8.55 36.34 -16.47
CA LYS A 1013 -8.14 35.07 -15.86
C LYS A 1013 -7.85 34.02 -16.92
N ALA A 1014 -8.66 33.98 -17.98
CA ALA A 1014 -8.40 33.03 -19.06
C ALA A 1014 -7.18 33.44 -19.87
N TRP A 1015 -7.12 34.72 -20.23
CA TRP A 1015 -5.98 35.24 -20.98
C TRP A 1015 -4.68 35.02 -20.23
N SER A 1016 -4.70 35.23 -18.91
CA SER A 1016 -3.51 34.95 -18.11
C SER A 1016 -3.15 33.48 -18.16
N GLN A 1017 -4.15 32.60 -18.14
CA GLN A 1017 -3.87 31.17 -18.21
C GLN A 1017 -3.26 30.79 -19.55
N GLN A 1018 -3.62 31.50 -20.62
CA GLN A 1018 -3.10 31.22 -21.95
C GLN A 1018 -1.92 32.10 -22.32
N ALA A 1019 -1.48 32.99 -21.43
CA ALA A 1019 -0.32 33.83 -21.68
C ALA A 1019 0.93 33.35 -20.94
N GLN A 1020 0.79 32.45 -19.97
CA GLN A 1020 1.96 31.82 -19.38
C GLN A 1020 2.70 30.95 -20.38
N GLN A 1021 2.01 30.46 -21.40
CA GLN A 1021 2.65 29.70 -22.47
C GLN A 1021 3.24 30.61 -23.54
N LEU A 1022 2.67 31.79 -23.74
CA LEU A 1022 3.23 32.74 -24.70
C LEU A 1022 4.57 33.29 -24.25
N PHE A 1023 4.86 33.24 -22.95
CA PHE A 1023 6.13 33.73 -22.43
C PHE A 1023 7.32 32.87 -22.86
N ASN A 1024 7.08 31.68 -23.37
CA ASN A 1024 8.15 30.75 -23.73
C ASN A 1024 8.54 30.83 -25.20
N THR A 1025 8.03 31.81 -25.93
CA THR A 1025 8.42 31.96 -27.33
C THR A 1025 9.87 32.41 -27.39
N PRO A 1026 10.77 31.65 -28.02
CA PRO A 1026 12.19 32.03 -28.01
C PRO A 1026 12.45 33.27 -28.84
N THR A 1027 13.51 33.99 -28.46
CA THR A 1027 13.94 35.14 -29.24
C THR A 1027 14.38 34.69 -30.63
N THR A 1028 14.05 35.49 -31.63
CA THR A 1028 14.36 35.14 -33.01
C THR A 1028 15.54 35.97 -33.50
N VAL A 1029 16.55 35.29 -34.04
CA VAL A 1029 17.74 35.94 -34.55
C VAL A 1029 17.68 35.85 -36.07
N GLU A 1030 17.81 36.99 -36.73
CA GLU A 1030 17.70 37.08 -38.18
C GLU A 1030 18.99 37.64 -38.74
N VAL A 1031 19.65 36.88 -39.61
CA VAL A 1031 20.83 37.33 -40.34
C VAL A 1031 20.44 37.53 -41.78
N TYR A 1032 20.67 38.73 -42.30
CA TYR A 1032 20.14 39.10 -43.61
C TYR A 1032 20.96 38.46 -44.72
N SER A 1033 20.65 38.83 -45.96
CA SER A 1033 21.19 38.18 -47.15
C SER A 1033 22.24 39.01 -47.86
N GLY A 1034 22.80 40.01 -47.18
CA GLY A 1034 23.92 40.75 -47.71
C GLY A 1034 25.04 40.83 -46.70
N THR A 1035 24.89 40.06 -45.63
CA THR A 1035 25.80 40.13 -44.49
C THR A 1035 27.12 39.44 -44.83
N GLY A 1036 28.19 40.21 -44.90
CA GLY A 1036 29.50 39.62 -45.09
C GLY A 1036 29.92 38.81 -43.87
N LEU A 1037 30.70 37.76 -44.13
CA LEU A 1037 31.15 36.84 -43.10
C LEU A 1037 32.63 36.59 -43.27
N GLY A 1038 33.25 36.13 -42.19
CA GLY A 1038 34.57 35.56 -42.31
C GLY A 1038 34.51 34.08 -41.99
N ILE A 1039 34.78 33.23 -42.96
CA ILE A 1039 34.75 31.79 -42.73
C ILE A 1039 36.09 31.37 -42.14
N LEU A 1040 36.04 30.74 -40.96
CA LEU A 1040 37.18 30.21 -40.24
C LEU A 1040 37.10 28.70 -40.25
N PHE A 1041 38.13 28.04 -40.77
CA PHE A 1041 38.13 26.59 -40.91
C PHE A 1041 38.86 25.97 -39.72
N THR A 1042 38.14 25.14 -38.97
CA THR A 1042 38.70 24.51 -37.78
C THR A 1042 39.37 23.18 -38.09
N GLN A 1043 39.44 22.77 -39.36
CA GLN A 1043 40.13 21.55 -39.73
C GLN A 1043 40.64 21.67 -41.16
N ASP A 1044 41.64 20.86 -41.48
CA ASP A 1044 42.30 20.92 -42.77
C ASP A 1044 41.36 20.53 -43.90
N VAL A 1045 41.63 21.05 -45.08
CA VAL A 1045 40.86 20.74 -46.28
C VAL A 1045 41.80 20.07 -47.28
N THR A 1046 41.42 18.90 -47.75
CA THR A 1046 42.23 18.15 -48.71
C THR A 1046 41.37 17.64 -49.86
N ILE B 862 24.27 18.11 -65.22
CA ILE B 862 24.81 18.08 -63.87
C ILE B 862 24.29 19.30 -63.11
N ILE B 863 24.08 19.15 -61.80
CA ILE B 863 23.73 20.26 -60.93
C ILE B 863 24.65 20.23 -59.72
N LYS B 864 25.46 21.26 -59.56
CA LYS B 864 26.37 21.32 -58.43
C LYS B 864 25.64 21.76 -57.17
N THR B 865 26.25 21.47 -56.03
CA THR B 865 25.68 21.86 -54.74
C THR B 865 25.71 23.37 -54.59
N GLY B 866 24.57 23.94 -54.16
CA GLY B 866 24.44 25.36 -54.02
C GLY B 866 23.90 26.08 -55.24
N ASP B 867 23.69 25.38 -56.35
CA ASP B 867 23.20 26.01 -57.55
C ASP B 867 21.74 26.40 -57.38
N ILE B 868 21.42 27.65 -57.69
CA ILE B 868 20.06 28.19 -57.55
C ILE B 868 19.49 28.37 -58.95
N MET B 869 18.40 27.65 -59.23
CA MET B 869 17.66 27.82 -60.46
C MET B 869 16.22 28.18 -60.12
N PHE B 870 15.68 29.17 -60.82
CA PHE B 870 14.42 29.78 -60.43
C PHE B 870 13.24 28.98 -60.96
N ALA B 871 12.32 28.66 -60.07
CA ALA B 871 11.10 27.93 -60.40
C ALA B 871 9.89 28.84 -60.20
N VAL B 872 8.72 28.33 -60.56
CA VAL B 872 7.46 28.99 -60.25
C VAL B 872 6.52 27.95 -59.65
N LEU B 873 5.98 28.25 -58.48
CA LEU B 873 4.99 27.38 -57.88
C LEU B 873 3.75 27.38 -58.76
N ASP B 874 3.17 26.19 -58.96
CA ASP B 874 1.92 26.08 -59.71
C ASP B 874 0.93 25.15 -59.02
N THR B 875 1.21 24.79 -57.77
CA THR B 875 0.24 24.09 -56.92
C THR B 875 0.21 24.84 -55.59
N SER B 876 -0.89 25.56 -55.35
CA SER B 876 -1.01 26.36 -54.15
C SER B 876 -0.88 25.48 -52.91
N VAL B 877 -0.11 25.94 -51.94
CA VAL B 877 0.19 25.18 -50.73
C VAL B 877 -0.56 25.79 -49.56
N ASN B 878 -1.22 24.94 -48.77
CA ASN B 878 -1.87 25.35 -47.53
C ASN B 878 -1.34 24.46 -46.42
N SER B 879 -0.94 25.07 -45.32
CA SER B 879 -0.35 24.33 -44.21
C SER B 879 -1.33 23.36 -43.57
N ASP B 880 -2.63 23.58 -43.72
CA ASP B 880 -3.62 22.73 -43.06
C ASP B 880 -3.66 21.34 -43.68
N GLU B 881 -3.70 21.26 -45.00
CA GLU B 881 -3.83 19.97 -45.68
C GLU B 881 -2.49 19.56 -46.27
N PRO B 882 -1.84 18.51 -45.74
CA PRO B 882 -0.60 18.04 -46.34
C PRO B 882 -0.85 17.46 -47.73
N GLY B 883 0.14 17.66 -48.60
CA GLY B 883 0.06 17.17 -49.96
C GLY B 883 1.31 17.51 -50.76
N PRO B 884 1.42 16.96 -51.96
CA PRO B 884 2.59 17.25 -52.79
C PRO B 884 2.55 18.68 -53.30
N ILE B 885 3.74 19.19 -53.60
CA ILE B 885 3.93 20.54 -54.11
C ILE B 885 4.68 20.45 -55.42
N LEU B 886 4.17 21.12 -56.45
CA LEU B 886 4.77 21.11 -57.77
C LEU B 886 5.33 22.48 -58.10
N ALA B 887 6.52 22.49 -58.68
CA ALA B 887 7.14 23.72 -59.16
C ALA B 887 7.73 23.44 -60.54
N THR B 888 7.87 24.51 -61.33
CA THR B 888 8.36 24.38 -62.70
C THR B 888 9.52 25.34 -62.91
N ILE B 889 10.71 24.79 -63.19
CA ILE B 889 11.88 25.61 -63.45
C ILE B 889 11.67 26.37 -64.76
N VAL B 890 11.95 27.67 -64.75
CA VAL B 890 11.68 28.52 -65.89
C VAL B 890 12.96 29.04 -66.54
N THR B 891 13.99 29.35 -65.75
CA THR B 891 15.24 29.89 -66.29
C THR B 891 16.36 28.87 -66.09
N GLY B 892 17.13 28.65 -67.16
CA GLY B 892 18.31 27.81 -67.09
C GLY B 892 18.32 26.77 -68.19
N LYS B 893 19.38 25.97 -68.18
CA LYS B 893 19.49 24.86 -69.13
C LYS B 893 18.43 23.80 -68.87
N LEU B 894 18.09 23.57 -67.60
CA LEU B 894 17.08 22.57 -67.24
C LEU B 894 15.71 23.24 -67.14
N LYS B 895 15.35 23.94 -68.22
CA LYS B 895 14.11 24.68 -68.27
C LYS B 895 12.93 23.74 -68.50
N GLY B 896 11.88 23.90 -67.69
CA GLY B 896 10.67 23.12 -67.84
C GLY B 896 10.57 21.89 -66.97
N SER B 897 11.59 21.56 -66.20
CA SER B 897 11.55 20.40 -65.33
C SER B 897 10.52 20.59 -64.23
N LYS B 898 9.97 19.48 -63.75
CA LYS B 898 8.93 19.50 -62.73
C LYS B 898 9.51 19.03 -61.41
N LEU B 899 9.44 19.89 -60.39
CA LEU B 899 9.94 19.58 -59.06
C LEU B 899 8.76 19.19 -58.18
N ILE B 900 8.82 17.98 -57.62
CA ILE B 900 7.82 17.49 -56.68
C ILE B 900 8.45 17.47 -55.30
N GLY B 901 7.78 18.11 -54.35
CA GLY B 901 8.27 18.18 -52.98
C GLY B 901 7.17 18.24 -51.94
N SER B 902 7.54 18.58 -50.71
CA SER B 902 6.59 18.69 -49.61
C SER B 902 6.91 19.95 -48.82
N PHE B 903 6.26 20.12 -47.68
CA PHE B 903 6.47 21.28 -46.82
C PHE B 903 6.59 20.83 -45.38
N ASN B 904 6.90 21.78 -44.51
CA ASN B 904 7.00 21.52 -43.08
C ASN B 904 6.90 22.84 -42.34
N LEU B 905 5.85 23.02 -41.55
CA LEU B 905 5.72 24.20 -40.71
C LEU B 905 6.56 24.00 -39.45
N PRO B 906 7.48 24.91 -39.14
CA PRO B 906 8.43 24.67 -38.04
C PRO B 906 7.80 24.81 -36.66
N SER B 907 6.46 24.93 -36.59
CA SER B 907 5.66 24.95 -35.38
C SER B 907 5.87 26.18 -34.53
N ASN B 908 6.78 27.08 -34.90
CA ASN B 908 6.98 28.32 -34.16
C ASN B 908 7.22 29.48 -35.13
N ALA B 909 6.90 29.29 -36.40
CA ALA B 909 7.22 30.28 -37.43
C ALA B 909 5.98 30.60 -38.24
N ASP B 910 5.99 31.78 -38.85
CA ASP B 910 4.90 32.25 -39.70
C ASP B 910 5.10 31.90 -41.17
N LYS B 911 6.17 31.17 -41.50
CA LYS B 911 6.45 30.78 -42.88
C LYS B 911 6.79 29.29 -42.91
N MET B 912 6.50 28.67 -44.05
CA MET B 912 6.65 27.22 -44.22
C MET B 912 7.83 26.92 -45.13
N VAL B 913 8.51 25.82 -44.85
CA VAL B 913 9.72 25.44 -45.56
C VAL B 913 9.36 24.38 -46.60
N ILE B 914 9.57 24.70 -47.88
CA ILE B 914 9.26 23.80 -48.98
C ILE B 914 10.53 23.08 -49.38
N THR B 915 10.54 21.75 -49.28
CA THR B 915 11.67 20.93 -49.66
C THR B 915 11.25 20.06 -50.84
N PHE B 916 12.02 20.11 -51.92
CA PHE B 916 11.73 19.38 -53.13
C PHE B 916 12.60 18.13 -53.20
N ASN B 917 11.99 16.98 -53.47
CA ASN B 917 12.71 15.71 -53.43
C ASN B 917 12.50 14.85 -54.66
N THR B 918 11.97 15.39 -55.75
CA THR B 918 11.93 14.66 -57.01
C THR B 918 11.97 15.67 -58.15
N MET B 919 12.71 15.35 -59.20
CA MET B 919 12.81 16.23 -60.35
C MET B 919 12.63 15.44 -61.64
N SER B 920 11.70 15.90 -62.47
CA SER B 920 11.42 15.27 -63.76
C SER B 920 11.89 16.22 -64.86
N ILE B 921 13.02 15.91 -65.47
CA ILE B 921 13.60 16.72 -66.54
C ILE B 921 12.96 16.31 -67.87
N PRO B 922 12.49 17.26 -68.67
CA PRO B 922 12.00 16.90 -70.00
C PRO B 922 13.11 16.30 -70.83
N GLY B 923 12.75 15.28 -71.62
CA GLY B 923 13.73 14.56 -72.41
C GLY B 923 14.52 13.53 -71.65
N ALA B 924 14.24 13.31 -70.37
CA ALA B 924 14.91 12.30 -69.57
C ALA B 924 14.07 11.03 -69.53
N GLU B 925 14.69 9.94 -69.09
CA GLU B 925 14.00 8.66 -69.02
C GLU B 925 13.14 8.57 -67.77
N LYS B 926 13.76 8.67 -66.59
CA LYS B 926 13.08 8.57 -65.32
C LYS B 926 13.27 9.86 -64.52
N THR B 927 12.64 9.91 -63.36
CA THR B 927 12.75 11.04 -62.46
C THR B 927 13.81 10.74 -61.41
N ILE B 928 14.71 11.69 -61.20
CA ILE B 928 15.86 11.50 -60.32
C ILE B 928 15.52 12.00 -58.93
N SER B 929 15.96 11.25 -57.91
CA SER B 929 15.84 11.74 -56.54
C SER B 929 16.77 12.93 -56.34
N ILE B 930 16.35 13.84 -55.47
CA ILE B 930 17.00 15.14 -55.34
C ILE B 930 16.81 15.66 -53.93
N SER B 931 17.81 16.39 -53.44
CA SER B 931 17.69 17.18 -52.22
C SER B 931 17.71 18.64 -52.62
N ALA B 932 16.66 19.37 -52.23
CA ALA B 932 16.56 20.77 -52.60
C ALA B 932 15.65 21.48 -51.61
N TYR B 933 15.79 22.80 -51.56
CA TYR B 933 14.95 23.65 -50.74
C TYR B 933 14.47 24.82 -51.59
N ALA B 934 13.34 25.39 -51.20
CA ALA B 934 12.74 26.51 -51.91
C ALA B 934 12.98 27.78 -51.11
N ILE B 935 13.74 28.70 -51.67
CA ILE B 935 14.01 29.99 -51.06
C ILE B 935 13.15 31.04 -51.75
N ASP B 936 12.78 32.06 -50.99
CA ASP B 936 11.83 33.06 -51.44
C ASP B 936 12.58 34.25 -51.99
N PRO B 937 12.42 34.60 -53.26
CA PRO B 937 13.05 35.82 -53.77
C PRO B 937 12.50 37.05 -53.07
N ASN B 938 13.30 38.12 -53.08
CA ASN B 938 13.07 39.40 -52.40
C ASN B 938 13.29 39.30 -50.90
N THR B 939 13.51 38.11 -50.34
CA THR B 939 13.82 37.95 -48.93
C THR B 939 15.01 37.03 -48.78
N ALA B 940 15.20 36.14 -49.75
CA ALA B 940 16.27 35.15 -49.81
C ALA B 940 16.17 34.12 -48.70
N ARG B 941 15.15 34.21 -47.85
CA ARG B 941 14.96 33.22 -46.80
C ARG B 941 14.52 31.90 -47.40
N THR B 942 14.80 30.80 -46.68
CA THR B 942 14.43 29.47 -47.16
C THR B 942 12.98 29.13 -46.90
N ALA B 943 12.13 30.10 -46.57
CA ALA B 943 10.75 29.84 -46.22
C ALA B 943 9.82 30.70 -47.06
N LEU B 944 8.61 30.18 -47.28
CA LEU B 944 7.61 30.82 -48.13
C LEU B 944 6.34 31.08 -47.33
N ALA B 945 5.77 32.27 -47.51
CA ALA B 945 4.46 32.57 -46.95
C ALA B 945 3.84 33.69 -47.75
N SER B 946 2.93 33.35 -48.66
CA SER B 946 2.18 34.38 -49.37
C SER B 946 1.10 34.98 -48.47
N ARG B 947 0.60 34.23 -47.51
CA ARG B 947 -0.39 34.74 -46.56
C ARG B 947 -0.37 33.86 -45.33
N THR B 948 0.06 34.40 -44.19
CA THR B 948 -0.01 33.70 -42.93
C THR B 948 -1.24 34.16 -42.16
N ASN B 949 -1.83 33.24 -41.40
CA ASN B 949 -3.11 33.49 -40.75
C ASN B 949 -3.07 32.90 -39.35
N HIS B 950 -2.99 33.78 -38.35
CA HIS B 950 -3.27 33.41 -36.97
C HIS B 950 -4.74 33.71 -36.71
N HIS B 951 -5.45 32.72 -36.17
CA HIS B 951 -6.89 32.85 -35.96
C HIS B 951 -7.12 33.72 -34.74
N TYR B 952 -7.25 35.03 -34.98
CA TYR B 952 -7.45 35.99 -33.90
C TYR B 952 -8.90 36.15 -33.51
N LEU B 953 -9.83 35.60 -34.28
CA LEU B 953 -11.24 35.59 -33.90
C LEU B 953 -11.70 34.26 -33.35
N MET B 954 -11.22 33.15 -33.91
CA MET B 954 -11.57 31.84 -33.37
C MET B 954 -10.93 31.59 -32.01
N ARG B 955 -9.73 32.14 -31.77
CA ARG B 955 -8.99 31.89 -30.54
C ARG B 955 -9.10 33.01 -29.53
N TYR B 956 -9.08 34.26 -29.96
CA TYR B 956 -9.19 35.39 -29.04
C TYR B 956 -10.59 36.00 -29.00
N GLY B 957 -11.35 35.88 -30.09
CA GLY B 957 -12.73 36.31 -30.06
C GLY B 957 -13.66 35.34 -29.36
N SER B 958 -13.21 34.10 -29.14
CA SER B 958 -13.98 33.11 -28.41
C SER B 958 -13.44 32.88 -27.00
N LEU B 959 -12.28 33.46 -26.67
CA LEU B 959 -11.75 33.44 -25.32
C LEU B 959 -12.03 34.71 -24.55
N PHE B 960 -12.19 35.84 -25.25
CA PHE B 960 -12.52 37.10 -24.61
C PHE B 960 -14.03 37.34 -24.56
N ALA B 961 -14.84 36.49 -25.18
CA ALA B 961 -16.28 36.65 -25.19
C ALA B 961 -17.00 35.60 -24.36
N SER B 962 -16.50 34.36 -24.33
CA SER B 962 -17.07 33.36 -23.44
C SER B 962 -16.73 33.67 -21.99
N SER B 963 -15.47 33.96 -21.71
CA SER B 963 -15.06 34.33 -20.36
C SER B 963 -15.69 35.63 -19.91
N PHE B 964 -15.84 36.60 -20.81
CA PHE B 964 -16.52 37.83 -20.44
C PHE B 964 -17.99 37.58 -20.12
N LEU B 965 -18.64 36.70 -20.88
CA LEU B 965 -20.01 36.35 -20.55
C LEU B 965 -20.10 35.71 -19.17
N GLN B 966 -19.17 34.79 -18.88
CA GLN B 966 -19.15 34.14 -17.57
C GLN B 966 -18.97 35.16 -16.46
N GLY B 967 -18.01 36.07 -16.62
CA GLY B 967 -17.76 37.08 -15.59
C GLY B 967 -18.92 38.06 -15.43
N PHE B 968 -19.45 38.55 -16.55
CA PHE B 968 -20.54 39.50 -16.53
C PHE B 968 -21.81 38.89 -15.94
N GLY B 969 -21.98 37.58 -16.06
CA GLY B 969 -23.12 36.93 -15.44
C GLY B 969 -22.91 36.67 -13.96
N ASN B 970 -21.74 36.12 -13.60
CA ASN B 970 -21.44 35.90 -12.19
C ASN B 970 -21.37 37.19 -11.40
N ALA B 971 -21.12 38.32 -12.07
CA ALA B 971 -21.14 39.60 -11.38
C ALA B 971 -22.56 40.05 -11.07
N PHE B 972 -23.51 39.69 -11.92
CA PHE B 972 -24.92 39.96 -11.61
C PHE B 972 -25.45 38.97 -10.57
N GLN B 973 -24.94 37.74 -10.57
CA GLN B 973 -25.40 36.75 -9.61
C GLN B 973 -25.08 37.18 -8.18
N SER B 974 -23.88 37.68 -7.95
CA SER B 974 -23.40 38.02 -6.60
C SER B 974 -23.74 39.44 -6.20
N ALA B 975 -24.47 40.19 -7.01
CA ALA B 975 -24.81 41.57 -6.71
C ALA B 975 -26.13 41.65 -5.96
N ASN B 976 -26.20 42.58 -5.00
CA ASN B 976 -27.41 42.83 -4.22
C ASN B 976 -27.87 41.58 -3.47
N THR B 977 -26.92 40.80 -2.96
CA THR B 977 -27.21 39.63 -2.16
C THR B 977 -26.73 39.85 -0.74
N THR B 978 -27.55 39.44 0.23
CA THR B 978 -27.22 39.60 1.64
C THR B 978 -27.46 38.30 2.40
N ASN B 994 -32.21 38.52 1.32
CA ASN B 994 -33.15 38.64 0.22
C ASN B 994 -32.42 38.88 -1.10
N GLY B 995 -32.72 38.05 -2.09
CA GLY B 995 -32.12 38.14 -3.42
C GLY B 995 -33.17 38.45 -4.48
N VAL B 996 -34.09 39.37 -4.15
CA VAL B 996 -35.17 39.71 -5.07
C VAL B 996 -34.60 40.36 -6.33
N ARG B 997 -35.09 39.91 -7.48
CA ARG B 997 -34.59 40.36 -8.77
C ARG B 997 -35.77 40.63 -9.71
N ARG B 998 -35.45 40.83 -10.98
CA ARG B 998 -36.43 40.98 -12.04
C ARG B 998 -35.95 40.20 -13.26
N SER B 999 -36.83 40.04 -14.23
CA SER B 999 -36.39 39.44 -15.48
C SER B 999 -35.43 40.38 -16.20
N THR B 1000 -34.68 39.82 -17.15
CA THR B 1000 -33.57 40.36 -17.93
C THR B 1000 -32.46 40.88 -17.00
N LEU B 1001 -32.67 40.76 -15.70
CA LEU B 1001 -31.60 40.76 -14.72
C LEU B 1001 -31.15 39.34 -14.40
N GLU B 1002 -31.87 38.34 -14.91
CA GLU B 1002 -31.43 36.96 -14.92
C GLU B 1002 -31.54 36.32 -16.30
N ASN B 1003 -32.25 36.95 -17.24
CA ASN B 1003 -32.36 36.42 -18.59
C ASN B 1003 -31.11 36.74 -19.40
N ALA B 1004 -30.85 38.02 -19.62
CA ALA B 1004 -29.80 38.45 -20.52
C ALA B 1004 -28.46 38.65 -19.84
N VAL B 1005 -28.36 38.41 -18.53
CA VAL B 1005 -27.07 38.56 -17.85
C VAL B 1005 -26.69 37.33 -17.05
N ILE B 1006 -27.53 36.90 -16.10
CA ILE B 1006 -27.14 35.79 -15.23
C ILE B 1006 -27.19 34.47 -15.99
N GLY B 1007 -28.17 34.31 -16.89
CA GLY B 1007 -28.22 33.11 -17.70
C GLY B 1007 -26.99 32.95 -18.57
N LEU B 1008 -26.54 34.05 -19.19
CA LEU B 1008 -25.37 33.99 -20.05
C LEU B 1008 -24.15 33.47 -19.29
N ALA B 1009 -24.11 33.65 -17.98
CA ALA B 1009 -22.98 33.18 -17.18
C ALA B 1009 -22.75 31.69 -17.36
N THR B 1010 -23.81 30.92 -17.62
CA THR B 1010 -23.57 29.50 -17.87
C THR B 1010 -23.18 29.24 -19.32
N VAL B 1011 -23.77 29.98 -20.26
CA VAL B 1011 -23.41 29.78 -21.66
C VAL B 1011 -21.96 30.16 -21.88
N GLY B 1012 -21.45 31.13 -21.10
CA GLY B 1012 -20.02 31.37 -21.08
C GLY B 1012 -19.25 30.22 -20.48
N LYS B 1013 -19.73 29.69 -19.35
CA LYS B 1013 -18.99 28.65 -18.65
C LYS B 1013 -18.81 27.42 -19.53
N ALA B 1014 -19.84 27.04 -20.26
CA ALA B 1014 -19.70 25.96 -21.24
C ALA B 1014 -18.82 26.41 -22.41
N TRP B 1015 -19.05 27.63 -22.92
CA TRP B 1015 -18.33 28.07 -24.11
C TRP B 1015 -16.84 28.14 -23.85
N SER B 1016 -16.45 28.69 -22.70
CA SER B 1016 -15.04 28.72 -22.34
C SER B 1016 -14.46 27.32 -22.26
N GLN B 1017 -15.25 26.36 -21.78
CA GLN B 1017 -14.79 24.98 -21.74
C GLN B 1017 -14.49 24.46 -23.13
N GLN B 1018 -15.21 24.95 -24.14
CA GLN B 1018 -14.95 24.59 -25.53
C GLN B 1018 -14.15 25.67 -26.26
N ALA B 1019 -13.62 26.67 -25.53
CA ALA B 1019 -12.80 27.70 -26.12
C ALA B 1019 -11.32 27.53 -25.84
N GLN B 1020 -10.95 26.80 -24.78
CA GLN B 1020 -9.55 26.47 -24.56
C GLN B 1020 -9.01 25.53 -25.63
N GLN B 1021 -9.87 24.74 -26.26
CA GLN B 1021 -9.46 23.88 -27.35
C GLN B 1021 -9.35 24.63 -28.67
N LEU B 1022 -10.16 25.67 -28.86
CA LEU B 1022 -10.04 26.50 -30.06
C LEU B 1022 -8.73 27.25 -30.10
N PHE B 1023 -8.15 27.55 -28.94
CA PHE B 1023 -6.91 28.31 -28.88
C PHE B 1023 -5.73 27.55 -29.48
N ASN B 1024 -5.82 26.21 -29.57
CA ASN B 1024 -4.71 25.40 -30.03
C ASN B 1024 -4.74 25.16 -31.54
N THR B 1025 -5.57 25.88 -32.27
CA THR B 1025 -5.56 25.77 -33.73
C THR B 1025 -4.29 26.41 -34.27
N PRO B 1026 -3.43 25.66 -34.96
CA PRO B 1026 -2.18 26.24 -35.46
C PRO B 1026 -2.44 27.27 -36.55
N THR B 1027 -1.52 28.22 -36.67
CA THR B 1027 -1.59 29.21 -37.73
C THR B 1027 -1.44 28.52 -39.09
N THR B 1028 -2.16 29.05 -40.09
CA THR B 1028 -2.15 28.47 -41.42
C THR B 1028 -1.34 29.35 -42.35
N VAL B 1029 -0.39 28.75 -43.05
CA VAL B 1029 0.48 29.46 -43.98
C VAL B 1029 0.10 29.01 -45.39
N GLU B 1030 -0.11 29.97 -46.28
CA GLU B 1030 -0.52 29.69 -47.64
C GLU B 1030 0.45 30.32 -48.62
N VAL B 1031 0.98 29.50 -49.54
CA VAL B 1031 1.80 29.98 -50.64
C VAL B 1031 0.99 29.82 -51.92
N TYR B 1032 0.83 30.91 -52.66
CA TYR B 1032 -0.06 30.90 -53.80
C TYR B 1032 0.58 30.19 -54.99
N SER B 1033 -0.13 30.18 -56.12
CA SER B 1033 0.27 29.40 -57.28
C SER B 1033 0.92 30.24 -58.38
N GLY B 1034 1.29 31.48 -58.08
CA GLY B 1034 2.06 32.26 -59.01
C GLY B 1034 3.40 32.63 -58.40
N THR B 1035 3.64 32.11 -57.21
CA THR B 1035 4.81 32.48 -56.42
C THR B 1035 6.08 31.95 -57.08
N GLY B 1036 6.96 32.86 -57.50
CA GLY B 1036 8.27 32.44 -57.96
C GLY B 1036 9.13 31.97 -56.82
N LEU B 1037 10.06 31.07 -57.13
CA LEU B 1037 10.89 30.44 -56.11
C LEU B 1037 12.35 30.52 -56.52
N GLY B 1038 13.20 29.98 -55.67
CA GLY B 1038 14.56 29.65 -56.03
C GLY B 1038 14.88 28.28 -55.49
N ILE B 1039 15.37 27.37 -56.33
CA ILE B 1039 15.64 26.02 -55.91
C ILE B 1039 17.11 25.94 -55.51
N LEU B 1040 17.37 25.91 -54.21
CA LEU B 1040 18.73 25.75 -53.68
C LEU B 1040 18.98 24.26 -53.50
N PHE B 1041 19.93 23.72 -54.25
CA PHE B 1041 20.23 22.30 -54.21
C PHE B 1041 21.30 22.04 -53.15
N THR B 1042 20.94 21.28 -52.12
CA THR B 1042 21.85 21.03 -51.01
C THR B 1042 22.73 19.81 -51.23
N GLN B 1043 22.65 19.15 -52.38
CA GLN B 1043 23.51 18.01 -52.66
C GLN B 1043 23.69 17.87 -54.17
N ASP B 1044 24.76 17.18 -54.54
CA ASP B 1044 25.07 16.98 -55.95
C ASP B 1044 23.97 16.17 -56.64
N VAL B 1045 23.72 16.50 -57.90
CA VAL B 1045 22.68 15.85 -58.69
C VAL B 1045 23.34 15.16 -59.87
N THR B 1046 23.09 13.86 -60.03
CA THR B 1046 23.70 13.08 -61.09
C THR B 1046 22.91 13.20 -62.39
N ILE C 862 2.45 6.55 -71.56
CA ILE C 862 3.30 6.81 -70.41
C ILE C 862 2.86 8.09 -69.72
N ILE C 863 3.17 8.19 -68.42
CA ILE C 863 2.88 9.37 -67.63
C ILE C 863 4.13 9.71 -66.81
N LYS C 864 4.61 10.93 -66.94
CA LYS C 864 5.75 11.38 -66.16
C LYS C 864 5.29 12.05 -64.86
N THR C 865 6.17 12.04 -63.87
CA THR C 865 5.88 12.69 -62.61
C THR C 865 5.68 14.19 -62.82
N GLY C 866 4.64 14.74 -62.20
CA GLY C 866 4.28 16.12 -62.36
C GLY C 866 3.33 16.39 -63.50
N ASP C 867 2.99 15.39 -64.31
CA ASP C 867 2.06 15.59 -65.40
C ASP C 867 0.64 15.76 -64.87
N ILE C 868 -0.04 16.79 -65.34
CA ILE C 868 -1.40 17.11 -64.91
C ILE C 868 -2.34 16.78 -66.06
N MET C 869 -3.28 15.87 -65.81
CA MET C 869 -4.32 15.52 -66.75
C MET C 869 -5.66 15.93 -66.17
N PHE C 870 -6.43 16.69 -66.92
CA PHE C 870 -7.69 17.23 -66.43
C PHE C 870 -8.76 16.14 -66.43
N ALA C 871 -9.48 16.02 -65.33
CA ALA C 871 -10.51 15.02 -65.16
C ALA C 871 -11.81 15.71 -64.75
N VAL C 872 -12.88 14.92 -64.66
CA VAL C 872 -14.14 15.37 -64.10
C VAL C 872 -14.60 14.33 -63.08
N LEU C 873 -14.99 14.80 -61.91
CA LEU C 873 -15.52 13.92 -60.88
C LEU C 873 -16.93 13.53 -61.28
N ASP C 874 -17.24 12.23 -61.20
CA ASP C 874 -18.58 11.74 -61.50
C ASP C 874 -19.17 10.92 -60.36
N THR C 875 -18.53 10.96 -59.19
CA THR C 875 -19.06 10.33 -57.98
C THR C 875 -18.91 11.35 -56.86
N SER C 876 -20.02 11.97 -56.46
CA SER C 876 -19.97 12.96 -55.40
C SER C 876 -19.53 12.30 -54.10
N VAL C 877 -18.70 13.02 -53.34
CA VAL C 877 -18.11 12.48 -52.13
C VAL C 877 -18.58 13.28 -50.94
N ASN C 878 -18.61 12.62 -49.78
CA ASN C 878 -18.96 13.25 -48.52
C ASN C 878 -17.97 12.75 -47.47
N SER C 879 -17.47 13.67 -46.65
CA SER C 879 -16.44 13.31 -45.68
C SER C 879 -16.95 12.33 -44.63
N ASP C 880 -18.27 12.32 -44.37
CA ASP C 880 -18.80 11.46 -43.32
C ASP C 880 -18.70 9.99 -43.69
N GLU C 881 -19.05 9.64 -44.93
CA GLU C 881 -19.10 8.23 -45.34
C GLU C 881 -17.92 7.89 -46.22
N PRO C 882 -17.01 7.03 -45.77
CA PRO C 882 -15.90 6.59 -46.63
C PRO C 882 -16.40 5.77 -47.80
N GLY C 883 -15.70 5.90 -48.92
CA GLY C 883 -16.06 5.17 -50.13
C GLY C 883 -15.15 5.52 -51.29
N PRO C 884 -15.18 4.69 -52.33
CA PRO C 884 -14.32 4.95 -53.49
C PRO C 884 -14.78 6.17 -54.26
N ILE C 885 -13.84 6.78 -54.97
CA ILE C 885 -14.08 7.96 -55.79
C ILE C 885 -13.70 7.65 -57.22
N LEU C 886 -14.60 7.95 -58.15
CA LEU C 886 -14.36 7.73 -59.57
C LEU C 886 -14.24 9.08 -60.28
N ALA C 887 -13.26 9.20 -61.14
CA ALA C 887 -13.07 10.41 -61.95
C ALA C 887 -12.71 10.03 -63.37
N THR C 888 -13.32 10.67 -64.35
CA THR C 888 -13.11 10.34 -65.75
C THR C 888 -12.26 11.41 -66.39
N ILE C 889 -11.14 11.00 -67.00
CA ILE C 889 -10.25 11.95 -67.66
C ILE C 889 -10.89 12.42 -68.97
N VAL C 890 -10.89 13.73 -69.20
CA VAL C 890 -11.61 14.31 -70.32
C VAL C 890 -10.69 14.83 -71.42
N THR C 891 -9.48 15.27 -71.09
CA THR C 891 -8.57 15.82 -72.08
C THR C 891 -7.23 15.09 -72.05
N GLY C 892 -6.65 14.91 -73.22
CA GLY C 892 -5.33 14.34 -73.37
C GLY C 892 -5.36 13.10 -74.24
N LYS C 893 -4.26 12.36 -74.20
CA LYS C 893 -4.11 11.11 -74.93
C LYS C 893 -4.69 9.92 -74.18
N LEU C 894 -5.22 10.13 -72.98
CA LEU C 894 -5.88 9.12 -72.18
C LEU C 894 -7.33 9.50 -71.94
N LYS C 895 -7.96 10.10 -72.94
CA LYS C 895 -9.32 10.61 -72.81
C LYS C 895 -10.27 9.44 -72.58
N GLY C 896 -10.80 9.34 -71.36
CA GLY C 896 -11.77 8.31 -71.02
C GLY C 896 -11.31 7.31 -69.98
N SER C 897 -10.09 7.43 -69.45
CA SER C 897 -9.66 6.52 -68.39
C SER C 897 -10.45 6.77 -67.12
N LYS C 898 -10.56 5.74 -66.29
CA LYS C 898 -11.32 5.80 -65.05
C LYS C 898 -10.36 5.75 -63.88
N LEU C 899 -10.37 6.79 -63.05
CA LEU C 899 -9.51 6.90 -61.89
C LEU C 899 -10.30 6.52 -60.65
N ILE C 900 -9.85 5.48 -59.96
CA ILE C 900 -10.43 5.06 -58.68
C ILE C 900 -9.47 5.49 -57.58
N GLY C 901 -9.98 6.24 -56.61
CA GLY C 901 -9.19 6.73 -55.52
C GLY C 901 -9.97 6.86 -54.23
N SER C 902 -9.39 7.53 -53.24
CA SER C 902 -10.02 7.70 -51.93
C SER C 902 -9.86 9.16 -51.52
N PHE C 903 -10.20 9.46 -50.27
CA PHE C 903 -10.10 10.81 -49.76
C PHE C 903 -9.60 10.78 -48.32
N ASN C 904 -9.15 11.93 -47.85
CA ASN C 904 -8.69 12.09 -46.48
C ASN C 904 -8.99 13.51 -46.01
N LEU C 905 -9.60 13.62 -44.83
CA LEU C 905 -9.80 14.91 -44.18
C LEU C 905 -8.71 15.10 -43.14
N PRO C 906 -7.90 16.15 -43.23
CA PRO C 906 -6.73 16.26 -42.34
C PRO C 906 -7.06 16.63 -40.90
N SER C 907 -8.34 16.60 -40.54
CA SER C 907 -8.85 16.80 -39.18
C SER C 907 -8.66 18.23 -38.68
N ASN C 908 -8.04 19.11 -39.47
CA ASN C 908 -7.92 20.50 -39.08
C ASN C 908 -8.17 21.44 -40.26
N ALA C 909 -8.61 20.91 -41.40
CA ALA C 909 -8.77 21.67 -42.63
C ALA C 909 -10.22 21.63 -43.09
N ASP C 910 -10.58 22.63 -43.88
CA ASP C 910 -11.91 22.75 -44.46
C ASP C 910 -11.98 22.15 -45.86
N LYS C 911 -10.94 21.45 -46.30
CA LYS C 911 -10.92 20.82 -47.61
C LYS C 911 -10.33 19.43 -47.47
N MET C 912 -10.70 18.55 -48.39
CA MET C 912 -10.33 17.14 -48.34
C MET C 912 -9.40 16.80 -49.48
N VAL C 913 -8.43 15.94 -49.21
CA VAL C 913 -7.40 15.57 -50.19
C VAL C 913 -7.81 14.26 -50.85
N ILE C 914 -7.95 14.28 -52.17
CA ILE C 914 -8.32 13.11 -52.95
C ILE C 914 -7.05 12.45 -53.47
N THR C 915 -6.88 11.16 -53.17
CA THR C 915 -5.65 10.43 -53.50
C THR C 915 -6.01 9.27 -54.41
N PHE C 916 -6.01 9.52 -55.72
CA PHE C 916 -6.27 8.46 -56.69
C PHE C 916 -5.14 7.45 -56.68
N ASN C 917 -5.50 6.16 -56.71
CA ASN C 917 -4.49 5.11 -56.67
C ASN C 917 -4.78 3.95 -57.61
N THR C 918 -5.68 4.10 -58.58
CA THR C 918 -5.91 3.07 -59.58
C THR C 918 -6.40 3.74 -60.85
N MET C 919 -5.87 3.31 -62.00
CA MET C 919 -6.25 3.90 -63.27
C MET C 919 -6.60 2.81 -64.27
N SER C 920 -7.76 2.92 -64.88
CA SER C 920 -8.24 1.98 -65.88
C SER C 920 -8.27 2.69 -67.23
N ILE C 921 -7.24 2.46 -68.04
CA ILE C 921 -7.14 3.04 -69.37
C ILE C 921 -7.98 2.23 -70.34
N PRO C 922 -8.80 2.87 -71.18
CA PRO C 922 -9.52 2.11 -72.21
C PRO C 922 -8.55 1.43 -73.15
N GLY C 923 -8.89 0.21 -73.57
CA GLY C 923 -8.00 -0.56 -74.40
C GLY C 923 -6.83 -1.21 -73.68
N ALA C 924 -6.83 -1.17 -72.34
CA ALA C 924 -5.80 -1.81 -71.54
C ALA C 924 -6.41 -3.01 -70.81
N GLU C 925 -5.73 -4.15 -70.88
CA GLU C 925 -6.26 -5.36 -70.27
C GLU C 925 -6.33 -5.25 -68.75
N LYS C 926 -5.33 -4.63 -68.14
CA LYS C 926 -5.24 -4.54 -66.69
C LYS C 926 -5.38 -3.08 -66.25
N THR C 927 -5.81 -2.90 -65.01
CA THR C 927 -5.87 -1.58 -64.40
C THR C 927 -4.57 -1.34 -63.65
N ILE C 928 -3.78 -0.39 -64.12
CA ILE C 928 -2.45 -0.15 -63.58
C ILE C 928 -2.58 0.64 -62.27
N SER C 929 -1.91 0.14 -61.23
CA SER C 929 -1.85 0.87 -59.97
C SER C 929 -0.92 2.06 -60.11
N ILE C 930 -1.39 3.24 -59.67
CA ILE C 930 -0.67 4.49 -59.83
C ILE C 930 -0.71 5.26 -58.51
N SER C 931 -0.06 6.43 -58.54
CA SER C 931 -0.09 7.37 -57.42
C SER C 931 -0.38 8.75 -57.98
N ALA C 932 -1.47 9.37 -57.54
CA ALA C 932 -1.86 10.66 -58.06
C ALA C 932 -2.76 11.36 -57.04
N TYR C 933 -2.74 12.69 -57.06
CA TYR C 933 -3.61 13.49 -56.22
C TYR C 933 -4.46 14.42 -57.09
N ALA C 934 -5.69 14.66 -56.65
CA ALA C 934 -6.58 15.58 -57.33
C ALA C 934 -6.38 16.99 -56.77
N ILE C 935 -6.09 17.94 -57.65
CA ILE C 935 -5.91 19.33 -57.30
C ILE C 935 -7.07 20.12 -57.89
N ASP C 936 -7.57 21.08 -57.12
CA ASP C 936 -8.74 21.86 -57.52
C ASP C 936 -8.33 22.92 -58.53
N PRO C 937 -8.90 22.93 -59.73
CA PRO C 937 -8.67 24.07 -60.63
C PRO C 937 -9.29 25.33 -60.07
N ASN C 938 -8.88 26.47 -60.63
CA ASN C 938 -9.25 27.81 -60.22
C ASN C 938 -8.67 28.18 -58.85
N THR C 939 -8.02 27.25 -58.17
CA THR C 939 -7.28 27.52 -56.95
C THR C 939 -5.91 26.86 -56.92
N ALA C 940 -5.70 25.80 -57.71
CA ALA C 940 -4.44 25.08 -57.83
C ALA C 940 -4.05 24.38 -56.54
N ARG C 941 -4.90 24.47 -55.52
CA ARG C 941 -4.62 23.78 -54.26
C ARG C 941 -4.79 22.27 -54.45
N THR C 942 -4.13 21.51 -53.58
CA THR C 942 -4.16 20.05 -53.69
C THR C 942 -5.39 19.43 -53.03
N ALA C 943 -6.26 20.23 -52.42
CA ALA C 943 -7.46 19.74 -51.77
C ALA C 943 -8.69 20.39 -52.38
N LEU C 944 -9.83 19.71 -52.24
CA LEU C 944 -11.08 20.17 -52.82
C LEU C 944 -12.18 20.22 -51.78
N ALA C 945 -13.09 21.18 -51.95
CA ALA C 945 -14.28 21.26 -51.11
C ALA C 945 -15.32 22.08 -51.87
N SER C 946 -16.34 21.40 -52.41
CA SER C 946 -17.44 22.11 -53.02
C SER C 946 -18.41 22.68 -51.99
N ARG C 947 -18.41 22.14 -50.78
CA ARG C 947 -19.24 22.66 -49.70
C ARG C 947 -18.71 22.15 -48.38
N THR C 948 -18.25 23.06 -47.52
CA THR C 948 -17.78 22.72 -46.18
C THR C 948 -18.85 23.11 -45.17
N ASN C 949 -19.23 22.15 -44.33
CA ASN C 949 -20.32 22.33 -43.38
C ASN C 949 -19.76 22.18 -41.98
N HIS C 950 -19.63 23.30 -41.28
CA HIS C 950 -19.46 23.32 -39.83
C HIS C 950 -20.84 23.40 -39.21
N HIS C 951 -21.19 22.42 -38.38
CA HIS C 951 -22.52 22.37 -37.79
C HIS C 951 -22.60 23.41 -36.68
N TYR C 952 -23.07 24.61 -37.01
CA TYR C 952 -23.15 25.68 -36.03
C TYR C 952 -24.45 25.63 -35.22
N LEU C 953 -25.59 25.42 -35.87
CA LEU C 953 -26.82 25.26 -35.14
C LEU C 953 -26.86 23.96 -34.34
N MET C 954 -26.11 22.95 -34.77
CA MET C 954 -26.12 21.65 -34.11
C MET C 954 -25.16 21.61 -32.93
N ARG C 955 -24.02 22.29 -33.02
CA ARG C 955 -23.01 22.30 -31.95
C ARG C 955 -23.11 23.54 -31.07
N TYR C 956 -23.17 24.73 -31.67
CA TYR C 956 -23.29 25.96 -30.90
C TYR C 956 -24.73 26.30 -30.56
N GLY C 957 -25.70 25.79 -31.32
CA GLY C 957 -27.10 25.98 -30.94
C GLY C 957 -27.56 25.10 -29.81
N SER C 958 -26.88 23.97 -29.59
CA SER C 958 -27.15 23.10 -28.45
C SER C 958 -26.27 23.42 -27.25
N LEU C 959 -25.23 24.23 -27.43
CA LEU C 959 -24.38 24.65 -26.32
C LEU C 959 -24.76 26.01 -25.78
N PHE C 960 -25.38 26.86 -26.59
CA PHE C 960 -25.84 28.17 -26.16
C PHE C 960 -27.29 28.19 -25.74
N ALA C 961 -27.99 27.06 -25.86
CA ALA C 961 -29.38 26.95 -25.45
C ALA C 961 -29.60 26.03 -24.27
N SER C 962 -28.87 24.92 -24.19
CA SER C 962 -28.96 24.07 -23.01
C SER C 962 -28.35 24.76 -21.80
N SER C 963 -27.14 25.31 -21.97
CA SER C 963 -26.49 26.03 -20.88
C SER C 963 -27.28 27.27 -20.50
N PHE C 964 -27.85 27.97 -21.49
CA PHE C 964 -28.66 29.13 -21.18
C PHE C 964 -29.90 28.74 -20.39
N LEU C 965 -30.53 27.63 -20.74
CA LEU C 965 -31.68 27.17 -19.96
C LEU C 965 -31.26 26.84 -18.53
N GLN C 966 -30.12 26.16 -18.37
CA GLN C 966 -29.64 25.83 -17.03
C GLN C 966 -29.41 27.08 -16.20
N GLY C 967 -28.73 28.08 -16.78
CA GLY C 967 -28.48 29.31 -16.04
C GLY C 967 -29.74 30.12 -15.77
N PHE C 968 -30.62 30.21 -16.76
CA PHE C 968 -31.87 30.96 -16.62
C PHE C 968 -32.79 30.31 -15.60
N GLY C 969 -32.67 29.00 -15.40
CA GLY C 969 -33.44 28.34 -14.38
C GLY C 969 -32.83 28.47 -13.00
N ASN C 970 -31.52 28.24 -12.89
CA ASN C 970 -30.85 28.39 -11.60
C ASN C 970 -30.91 29.83 -11.10
N ALA C 971 -31.04 30.80 -12.02
CA ALA C 971 -31.16 32.19 -11.60
C ALA C 971 -32.52 32.48 -10.99
N PHE C 972 -33.57 31.81 -11.48
CA PHE C 972 -34.89 31.93 -10.87
C PHE C 972 -34.97 31.13 -9.57
N GLN C 973 -34.26 30.01 -9.51
CA GLN C 973 -34.28 29.19 -8.29
C GLN C 973 -33.69 29.94 -7.12
N SER C 974 -32.57 30.65 -7.34
CA SER C 974 -31.89 31.41 -6.30
C SER C 974 -32.33 32.87 -6.26
N ALA C 975 -33.57 33.16 -6.64
CA ALA C 975 -34.07 34.53 -6.66
C ALA C 975 -34.65 34.96 -5.32
N ASN C 976 -34.59 34.11 -4.30
CA ASN C 976 -35.05 34.49 -2.97
C ASN C 976 -34.52 33.47 -1.96
N THR C 977 -34.39 33.93 -0.71
CA THR C 977 -34.02 33.06 0.41
C THR C 977 -35.26 32.82 1.26
N THR C 978 -35.52 31.56 1.59
CA THR C 978 -36.73 31.21 2.31
C THR C 978 -36.41 30.78 3.74
N ASN C 994 -39.56 30.44 -1.62
CA ASN C 994 -40.20 31.74 -1.71
C ASN C 994 -41.72 31.61 -1.57
N GLY C 995 -42.30 32.45 -0.71
CA GLY C 995 -43.72 32.37 -0.39
C GLY C 995 -44.62 32.85 -1.51
N VAL C 996 -44.06 33.45 -2.57
CA VAL C 996 -44.86 34.07 -3.62
C VAL C 996 -44.80 33.30 -4.93
N ARG C 997 -43.90 32.32 -5.06
CA ARG C 997 -43.69 31.62 -6.32
C ARG C 997 -44.97 31.00 -6.87
N ARG C 998 -45.42 31.49 -8.02
CA ARG C 998 -46.54 30.90 -8.72
C ARG C 998 -46.06 29.79 -9.65
N SER C 999 -47.00 29.04 -10.21
CA SER C 999 -46.62 27.91 -11.06
C SER C 999 -46.38 28.34 -12.50
N THR C 1000 -45.65 29.44 -12.65
CA THR C 1000 -44.88 29.74 -13.85
C THR C 1000 -43.53 30.37 -13.54
N LEU C 1001 -43.34 30.89 -12.32
CA LEU C 1001 -42.03 31.22 -11.78
C LEU C 1001 -41.19 29.97 -11.54
N GLU C 1002 -41.81 28.80 -11.63
CA GLU C 1002 -41.13 27.52 -11.48
C GLU C 1002 -41.58 26.48 -12.47
N ASN C 1003 -42.56 26.79 -13.33
CA ASN C 1003 -42.94 25.88 -14.41
C ASN C 1003 -42.00 26.05 -15.61
N ALA C 1004 -42.00 27.23 -16.22
CA ALA C 1004 -41.30 27.47 -17.46
C ALA C 1004 -39.93 28.11 -17.26
N VAL C 1005 -39.47 28.27 -16.03
CA VAL C 1005 -38.13 28.82 -15.81
C VAL C 1005 -37.31 27.91 -14.89
N ILE C 1006 -37.78 27.66 -13.67
CA ILE C 1006 -37.02 26.83 -12.74
C ILE C 1006 -37.02 25.39 -13.19
N GLY C 1007 -38.16 24.91 -13.70
CA GLY C 1007 -38.22 23.54 -14.19
C GLY C 1007 -37.33 23.28 -15.38
N LEU C 1008 -36.97 24.33 -16.12
CA LEU C 1008 -36.04 24.16 -17.23
C LEU C 1008 -34.60 23.97 -16.77
N ALA C 1009 -34.27 24.47 -15.56
CA ALA C 1009 -32.91 24.36 -15.07
C ALA C 1009 -32.42 22.92 -15.07
N THR C 1010 -33.31 21.96 -14.90
CA THR C 1010 -32.91 20.56 -14.96
C THR C 1010 -32.74 20.09 -16.40
N VAL C 1011 -33.71 20.40 -17.28
CA VAL C 1011 -33.63 19.85 -18.63
C VAL C 1011 -32.41 20.38 -19.35
N GLY C 1012 -32.14 21.68 -19.21
CA GLY C 1012 -30.89 22.21 -19.72
C GLY C 1012 -29.69 21.48 -19.16
N LYS C 1013 -29.70 21.21 -17.85
CA LYS C 1013 -28.62 20.46 -17.24
C LYS C 1013 -28.45 19.10 -17.90
N ALA C 1014 -29.55 18.46 -18.28
CA ALA C 1014 -29.43 17.21 -19.01
C ALA C 1014 -28.97 17.46 -20.44
N TRP C 1015 -29.56 18.46 -21.10
CA TRP C 1015 -29.27 18.71 -22.50
C TRP C 1015 -27.80 19.07 -22.70
N SER C 1016 -27.25 19.88 -21.79
CA SER C 1016 -25.83 20.20 -21.85
C SER C 1016 -24.99 18.93 -21.73
N GLN C 1017 -25.39 18.00 -20.86
CA GLN C 1017 -24.67 16.74 -20.75
C GLN C 1017 -24.70 15.95 -22.05
N GLN C 1018 -25.69 16.20 -22.91
CA GLN C 1018 -25.76 15.57 -24.22
C GLN C 1018 -25.40 16.54 -25.34
N ALA C 1019 -24.89 17.73 -25.00
CA ALA C 1019 -24.42 18.68 -25.98
C ALA C 1019 -22.90 18.84 -26.00
N GLN C 1020 -22.22 18.49 -24.91
CA GLN C 1020 -20.76 18.47 -24.94
C GLN C 1020 -20.26 17.40 -25.90
N GLN C 1021 -20.88 16.22 -25.89
CA GLN C 1021 -20.49 15.19 -26.83
C GLN C 1021 -20.90 15.53 -28.25
N LEU C 1022 -22.03 16.23 -28.42
CA LEU C 1022 -22.49 16.64 -29.73
C LEU C 1022 -21.58 17.69 -30.34
N PHE C 1023 -20.82 18.41 -29.50
CA PHE C 1023 -19.90 19.43 -29.99
C PHE C 1023 -18.75 18.86 -30.80
N ASN C 1024 -18.50 17.55 -30.73
CA ASN C 1024 -17.34 16.94 -31.36
C ASN C 1024 -17.65 16.36 -32.73
N THR C 1025 -18.80 16.67 -33.31
CA THR C 1025 -19.12 16.21 -34.64
C THR C 1025 -18.21 16.90 -35.65
N PRO C 1026 -17.42 16.18 -36.43
CA PRO C 1026 -16.49 16.83 -37.36
C PRO C 1026 -17.22 17.54 -38.49
N THR C 1027 -16.57 18.58 -39.01
CA THR C 1027 -17.10 19.28 -40.18
C THR C 1027 -17.13 18.33 -41.37
N THR C 1028 -18.15 18.48 -42.21
CA THR C 1028 -18.31 17.61 -43.37
C THR C 1028 -17.93 18.36 -44.63
N VAL C 1029 -17.02 17.78 -45.41
CA VAL C 1029 -16.57 18.36 -46.67
C VAL C 1029 -17.18 17.54 -47.79
N GLU C 1030 -17.87 18.21 -48.71
CA GLU C 1030 -18.56 17.55 -49.80
C GLU C 1030 -18.07 18.10 -51.13
N VAL C 1031 -17.58 17.22 -52.00
CA VAL C 1031 -17.20 17.56 -53.35
C VAL C 1031 -18.25 17.00 -54.28
N TYR C 1032 -18.84 17.86 -55.10
CA TYR C 1032 -19.97 17.45 -55.92
C TYR C 1032 -19.50 16.59 -57.09
N SER C 1033 -20.46 16.11 -57.88
CA SER C 1033 -20.22 15.12 -58.92
C SER C 1033 -20.12 15.72 -60.31
N GLY C 1034 -19.85 17.02 -60.40
CA GLY C 1034 -19.62 17.63 -61.69
C GLY C 1034 -18.36 18.46 -61.69
N THR C 1035 -17.66 18.47 -60.56
CA THR C 1035 -16.48 19.31 -60.40
C THR C 1035 -15.31 18.75 -61.18
N GLY C 1036 -14.67 19.61 -61.98
CA GLY C 1036 -13.47 19.20 -62.66
C GLY C 1036 -12.30 19.09 -61.72
N LEU C 1037 -11.28 18.33 -62.15
CA LEU C 1037 -10.11 18.06 -61.33
C LEU C 1037 -8.86 18.36 -62.13
N GLY C 1038 -7.72 18.25 -61.44
CA GLY C 1038 -6.45 18.16 -62.11
C GLY C 1038 -5.65 17.04 -61.46
N ILE C 1039 -5.32 16.00 -62.21
CA ILE C 1039 -4.71 14.81 -61.62
C ILE C 1039 -3.20 14.97 -61.71
N LEU C 1040 -2.58 15.32 -60.60
CA LEU C 1040 -1.13 15.46 -60.52
C LEU C 1040 -0.53 14.12 -60.12
N PHE C 1041 0.32 13.56 -60.99
CA PHE C 1041 0.92 12.26 -60.77
C PHE C 1041 2.23 12.44 -60.01
N THR C 1042 2.25 11.99 -58.76
CA THR C 1042 3.46 12.12 -57.96
C THR C 1042 4.49 11.05 -58.25
N GLN C 1043 4.17 10.06 -59.08
CA GLN C 1043 5.13 9.05 -59.48
C GLN C 1043 4.75 8.52 -60.86
N ASP C 1044 5.76 8.11 -61.61
CA ASP C 1044 5.57 7.65 -62.99
C ASP C 1044 5.42 6.14 -63.01
N VAL C 1045 4.33 5.67 -63.60
CA VAL C 1045 4.04 4.24 -63.72
C VAL C 1045 3.83 3.90 -65.18
N THR C 1046 4.48 2.84 -65.65
CA THR C 1046 4.37 2.40 -67.03
C THR C 1046 3.23 1.41 -67.19
N ILE D 862 -16.39 -9.70 -69.40
CA ILE D 862 -15.51 -9.07 -68.42
C ILE D 862 -16.06 -7.71 -68.02
N ILE D 863 -15.75 -7.28 -66.80
CA ILE D 863 -16.12 -5.96 -66.30
C ILE D 863 -14.87 -5.29 -65.77
N LYS D 864 -14.57 -4.09 -66.25
CA LYS D 864 -13.38 -3.37 -65.85
C LYS D 864 -13.64 -2.58 -64.57
N THR D 865 -12.58 -1.96 -64.04
CA THR D 865 -12.70 -1.13 -62.85
C THR D 865 -13.29 0.23 -63.22
N GLY D 866 -14.27 0.67 -62.44
CA GLY D 866 -14.96 1.91 -62.70
C GLY D 866 -16.18 1.79 -63.58
N ASP D 867 -16.46 0.60 -64.11
CA ASP D 867 -17.65 0.43 -64.94
C ASP D 867 -18.90 0.48 -64.08
N ILE D 868 -19.86 1.32 -64.47
CA ILE D 868 -21.09 1.53 -63.73
C ILE D 868 -22.21 0.83 -64.49
N MET D 869 -22.89 -0.09 -63.82
CA MET D 869 -24.06 -0.76 -64.37
C MET D 869 -25.25 -0.47 -63.48
N PHE D 870 -26.37 -0.08 -64.09
CA PHE D 870 -27.54 0.34 -63.33
C PHE D 870 -28.35 -0.87 -62.89
N ALA D 871 -28.62 -0.96 -61.59
CA ALA D 871 -29.37 -2.06 -61.01
C ALA D 871 -30.56 -1.48 -60.26
N VAL D 872 -31.48 -2.36 -59.88
CA VAL D 872 -32.62 -2.00 -59.04
C VAL D 872 -32.58 -2.85 -57.78
N LEU D 873 -32.79 -2.23 -56.63
CA LEU D 873 -32.88 -2.97 -55.39
C LEU D 873 -34.21 -3.71 -55.35
N ASP D 874 -34.20 -4.90 -54.75
CA ASP D 874 -35.43 -5.67 -54.56
C ASP D 874 -35.49 -6.29 -53.18
N THR D 875 -34.58 -5.92 -52.28
CA THR D 875 -34.65 -6.30 -50.87
C THR D 875 -34.42 -5.03 -50.07
N SER D 876 -35.50 -4.52 -49.46
CA SER D 876 -35.37 -3.32 -48.64
C SER D 876 -34.47 -3.59 -47.45
N VAL D 877 -33.68 -2.58 -47.07
CA VAL D 877 -32.71 -2.74 -46.01
C VAL D 877 -32.98 -1.73 -44.91
N ASN D 878 -32.52 -2.06 -43.70
CA ASN D 878 -32.66 -1.22 -42.54
C ASN D 878 -31.36 -1.27 -41.76
N SER D 879 -31.02 -0.16 -41.11
CA SER D 879 -29.74 -0.08 -40.41
C SER D 879 -29.68 -1.03 -39.22
N ASP D 880 -30.80 -1.19 -38.50
CA ASP D 880 -30.78 -1.98 -37.27
C ASP D 880 -30.72 -3.48 -37.53
N GLU D 881 -31.13 -3.95 -38.70
CA GLU D 881 -31.21 -5.38 -38.96
C GLU D 881 -30.11 -5.80 -39.93
N PRO D 882 -29.03 -6.40 -39.46
CA PRO D 882 -27.95 -6.83 -40.36
C PRO D 882 -28.38 -8.05 -41.17
N GLY D 883 -28.48 -7.86 -42.48
CA GLY D 883 -28.82 -8.94 -43.37
C GLY D 883 -28.30 -8.70 -44.77
N PRO D 884 -28.27 -9.72 -45.61
CA PRO D 884 -27.81 -9.55 -46.98
C PRO D 884 -28.79 -8.69 -47.77
N ILE D 885 -28.24 -7.97 -48.75
CA ILE D 885 -29.03 -7.11 -49.63
C ILE D 885 -28.83 -7.59 -51.05
N LEU D 886 -29.94 -7.78 -51.77
CA LEU D 886 -29.94 -8.27 -53.13
C LEU D 886 -30.34 -7.15 -54.09
N ALA D 887 -29.68 -7.11 -55.24
CA ALA D 887 -30.01 -6.17 -56.29
C ALA D 887 -29.98 -6.91 -57.63
N THR D 888 -30.74 -6.41 -58.59
CA THR D 888 -30.85 -7.04 -59.91
C THR D 888 -30.46 -6.02 -60.97
N ILE D 889 -29.46 -6.36 -61.78
CA ILE D 889 -29.03 -5.47 -62.85
C ILE D 889 -30.07 -5.46 -63.96
N VAL D 890 -30.48 -4.27 -64.40
CA VAL D 890 -31.55 -4.13 -65.37
C VAL D 890 -31.02 -3.81 -66.76
N THR D 891 -29.96 -2.99 -66.86
CA THR D 891 -29.44 -2.57 -68.14
C THR D 891 -27.99 -3.03 -68.30
N GLY D 892 -27.65 -3.41 -69.52
CA GLY D 892 -26.29 -3.77 -69.87
C GLY D 892 -26.20 -5.13 -70.53
N LYS D 893 -24.97 -5.50 -70.87
CA LYS D 893 -24.71 -6.82 -71.43
C LYS D 893 -24.93 -7.94 -70.44
N LEU D 894 -24.89 -7.64 -69.14
CA LEU D 894 -25.21 -8.58 -68.08
C LEU D 894 -26.53 -8.14 -67.48
N LYS D 895 -27.62 -8.56 -68.10
CA LYS D 895 -28.96 -8.16 -67.71
C LYS D 895 -29.63 -9.29 -66.93
N GLY D 896 -30.10 -8.98 -65.73
CA GLY D 896 -30.75 -9.96 -64.89
C GLY D 896 -29.86 -10.65 -63.88
N SER D 897 -28.61 -10.23 -63.74
CA SER D 897 -27.73 -10.80 -62.74
C SER D 897 -28.22 -10.45 -61.34
N LYS D 898 -27.67 -11.13 -60.34
CA LYS D 898 -28.08 -10.94 -58.96
C LYS D 898 -26.84 -10.59 -58.13
N LEU D 899 -26.84 -9.39 -57.56
CA LEU D 899 -25.76 -8.91 -56.72
C LEU D 899 -26.17 -9.09 -55.26
N ILE D 900 -25.40 -9.88 -54.52
CA ILE D 900 -25.59 -10.09 -53.09
C ILE D 900 -24.49 -9.35 -52.35
N GLY D 901 -24.87 -8.50 -51.41
CA GLY D 901 -23.91 -7.74 -50.65
C GLY D 901 -24.37 -7.40 -49.25
N SER D 902 -23.73 -6.41 -48.63
CA SER D 902 -24.03 -6.01 -47.27
C SER D 902 -24.08 -4.49 -47.22
N PHE D 903 -24.13 -3.95 -46.01
CA PHE D 903 -24.16 -2.51 -45.82
C PHE D 903 -23.29 -2.13 -44.62
N ASN D 904 -23.00 -0.85 -44.51
CA ASN D 904 -22.25 -0.32 -43.38
C ASN D 904 -22.73 1.09 -43.08
N LEU D 905 -22.89 1.39 -41.79
CA LEU D 905 -23.22 2.74 -41.35
C LEU D 905 -21.99 3.37 -40.72
N PRO D 906 -21.51 4.50 -41.23
CA PRO D 906 -20.23 5.05 -40.76
C PRO D 906 -20.29 5.67 -39.36
N SER D 907 -21.39 5.51 -38.63
CA SER D 907 -21.58 5.94 -37.25
C SER D 907 -21.58 7.45 -37.09
N ASN D 908 -21.39 8.22 -38.17
CA ASN D 908 -21.48 9.67 -38.10
C ASN D 908 -22.20 10.23 -39.32
N ALA D 909 -22.72 9.38 -40.19
CA ALA D 909 -23.36 9.79 -41.43
C ALA D 909 -24.83 9.45 -41.43
N ASP D 910 -25.59 10.17 -42.24
CA ASP D 910 -27.02 9.96 -42.39
C ASP D 910 -27.35 9.01 -43.53
N LYS D 911 -26.34 8.42 -44.15
CA LYS D 911 -26.55 7.48 -45.25
C LYS D 911 -25.69 6.25 -45.03
N MET D 912 -26.12 5.13 -45.61
CA MET D 912 -25.44 3.86 -45.45
C MET D 912 -24.79 3.44 -46.76
N VAL D 913 -23.61 2.83 -46.65
CA VAL D 913 -22.82 2.44 -47.81
C VAL D 913 -23.08 0.98 -48.11
N ILE D 914 -23.51 0.69 -49.33
CA ILE D 914 -23.80 -0.68 -49.77
C ILE D 914 -22.60 -1.18 -50.54
N THR D 915 -22.07 -2.35 -50.16
CA THR D 915 -20.88 -2.93 -50.78
C THR D 915 -21.18 -4.36 -51.21
N PHE D 916 -21.63 -4.52 -52.46
CA PHE D 916 -21.90 -5.83 -53.00
C PHE D 916 -20.61 -6.63 -53.14
N ASN D 917 -20.69 -7.92 -52.83
CA ASN D 917 -19.50 -8.76 -52.88
C ASN D 917 -19.74 -10.14 -53.49
N THR D 918 -20.88 -10.37 -54.13
CA THR D 918 -21.11 -11.62 -54.85
C THR D 918 -22.03 -11.33 -56.03
N MET D 919 -21.71 -11.90 -57.18
CA MET D 919 -22.50 -11.66 -58.39
C MET D 919 -22.82 -12.99 -59.05
N SER D 920 -24.10 -13.22 -59.33
CA SER D 920 -24.58 -14.41 -60.02
C SER D 920 -25.09 -13.99 -61.39
N ILE D 921 -24.39 -14.43 -62.44
CA ILE D 921 -24.76 -14.10 -63.81
C ILE D 921 -25.67 -15.19 -64.35
N PRO D 922 -26.77 -14.85 -65.03
CA PRO D 922 -27.59 -15.89 -65.66
C PRO D 922 -26.79 -16.65 -66.69
N GLY D 923 -27.01 -17.96 -66.75
CA GLY D 923 -26.25 -18.80 -67.67
C GLY D 923 -24.77 -18.85 -67.34
N ALA D 924 -24.43 -18.94 -66.05
CA ALA D 924 -23.06 -19.05 -65.60
C ALA D 924 -22.88 -20.32 -64.78
N GLU D 925 -21.66 -20.83 -64.77
CA GLU D 925 -21.38 -22.06 -64.02
C GLU D 925 -21.62 -21.87 -62.53
N LYS D 926 -21.15 -20.74 -61.98
CA LYS D 926 -21.28 -20.49 -60.55
C LYS D 926 -21.28 -18.98 -60.33
N THR D 927 -21.47 -18.59 -59.07
CA THR D 927 -21.41 -17.19 -58.69
C THR D 927 -19.97 -16.81 -58.41
N ILE D 928 -19.57 -15.63 -58.88
CA ILE D 928 -18.19 -15.17 -58.82
C ILE D 928 -18.07 -14.12 -57.72
N SER D 929 -17.00 -14.20 -56.95
CA SER D 929 -16.68 -13.13 -56.01
C SER D 929 -16.41 -11.85 -56.77
N ILE D 930 -16.72 -10.73 -56.13
CA ILE D 930 -16.72 -9.43 -56.82
C ILE D 930 -16.54 -8.34 -55.79
N SER D 931 -16.11 -7.17 -56.26
CA SER D 931 -16.00 -5.97 -55.44
C SER D 931 -16.79 -4.87 -56.13
N ALA D 932 -17.72 -4.26 -55.40
CA ALA D 932 -18.60 -3.26 -55.98
C ALA D 932 -19.13 -2.36 -54.88
N TYR D 933 -19.60 -1.19 -55.29
CA TYR D 933 -20.23 -0.24 -54.40
C TYR D 933 -21.49 0.28 -55.07
N ALA D 934 -22.54 0.48 -54.28
CA ALA D 934 -23.80 1.00 -54.80
C ALA D 934 -23.82 2.51 -54.63
N ILE D 935 -23.89 3.21 -55.75
CA ILE D 935 -23.98 4.67 -55.75
C ILE D 935 -25.43 5.06 -56.04
N ASP D 936 -25.80 6.25 -55.57
CA ASP D 936 -27.18 6.70 -55.60
C ASP D 936 -27.36 7.69 -56.74
N PRO D 937 -28.14 7.38 -57.77
CA PRO D 937 -28.39 8.37 -58.82
C PRO D 937 -29.08 9.61 -58.27
N ASN D 938 -29.06 10.68 -59.08
CA ASN D 938 -29.57 12.00 -58.74
C ASN D 938 -28.65 12.71 -57.75
N THR D 939 -27.68 11.98 -57.20
CA THR D 939 -26.61 12.58 -56.41
C THR D 939 -25.23 12.03 -56.73
N ALA D 940 -25.13 10.84 -57.31
CA ALA D 940 -23.88 10.16 -57.65
C ALA D 940 -23.06 9.81 -56.41
N ARG D 941 -23.57 10.13 -55.23
CA ARG D 941 -22.88 9.78 -54.00
C ARG D 941 -22.82 8.27 -53.83
N THR D 942 -21.82 7.81 -53.10
CA THR D 942 -21.59 6.38 -52.95
C THR D 942 -22.45 5.74 -51.87
N ALA D 943 -23.31 6.51 -51.20
CA ALA D 943 -24.14 6.00 -50.12
C ALA D 943 -25.62 6.15 -50.46
N LEU D 944 -26.42 5.21 -49.97
CA LEU D 944 -27.85 5.15 -50.22
C LEU D 944 -28.62 5.48 -48.95
N ALA D 945 -29.75 6.17 -49.12
CA ALA D 945 -30.67 6.43 -48.02
C ALA D 945 -31.99 6.90 -48.59
N SER D 946 -33.08 6.24 -48.21
CA SER D 946 -34.41 6.64 -48.64
C SER D 946 -35.24 7.25 -47.53
N ARG D 947 -34.93 6.95 -46.27
CA ARG D 947 -35.61 7.59 -45.14
C ARG D 947 -34.70 7.45 -43.92
N THR D 948 -34.10 8.57 -43.50
CA THR D 948 -33.23 8.58 -42.34
C THR D 948 -34.00 9.07 -41.14
N ASN D 949 -33.99 8.29 -40.06
CA ASN D 949 -34.84 8.53 -38.90
C ASN D 949 -33.97 8.73 -37.66
N HIS D 950 -33.65 9.98 -37.36
CA HIS D 950 -33.14 10.34 -36.05
C HIS D 950 -34.33 10.34 -35.08
N HIS D 951 -34.18 9.64 -33.96
CA HIS D 951 -35.29 9.51 -33.02
C HIS D 951 -35.34 10.76 -32.16
N TYR D 952 -36.10 11.74 -32.62
CA TYR D 952 -36.22 13.02 -31.92
C TYR D 952 -37.30 13.00 -30.86
N LEU D 953 -38.07 11.92 -30.74
CA LEU D 953 -39.06 11.77 -29.67
C LEU D 953 -38.66 10.74 -28.63
N MET D 954 -38.01 9.64 -29.04
CA MET D 954 -37.51 8.70 -28.06
C MET D 954 -36.33 9.26 -27.29
N ARG D 955 -35.51 10.09 -27.93
CA ARG D 955 -34.30 10.62 -27.31
C ARG D 955 -34.48 12.01 -26.73
N TYR D 956 -35.14 12.92 -27.44
CA TYR D 956 -35.34 14.28 -26.97
C TYR D 956 -36.68 14.46 -26.27
N GLY D 957 -37.72 13.76 -26.70
CA GLY D 957 -38.98 13.81 -25.99
C GLY D 957 -38.95 13.11 -24.65
N SER D 958 -38.06 12.14 -24.47
CA SER D 958 -37.87 11.48 -23.20
C SER D 958 -36.74 12.09 -22.38
N LEU D 959 -36.07 13.11 -22.91
CA LEU D 959 -35.09 13.87 -22.17
C LEU D 959 -35.57 15.25 -21.75
N PHE D 960 -36.42 15.89 -22.56
CA PHE D 960 -36.97 17.18 -22.22
C PHE D 960 -38.24 17.08 -21.37
N ALA D 961 -38.79 15.87 -21.21
CA ALA D 961 -39.94 15.65 -20.36
C ALA D 961 -39.61 14.88 -19.10
N SER D 962 -38.63 13.97 -19.16
CA SER D 962 -38.18 13.29 -17.94
C SER D 962 -37.45 14.24 -17.01
N SER D 963 -36.57 15.08 -17.57
CA SER D 963 -35.84 16.04 -16.75
C SER D 963 -36.71 17.22 -16.35
N PHE D 964 -37.70 17.58 -17.17
CA PHE D 964 -38.58 18.69 -16.80
C PHE D 964 -39.43 18.33 -15.60
N LEU D 965 -39.88 17.08 -15.51
CA LEU D 965 -40.63 16.65 -14.33
C LEU D 965 -39.78 16.74 -13.09
N GLN D 966 -38.49 16.36 -13.19
CA GLN D 966 -37.61 16.38 -12.03
C GLN D 966 -37.41 17.79 -11.50
N GLY D 967 -37.31 18.77 -12.39
CA GLY D 967 -37.08 20.14 -11.97
C GLY D 967 -38.36 20.90 -11.69
N PHE D 968 -39.48 20.40 -12.19
CA PHE D 968 -40.77 21.01 -11.90
C PHE D 968 -41.33 20.51 -10.57
N GLY D 969 -40.97 19.29 -10.17
CA GLY D 969 -41.37 18.80 -8.87
C GLY D 969 -40.49 19.30 -7.76
N ASN D 970 -39.17 19.27 -7.98
CA ASN D 970 -38.24 19.81 -6.99
C ASN D 970 -38.45 21.30 -6.77
N ALA D 971 -38.92 22.02 -7.80
CA ALA D 971 -39.22 23.44 -7.64
C ALA D 971 -40.38 23.65 -6.69
N PHE D 972 -41.36 22.76 -6.70
CA PHE D 972 -42.45 22.84 -5.72
C PHE D 972 -42.01 22.39 -4.34
N GLN D 973 -41.02 21.49 -4.27
CA GLN D 973 -40.54 21.01 -2.97
C GLN D 973 -39.86 22.13 -2.20
N SER D 974 -39.06 22.96 -2.87
CA SER D 974 -38.30 24.02 -2.25
C SER D 974 -39.05 25.35 -2.24
N ALA D 975 -40.33 25.35 -2.65
CA ALA D 975 -41.10 26.60 -2.68
C ALA D 975 -41.31 27.18 -1.30
N ASN D 976 -41.19 26.37 -0.25
CA ASN D 976 -41.33 26.88 1.12
C ASN D 976 -40.48 25.99 2.02
N THR D 977 -39.49 26.58 2.70
CA THR D 977 -38.63 25.86 3.62
C THR D 977 -38.50 26.65 4.92
N THR D 978 -38.53 25.93 6.04
CA THR D 978 -38.41 26.56 7.35
C THR D 978 -37.01 27.14 7.55
N ASN D 994 -42.77 22.49 3.91
CA ASN D 994 -42.59 22.72 5.34
C ASN D 994 -43.70 23.61 5.88
N GLY D 995 -44.84 23.62 5.20
CA GLY D 995 -45.99 24.42 5.60
C GLY D 995 -47.26 23.69 5.16
N VAL D 996 -48.37 24.41 5.17
CA VAL D 996 -49.65 23.81 4.77
C VAL D 996 -49.68 23.64 3.26
N ARG D 997 -49.77 22.38 2.81
CA ARG D 997 -49.81 22.05 1.40
C ARG D 997 -51.07 21.24 1.12
N ARG D 998 -51.80 21.63 0.10
CA ARG D 998 -52.91 20.79 -0.35
C ARG D 998 -52.37 19.60 -1.14
N SER D 999 -53.24 18.62 -1.37
CA SER D 999 -52.81 17.37 -2.00
C SER D 999 -52.32 17.56 -3.43
N THR D 1000 -52.71 18.65 -4.09
CA THR D 1000 -52.29 18.84 -5.47
C THR D 1000 -50.82 19.24 -5.56
N LEU D 1001 -50.34 20.05 -4.63
CA LEU D 1001 -48.92 20.42 -4.60
C LEU D 1001 -48.02 19.28 -4.18
N GLU D 1002 -48.55 18.07 -4.02
CA GLU D 1002 -47.74 16.88 -3.83
C GLU D 1002 -48.15 15.72 -4.70
N ASN D 1003 -49.34 15.73 -5.29
CA ASN D 1003 -49.78 14.66 -6.18
C ASN D 1003 -49.20 14.85 -7.58
N ALA D 1004 -49.60 15.91 -8.25
CA ALA D 1004 -49.27 16.09 -9.66
C ALA D 1004 -48.03 16.93 -9.88
N VAL D 1005 -47.34 17.38 -8.84
CA VAL D 1005 -46.12 18.14 -9.05
C VAL D 1005 -44.93 17.54 -8.29
N ILE D 1006 -44.99 17.51 -6.96
CA ILE D 1006 -43.84 17.04 -6.19
C ILE D 1006 -43.65 15.54 -6.37
N GLY D 1007 -44.75 14.78 -6.37
CA GLY D 1007 -44.64 13.36 -6.63
C GLY D 1007 -44.12 13.04 -8.00
N LEU D 1008 -44.26 13.97 -8.95
CA LEU D 1008 -43.70 13.81 -10.28
C LEU D 1008 -42.20 14.02 -10.32
N ALA D 1009 -41.61 14.63 -9.28
CA ALA D 1009 -40.17 14.82 -9.26
C ALA D 1009 -39.43 13.50 -9.19
N THR D 1010 -39.91 12.56 -8.39
CA THR D 1010 -39.24 11.27 -8.26
C THR D 1010 -39.35 10.47 -9.55
N VAL D 1011 -40.57 10.29 -10.07
CA VAL D 1011 -40.74 9.51 -11.29
C VAL D 1011 -39.95 10.13 -12.43
N GLY D 1012 -40.05 11.45 -12.58
CA GLY D 1012 -39.22 12.14 -13.55
C GLY D 1012 -37.75 11.79 -13.38
N LYS D 1013 -37.26 11.84 -12.14
CA LYS D 1013 -35.88 11.47 -11.89
C LYS D 1013 -35.58 10.07 -12.40
N ALA D 1014 -36.44 9.11 -12.06
CA ALA D 1014 -36.23 7.75 -12.53
C ALA D 1014 -36.22 7.71 -14.05
N TRP D 1015 -37.14 8.45 -14.68
CA TRP D 1015 -37.16 8.52 -16.13
C TRP D 1015 -35.87 9.12 -16.65
N SER D 1016 -35.35 10.15 -15.98
CA SER D 1016 -34.09 10.76 -16.39
C SER D 1016 -32.94 9.78 -16.22
N GLN D 1017 -33.08 8.81 -15.31
CA GLN D 1017 -32.06 7.78 -15.18
C GLN D 1017 -32.15 6.74 -16.29
N GLN D 1018 -33.32 6.62 -16.93
CA GLN D 1018 -33.54 5.64 -17.98
C GLN D 1018 -33.64 6.29 -19.35
N ALA D 1019 -33.37 7.59 -19.46
CA ALA D 1019 -33.35 8.28 -20.74
C ALA D 1019 -31.95 8.60 -21.22
N GLN D 1020 -30.96 8.61 -20.33
CA GLN D 1020 -29.58 8.74 -20.78
C GLN D 1020 -29.15 7.56 -21.63
N GLN D 1021 -29.59 6.35 -21.27
CA GLN D 1021 -29.28 5.17 -22.08
C GLN D 1021 -30.13 5.10 -23.33
N LEU D 1022 -31.35 5.66 -23.29
CA LEU D 1022 -32.20 5.72 -24.47
C LEU D 1022 -31.68 6.72 -25.49
N PHE D 1023 -30.84 7.67 -25.06
CA PHE D 1023 -30.33 8.68 -25.97
C PHE D 1023 -29.40 8.09 -27.01
N ASN D 1024 -28.70 7.01 -26.69
CA ASN D 1024 -27.71 6.42 -27.59
C ASN D 1024 -28.33 5.37 -28.51
N THR D 1025 -29.39 5.75 -29.21
CA THR D 1025 -29.99 4.88 -30.21
C THR D 1025 -29.55 5.32 -31.58
N PRO D 1026 -28.82 4.49 -32.34
CA PRO D 1026 -28.31 4.92 -33.64
C PRO D 1026 -29.44 5.22 -34.61
N THR D 1027 -29.18 6.13 -35.53
CA THR D 1027 -30.19 6.53 -36.52
C THR D 1027 -30.53 5.35 -37.43
N THR D 1028 -31.78 5.34 -37.89
CA THR D 1028 -32.31 4.25 -38.70
C THR D 1028 -32.31 4.68 -40.17
N VAL D 1029 -31.27 4.32 -40.89
CA VAL D 1029 -31.20 4.56 -42.33
C VAL D 1029 -31.86 3.39 -43.05
N GLU D 1030 -32.76 3.70 -43.97
CA GLU D 1030 -33.57 2.69 -44.64
C GLU D 1030 -33.60 2.97 -46.13
N VAL D 1031 -33.13 2.01 -46.92
CA VAL D 1031 -33.22 2.06 -48.38
C VAL D 1031 -34.33 1.12 -48.81
N TYR D 1032 -35.27 1.63 -49.60
CA TYR D 1032 -36.45 0.87 -49.94
C TYR D 1032 -36.13 -0.18 -51.01
N SER D 1033 -37.16 -0.93 -51.43
CA SER D 1033 -36.99 -2.08 -52.30
C SER D 1033 -37.36 -1.79 -53.75
N GLY D 1034 -37.56 -0.53 -54.10
CA GLY D 1034 -37.71 -0.17 -55.50
C GLY D 1034 -36.63 0.79 -55.91
N THR D 1035 -35.70 1.04 -54.99
CA THR D 1035 -34.66 2.04 -55.18
C THR D 1035 -33.68 1.58 -56.25
N GLY D 1036 -33.73 2.21 -57.42
CA GLY D 1036 -32.73 1.97 -58.44
C GLY D 1036 -31.43 2.65 -58.08
N LEU D 1037 -30.33 1.92 -58.22
CA LEU D 1037 -29.01 2.43 -57.91
C LEU D 1037 -28.08 2.12 -59.06
N GLY D 1038 -26.85 2.61 -58.95
CA GLY D 1038 -25.78 2.25 -59.87
C GLY D 1038 -24.79 1.39 -59.12
N ILE D 1039 -24.12 0.50 -59.84
CA ILE D 1039 -23.13 -0.39 -59.26
C ILE D 1039 -21.80 -0.08 -59.92
N LEU D 1040 -20.81 0.29 -59.09
CA LEU D 1040 -19.49 0.68 -59.55
C LEU D 1040 -18.48 -0.32 -59.00
N PHE D 1041 -17.80 -1.02 -59.89
CA PHE D 1041 -16.88 -2.08 -59.50
C PHE D 1041 -15.47 -1.52 -59.33
N THR D 1042 -14.91 -1.72 -58.14
CA THR D 1042 -13.58 -1.21 -57.84
C THR D 1042 -12.47 -2.20 -58.17
N GLN D 1043 -12.80 -3.34 -58.76
CA GLN D 1043 -11.79 -4.31 -59.18
C GLN D 1043 -12.31 -5.11 -60.36
N ASP D 1044 -11.39 -5.68 -61.11
CA ASP D 1044 -11.75 -6.43 -62.32
C ASP D 1044 -12.52 -7.69 -61.97
N VAL D 1045 -13.39 -8.10 -62.88
CA VAL D 1045 -14.22 -9.28 -62.72
C VAL D 1045 -13.77 -10.33 -63.73
N THR D 1046 -13.48 -11.53 -63.24
CA THR D 1046 -13.01 -12.62 -64.10
C THR D 1046 -14.07 -13.03 -65.12
N ILE E 862 -30.49 -27.71 -58.07
CA ILE E 862 -29.61 -26.56 -58.20
C ILE E 862 -30.38 -25.28 -57.94
N ILE E 863 -29.94 -24.52 -56.93
CA ILE E 863 -30.50 -23.21 -56.62
C ILE E 863 -29.36 -22.21 -56.58
N LYS E 864 -29.39 -21.24 -57.49
CA LYS E 864 -28.33 -20.25 -57.58
C LYS E 864 -28.47 -19.19 -56.49
N THR E 865 -27.39 -18.47 -56.25
CA THR E 865 -27.40 -17.39 -55.27
C THR E 865 -28.29 -16.25 -55.75
N GLY E 866 -29.15 -15.75 -54.86
CA GLY E 866 -30.12 -14.74 -55.19
C GLY E 866 -31.46 -15.27 -55.65
N ASP E 867 -31.58 -16.58 -55.87
CA ASP E 867 -32.87 -17.15 -56.25
C ASP E 867 -33.83 -17.09 -55.08
N ILE E 868 -35.06 -16.68 -55.37
CA ILE E 868 -36.09 -16.50 -54.35
C ILE E 868 -37.23 -17.46 -54.66
N MET E 869 -37.52 -18.35 -53.72
CA MET E 869 -38.73 -19.16 -53.74
C MET E 869 -39.50 -18.94 -52.46
N PHE E 870 -40.82 -18.94 -52.56
CA PHE E 870 -41.69 -18.50 -51.48
C PHE E 870 -42.07 -19.68 -50.60
N ALA E 871 -41.95 -19.48 -49.29
CA ALA E 871 -42.28 -20.48 -48.29
C ALA E 871 -43.52 -20.02 -47.52
N VAL E 872 -43.95 -20.85 -46.57
CA VAL E 872 -44.95 -20.46 -45.59
C VAL E 872 -44.43 -20.87 -44.22
N LEU E 873 -44.29 -19.90 -43.33
CA LEU E 873 -43.81 -20.17 -41.98
C LEU E 873 -44.90 -20.91 -41.22
N ASP E 874 -44.77 -22.23 -41.12
CA ASP E 874 -45.79 -23.07 -40.50
C ASP E 874 -45.46 -23.41 -39.05
N THR E 875 -44.43 -22.80 -38.48
CA THR E 875 -44.14 -22.90 -37.05
C THR E 875 -44.04 -21.48 -36.51
N SER E 876 -45.00 -21.09 -35.68
CA SER E 876 -44.96 -19.76 -35.08
C SER E 876 -43.73 -19.62 -34.19
N VAL E 877 -43.12 -18.44 -34.23
CA VAL E 877 -41.88 -18.20 -33.51
C VAL E 877 -42.08 -17.02 -32.56
N ASN E 878 -41.27 -17.01 -31.49
CA ASN E 878 -41.29 -15.95 -30.50
C ASN E 878 -39.86 -15.68 -30.09
N SER E 879 -39.53 -14.40 -29.89
CA SER E 879 -38.15 -14.02 -29.61
C SER E 879 -37.68 -14.52 -28.25
N ASP E 880 -38.60 -14.71 -27.30
CA ASP E 880 -38.19 -15.13 -25.96
C ASP E 880 -37.67 -16.57 -25.96
N GLU E 881 -38.28 -17.44 -26.75
CA GLU E 881 -37.98 -18.86 -26.71
C GLU E 881 -37.13 -19.26 -27.91
N PRO E 882 -35.84 -19.55 -27.72
CA PRO E 882 -35.02 -20.00 -28.85
C PRO E 882 -35.35 -21.43 -29.26
N GLY E 883 -35.83 -21.60 -30.49
CA GLY E 883 -36.17 -22.91 -30.99
C GLY E 883 -36.08 -22.97 -32.50
N PRO E 884 -36.19 -24.18 -33.06
CA PRO E 884 -36.11 -24.33 -34.51
C PRO E 884 -37.32 -23.71 -35.20
N ILE E 885 -37.12 -23.32 -36.45
CA ILE E 885 -38.14 -22.67 -37.27
C ILE E 885 -38.29 -23.47 -38.55
N LEU E 886 -39.51 -23.90 -38.85
CA LEU E 886 -39.80 -24.72 -40.01
C LEU E 886 -40.62 -23.91 -41.01
N ALA E 887 -40.25 -23.98 -42.28
CA ALA E 887 -41.00 -23.31 -43.34
C ALA E 887 -41.13 -24.25 -44.53
N THR E 888 -42.34 -24.43 -45.04
CA THR E 888 -42.60 -25.34 -46.15
C THR E 888 -42.72 -24.52 -47.43
N ILE E 889 -41.86 -24.83 -48.41
CA ILE E 889 -41.91 -24.11 -49.68
C ILE E 889 -43.17 -24.49 -50.44
N VAL E 890 -43.92 -23.48 -50.89
CA VAL E 890 -45.22 -23.70 -51.51
C VAL E 890 -45.13 -23.67 -53.04
N THR E 891 -44.42 -22.70 -53.59
CA THR E 891 -44.37 -22.50 -55.03
C THR E 891 -42.97 -22.75 -55.57
N GLY E 892 -42.91 -23.15 -56.82
CA GLY E 892 -41.65 -23.35 -57.53
C GLY E 892 -41.46 -24.80 -57.93
N LYS E 893 -40.24 -25.09 -58.36
CA LYS E 893 -39.86 -26.44 -58.77
C LYS E 893 -39.48 -27.33 -57.59
N LEU E 894 -39.49 -26.80 -56.38
CA LEU E 894 -39.23 -27.56 -55.16
C LEU E 894 -40.44 -27.38 -54.26
N LYS E 895 -41.46 -28.20 -54.48
CA LYS E 895 -42.71 -28.09 -53.72
C LYS E 895 -42.64 -28.96 -52.48
N GLY E 896 -43.08 -28.40 -51.35
CA GLY E 896 -43.16 -29.16 -50.13
C GLY E 896 -41.85 -29.35 -49.40
N SER E 897 -40.76 -28.78 -49.90
CA SER E 897 -39.49 -28.89 -49.20
C SER E 897 -39.56 -28.17 -47.87
N LYS E 898 -38.87 -28.71 -46.87
CA LYS E 898 -38.93 -28.19 -45.50
C LYS E 898 -37.61 -27.52 -45.16
N LEU E 899 -37.69 -26.25 -44.76
CA LEU E 899 -36.53 -25.46 -44.37
C LEU E 899 -36.50 -25.37 -42.85
N ILE E 900 -35.39 -25.77 -42.26
CA ILE E 900 -35.15 -25.65 -40.82
C ILE E 900 -34.11 -24.57 -40.60
N GLY E 901 -34.43 -23.60 -39.75
CA GLY E 901 -33.52 -22.51 -39.46
C GLY E 901 -33.75 -21.91 -38.08
N SER E 902 -33.11 -20.77 -37.83
CA SER E 902 -33.24 -20.11 -36.54
C SER E 902 -33.60 -18.64 -36.74
N PHE E 903 -33.60 -17.87 -35.65
CA PHE E 903 -33.87 -16.44 -35.69
C PHE E 903 -32.75 -15.70 -34.96
N ASN E 904 -32.83 -14.38 -34.98
CA ASN E 904 -31.86 -13.54 -34.28
C ASN E 904 -32.46 -12.16 -34.13
N LEU E 905 -32.58 -11.68 -32.89
CA LEU E 905 -33.02 -10.32 -32.64
C LEU E 905 -31.80 -9.41 -32.57
N PRO E 906 -31.70 -8.39 -33.42
CA PRO E 906 -30.46 -7.60 -33.49
C PRO E 906 -30.24 -6.68 -32.29
N SER E 907 -31.06 -6.82 -31.25
CA SER E 907 -30.95 -6.11 -29.97
C SER E 907 -31.24 -4.63 -30.09
N ASN E 908 -31.51 -4.11 -31.29
CA ASN E 908 -31.89 -2.71 -31.44
C ASN E 908 -33.02 -2.54 -32.45
N ALA E 909 -33.63 -3.64 -32.91
CA ALA E 909 -34.63 -3.60 -33.96
C ALA E 909 -35.94 -4.19 -33.47
N ASP E 910 -37.02 -3.76 -34.10
CA ASP E 910 -38.35 -4.26 -33.81
C ASP E 910 -38.73 -5.47 -34.64
N LYS E 911 -37.80 -6.00 -35.42
CA LYS E 911 -38.03 -7.17 -36.26
C LYS E 911 -36.88 -8.14 -36.10
N MET E 912 -37.15 -9.40 -36.40
CA MET E 912 -36.19 -10.48 -36.20
C MET E 912 -35.82 -11.11 -37.53
N VAL E 913 -34.59 -11.64 -37.60
CA VAL E 913 -34.04 -12.15 -38.85
C VAL E 913 -34.05 -13.67 -38.79
N ILE E 914 -34.86 -14.29 -39.65
CA ILE E 914 -34.93 -15.74 -39.76
C ILE E 914 -33.91 -16.19 -40.79
N THR E 915 -32.99 -17.06 -40.40
CA THR E 915 -31.93 -17.55 -41.27
C THR E 915 -31.99 -19.07 -41.35
N PHE E 916 -32.58 -19.58 -42.43
CA PHE E 916 -32.68 -21.01 -42.61
C PHE E 916 -31.33 -21.60 -42.99
N ASN E 917 -31.03 -22.78 -42.44
CA ASN E 917 -29.73 -23.40 -42.68
C ASN E 917 -29.81 -24.90 -42.91
N THR E 918 -30.99 -25.46 -43.17
CA THR E 918 -31.09 -26.85 -43.58
C THR E 918 -32.31 -27.02 -44.46
N MET E 919 -32.17 -27.75 -45.56
CA MET E 919 -33.29 -27.97 -46.48
C MET E 919 -33.48 -29.45 -46.71
N SER E 920 -34.73 -29.90 -46.59
CA SER E 920 -35.11 -31.29 -46.84
C SER E 920 -36.04 -31.30 -48.05
N ILE E 921 -35.55 -31.85 -49.16
CA ILE E 921 -36.29 -31.91 -50.41
C ILE E 921 -37.05 -33.23 -50.49
N PRO E 922 -38.34 -33.22 -50.81
CA PRO E 922 -39.08 -34.48 -50.95
C PRO E 922 -38.53 -35.32 -52.09
N GLY E 923 -38.09 -36.53 -51.77
CA GLY E 923 -37.46 -37.40 -52.71
C GLY E 923 -35.95 -37.46 -52.60
N ALA E 924 -35.33 -36.48 -51.93
CA ALA E 924 -33.89 -36.51 -51.72
C ALA E 924 -33.53 -37.61 -50.73
N GLU E 925 -32.34 -38.19 -50.91
CA GLU E 925 -31.88 -39.21 -49.99
C GLU E 925 -31.65 -38.65 -48.59
N LYS E 926 -31.03 -37.47 -48.50
CA LYS E 926 -30.70 -36.84 -47.23
C LYS E 926 -31.06 -35.36 -47.30
N THR E 927 -30.87 -34.67 -46.19
CA THR E 927 -31.11 -33.23 -46.10
C THR E 927 -29.80 -32.49 -46.33
N ILE E 928 -29.83 -31.51 -47.22
CA ILE E 928 -28.64 -30.77 -47.60
C ILE E 928 -28.51 -29.53 -46.73
N SER E 929 -27.28 -29.18 -46.38
CA SER E 929 -27.02 -27.91 -45.74
C SER E 929 -27.29 -26.77 -46.70
N ILE E 930 -27.61 -25.60 -46.16
CA ILE E 930 -28.05 -24.48 -46.98
C ILE E 930 -27.75 -23.17 -46.26
N SER E 931 -27.74 -22.08 -47.03
CA SER E 931 -27.64 -20.73 -46.50
C SER E 931 -28.78 -19.93 -47.10
N ALA E 932 -29.73 -19.52 -46.26
CA ALA E 932 -30.90 -18.82 -46.74
C ALA E 932 -31.39 -17.86 -45.68
N TYR E 933 -32.11 -16.84 -46.13
CA TYR E 933 -32.69 -15.82 -45.27
C TYR E 933 -34.16 -15.65 -45.62
N ALA E 934 -34.97 -15.39 -44.60
CA ALA E 934 -36.40 -15.16 -44.79
C ALA E 934 -36.65 -13.67 -44.92
N ILE E 935 -37.34 -13.28 -45.99
CA ILE E 935 -37.67 -11.90 -46.26
C ILE E 935 -39.19 -11.78 -46.27
N ASP E 936 -39.69 -10.68 -45.72
CA ASP E 936 -41.12 -10.44 -45.70
C ASP E 936 -41.62 -10.10 -47.09
N PRO E 937 -42.61 -10.82 -47.63
CA PRO E 937 -43.05 -10.55 -49.00
C PRO E 937 -43.64 -9.16 -49.20
N ASN E 938 -44.06 -8.48 -48.13
CA ASN E 938 -44.68 -7.16 -48.28
C ASN E 938 -43.63 -6.07 -48.45
N THR E 939 -42.76 -5.91 -47.45
CA THR E 939 -41.76 -4.84 -47.47
C THR E 939 -40.45 -5.27 -48.10
N ALA E 940 -40.29 -6.55 -48.44
CA ALA E 940 -39.08 -7.13 -49.01
C ALA E 940 -37.89 -7.10 -48.06
N ARG E 941 -38.09 -6.59 -46.84
CA ARG E 941 -37.00 -6.55 -45.87
C ARG E 941 -36.66 -7.96 -45.38
N THR E 942 -35.40 -8.16 -45.01
CA THR E 942 -34.94 -9.44 -44.48
C THR E 942 -35.20 -9.53 -42.97
N ALA E 943 -36.47 -9.33 -42.59
CA ALA E 943 -36.86 -9.37 -41.20
C ALA E 943 -38.36 -9.57 -41.11
N LEU E 944 -38.79 -10.35 -40.12
CA LEU E 944 -40.19 -10.72 -39.94
C LEU E 944 -40.67 -10.29 -38.57
N ALA E 945 -41.86 -9.70 -38.52
CA ALA E 945 -42.49 -9.38 -37.23
C ALA E 945 -43.99 -9.29 -37.46
N SER E 946 -44.72 -10.34 -37.10
CA SER E 946 -46.17 -10.27 -37.13
C SER E 946 -46.72 -9.45 -35.98
N ARG E 947 -45.99 -9.39 -34.86
CA ARG E 947 -46.39 -8.55 -33.73
C ARG E 947 -45.16 -8.26 -32.88
N THR E 948 -44.84 -6.98 -32.72
CA THR E 948 -43.76 -6.55 -31.86
C THR E 948 -44.35 -5.96 -30.59
N ASN E 949 -43.82 -6.40 -29.45
CA ASN E 949 -44.37 -6.05 -28.14
C ASN E 949 -43.27 -5.43 -27.28
N HIS E 950 -43.26 -4.10 -27.22
CA HIS E 950 -42.52 -3.40 -26.19
C HIS E 950 -43.39 -3.36 -24.94
N HIS E 951 -42.82 -3.77 -23.80
CA HIS E 951 -43.60 -3.85 -22.56
C HIS E 951 -43.71 -2.46 -21.97
N TYR E 952 -44.67 -1.70 -22.47
CA TYR E 952 -44.88 -0.34 -22.00
C TYR E 952 -45.65 -0.28 -20.69
N LEU E 953 -46.30 -1.36 -20.28
CA LEU E 953 -46.99 -1.41 -19.01
C LEU E 953 -46.19 -2.13 -17.93
N MET E 954 -45.35 -3.09 -18.31
CA MET E 954 -44.46 -3.74 -17.36
C MET E 954 -43.29 -2.85 -16.95
N ARG E 955 -42.84 -1.98 -17.84
CA ARG E 955 -41.65 -1.16 -17.61
C ARG E 955 -41.95 0.30 -17.35
N TYR E 956 -42.89 0.90 -18.07
CA TYR E 956 -43.32 2.27 -17.82
C TYR E 956 -44.54 2.35 -16.91
N GLY E 957 -45.06 1.21 -16.48
CA GLY E 957 -46.14 1.20 -15.52
C GLY E 957 -45.64 0.80 -14.14
N SER E 958 -44.41 0.29 -14.08
CA SER E 958 -43.76 0.00 -12.82
C SER E 958 -42.67 1.00 -12.48
N LEU E 959 -42.23 1.81 -13.44
CA LEU E 959 -41.29 2.90 -13.19
C LEU E 959 -41.99 4.22 -12.90
N PHE E 960 -43.17 4.45 -13.48
CA PHE E 960 -43.93 5.65 -13.24
C PHE E 960 -44.90 5.53 -12.07
N ALA E 961 -45.11 4.32 -11.56
CA ALA E 961 -46.02 4.10 -10.44
C ALA E 961 -45.32 3.83 -9.13
N SER E 962 -44.19 3.12 -9.15
CA SER E 962 -43.41 2.93 -7.93
C SER E 962 -42.72 4.23 -7.52
N SER E 963 -42.08 4.90 -8.47
CA SER E 963 -41.41 6.16 -8.16
C SER E 963 -42.41 7.25 -7.81
N PHE E 964 -43.58 7.25 -8.44
CA PHE E 964 -44.61 8.20 -8.04
C PHE E 964 -45.08 7.94 -6.62
N LEU E 965 -45.21 6.67 -6.24
CA LEU E 965 -45.59 6.37 -4.86
C LEU E 965 -44.51 6.86 -3.90
N GLN E 966 -43.24 6.65 -4.24
CA GLN E 966 -42.15 7.12 -3.39
C GLN E 966 -42.19 8.64 -3.24
N GLY E 967 -42.38 9.36 -4.35
CA GLY E 967 -42.43 10.80 -4.27
C GLY E 967 -43.65 11.32 -3.53
N PHE E 968 -44.82 10.73 -3.79
CA PHE E 968 -46.05 11.13 -3.13
C PHE E 968 -46.00 10.86 -1.63
N GLY E 969 -45.28 9.83 -1.22
CA GLY E 969 -45.11 9.56 0.20
C GLY E 969 -44.12 10.50 0.86
N ASN E 970 -42.94 10.67 0.25
CA ASN E 970 -41.96 11.58 0.82
C ASN E 970 -42.43 13.03 0.80
N ALA E 971 -43.37 13.38 -0.08
CA ALA E 971 -43.92 14.73 -0.07
C ALA E 971 -44.84 14.94 1.14
N PHE E 972 -45.62 13.92 1.50
CA PHE E 972 -46.46 14.02 2.69
C PHE E 972 -45.62 13.89 3.95
N GLN E 973 -44.47 13.21 3.86
CA GLN E 973 -43.60 13.06 5.03
C GLN E 973 -43.09 14.41 5.51
N SER E 974 -42.66 15.26 4.59
CA SER E 974 -42.07 16.56 4.91
C SER E 974 -43.04 17.71 4.73
N ALA E 975 -44.34 17.44 4.78
CA ALA E 975 -45.33 18.49 4.57
C ALA E 975 -45.25 19.54 5.67
N ASN E 976 -45.26 19.10 6.92
CA ASN E 976 -45.09 19.98 8.08
C ASN E 976 -43.94 19.46 8.91
N THR E 977 -43.01 20.35 9.25
CA THR E 977 -41.84 19.99 10.03
C THR E 977 -41.57 21.05 11.09
N THR E 978 -40.90 20.63 12.15
CA THR E 978 -40.57 21.52 13.26
C THR E 978 -39.59 22.62 12.81
N ASN E 994 -42.66 17.51 13.55
CA ASN E 994 -43.86 17.02 12.89
C ASN E 994 -45.05 17.06 13.83
N GLY E 995 -46.10 17.78 13.41
CA GLY E 995 -47.28 17.95 14.24
C GLY E 995 -48.20 16.74 14.10
N VAL E 996 -49.41 16.86 14.66
CA VAL E 996 -50.35 15.75 14.66
C VAL E 996 -50.87 15.51 13.24
N ARG E 997 -50.92 14.23 12.85
CA ARG E 997 -51.40 13.83 11.54
C ARG E 997 -52.53 12.82 11.70
N ARG E 998 -53.47 12.84 10.77
CA ARG E 998 -54.52 11.84 10.75
C ARG E 998 -53.94 10.49 10.34
N SER E 999 -54.69 9.43 10.65
CA SER E 999 -54.17 8.08 10.44
C SER E 999 -53.98 7.78 8.96
N THR E 1000 -54.85 8.32 8.10
CA THR E 1000 -54.68 8.14 6.66
C THR E 1000 -53.59 9.02 6.08
N LEU E 1001 -53.21 10.10 6.78
CA LEU E 1001 -52.07 10.90 6.36
C LEU E 1001 -50.76 10.15 6.51
N GLU E 1002 -50.77 8.99 7.17
CA GLU E 1002 -49.63 8.09 7.23
C GLU E 1002 -49.91 6.71 6.66
N ASN E 1003 -51.17 6.30 6.59
CA ASN E 1003 -51.52 5.01 6.02
C ASN E 1003 -51.46 5.05 4.50
N ALA E 1004 -52.30 5.86 3.88
CA ALA E 1004 -52.49 5.80 2.44
C ALA E 1004 -51.56 6.72 1.66
N VAL E 1005 -50.71 7.50 2.34
CA VAL E 1005 -49.80 8.36 1.60
C VAL E 1005 -48.35 8.18 2.05
N ILE E 1006 -48.06 8.41 3.34
CA ILE E 1006 -46.67 8.36 3.78
C ILE E 1006 -46.15 6.93 3.79
N GLY E 1007 -46.98 5.98 4.24
CA GLY E 1007 -46.53 4.60 4.29
C GLY E 1007 -46.23 4.02 2.93
N LEU E 1008 -46.88 4.53 1.89
CA LEU E 1008 -46.61 4.08 0.53
C LEU E 1008 -45.20 4.44 0.07
N ALA E 1009 -44.60 5.47 0.68
CA ALA E 1009 -43.27 5.91 0.24
C ALA E 1009 -42.25 4.79 0.31
N THR E 1010 -42.46 3.81 1.19
CA THR E 1010 -41.55 2.68 1.24
C THR E 1010 -41.95 1.60 0.24
N VAL E 1011 -43.26 1.34 0.09
CA VAL E 1011 -43.69 0.33 -0.86
C VAL E 1011 -43.36 0.78 -2.28
N GLY E 1012 -43.35 2.08 -2.53
CA GLY E 1012 -42.89 2.60 -3.81
C GLY E 1012 -41.39 2.65 -3.93
N LYS E 1013 -40.67 2.57 -2.81
CA LYS E 1013 -39.21 2.55 -2.89
C LYS E 1013 -38.69 1.16 -3.21
N ALA E 1014 -39.11 0.16 -2.42
CA ALA E 1014 -38.73 -1.22 -2.69
C ALA E 1014 -39.18 -1.65 -4.07
N TRP E 1015 -40.44 -1.36 -4.42
CA TRP E 1015 -40.91 -1.60 -5.77
C TRP E 1015 -39.98 -0.96 -6.79
N SER E 1016 -39.51 0.26 -6.51
CA SER E 1016 -38.58 0.93 -7.42
C SER E 1016 -37.32 0.09 -7.61
N GLN E 1017 -36.77 -0.44 -6.51
CA GLN E 1017 -35.59 -1.29 -6.62
C GLN E 1017 -35.86 -2.54 -7.43
N GLN E 1018 -37.12 -2.98 -7.49
CA GLN E 1018 -37.50 -4.13 -8.30
C GLN E 1018 -38.11 -3.72 -9.63
N ALA E 1019 -38.07 -2.43 -9.97
CA ALA E 1019 -38.59 -1.95 -11.24
C ALA E 1019 -37.50 -1.48 -12.19
N GLN E 1020 -36.29 -1.20 -11.68
CA GLN E 1020 -35.16 -0.92 -12.56
C GLN E 1020 -34.66 -2.17 -13.26
N GLN E 1021 -35.00 -3.36 -12.76
CA GLN E 1021 -34.67 -4.61 -13.44
C GLN E 1021 -35.76 -5.04 -14.39
N LEU E 1022 -37.01 -4.66 -14.13
CA LEU E 1022 -38.10 -4.92 -15.06
C LEU E 1022 -37.94 -4.13 -16.35
N PHE E 1023 -37.17 -3.04 -16.33
CA PHE E 1023 -37.00 -2.22 -17.52
C PHE E 1023 -36.18 -2.90 -18.59
N ASN E 1024 -35.34 -3.87 -18.23
CA ASN E 1024 -34.44 -4.52 -19.17
C ASN E 1024 -35.07 -5.74 -19.84
N THR E 1025 -36.40 -5.85 -19.82
CA THR E 1025 -37.05 -6.94 -20.53
C THR E 1025 -37.03 -6.64 -22.03
N PRO E 1026 -36.41 -7.48 -22.85
CA PRO E 1026 -36.31 -7.17 -24.29
C PRO E 1026 -37.67 -7.23 -24.95
N THR E 1027 -37.81 -6.45 -26.02
CA THR E 1027 -39.04 -6.43 -26.79
C THR E 1027 -39.26 -7.81 -27.42
N THR E 1028 -40.51 -8.26 -27.41
CA THR E 1028 -40.86 -9.60 -27.86
C THR E 1028 -41.40 -9.54 -29.28
N VAL E 1029 -40.70 -10.17 -30.21
CA VAL E 1029 -41.09 -10.19 -31.62
C VAL E 1029 -41.67 -11.56 -31.92
N GLU E 1030 -42.88 -11.58 -32.48
CA GLU E 1030 -43.60 -12.81 -32.75
C GLU E 1030 -43.98 -12.88 -34.21
N VAL E 1031 -43.62 -13.99 -34.86
CA VAL E 1031 -44.00 -14.26 -36.25
C VAL E 1031 -44.96 -15.42 -36.24
N TYR E 1032 -46.13 -15.23 -36.84
CA TYR E 1032 -47.22 -16.19 -36.73
C TYR E 1032 -46.95 -17.42 -37.61
N SER E 1033 -47.91 -18.33 -37.64
CA SER E 1033 -47.76 -19.62 -38.30
C SER E 1033 -48.45 -19.67 -39.66
N GLY E 1034 -48.99 -18.56 -40.13
CA GLY E 1034 -49.53 -18.51 -41.48
C GLY E 1034 -48.76 -17.54 -42.34
N THR E 1035 -47.69 -16.98 -41.77
CA THR E 1035 -46.94 -15.91 -42.40
C THR E 1035 -46.21 -16.45 -43.63
N GLY E 1036 -46.67 -16.05 -44.81
CA GLY E 1036 -45.93 -16.37 -46.02
C GLY E 1036 -44.57 -15.70 -46.02
N LEU E 1037 -43.60 -16.36 -46.65
CA LEU E 1037 -42.22 -15.92 -46.62
C LEU E 1037 -41.69 -15.82 -48.04
N GLY E 1038 -40.54 -15.18 -48.15
CA GLY E 1038 -39.67 -15.36 -49.30
C GLY E 1038 -38.35 -15.87 -48.79
N ILE E 1039 -37.72 -16.75 -49.56
CA ILE E 1039 -36.46 -17.36 -49.16
C ILE E 1039 -35.38 -16.91 -50.14
N LEU E 1040 -34.39 -16.18 -49.64
CA LEU E 1040 -33.28 -15.70 -50.44
C LEU E 1040 -32.05 -16.53 -50.11
N PHE E 1041 -31.50 -17.20 -51.11
CA PHE E 1041 -30.33 -18.07 -50.91
C PHE E 1041 -29.06 -17.30 -51.20
N THR E 1042 -28.16 -17.27 -50.21
CA THR E 1042 -26.88 -16.60 -50.35
C THR E 1042 -25.75 -17.54 -50.72
N GLN E 1043 -26.06 -18.80 -51.05
CA GLN E 1043 -25.05 -19.76 -51.42
C GLN E 1043 -25.63 -20.72 -52.46
N ASP E 1044 -24.76 -21.27 -53.30
CA ASP E 1044 -25.18 -22.24 -54.29
C ASP E 1044 -25.60 -23.54 -53.63
N VAL E 1045 -26.57 -24.21 -54.23
CA VAL E 1045 -27.08 -25.49 -53.75
C VAL E 1045 -26.71 -26.55 -54.77
N THR E 1046 -26.07 -27.62 -54.30
CA THR E 1046 -25.63 -28.70 -55.17
C THR E 1046 -26.60 -29.88 -55.14
N ILE F 862 -37.74 -44.86 -41.10
CA ILE F 862 -37.08 -43.64 -41.57
C ILE F 862 -37.92 -42.42 -41.22
N ILE F 863 -37.27 -41.34 -40.82
CA ILE F 863 -37.91 -40.06 -40.54
C ILE F 863 -37.06 -38.96 -41.15
N LYS F 864 -37.68 -38.10 -41.95
CA LYS F 864 -36.98 -36.99 -42.57
C LYS F 864 -36.79 -35.87 -41.54
N THR F 865 -36.30 -34.73 -42.02
CA THR F 865 -36.15 -33.54 -41.19
C THR F 865 -37.34 -32.62 -41.41
N GLY F 866 -37.95 -32.17 -40.32
CA GLY F 866 -39.18 -31.40 -40.38
C GLY F 866 -40.44 -32.22 -40.38
N ASP F 867 -40.33 -33.55 -40.30
CA ASP F 867 -41.51 -34.41 -40.30
C ASP F 867 -42.21 -34.31 -38.95
N ILE F 868 -43.35 -33.62 -38.93
CA ILE F 868 -44.14 -33.46 -37.72
C ILE F 868 -45.01 -34.70 -37.56
N MET F 869 -44.89 -35.36 -36.41
CA MET F 869 -45.80 -36.44 -36.05
C MET F 869 -46.45 -36.14 -34.71
N PHE F 870 -47.73 -36.48 -34.59
CA PHE F 870 -48.51 -36.07 -33.44
C PHE F 870 -48.32 -37.04 -32.29
N ALA F 871 -48.12 -36.50 -31.10
CA ALA F 871 -47.92 -37.27 -29.88
C ALA F 871 -48.88 -36.78 -28.81
N VAL F 872 -48.96 -37.49 -27.70
CA VAL F 872 -49.71 -37.06 -26.53
C VAL F 872 -48.79 -37.15 -25.33
N LEU F 873 -48.76 -36.08 -24.54
CA LEU F 873 -48.01 -36.12 -23.29
C LEU F 873 -48.69 -37.05 -22.31
N ASP F 874 -47.88 -37.80 -21.55
CA ASP F 874 -48.43 -38.65 -20.50
C ASP F 874 -47.58 -38.57 -19.23
N THR F 875 -46.69 -37.58 -19.14
CA THR F 875 -45.95 -37.27 -17.91
C THR F 875 -46.02 -35.76 -17.75
N SER F 876 -46.90 -35.29 -16.87
CA SER F 876 -47.04 -33.87 -16.63
C SER F 876 -45.73 -33.30 -16.08
N VAL F 877 -45.32 -32.16 -16.61
CA VAL F 877 -44.05 -31.56 -16.23
C VAL F 877 -44.29 -30.27 -15.46
N ASN F 878 -43.29 -29.91 -14.66
CA ASN F 878 -43.27 -28.66 -13.92
C ASN F 878 -41.88 -28.07 -14.02
N SER F 879 -41.82 -26.76 -14.27
CA SER F 879 -40.53 -26.12 -14.49
C SER F 879 -39.64 -26.17 -13.26
N ASP F 880 -40.22 -26.29 -12.07
CA ASP F 880 -39.43 -26.29 -10.84
C ASP F 880 -38.75 -27.63 -10.56
N GLU F 881 -39.20 -28.72 -11.17
CA GLU F 881 -38.66 -30.05 -10.90
C GLU F 881 -38.04 -30.61 -12.17
N PRO F 882 -36.72 -30.55 -12.32
CA PRO F 882 -36.06 -31.14 -13.51
C PRO F 882 -36.22 -32.65 -13.51
N GLY F 883 -36.76 -33.17 -14.61
CA GLY F 883 -36.94 -34.60 -14.77
C GLY F 883 -37.27 -34.96 -16.19
N PRO F 884 -37.16 -36.24 -16.54
CA PRO F 884 -37.48 -36.67 -17.90
C PRO F 884 -38.97 -36.54 -18.18
N ILE F 885 -39.29 -36.35 -19.45
CA ILE F 885 -40.66 -36.22 -19.91
C ILE F 885 -40.92 -37.26 -21.00
N LEU F 886 -42.06 -37.93 -20.90
CA LEU F 886 -42.43 -38.99 -21.82
C LEU F 886 -43.62 -38.55 -22.67
N ALA F 887 -43.57 -38.91 -23.95
CA ALA F 887 -44.67 -38.67 -24.87
C ALA F 887 -44.88 -39.92 -25.70
N THR F 888 -46.09 -40.09 -26.24
CA THR F 888 -46.45 -41.28 -27.00
C THR F 888 -47.03 -40.86 -28.33
N ILE F 889 -46.37 -41.23 -29.43
CA ILE F 889 -46.86 -40.91 -30.76
C ILE F 889 -48.14 -41.69 -31.02
N VAL F 890 -49.16 -41.01 -31.55
CA VAL F 890 -50.48 -41.62 -31.72
C VAL F 890 -50.84 -41.79 -33.18
N THR F 891 -50.42 -40.89 -34.06
CA THR F 891 -50.76 -40.97 -35.48
C THR F 891 -49.49 -41.13 -36.32
N GLY F 892 -49.55 -42.05 -37.27
CA GLY F 892 -48.49 -42.23 -38.24
C GLY F 892 -48.09 -43.69 -38.36
N LYS F 893 -47.07 -43.92 -39.19
CA LYS F 893 -46.53 -45.26 -39.37
C LYS F 893 -45.78 -45.74 -38.13
N LEU F 894 -45.39 -44.84 -37.24
CA LEU F 894 -44.76 -45.18 -35.97
C LEU F 894 -45.76 -44.84 -34.87
N LYS F 895 -46.66 -45.78 -34.60
CA LYS F 895 -47.75 -45.56 -33.64
C LYS F 895 -47.41 -46.29 -32.35
N GLY F 896 -47.43 -45.55 -31.24
CA GLY F 896 -47.13 -46.11 -29.94
C GLY F 896 -45.70 -45.97 -29.49
N SER F 897 -44.83 -45.38 -30.32
CA SER F 897 -43.45 -45.17 -29.93
C SER F 897 -43.35 -44.22 -28.75
N LYS F 898 -42.35 -44.44 -27.90
CA LYS F 898 -42.20 -43.68 -26.66
C LYS F 898 -41.04 -42.71 -26.81
N LEU F 899 -41.33 -41.41 -26.68
CA LEU F 899 -40.33 -40.36 -26.80
C LEU F 899 -39.95 -39.90 -25.40
N ILE F 900 -38.67 -40.01 -25.07
CA ILE F 900 -38.11 -39.54 -23.81
C ILE F 900 -37.29 -38.29 -24.08
N GLY F 901 -37.57 -37.22 -23.34
CA GLY F 901 -36.85 -35.99 -23.50
C GLY F 901 -36.76 -35.16 -22.23
N SER F 902 -36.40 -33.89 -22.37
CA SER F 902 -36.29 -32.98 -21.23
C SER F 902 -36.92 -31.65 -21.63
N PHE F 903 -36.73 -30.63 -20.79
CA PHE F 903 -37.26 -29.30 -21.05
C PHE F 903 -36.22 -28.27 -20.67
N ASN F 904 -36.53 -27.01 -20.97
CA ASN F 904 -35.64 -25.90 -20.63
C ASN F 904 -36.44 -24.61 -20.64
N LEU F 905 -36.56 -23.98 -19.48
CA LEU F 905 -37.22 -22.67 -19.44
C LEU F 905 -36.26 -21.60 -19.93
N PRO F 906 -36.64 -20.78 -20.91
CA PRO F 906 -35.68 -19.85 -21.51
C PRO F 906 -35.36 -18.65 -20.63
N SER F 907 -35.78 -18.68 -19.37
CA SER F 907 -35.47 -17.71 -18.32
C SER F 907 -36.06 -16.33 -18.57
N ASN F 908 -36.75 -16.12 -19.70
CA ASN F 908 -37.41 -14.84 -19.94
C ASN F 908 -38.77 -15.07 -20.60
N ALA F 909 -39.26 -16.31 -20.61
CA ALA F 909 -40.47 -16.66 -21.33
C ALA F 909 -41.47 -17.32 -20.39
N ASP F 910 -42.74 -17.26 -20.79
CA ASP F 910 -43.83 -17.86 -20.03
C ASP F 910 -44.11 -19.30 -20.48
N LYS F 911 -43.35 -19.83 -21.42
CA LYS F 911 -43.52 -21.17 -21.93
C LYS F 911 -42.17 -21.87 -21.98
N MET F 912 -42.19 -23.20 -21.86
CA MET F 912 -40.98 -24.00 -21.79
C MET F 912 -40.78 -24.78 -23.07
N VAL F 913 -39.52 -24.93 -23.48
CA VAL F 913 -39.18 -25.63 -24.70
C VAL F 913 -38.83 -27.08 -24.36
N ILE F 914 -39.54 -28.01 -24.97
CA ILE F 914 -39.40 -29.43 -24.66
C ILE F 914 -38.70 -30.12 -25.83
N THR F 915 -37.54 -30.69 -25.57
CA THR F 915 -36.74 -31.37 -26.58
C THR F 915 -36.70 -32.86 -26.26
N PHE F 916 -37.01 -33.69 -27.25
CA PHE F 916 -37.01 -35.14 -27.11
C PHE F 916 -35.74 -35.71 -27.71
N ASN F 917 -35.06 -36.57 -26.96
CA ASN F 917 -33.77 -37.09 -27.39
C ASN F 917 -33.63 -38.60 -27.28
N THR F 918 -34.74 -39.33 -27.14
CA THR F 918 -34.69 -40.78 -27.24
C THR F 918 -36.04 -41.27 -27.75
N MET F 919 -36.02 -42.23 -28.66
CA MET F 919 -37.25 -42.79 -29.21
C MET F 919 -37.21 -44.30 -29.14
N SER F 920 -38.26 -44.89 -28.59
CA SER F 920 -38.41 -46.34 -28.47
C SER F 920 -39.56 -46.76 -29.37
N ILE F 921 -39.22 -47.27 -30.55
CA ILE F 921 -40.23 -47.73 -31.51
C ILE F 921 -40.68 -49.14 -31.09
N PRO F 922 -41.98 -49.41 -31.07
CA PRO F 922 -42.44 -50.77 -30.74
C PRO F 922 -41.97 -51.75 -31.82
N GLY F 923 -41.39 -52.87 -31.36
CA GLY F 923 -40.83 -53.85 -32.25
C GLY F 923 -39.37 -53.62 -32.63
N ALA F 924 -38.80 -52.48 -32.25
CA ALA F 924 -37.40 -52.23 -32.51
C ALA F 924 -36.53 -52.97 -31.50
N GLU F 925 -35.29 -53.25 -31.89
CA GLU F 925 -34.38 -53.95 -31.00
C GLU F 925 -33.94 -53.06 -29.84
N LYS F 926 -33.57 -51.82 -30.13
CA LYS F 926 -33.10 -50.88 -29.12
C LYS F 926 -33.66 -49.50 -29.41
N THR F 927 -33.48 -48.59 -28.46
CA THR F 927 -33.92 -47.21 -28.62
C THR F 927 -32.85 -46.41 -29.36
N ILE F 928 -33.29 -45.52 -30.24
CA ILE F 928 -32.41 -44.76 -31.12
C ILE F 928 -32.35 -43.32 -30.62
N SER F 929 -31.13 -42.77 -30.58
CA SER F 929 -30.99 -41.36 -30.27
C SER F 929 -31.62 -40.51 -31.37
N ILE F 930 -32.13 -39.35 -30.98
CA ILE F 930 -32.92 -38.50 -31.88
C ILE F 930 -32.80 -37.06 -31.42
N SER F 931 -32.91 -36.14 -32.39
CA SER F 931 -33.07 -34.72 -32.10
C SER F 931 -34.48 -34.32 -32.49
N ALA F 932 -35.23 -33.78 -31.54
CA ALA F 932 -36.63 -33.44 -31.78
C ALA F 932 -37.04 -32.32 -30.84
N TYR F 933 -38.10 -31.62 -31.22
CA TYR F 933 -38.70 -30.56 -30.42
C TYR F 933 -40.20 -30.77 -30.41
N ALA F 934 -40.85 -30.28 -29.35
CA ALA F 934 -42.29 -30.39 -29.21
C ALA F 934 -42.93 -29.04 -29.49
N ILE F 935 -43.75 -28.99 -30.52
CA ILE F 935 -44.52 -27.79 -30.87
C ILE F 935 -45.94 -27.96 -30.36
N ASP F 936 -46.60 -26.84 -30.12
CA ASP F 936 -47.90 -26.83 -29.47
C ASP F 936 -48.99 -26.65 -30.51
N PRO F 937 -49.81 -27.65 -30.78
CA PRO F 937 -50.91 -27.46 -31.72
C PRO F 937 -51.88 -26.39 -31.21
N ASN F 938 -52.58 -25.77 -32.15
CA ASN F 938 -53.41 -24.57 -31.98
C ASN F 938 -52.56 -23.31 -31.87
N THR F 939 -51.24 -23.43 -31.75
CA THR F 939 -50.33 -22.29 -31.80
C THR F 939 -49.13 -22.49 -32.71
N ALA F 940 -48.76 -23.74 -33.02
CA ALA F 940 -47.62 -24.08 -33.87
C ALA F 940 -46.29 -23.57 -33.32
N ARG F 941 -46.28 -23.09 -32.08
CA ARG F 941 -45.07 -22.56 -31.46
C ARG F 941 -44.32 -23.68 -30.75
N THR F 942 -42.98 -23.65 -30.83
CA THR F 942 -42.14 -24.66 -30.20
C THR F 942 -41.97 -24.35 -28.70
N ALA F 943 -43.10 -24.33 -28.00
CA ALA F 943 -43.11 -24.04 -26.57
C ALA F 943 -44.46 -24.46 -26.00
N LEU F 944 -44.44 -25.02 -24.80
CA LEU F 944 -45.62 -25.55 -24.14
C LEU F 944 -45.83 -24.87 -22.80
N ALA F 945 -47.07 -24.48 -22.51
CA ALA F 945 -47.43 -24.00 -21.18
C ALA F 945 -48.93 -24.22 -21.01
N SER F 946 -49.30 -25.30 -20.31
CA SER F 946 -50.70 -25.48 -19.95
C SER F 946 -51.13 -24.53 -18.85
N ARG F 947 -50.18 -24.11 -18.01
CA ARG F 947 -50.46 -23.11 -16.99
C ARG F 947 -49.14 -22.48 -16.57
N THR F 948 -48.99 -21.18 -16.81
CA THR F 948 -47.85 -20.43 -16.30
C THR F 948 -48.29 -19.65 -15.07
N ASN F 949 -47.36 -19.48 -14.13
CA ASN F 949 -47.69 -18.93 -12.82
C ASN F 949 -46.53 -18.07 -12.35
N HIS F 950 -46.70 -16.76 -12.45
CA HIS F 950 -45.84 -15.81 -11.75
C HIS F 950 -46.41 -15.63 -10.35
N HIS F 951 -45.53 -15.65 -9.36
CA HIS F 951 -45.96 -15.62 -7.96
C HIS F 951 -46.27 -14.17 -7.58
N TYR F 952 -47.49 -13.74 -7.92
CA TYR F 952 -47.88 -12.36 -7.70
C TYR F 952 -48.27 -12.08 -6.26
N LEU F 953 -48.63 -13.10 -5.49
CA LEU F 953 -48.96 -12.89 -4.08
C LEU F 953 -47.81 -13.21 -3.14
N MET F 954 -46.79 -13.91 -3.62
CA MET F 954 -45.61 -14.20 -2.82
C MET F 954 -44.46 -13.23 -3.08
N ARG F 955 -44.35 -12.69 -4.29
CA ARG F 955 -43.31 -11.73 -4.60
C ARG F 955 -43.78 -10.29 -4.48
N TYR F 956 -45.04 -10.03 -4.82
CA TYR F 956 -45.61 -8.68 -4.69
C TYR F 956 -46.49 -8.51 -3.47
N GLY F 957 -47.11 -9.59 -2.99
CA GLY F 957 -47.85 -9.52 -1.74
C GLY F 957 -46.96 -9.45 -0.52
N SER F 958 -45.70 -9.88 -0.64
CA SER F 958 -44.75 -9.79 0.45
C SER F 958 -43.80 -8.61 0.30
N LEU F 959 -43.80 -7.94 -0.85
CA LEU F 959 -43.01 -6.73 -1.06
C LEU F 959 -43.83 -5.46 -0.84
N PHE F 960 -45.14 -5.52 -1.04
CA PHE F 960 -46.02 -4.38 -0.82
C PHE F 960 -46.61 -4.37 0.58
N ALA F 961 -46.39 -5.42 1.37
CA ALA F 961 -46.91 -5.51 2.72
C ALA F 961 -45.85 -5.36 3.80
N SER F 962 -44.64 -5.87 3.56
CA SER F 962 -43.55 -5.64 4.51
C SER F 962 -43.06 -4.19 4.41
N SER F 963 -42.87 -3.69 3.19
CA SER F 963 -42.46 -2.31 3.02
C SER F 963 -43.53 -1.36 3.52
N PHE F 964 -44.81 -1.67 3.29
CA PHE F 964 -45.87 -0.83 3.80
C PHE F 964 -45.89 -0.83 5.32
N LEU F 965 -45.66 -1.99 5.94
CA LEU F 965 -45.59 -2.03 7.40
C LEU F 965 -44.45 -1.16 7.90
N GLN F 966 -43.28 -1.25 7.26
CA GLN F 966 -42.14 -0.43 7.66
C GLN F 966 -42.45 1.05 7.54
N GLY F 967 -43.02 1.46 6.41
CA GLY F 967 -43.32 2.87 6.21
C GLY F 967 -44.40 3.37 7.14
N PHE F 968 -45.48 2.60 7.31
CA PHE F 968 -46.58 2.98 8.17
C PHE F 968 -46.19 3.00 9.65
N GLY F 969 -45.17 2.23 10.04
CA GLY F 969 -44.67 2.30 11.38
C GLY F 969 -43.72 3.47 11.61
N ASN F 970 -42.81 3.70 10.66
CA ASN F 970 -41.90 4.83 10.78
C ASN F 970 -42.67 6.15 10.75
N ALA F 971 -43.76 6.21 9.96
CA ALA F 971 -44.57 7.42 9.93
C ALA F 971 -45.20 7.70 11.28
N PHE F 972 -45.72 6.67 11.94
CA PHE F 972 -46.28 6.84 13.27
C PHE F 972 -45.20 7.21 14.28
N GLN F 973 -43.99 6.65 14.12
CA GLN F 973 -42.90 6.99 15.03
C GLN F 973 -42.52 8.46 14.91
N SER F 974 -42.38 8.96 13.70
CA SER F 974 -42.00 10.35 13.47
C SER F 974 -43.19 11.30 13.45
N ALA F 975 -44.39 10.80 13.73
CA ALA F 975 -45.58 11.65 13.73
C ALA F 975 -45.49 12.78 14.75
N ASN F 976 -44.67 12.63 15.79
CA ASN F 976 -44.48 13.70 16.77
C ASN F 976 -43.07 13.62 17.32
N THR F 977 -42.35 14.75 17.28
CA THR F 977 -40.99 14.80 17.75
C THR F 977 -40.78 16.11 18.52
N THR F 978 -39.82 16.08 19.45
CA THR F 978 -39.53 17.24 20.28
C THR F 978 -38.95 18.38 19.44
N ASN F 994 -40.89 10.69 20.49
CA ASN F 994 -40.37 11.51 21.57
C ASN F 994 -41.51 12.25 22.27
N GLY F 995 -42.73 11.77 22.10
CA GLY F 995 -43.90 12.39 22.68
C GLY F 995 -44.79 11.34 23.32
N VAL F 996 -45.58 11.76 24.31
CA VAL F 996 -46.46 10.83 25.01
C VAL F 996 -47.52 10.32 24.05
N ARG F 997 -47.65 8.99 23.98
CA ARG F 997 -48.58 8.36 23.06
C ARG F 997 -49.23 7.15 23.74
N ARG F 998 -50.38 6.74 23.19
CA ARG F 998 -51.13 5.64 23.75
C ARG F 998 -50.46 4.30 23.42
N SER F 999 -50.92 3.25 24.10
CA SER F 999 -50.26 1.95 23.97
C SER F 999 -50.41 1.36 22.58
N THR F 1000 -51.58 1.51 21.96
CA THR F 1000 -51.78 0.99 20.61
C THR F 1000 -51.12 1.85 19.55
N LEU F 1001 -50.82 3.12 19.86
CA LEU F 1001 -50.05 3.97 18.97
C LEU F 1001 -48.61 3.51 18.87
N GLU F 1002 -48.18 2.58 19.71
CA GLU F 1002 -46.90 1.90 19.56
C GLU F 1002 -47.01 0.39 19.46
N ASN F 1003 -48.20 -0.17 19.68
CA ASN F 1003 -48.38 -1.62 19.58
C ASN F 1003 -48.56 -2.05 18.13
N ALA F 1004 -49.65 -1.63 17.52
CA ALA F 1004 -50.04 -2.14 16.21
C ALA F 1004 -49.58 -1.25 15.06
N VAL F 1005 -48.82 -0.18 15.33
CA VAL F 1005 -48.32 0.65 14.25
C VAL F 1005 -46.80 0.81 14.33
N ILE F 1006 -46.29 1.39 15.41
CA ILE F 1006 -44.84 1.60 15.52
C ILE F 1006 -44.11 0.28 15.71
N GLY F 1007 -44.71 -0.63 16.48
CA GLY F 1007 -44.08 -1.93 16.67
C GLY F 1007 -43.93 -2.72 15.39
N LEU F 1008 -44.87 -2.57 14.47
CA LEU F 1008 -44.79 -3.27 13.19
C LEU F 1008 -43.71 -2.71 12.29
N ALA F 1009 -43.20 -1.50 12.58
CA ALA F 1009 -42.16 -0.91 11.73
C ALA F 1009 -40.95 -1.81 11.64
N THR F 1010 -40.59 -2.49 12.73
CA THR F 1010 -39.51 -3.46 12.67
C THR F 1010 -39.95 -4.75 12.00
N VAL F 1011 -41.20 -5.17 12.24
CA VAL F 1011 -41.71 -6.39 11.61
C VAL F 1011 -41.66 -6.26 10.10
N GLY F 1012 -42.05 -5.10 9.57
CA GLY F 1012 -41.94 -4.85 8.16
C GLY F 1012 -40.52 -4.67 7.66
N LYS F 1013 -39.59 -4.35 8.56
CA LYS F 1013 -38.19 -4.21 8.14
C LYS F 1013 -37.54 -5.57 7.95
N ALA F 1014 -37.56 -6.40 9.00
CA ALA F 1014 -36.98 -7.73 8.90
C ALA F 1014 -37.66 -8.54 7.80
N TRP F 1015 -38.99 -8.48 7.75
CA TRP F 1015 -39.72 -9.13 6.66
C TRP F 1015 -39.23 -8.63 5.31
N SER F 1016 -38.97 -7.33 5.19
CA SER F 1016 -38.44 -6.80 3.94
C SER F 1016 -37.10 -7.43 3.60
N GLN F 1017 -36.25 -7.63 4.61
CA GLN F 1017 -34.97 -8.29 4.37
C GLN F 1017 -35.15 -9.72 3.86
N GLN F 1018 -36.29 -10.34 4.14
CA GLN F 1018 -36.61 -11.66 3.62
C GLN F 1018 -37.64 -11.61 2.50
N ALA F 1019 -37.96 -10.41 2.00
CA ALA F 1019 -38.89 -10.26 0.90
C ALA F 1019 -38.20 -9.99 -0.43
N GLN F 1020 -36.99 -9.42 -0.41
CA GLN F 1020 -36.23 -9.27 -1.64
C GLN F 1020 -35.75 -10.61 -2.17
N GLN F 1021 -35.51 -11.59 -1.30
CA GLN F 1021 -35.14 -12.92 -1.76
C GLN F 1021 -36.33 -13.68 -2.31
N LEU F 1022 -37.53 -13.46 -1.76
CA LEU F 1022 -38.73 -14.09 -2.30
C LEU F 1022 -39.06 -13.59 -3.70
N PHE F 1023 -38.61 -12.39 -4.06
CA PHE F 1023 -38.91 -11.84 -5.37
C PHE F 1023 -38.23 -12.62 -6.49
N ASN F 1024 -37.12 -13.29 -6.21
CA ASN F 1024 -36.35 -13.97 -7.24
C ASN F 1024 -36.83 -15.39 -7.52
N THR F 1025 -38.01 -15.75 -7.03
CA THR F 1025 -38.57 -17.06 -7.36
C THR F 1025 -39.01 -17.05 -8.82
N PRO F 1026 -38.45 -17.91 -9.67
CA PRO F 1026 -38.83 -17.89 -11.09
C PRO F 1026 -40.27 -18.32 -11.30
N THR F 1027 -40.87 -17.81 -12.38
CA THR F 1027 -42.20 -18.23 -12.76
C THR F 1027 -42.21 -19.73 -13.05
N THR F 1028 -43.28 -20.40 -12.64
CA THR F 1028 -43.38 -21.84 -12.81
C THR F 1028 -44.30 -22.14 -13.99
N VAL F 1029 -43.86 -23.05 -14.85
CA VAL F 1029 -44.59 -23.40 -16.07
C VAL F 1029 -44.92 -24.88 -15.98
N GLU F 1030 -46.19 -25.22 -16.14
CA GLU F 1030 -46.65 -26.59 -16.04
C GLU F 1030 -47.36 -26.99 -17.32
N VAL F 1031 -46.90 -28.09 -17.92
CA VAL F 1031 -47.56 -28.70 -19.07
C VAL F 1031 -48.22 -29.98 -18.58
N TYR F 1032 -49.53 -30.09 -18.80
CA TYR F 1032 -50.30 -31.18 -18.22
C TYR F 1032 -50.00 -32.48 -18.96
N SER F 1033 -50.70 -33.55 -18.57
CA SER F 1033 -50.41 -34.90 -19.02
C SER F 1033 -51.42 -35.42 -20.03
N GLY F 1034 -52.15 -34.54 -20.70
CA GLY F 1034 -53.05 -34.96 -21.76
C GLY F 1034 -52.89 -34.09 -22.99
N THR F 1035 -51.87 -33.24 -22.97
CA THR F 1035 -51.68 -32.26 -24.02
C THR F 1035 -51.15 -32.92 -25.29
N GLY F 1036 -51.82 -32.68 -26.41
CA GLY F 1036 -51.28 -33.10 -27.68
C GLY F 1036 -50.06 -32.29 -28.06
N LEU F 1037 -49.17 -32.93 -28.82
CA LEU F 1037 -47.92 -32.31 -29.22
C LEU F 1037 -47.69 -32.60 -30.70
N GLY F 1038 -46.93 -31.73 -31.35
CA GLY F 1038 -46.39 -32.06 -32.64
C GLY F 1038 -44.89 -32.22 -32.51
N ILE F 1039 -44.37 -33.44 -32.67
CA ILE F 1039 -42.95 -33.65 -32.59
C ILE F 1039 -42.34 -33.33 -33.95
N LEU F 1040 -41.41 -32.38 -33.95
CA LEU F 1040 -40.67 -31.94 -35.13
C LEU F 1040 -39.23 -32.41 -35.00
N PHE F 1041 -38.77 -33.18 -35.98
CA PHE F 1041 -37.42 -33.72 -35.96
C PHE F 1041 -36.48 -32.82 -36.74
N THR F 1042 -35.47 -32.29 -36.06
CA THR F 1042 -34.52 -31.38 -36.67
C THR F 1042 -33.38 -32.11 -37.37
N GLN F 1043 -33.38 -33.44 -37.37
CA GLN F 1043 -32.35 -34.20 -38.06
C GLN F 1043 -32.90 -35.57 -38.44
N ASP F 1044 -32.23 -36.20 -39.41
CA ASP F 1044 -32.68 -37.48 -39.93
C ASP F 1044 -32.57 -38.56 -38.86
N VAL F 1045 -33.49 -39.53 -38.94
CA VAL F 1045 -33.51 -40.67 -38.03
C VAL F 1045 -33.21 -41.92 -38.84
N THR F 1046 -32.18 -42.65 -38.43
CA THR F 1046 -31.77 -43.86 -39.12
C THR F 1046 -32.83 -44.95 -39.01
N ILE G 862 -36.50 -58.23 -19.90
CA ILE G 862 -36.25 -57.05 -20.71
C ILE G 862 -37.20 -55.94 -20.30
N ILE G 863 -36.74 -54.69 -20.42
CA ILE G 863 -37.55 -53.51 -20.15
C ILE G 863 -37.12 -52.42 -21.13
N LYS G 864 -38.04 -51.96 -21.95
CA LYS G 864 -37.75 -50.91 -22.92
C LYS G 864 -37.80 -49.54 -22.24
N THR G 865 -37.20 -48.55 -22.90
CA THR G 865 -37.26 -47.18 -22.43
C THR G 865 -38.68 -46.65 -22.55
N GLY G 866 -39.14 -45.96 -21.51
CA GLY G 866 -40.50 -45.47 -21.45
C GLY G 866 -41.50 -46.45 -20.89
N ASP G 867 -41.06 -47.62 -20.46
CA ASP G 867 -41.96 -48.62 -19.89
C ASP G 867 -42.29 -48.24 -18.45
N ILE G 868 -43.58 -48.10 -18.17
CA ILE G 868 -44.06 -47.69 -16.85
C ILE G 868 -44.54 -48.93 -16.12
N MET G 869 -43.91 -49.23 -14.98
CA MET G 869 -44.29 -50.34 -14.13
C MET G 869 -44.76 -49.80 -12.79
N PHE G 870 -45.91 -50.26 -12.32
CA PHE G 870 -46.51 -49.72 -11.10
C PHE G 870 -45.90 -50.42 -9.89
N ALA G 871 -45.54 -49.63 -8.88
CA ALA G 871 -44.91 -50.12 -7.67
C ALA G 871 -45.57 -49.46 -6.48
N VAL G 872 -45.32 -50.02 -5.30
CA VAL G 872 -45.78 -49.44 -4.03
C VAL G 872 -44.56 -49.09 -3.20
N LEU G 873 -44.57 -47.91 -2.59
CA LEU G 873 -43.45 -47.44 -1.80
C LEU G 873 -43.61 -48.00 -0.39
N ASP G 874 -42.73 -48.91 0.01
CA ASP G 874 -42.78 -49.54 1.32
C ASP G 874 -41.79 -48.95 2.31
N THR G 875 -41.12 -47.85 1.95
CA THR G 875 -40.22 -47.15 2.85
C THR G 875 -40.53 -45.66 2.77
N SER G 876 -41.11 -45.11 3.83
CA SER G 876 -41.43 -43.70 3.85
C SER G 876 -40.15 -42.87 3.86
N VAL G 877 -40.21 -41.70 3.22
CA VAL G 877 -39.04 -40.84 3.07
C VAL G 877 -39.34 -39.46 3.61
N ASN G 878 -38.28 -38.77 4.01
CA ASN G 878 -38.34 -37.40 4.48
C ASN G 878 -37.17 -36.65 3.87
N SER G 879 -37.43 -35.44 3.39
CA SER G 879 -36.40 -34.69 2.68
C SER G 879 -35.23 -34.31 3.58
N ASP G 880 -35.45 -34.24 4.89
CA ASP G 880 -34.39 -33.81 5.80
C ASP G 880 -33.28 -34.85 5.90
N GLU G 881 -33.63 -36.11 6.07
CA GLU G 881 -32.63 -37.16 6.28
C GLU G 881 -32.40 -37.94 5.00
N PRO G 882 -31.21 -37.88 4.41
CA PRO G 882 -30.95 -38.65 3.20
C PRO G 882 -30.75 -40.13 3.51
N GLY G 883 -31.46 -40.97 2.76
CA GLY G 883 -31.37 -42.40 2.92
C GLY G 883 -31.91 -43.13 1.70
N PRO G 884 -31.63 -44.42 1.61
CA PRO G 884 -32.14 -45.21 0.48
C PRO G 884 -33.64 -45.36 0.55
N ILE G 885 -34.25 -45.53 -0.62
CA ILE G 885 -35.69 -45.71 -0.74
C ILE G 885 -35.96 -47.00 -1.47
N LEU G 886 -36.95 -47.76 -0.98
CA LEU G 886 -37.29 -49.07 -1.53
C LEU G 886 -38.72 -49.06 -2.03
N ALA G 887 -38.95 -49.65 -3.20
CA ALA G 887 -40.28 -49.77 -3.76
C ALA G 887 -40.46 -51.17 -4.34
N THR G 888 -41.61 -51.77 -4.08
CA THR G 888 -41.90 -53.13 -4.53
C THR G 888 -42.88 -53.08 -5.69
N ILE G 889 -42.50 -53.66 -6.83
CA ILE G 889 -43.38 -53.65 -7.99
C ILE G 889 -44.53 -54.63 -7.75
N VAL G 890 -45.75 -54.18 -8.03
CA VAL G 890 -46.94 -54.95 -7.73
C VAL G 890 -47.52 -55.61 -8.98
N THR G 891 -47.64 -54.87 -10.08
CA THR G 891 -48.24 -55.39 -11.30
C THR G 891 -47.21 -55.46 -12.42
N GLY G 892 -47.30 -56.53 -13.20
CA GLY G 892 -46.47 -56.71 -14.37
C GLY G 892 -45.85 -58.09 -14.41
N LYS G 893 -45.05 -58.32 -15.46
CA LYS G 893 -44.33 -59.58 -15.60
C LYS G 893 -43.21 -59.70 -14.60
N LEU G 894 -42.76 -58.59 -14.01
CA LEU G 894 -41.74 -58.59 -12.96
C LEU G 894 -42.42 -58.13 -11.68
N LYS G 895 -43.04 -59.07 -10.98
CA LYS G 895 -43.79 -58.79 -9.76
C LYS G 895 -42.92 -59.11 -8.55
N GLY G 896 -42.92 -58.19 -7.59
CA GLY G 896 -42.16 -58.38 -6.37
C GLY G 896 -40.73 -57.91 -6.41
N SER G 897 -40.25 -57.43 -7.56
CA SER G 897 -38.89 -56.91 -7.64
C SER G 897 -38.73 -55.70 -6.74
N LYS G 898 -37.55 -55.56 -6.16
CA LYS G 898 -37.27 -54.50 -5.20
C LYS G 898 -36.41 -53.44 -5.88
N LEU G 899 -36.94 -52.22 -5.95
CA LEU G 899 -36.23 -51.08 -6.52
C LEU G 899 -35.61 -50.28 -5.39
N ILE G 900 -34.29 -50.16 -5.41
CA ILE G 900 -33.55 -49.34 -4.45
C ILE G 900 -33.08 -48.09 -5.18
N GLY G 901 -33.39 -46.93 -4.61
CA GLY G 901 -33.00 -45.67 -5.21
C GLY G 901 -32.81 -44.56 -4.20
N SER G 902 -32.80 -43.32 -4.67
CA SER G 902 -32.60 -42.16 -3.82
C SER G 902 -33.61 -41.07 -4.14
N PHE G 903 -33.40 -39.87 -3.59
CA PHE G 903 -34.30 -38.76 -3.84
C PHE G 903 -33.50 -37.47 -3.94
N ASN G 904 -34.14 -36.46 -4.52
CA ASN G 904 -33.53 -35.14 -4.65
C ASN G 904 -34.61 -34.08 -4.53
N LEU G 905 -34.33 -33.06 -3.71
CA LEU G 905 -35.20 -31.89 -3.63
C LEU G 905 -34.58 -30.78 -4.45
N PRO G 906 -35.28 -30.25 -5.46
CA PRO G 906 -34.64 -29.30 -6.38
C PRO G 906 -34.40 -27.91 -5.80
N SER G 907 -34.57 -27.76 -4.49
CA SER G 907 -34.30 -26.55 -3.72
C SER G 907 -35.22 -25.39 -4.09
N ASN G 908 -36.15 -25.57 -5.03
CA ASN G 908 -37.11 -24.53 -5.35
C ASN G 908 -38.51 -25.08 -5.58
N ALA G 909 -38.71 -26.39 -5.37
CA ALA G 909 -39.99 -27.04 -5.63
C ALA G 909 -40.51 -27.68 -4.35
N ASP G 910 -41.83 -27.86 -4.31
CA ASP G 910 -42.50 -28.44 -3.16
C ASP G 910 -42.60 -29.96 -3.22
N LYS G 911 -42.03 -30.59 -4.24
CA LYS G 911 -42.08 -32.03 -4.40
C LYS G 911 -40.68 -32.55 -4.72
N MET G 912 -40.44 -33.82 -4.38
CA MET G 912 -39.13 -34.43 -4.48
C MET G 912 -39.10 -35.47 -5.57
N VAL G 913 -37.96 -35.57 -6.26
CA VAL G 913 -37.81 -36.46 -7.40
C VAL G 913 -37.11 -37.72 -6.93
N ILE G 914 -37.75 -38.87 -7.12
CA ILE G 914 -37.20 -40.17 -6.73
C ILE G 914 -36.51 -40.78 -7.93
N THR G 915 -35.26 -41.20 -7.76
CA THR G 915 -34.45 -41.74 -8.85
C THR G 915 -33.98 -43.14 -8.48
N PHE G 916 -34.79 -44.13 -8.81
CA PHE G 916 -34.41 -45.52 -8.58
C PHE G 916 -33.23 -45.89 -9.46
N ASN G 917 -32.25 -46.59 -8.89
CA ASN G 917 -31.05 -46.94 -9.63
C ASN G 917 -30.56 -48.36 -9.37
N THR G 918 -31.37 -49.23 -8.77
CA THR G 918 -31.01 -50.63 -8.61
C THR G 918 -32.29 -51.45 -8.56
N MET G 919 -32.29 -52.61 -9.22
CA MET G 919 -33.47 -53.45 -9.26
C MET G 919 -33.07 -54.90 -8.96
N SER G 920 -33.74 -55.50 -7.99
CA SER G 920 -33.54 -56.89 -7.61
C SER G 920 -34.77 -57.68 -8.05
N ILE G 921 -34.62 -58.48 -9.10
CA ILE G 921 -35.70 -59.29 -9.65
C ILE G 921 -35.77 -60.60 -8.89
N PRO G 922 -36.96 -61.03 -8.44
CA PRO G 922 -37.07 -62.33 -7.78
C PRO G 922 -36.79 -63.46 -8.77
N GLY G 923 -35.84 -64.32 -8.40
CA GLY G 923 -35.39 -65.38 -9.27
C GLY G 923 -34.09 -65.09 -9.99
N ALA G 924 -33.63 -63.84 -9.98
CA ALA G 924 -32.35 -63.48 -10.55
C ALA G 924 -31.22 -63.91 -9.64
N GLU G 925 -30.00 -63.88 -10.16
CA GLU G 925 -28.82 -64.22 -9.39
C GLU G 925 -28.14 -63.01 -8.78
N LYS G 926 -28.24 -61.84 -9.41
CA LYS G 926 -27.62 -60.63 -8.89
C LYS G 926 -28.52 -59.45 -9.21
N THR G 927 -28.38 -58.39 -8.43
CA THR G 927 -29.14 -57.17 -8.66
C THR G 927 -28.51 -56.38 -9.79
N ILE G 928 -29.33 -55.89 -10.70
CA ILE G 928 -28.88 -55.21 -11.90
C ILE G 928 -28.99 -53.71 -11.71
N SER G 929 -27.99 -52.98 -12.20
CA SER G 929 -28.09 -51.52 -12.25
C SER G 929 -29.19 -51.11 -13.21
N ILE G 930 -29.78 -49.94 -12.96
CA ILE G 930 -30.96 -49.50 -13.68
C ILE G 930 -31.05 -47.99 -13.62
N SER G 931 -31.79 -47.41 -14.55
CA SER G 931 -32.09 -45.98 -14.57
C SER G 931 -33.59 -45.82 -14.67
N ALA G 932 -34.21 -45.28 -13.62
CA ALA G 932 -35.65 -45.13 -13.59
C ALA G 932 -36.02 -44.01 -12.63
N TYR G 933 -37.12 -43.34 -12.93
CA TYR G 933 -37.67 -42.29 -12.07
C TYR G 933 -39.07 -42.67 -11.63
N ALA G 934 -39.40 -42.32 -10.40
CA ALA G 934 -40.73 -42.57 -9.87
C ALA G 934 -41.64 -41.40 -10.19
N ILE G 935 -42.75 -41.68 -10.87
CA ILE G 935 -43.75 -40.68 -11.20
C ILE G 935 -44.97 -40.92 -10.32
N ASP G 936 -45.59 -39.82 -9.92
CA ASP G 936 -46.77 -39.88 -9.07
C ASP G 936 -48.01 -40.10 -9.93
N PRO G 937 -48.72 -41.22 -9.78
CA PRO G 937 -49.94 -41.41 -10.55
C PRO G 937 -51.00 -40.40 -10.16
N ASN G 938 -52.04 -40.32 -11.00
CA ASN G 938 -53.15 -39.37 -10.88
C ASN G 938 -52.70 -37.93 -11.05
N THR G 939 -51.39 -37.73 -11.24
CA THR G 939 -50.83 -36.42 -11.53
C THR G 939 -49.86 -36.57 -12.70
N ALA G 940 -49.29 -37.77 -12.83
CA ALA G 940 -48.35 -38.14 -13.88
C ALA G 940 -47.04 -37.36 -13.80
N ARG G 941 -46.91 -36.50 -12.79
CA ARG G 941 -45.67 -35.75 -12.62
C ARG G 941 -44.56 -36.67 -12.14
N THR G 942 -43.33 -36.31 -12.46
CA THR G 942 -42.17 -37.11 -12.04
C THR G 942 -41.71 -36.79 -10.62
N ALA G 943 -42.56 -36.17 -9.80
CA ALA G 943 -42.21 -35.81 -8.45
C ALA G 943 -43.25 -36.33 -7.48
N LEU G 944 -42.80 -36.76 -6.31
CA LEU G 944 -43.66 -37.33 -5.28
C LEU G 944 -43.70 -36.40 -4.07
N ALA G 945 -44.89 -36.19 -3.51
CA ALA G 945 -45.02 -35.43 -2.27
C ALA G 945 -46.33 -35.81 -1.61
N SER G 946 -46.25 -36.57 -0.51
CA SER G 946 -47.44 -36.88 0.26
C SER G 946 -47.76 -35.81 1.30
N ARG G 947 -46.76 -35.05 1.72
CA ARG G 947 -46.99 -33.95 2.65
C ARG G 947 -45.81 -32.99 2.56
N THR G 948 -46.08 -31.74 2.23
CA THR G 948 -45.05 -30.71 2.11
C THR G 948 -45.17 -29.74 3.27
N ASN G 949 -44.04 -29.48 3.93
CA ASN G 949 -44.01 -28.68 5.15
C ASN G 949 -43.11 -27.46 4.92
N HIS G 950 -43.74 -26.31 4.72
CA HIS G 950 -43.09 -25.03 4.90
C HIS G 950 -43.29 -24.62 6.35
N HIS G 951 -42.19 -24.30 7.03
CA HIS G 951 -42.24 -24.00 8.46
C HIS G 951 -42.70 -22.56 8.64
N TYR G 952 -44.01 -22.35 8.49
CA TYR G 952 -44.58 -21.02 8.55
C TYR G 952 -44.65 -20.47 9.96
N LEU G 953 -44.52 -21.32 10.98
CA LEU G 953 -44.55 -20.86 12.36
C LEU G 953 -43.18 -20.72 12.99
N MET G 954 -42.20 -21.53 12.58
CA MET G 954 -40.86 -21.42 13.12
C MET G 954 -40.00 -20.44 12.34
N ARG G 955 -40.41 -20.05 11.13
CA ARG G 955 -39.70 -19.06 10.34
C ARG G 955 -40.38 -17.71 10.30
N TYR G 956 -41.70 -17.68 10.12
CA TYR G 956 -42.46 -16.43 10.11
C TYR G 956 -43.03 -16.08 11.46
N GLY G 957 -43.39 -17.07 12.29
CA GLY G 957 -43.79 -16.78 13.65
C GLY G 957 -42.66 -16.36 14.56
N SER G 958 -41.44 -16.78 14.24
CA SER G 958 -40.26 -16.35 14.98
C SER G 958 -39.60 -15.12 14.35
N LEU G 959 -40.12 -14.63 13.22
CA LEU G 959 -39.65 -13.40 12.60
C LEU G 959 -40.63 -12.24 12.77
N PHE G 960 -41.92 -12.54 12.94
CA PHE G 960 -42.92 -11.52 13.20
C PHE G 960 -43.13 -11.27 14.69
N ALA G 961 -42.51 -12.07 15.55
CA ALA G 961 -42.59 -11.89 16.99
C ALA G 961 -41.27 -11.47 17.61
N SER G 962 -40.15 -11.96 17.10
CA SER G 962 -38.85 -11.50 17.58
C SER G 962 -38.63 -10.04 17.21
N SER G 963 -39.00 -9.66 15.99
CA SER G 963 -38.87 -8.27 15.57
C SER G 963 -39.94 -7.38 16.16
N PHE G 964 -41.15 -7.91 16.38
CA PHE G 964 -42.20 -7.08 16.96
C PHE G 964 -41.86 -6.69 18.38
N LEU G 965 -41.22 -7.58 19.14
CA LEU G 965 -40.79 -7.21 20.48
C LEU G 965 -39.77 -6.08 20.44
N GLN G 966 -38.84 -6.12 19.49
CA GLN G 966 -37.84 -5.08 19.38
C GLN G 966 -38.47 -3.72 19.10
N GLY G 967 -39.38 -3.66 18.12
CA GLY G 967 -40.05 -2.41 17.82
C GLY G 967 -40.95 -1.94 18.94
N PHE G 968 -41.71 -2.86 19.54
CA PHE G 968 -42.61 -2.53 20.63
C PHE G 968 -41.86 -2.05 21.87
N GLY G 969 -40.62 -2.48 22.03
CA GLY G 969 -39.81 -2.04 23.15
C GLY G 969 -39.11 -0.72 22.87
N ASN G 970 -38.55 -0.57 21.67
CA ASN G 970 -37.93 0.71 21.33
C ASN G 970 -38.96 1.83 21.28
N ALA G 971 -40.20 1.53 20.90
CA ALA G 971 -41.25 2.54 20.91
C ALA G 971 -41.53 3.04 22.31
N PHE G 972 -41.57 2.14 23.30
CA PHE G 972 -41.76 2.56 24.67
C PHE G 972 -40.52 3.27 25.21
N GLN G 973 -39.34 2.85 24.76
CA GLN G 973 -38.11 3.51 25.18
C GLN G 973 -38.07 4.96 24.72
N SER G 974 -38.46 5.20 23.47
CA SER G 974 -38.48 6.55 22.90
C SER G 974 -39.81 7.26 23.11
N ALA G 975 -40.74 6.65 23.85
CA ALA G 975 -42.05 7.25 24.06
C ALA G 975 -41.99 8.56 24.83
N ASN G 976 -40.87 8.84 25.49
CA ASN G 976 -40.71 10.13 26.19
C ASN G 976 -39.22 10.37 26.38
N THR G 977 -38.73 11.50 25.87
CA THR G 977 -37.33 11.85 25.99
C THR G 977 -37.21 13.33 26.34
N THR G 978 -36.10 13.68 27.00
CA THR G 978 -35.86 15.05 27.42
C THR G 978 -35.63 15.96 26.22
N ASN G 994 -36.89 14.99 31.39
CA ASN G 994 -36.92 13.78 32.20
C ASN G 994 -37.56 12.63 31.45
N GLY G 995 -37.35 11.41 31.93
CA GLY G 995 -37.90 10.22 31.31
C GLY G 995 -38.47 9.29 32.38
N VAL G 996 -39.14 9.86 33.37
CA VAL G 996 -39.63 9.07 34.51
C VAL G 996 -40.68 8.08 34.03
N ARG G 997 -40.56 6.83 34.49
CA ARG G 997 -41.42 5.75 34.03
C ARG G 997 -41.95 4.91 35.19
N ARG G 998 -42.69 3.86 34.87
CA ARG G 998 -43.19 2.90 35.84
C ARG G 998 -42.42 1.60 35.74
N SER G 999 -42.59 0.73 36.75
CA SER G 999 -41.87 -0.53 36.77
C SER G 999 -42.32 -1.44 35.64
N THR G 1000 -43.63 -1.49 35.36
CA THR G 1000 -44.12 -2.26 34.23
C THR G 1000 -43.94 -1.54 32.90
N LEU G 1001 -43.69 -0.24 32.95
CA LEU G 1001 -43.35 0.53 31.74
C LEU G 1001 -41.96 0.18 31.23
N GLU G 1002 -41.19 -0.60 31.98
CA GLU G 1002 -39.91 -1.11 31.53
C GLU G 1002 -39.75 -2.61 31.73
N ASN G 1003 -40.66 -3.26 32.45
CA ASN G 1003 -40.56 -4.71 32.66
C ASN G 1003 -40.94 -5.46 31.40
N ALA G 1004 -42.20 -5.36 30.99
CA ALA G 1004 -42.74 -6.17 29.90
C ALA G 1004 -42.85 -5.40 28.59
N VAL G 1005 -42.27 -4.20 28.50
CA VAL G 1005 -42.28 -3.49 27.23
C VAL G 1005 -40.87 -3.09 26.82
N ILE G 1006 -40.22 -2.23 27.61
CA ILE G 1006 -38.87 -1.79 27.24
C ILE G 1006 -37.86 -2.92 27.40
N GLY G 1007 -38.01 -3.71 28.47
CA GLY G 1007 -37.12 -4.83 28.68
C GLY G 1007 -37.21 -5.88 27.60
N LEU G 1008 -38.33 -5.93 26.87
CA LEU G 1008 -38.47 -6.87 25.77
C LEU G 1008 -37.82 -6.37 24.49
N ALA G 1009 -37.31 -5.14 24.46
CA ALA G 1009 -36.61 -4.65 23.29
C ALA G 1009 -35.30 -5.40 23.07
N THR G 1010 -34.57 -5.68 24.15
CA THR G 1010 -33.27 -6.34 24.01
C THR G 1010 -33.43 -7.79 23.63
N VAL G 1011 -34.33 -8.51 24.30
CA VAL G 1011 -34.51 -9.94 23.99
C VAL G 1011 -34.92 -10.12 22.55
N GLY G 1012 -35.87 -9.31 22.09
CA GLY G 1012 -36.21 -9.33 20.68
C GLY G 1012 -35.00 -9.08 19.80
N LYS G 1013 -34.18 -8.10 20.17
CA LYS G 1013 -32.96 -7.83 19.42
C LYS G 1013 -32.08 -9.06 19.34
N ALA G 1014 -32.03 -9.86 20.41
CA ALA G 1014 -31.31 -11.11 20.35
C ALA G 1014 -32.06 -12.15 19.54
N TRP G 1015 -33.37 -12.26 19.76
CA TRP G 1015 -34.15 -13.32 19.12
C TRP G 1015 -34.18 -13.14 17.62
N SER G 1016 -34.40 -11.90 17.16
CA SER G 1016 -34.35 -11.61 15.74
C SER G 1016 -32.97 -11.90 15.17
N GLN G 1017 -31.93 -11.79 15.99
CA GLN G 1017 -30.59 -12.15 15.53
C GLN G 1017 -30.50 -13.66 15.27
N GLN G 1018 -31.17 -14.46 16.10
CA GLN G 1018 -31.20 -15.90 15.93
C GLN G 1018 -32.39 -16.38 15.11
N ALA G 1019 -33.21 -15.46 14.61
CA ALA G 1019 -34.36 -15.82 13.78
C ALA G 1019 -34.08 -15.69 12.29
N GLN G 1020 -33.04 -14.93 11.91
CA GLN G 1020 -32.62 -14.92 10.51
C GLN G 1020 -32.10 -16.30 10.09
N GLN G 1021 -31.41 -16.99 10.99
CA GLN G 1021 -30.93 -18.33 10.69
C GLN G 1021 -32.07 -19.35 10.64
N LEU G 1022 -33.12 -19.15 11.43
CA LEU G 1022 -34.29 -20.03 11.35
C LEU G 1022 -35.02 -19.88 10.04
N PHE G 1023 -34.91 -18.74 9.37
CA PHE G 1023 -35.61 -18.52 8.12
C PHE G 1023 -35.06 -19.36 6.97
N ASN G 1024 -33.87 -19.92 7.13
CA ASN G 1024 -33.21 -20.68 6.07
C ASN G 1024 -33.47 -22.17 6.17
N THR G 1025 -34.35 -22.61 7.07
CA THR G 1025 -34.66 -24.03 7.16
C THR G 1025 -35.44 -24.46 5.93
N PRO G 1026 -34.95 -25.42 5.15
CA PRO G 1026 -35.64 -25.80 3.92
C PRO G 1026 -36.96 -26.50 4.21
N THR G 1027 -37.88 -26.38 3.26
CA THR G 1027 -39.14 -27.11 3.35
C THR G 1027 -38.89 -28.60 3.30
N THR G 1028 -39.67 -29.36 4.05
CA THR G 1028 -39.50 -30.81 4.12
C THR G 1028 -40.62 -31.50 3.35
N VAL G 1029 -40.25 -32.37 2.43
CA VAL G 1029 -41.20 -33.12 1.62
C VAL G 1029 -41.17 -34.57 2.09
N GLU G 1030 -42.33 -35.10 2.43
CA GLU G 1030 -42.43 -36.45 2.97
C GLU G 1030 -43.36 -37.27 2.08
N VAL G 1031 -42.87 -38.43 1.64
CA VAL G 1031 -43.66 -39.39 0.89
C VAL G 1031 -43.90 -40.58 1.80
N TYR G 1032 -45.17 -40.95 1.97
CA TYR G 1032 -45.54 -41.95 2.96
C TYR G 1032 -45.20 -43.35 2.47
N SER G 1033 -45.54 -44.35 3.28
CA SER G 1033 -45.17 -45.74 3.03
C SER G 1033 -46.29 -46.56 2.41
N GLY G 1034 -47.33 -45.92 1.91
CA GLY G 1034 -48.35 -46.64 1.16
C GLY G 1034 -48.50 -46.06 -0.22
N THR G 1035 -47.65 -45.08 -0.53
CA THR G 1035 -47.76 -44.33 -1.78
C THR G 1035 -47.43 -45.22 -2.96
N GLY G 1036 -48.43 -45.54 -3.78
CA GLY G 1036 -48.18 -46.22 -5.03
C GLY G 1036 -47.71 -45.23 -6.08
N LEU G 1037 -46.68 -45.63 -6.83
CA LEU G 1037 -46.10 -44.75 -7.83
C LEU G 1037 -45.74 -45.56 -9.07
N GLY G 1038 -45.81 -44.91 -10.22
CA GLY G 1038 -45.28 -45.52 -11.42
C GLY G 1038 -43.78 -45.38 -11.48
N ILE G 1039 -43.15 -46.27 -12.23
CA ILE G 1039 -41.72 -46.25 -12.43
C ILE G 1039 -41.46 -46.20 -13.92
N LEU G 1040 -40.84 -45.11 -14.38
CA LEU G 1040 -40.55 -44.89 -15.79
C LEU G 1040 -39.06 -45.12 -16.00
N PHE G 1041 -38.74 -46.06 -16.88
CA PHE G 1041 -37.35 -46.45 -17.15
C PHE G 1041 -36.80 -45.61 -18.30
N THR G 1042 -35.75 -44.84 -18.03
CA THR G 1042 -35.18 -43.96 -19.03
C THR G 1042 -34.10 -44.61 -19.86
N GLN G 1043 -33.81 -45.90 -19.65
CA GLN G 1043 -32.83 -46.61 -20.44
C GLN G 1043 -33.17 -48.09 -20.47
N ASP G 1044 -32.64 -48.79 -21.47
CA ASP G 1044 -32.93 -50.19 -21.66
C ASP G 1044 -32.38 -51.02 -20.51
N VAL G 1045 -33.04 -52.15 -20.25
CA VAL G 1045 -32.69 -53.03 -19.14
C VAL G 1045 -32.39 -54.40 -19.73
N THR G 1046 -31.12 -54.80 -19.74
CA THR G 1046 -30.71 -56.08 -20.29
C THR G 1046 -30.08 -56.96 -19.21
N ILE H 862 -26.75 -66.01 1.72
CA ILE H 862 -27.15 -65.12 0.65
C ILE H 862 -28.31 -64.24 1.09
N ILE H 863 -28.11 -62.92 1.00
CA ILE H 863 -29.15 -61.93 1.25
C ILE H 863 -29.21 -60.99 0.06
N LYS H 864 -30.39 -60.85 -0.54
CA LYS H 864 -30.55 -60.00 -1.70
C LYS H 864 -30.53 -58.54 -1.30
N THR H 865 -30.74 -57.66 -2.27
CA THR H 865 -30.85 -56.23 -2.03
C THR H 865 -32.33 -55.86 -1.88
N GLY H 866 -32.64 -55.19 -0.78
CA GLY H 866 -34.01 -54.87 -0.44
C GLY H 866 -34.63 -55.80 0.57
N ASP H 867 -33.96 -56.89 0.92
CA ASP H 867 -34.50 -57.81 1.91
C ASP H 867 -34.50 -57.16 3.28
N ILE H 868 -35.65 -57.18 3.94
CA ILE H 868 -35.83 -56.57 5.25
C ILE H 868 -35.86 -57.68 6.28
N MET H 869 -34.95 -57.62 7.25
CA MET H 869 -34.95 -58.54 8.38
C MET H 869 -35.11 -57.75 9.67
N PHE H 870 -36.03 -58.20 10.53
CA PHE H 870 -36.38 -57.46 11.73
C PHE H 870 -35.40 -57.82 12.84
N ALA H 871 -34.73 -56.81 13.38
CA ALA H 871 -33.79 -56.95 14.47
C ALA H 871 -34.26 -56.12 15.66
N VAL H 872 -33.64 -56.34 16.80
CA VAL H 872 -33.87 -55.54 17.99
C VAL H 872 -32.56 -54.89 18.41
N LEU H 873 -32.63 -53.63 18.78
CA LEU H 873 -31.46 -52.94 19.32
C LEU H 873 -31.19 -53.43 20.73
N ASP H 874 -29.92 -53.47 21.10
CA ASP H 874 -29.52 -53.81 22.46
C ASP H 874 -28.38 -52.90 22.93
N THR H 875 -28.22 -51.76 22.26
CA THR H 875 -27.24 -50.76 22.68
C THR H 875 -27.88 -49.39 22.41
N SER H 876 -28.34 -48.75 23.49
CA SER H 876 -28.93 -47.42 23.35
C SER H 876 -27.91 -46.44 22.79
N VAL H 877 -28.36 -45.57 21.90
CA VAL H 877 -27.47 -44.65 21.22
C VAL H 877 -27.88 -43.21 21.55
N ASN H 878 -26.93 -42.29 21.35
CA ASN H 878 -27.13 -40.88 21.62
C ASN H 878 -26.30 -40.10 20.61
N SER H 879 -26.90 -39.05 20.04
CA SER H 879 -26.23 -38.30 18.99
C SER H 879 -24.98 -37.59 19.49
N ASP H 880 -24.91 -37.26 20.78
CA ASP H 880 -23.76 -36.57 21.33
C ASP H 880 -22.55 -37.48 21.54
N GLU H 881 -22.76 -38.80 21.64
CA GLU H 881 -21.69 -39.73 21.96
C GLU H 881 -21.44 -40.66 20.77
N PRO H 882 -20.47 -40.36 19.92
CA PRO H 882 -20.13 -41.27 18.84
C PRO H 882 -19.68 -42.62 19.37
N GLY H 883 -20.08 -43.69 18.69
CA GLY H 883 -19.74 -45.03 19.09
C GLY H 883 -20.49 -46.06 18.29
N PRO H 884 -20.05 -47.32 18.38
CA PRO H 884 -20.74 -48.38 17.63
C PRO H 884 -22.11 -48.67 18.22
N ILE H 885 -23.00 -49.15 17.35
CA ILE H 885 -24.33 -49.57 17.74
C ILE H 885 -24.53 -51.01 17.32
N LEU H 886 -25.01 -51.83 18.25
CA LEU H 886 -25.21 -53.25 18.02
C LEU H 886 -26.69 -53.58 17.96
N ALA H 887 -27.05 -54.46 17.03
CA ALA H 887 -28.41 -54.97 16.92
C ALA H 887 -28.35 -56.47 16.69
N THR H 888 -29.39 -57.17 17.13
CA THR H 888 -29.47 -58.62 16.97
C THR H 888 -30.72 -58.98 16.18
N ILE H 889 -30.54 -59.74 15.10
CA ILE H 889 -31.67 -60.14 14.28
C ILE H 889 -32.48 -61.21 15.01
N VAL H 890 -33.79 -61.00 15.09
CA VAL H 890 -34.65 -61.87 15.88
C VAL H 890 -35.51 -62.81 15.04
N THR H 891 -35.80 -62.47 13.78
CA THR H 891 -36.62 -63.32 12.92
C THR H 891 -35.90 -63.60 11.62
N GLY H 892 -36.06 -64.81 11.12
CA GLY H 892 -35.54 -65.19 9.82
C GLY H 892 -34.63 -66.41 9.91
N LYS H 893 -34.00 -66.71 8.78
CA LYS H 893 -33.04 -67.81 8.71
C LYS H 893 -31.72 -67.49 9.41
N LEU H 894 -31.48 -66.23 9.76
CA LEU H 894 -30.31 -65.82 10.51
C LEU H 894 -30.82 -65.19 11.81
N LYS H 895 -31.08 -66.03 12.81
CA LYS H 895 -31.66 -65.60 14.08
C LYS H 895 -30.53 -65.54 15.10
N GLY H 896 -30.01 -64.35 15.34
CA GLY H 896 -28.98 -64.17 16.34
C GLY H 896 -27.70 -63.56 15.83
N SER H 897 -27.73 -63.01 14.62
CA SER H 897 -26.58 -62.31 14.09
C SER H 897 -26.36 -61.00 14.86
N LYS H 898 -25.16 -60.44 14.71
CA LYS H 898 -24.76 -59.26 15.46
C LYS H 898 -24.39 -58.16 14.48
N LEU H 899 -25.36 -57.32 14.12
CA LEU H 899 -25.11 -56.19 13.24
C LEU H 899 -24.42 -55.09 14.02
N ILE H 900 -23.27 -54.64 13.52
CA ILE H 900 -22.51 -53.54 14.10
C ILE H 900 -22.54 -52.38 13.12
N GLY H 901 -22.87 -51.20 13.62
CA GLY H 901 -22.96 -50.06 12.74
C GLY H 901 -22.69 -48.75 13.46
N SER H 902 -23.02 -47.66 12.77
CA SER H 902 -22.85 -46.31 13.27
C SER H 902 -24.11 -45.52 12.95
N PHE H 903 -24.08 -44.23 13.30
CA PHE H 903 -25.21 -43.34 13.08
C PHE H 903 -24.74 -42.05 12.44
N ASN H 904 -25.71 -41.31 11.90
CA ASN H 904 -25.45 -39.99 11.33
C ASN H 904 -26.64 -39.09 11.62
N LEU H 905 -26.35 -37.85 12.02
CA LEU H 905 -27.37 -36.84 12.20
C LEU H 905 -27.28 -35.85 11.04
N PRO H 906 -28.33 -35.69 10.23
CA PRO H 906 -28.21 -34.88 9.01
C PRO H 906 -28.12 -33.38 9.26
N SER H 907 -27.99 -32.97 10.51
CA SER H 907 -27.78 -31.59 10.95
C SER H 907 -28.99 -30.70 10.70
N ASN H 908 -30.06 -31.23 10.10
CA ASN H 908 -31.28 -30.46 9.92
C ASN H 908 -32.51 -31.31 10.20
N ALA H 909 -32.34 -32.52 10.73
CA ALA H 909 -33.42 -33.46 10.94
C ALA H 909 -33.54 -33.80 12.41
N ASP H 910 -34.75 -34.21 12.81
CA ASP H 910 -35.04 -34.60 14.17
C ASP H 910 -34.82 -36.09 14.42
N LYS H 911 -34.33 -36.83 13.43
CA LYS H 911 -34.08 -38.25 13.57
C LYS H 911 -32.71 -38.60 13.00
N MET H 912 -32.13 -39.68 13.49
CA MET H 912 -30.79 -40.09 13.11
C MET H 912 -30.84 -41.37 12.27
N VAL H 913 -29.95 -41.44 11.29
CA VAL H 913 -29.91 -42.54 10.34
C VAL H 913 -28.86 -43.55 10.82
N ILE H 914 -29.29 -44.79 11.06
CA ILE H 914 -28.41 -45.86 11.50
C ILE H 914 -28.00 -46.69 10.31
N THR H 915 -26.70 -46.91 10.14
CA THR H 915 -26.18 -47.70 9.05
C THR H 915 -25.24 -48.76 9.60
N PHE H 916 -25.53 -50.02 9.29
CA PHE H 916 -24.72 -51.14 9.76
C PHE H 916 -23.75 -51.57 8.68
N ASN H 917 -22.52 -51.91 9.09
CA ASN H 917 -21.48 -52.25 8.13
C ASN H 917 -20.67 -53.49 8.51
N THR H 918 -21.16 -54.32 9.43
CA THR H 918 -20.47 -55.55 9.80
C THR H 918 -21.51 -56.50 10.38
N MET H 919 -21.53 -57.74 9.90
CA MET H 919 -22.51 -58.71 10.34
C MET H 919 -21.81 -59.99 10.77
N SER H 920 -22.13 -60.47 11.96
CA SER H 920 -21.51 -61.67 12.53
C SER H 920 -22.58 -62.75 12.63
N ILE H 921 -22.67 -63.59 11.61
CA ILE H 921 -23.65 -64.69 11.60
C ILE H 921 -23.20 -65.75 12.60
N PRO H 922 -24.09 -66.26 13.45
CA PRO H 922 -23.70 -67.35 14.35
C PRO H 922 -23.31 -68.59 13.56
N GLY H 923 -22.20 -69.21 13.97
CA GLY H 923 -21.69 -70.36 13.27
C GLY H 923 -20.88 -70.06 12.03
N ALA H 924 -20.71 -68.79 11.68
CA ALA H 924 -19.90 -68.42 10.53
C ALA H 924 -18.42 -68.46 10.87
N GLU H 925 -17.59 -68.56 9.83
CA GLU H 925 -16.15 -68.55 10.03
C GLU H 925 -15.68 -67.21 10.59
N LYS H 926 -16.20 -66.11 10.03
CA LYS H 926 -15.82 -64.78 10.47
C LYS H 926 -16.98 -63.83 10.22
N THR H 927 -16.77 -62.55 10.56
CA THR H 927 -17.76 -61.52 10.34
C THR H 927 -17.55 -60.91 8.96
N ILE H 928 -18.65 -60.57 8.30
CA ILE H 928 -18.63 -60.14 6.92
C ILE H 928 -18.96 -58.66 6.84
N SER H 929 -18.20 -57.93 6.03
CA SER H 929 -18.56 -56.56 5.71
C SER H 929 -19.89 -56.55 4.96
N ILE H 930 -20.69 -55.51 5.20
CA ILE H 930 -22.08 -55.53 4.78
C ILE H 930 -22.54 -54.09 4.59
N SER H 931 -23.64 -53.92 3.87
CA SER H 931 -24.28 -52.62 3.68
C SER H 931 -25.73 -52.74 4.09
N ALA H 932 -26.16 -51.90 5.03
CA ALA H 932 -27.52 -51.99 5.54
C ALA H 932 -27.92 -50.66 6.13
N TYR H 933 -29.22 -50.49 6.30
CA TYR H 933 -29.80 -49.33 6.96
C TYR H 933 -30.87 -49.80 7.92
N ALA H 934 -31.10 -49.02 8.97
CA ALA H 934 -32.11 -49.35 9.97
C ALA H 934 -33.34 -48.49 9.71
N ILE H 935 -34.46 -49.14 9.42
CA ILE H 935 -35.73 -48.46 9.22
C ILE H 935 -36.59 -48.69 10.45
N ASP H 936 -37.45 -47.71 10.74
CA ASP H 936 -38.22 -47.70 11.97
C ASP H 936 -39.63 -48.19 11.67
N PRO H 937 -40.05 -49.34 12.21
CA PRO H 937 -41.42 -49.79 11.99
C PRO H 937 -42.43 -48.78 12.53
N ASN H 938 -43.67 -48.91 12.04
CA ASN H 938 -44.79 -48.01 12.33
C ASN H 938 -44.63 -46.68 11.61
N THR H 939 -43.47 -46.48 10.98
CA THR H 939 -43.24 -45.28 10.17
C THR H 939 -42.64 -45.67 8.84
N ALA H 940 -41.85 -46.74 8.83
CA ALA H 940 -41.08 -47.28 7.71
C ALA H 940 -39.94 -46.37 7.28
N ARG H 941 -39.80 -45.19 7.88
CA ARG H 941 -38.72 -44.28 7.53
C ARG H 941 -37.37 -44.88 7.91
N THR H 942 -36.35 -44.51 7.16
CA THR H 942 -35.00 -45.04 7.38
C THR H 942 -34.29 -44.40 8.57
N ALA H 943 -34.99 -43.65 9.41
CA ALA H 943 -34.38 -42.96 10.53
C ALA H 943 -35.04 -43.38 11.83
N LEU H 944 -34.23 -43.48 12.88
CA LEU H 944 -34.69 -43.89 14.20
C LEU H 944 -34.59 -42.72 15.17
N ALA H 945 -35.59 -42.59 16.05
CA ALA H 945 -35.53 -41.62 17.14
C ALA H 945 -36.57 -42.01 18.18
N SER H 946 -36.12 -42.39 19.37
CA SER H 946 -37.03 -42.67 20.47
C SER H 946 -37.27 -41.46 21.36
N ARG H 947 -36.38 -40.46 21.32
CA ARG H 947 -36.58 -39.23 22.07
C ARG H 947 -35.71 -38.15 21.45
N THR H 948 -36.34 -37.09 20.96
CA THR H 948 -35.63 -35.97 20.36
C THR H 948 -35.75 -34.77 21.28
N ASN H 949 -34.61 -34.15 21.61
CA ASN H 949 -34.54 -33.11 22.63
C ASN H 949 -33.81 -31.90 22.04
N HIS H 950 -34.58 -30.89 21.65
CA HIS H 950 -34.04 -29.55 21.43
C HIS H 950 -34.00 -28.86 22.79
N HIS H 951 -32.87 -28.23 23.08
CA HIS H 951 -32.65 -27.66 24.41
C HIS H 951 -33.31 -26.29 24.47
N TYR H 952 -34.64 -26.32 24.61
CA TYR H 952 -35.41 -25.07 24.64
C TYR H 952 -35.13 -24.24 25.89
N LEU H 953 -34.98 -24.88 27.05
CA LEU H 953 -34.66 -24.14 28.26
C LEU H 953 -33.20 -23.74 28.32
N MET H 954 -32.31 -24.53 27.73
CA MET H 954 -30.88 -24.19 27.73
C MET H 954 -30.55 -23.10 26.72
N ARG H 955 -31.23 -23.09 25.57
CA ARG H 955 -30.93 -22.17 24.49
C ARG H 955 -31.85 -20.95 24.46
N TYR H 956 -33.14 -21.14 24.69
CA TYR H 956 -34.07 -20.02 24.70
C TYR H 956 -34.31 -19.48 26.10
N GLY H 957 -34.27 -20.35 27.12
CA GLY H 957 -34.39 -19.86 28.48
C GLY H 957 -33.19 -19.08 28.94
N SER H 958 -32.02 -19.34 28.35
CA SER H 958 -30.82 -18.58 28.63
C SER H 958 -30.60 -17.45 27.63
N LEU H 959 -31.50 -17.30 26.65
CA LEU H 959 -31.49 -16.17 25.74
C LEU H 959 -32.57 -15.15 26.03
N PHE H 960 -33.72 -15.59 26.52
CA PHE H 960 -34.81 -14.68 26.88
C PHE H 960 -34.69 -14.17 28.30
N ALA H 961 -33.76 -14.69 29.09
CA ALA H 961 -33.49 -14.21 30.44
C ALA H 961 -32.19 -13.44 30.55
N SER H 962 -31.16 -13.86 29.82
CA SER H 962 -29.92 -13.09 29.79
C SER H 962 -30.12 -11.74 29.12
N SER H 963 -30.86 -11.71 28.01
CA SER H 963 -31.12 -10.46 27.31
C SER H 963 -32.18 -9.62 28.00
N PHE H 964 -33.15 -10.27 28.65
CA PHE H 964 -34.17 -9.50 29.37
C PHE H 964 -33.56 -8.74 30.53
N LEU H 965 -32.59 -9.34 31.23
CA LEU H 965 -31.93 -8.64 32.32
C LEU H 965 -31.22 -7.39 31.81
N GLN H 966 -30.53 -7.49 30.68
CA GLN H 966 -29.80 -6.35 30.13
C GLN H 966 -30.74 -5.20 29.80
N GLY H 967 -31.84 -5.48 29.12
CA GLY H 967 -32.79 -4.43 28.79
C GLY H 967 -33.51 -3.87 30.00
N PHE H 968 -33.89 -4.76 30.93
CA PHE H 968 -34.58 -4.33 32.14
C PHE H 968 -33.68 -3.46 33.01
N GLY H 969 -32.37 -3.67 32.95
CA GLY H 969 -31.44 -2.84 33.68
C GLY H 969 -31.12 -1.53 32.98
N ASN H 970 -30.90 -1.58 31.67
CA ASN H 970 -30.65 -0.35 30.92
C ASN H 970 -31.85 0.58 30.94
N ALA H 971 -33.07 0.03 30.95
CA ALA H 971 -34.25 0.85 31.05
C ALA H 971 -34.30 1.61 32.37
N PHE H 972 -33.97 0.94 33.47
CA PHE H 972 -33.91 1.63 34.75
C PHE H 972 -32.76 2.63 34.79
N GLN H 973 -31.66 2.33 34.10
CA GLN H 973 -30.53 3.26 34.05
C GLN H 973 -30.93 4.55 33.34
N SER H 974 -31.62 4.43 32.20
CA SER H 974 -32.04 5.59 31.43
C SER H 974 -33.40 6.13 31.87
N ALA H 975 -33.98 5.58 32.94
CA ALA H 975 -35.28 6.03 33.41
C ALA H 975 -35.27 7.46 33.91
N ASN H 976 -34.09 8.05 34.12
CA ASN H 976 -34.02 9.45 34.51
C ASN H 976 -32.64 9.97 34.14
N THR H 977 -32.60 11.06 33.37
CA THR H 977 -31.36 11.66 32.94
C THR H 977 -31.45 13.18 33.08
N THR H 978 -30.31 13.81 33.32
CA THR H 978 -30.24 15.26 33.50
C THR H 978 -30.58 15.99 32.19
N ASN H 994 -29.79 14.65 37.83
CA ASN H 994 -30.78 14.22 38.80
C ASN H 994 -30.97 12.71 38.74
N GLY H 995 -30.25 11.99 39.60
CA GLY H 995 -30.28 10.53 39.68
C GLY H 995 -30.40 10.09 41.14
N VAL H 996 -31.39 10.64 41.83
CA VAL H 996 -31.58 10.47 43.27
C VAL H 996 -32.08 9.06 43.60
N ARG H 997 -32.12 8.19 42.60
CA ARG H 997 -32.68 6.85 42.73
C ARG H 997 -32.18 6.12 43.96
N ARG H 998 -33.01 5.21 44.47
CA ARG H 998 -32.77 4.52 45.72
C ARG H 998 -31.74 3.40 45.54
N SER H 999 -31.45 2.69 46.64
CA SER H 999 -30.42 1.66 46.60
C SER H 999 -30.90 0.40 45.88
N THR H 1000 -32.16 0.01 46.09
CA THR H 1000 -32.70 -1.12 45.36
C THR H 1000 -33.02 -0.79 43.91
N LEU H 1001 -33.20 0.50 43.60
CA LEU H 1001 -33.35 0.96 42.23
C LEU H 1001 -32.08 0.79 41.42
N GLU H 1002 -31.00 0.32 42.05
CA GLU H 1002 -29.79 -0.09 41.36
C GLU H 1002 -29.23 -1.42 41.84
N ASN H 1003 -29.70 -1.95 42.97
CA ASN H 1003 -29.24 -3.24 43.46
C ASN H 1003 -29.60 -4.34 42.47
N ALA H 1004 -30.89 -4.62 42.33
CA ALA H 1004 -31.36 -5.77 41.57
C ALA H 1004 -32.05 -5.38 40.27
N VAL H 1005 -31.86 -4.15 39.80
CA VAL H 1005 -32.39 -3.78 38.49
C VAL H 1005 -31.29 -3.21 37.60
N ILE H 1006 -30.67 -2.10 38.01
CA ILE H 1006 -29.62 -1.51 37.18
C ILE H 1006 -28.37 -2.37 37.21
N GLY H 1007 -28.01 -2.91 38.37
CA GLY H 1007 -26.85 -3.78 38.46
C GLY H 1007 -27.03 -5.08 37.73
N LEU H 1008 -28.27 -5.49 37.47
CA LEU H 1008 -28.54 -6.68 36.68
C LEU H 1008 -28.31 -6.47 35.19
N ALA H 1009 -28.16 -5.22 34.75
CA ALA H 1009 -27.91 -4.97 33.33
C ALA H 1009 -26.55 -5.53 32.91
N THR H 1010 -25.53 -5.37 33.75
CA THR H 1010 -24.20 -5.82 33.37
C THR H 1010 -24.12 -7.35 33.34
N VAL H 1011 -24.62 -8.02 34.40
CA VAL H 1011 -24.55 -9.47 34.44
C VAL H 1011 -25.31 -10.06 33.26
N GLY H 1012 -26.51 -9.53 32.98
CA GLY H 1012 -27.21 -9.93 31.77
C GLY H 1012 -26.36 -9.74 30.53
N LYS H 1013 -25.69 -8.58 30.43
CA LYS H 1013 -24.84 -8.34 29.28
C LYS H 1013 -23.72 -9.38 29.18
N ALA H 1014 -23.24 -9.87 30.32
CA ALA H 1014 -22.27 -10.96 30.28
C ALA H 1014 -22.95 -12.26 29.88
N TRP H 1015 -24.11 -12.55 30.46
CA TRP H 1015 -24.79 -13.80 30.20
C TRP H 1015 -25.19 -13.91 28.74
N SER H 1016 -25.73 -12.83 28.18
CA SER H 1016 -26.06 -12.81 26.76
C SER H 1016 -24.82 -13.02 25.90
N GLN H 1017 -23.65 -12.62 26.40
CA GLN H 1017 -22.42 -12.89 25.66
C GLN H 1017 -22.10 -14.37 25.64
N GLN H 1018 -22.41 -15.09 26.72
CA GLN H 1018 -22.17 -16.52 26.81
C GLN H 1018 -23.41 -17.34 26.46
N ALA H 1019 -24.47 -16.70 25.96
CA ALA H 1019 -25.66 -17.41 25.53
C ALA H 1019 -25.77 -17.53 24.02
N GLN H 1020 -25.11 -16.66 23.26
CA GLN H 1020 -25.06 -16.82 21.81
C GLN H 1020 -24.32 -18.10 21.44
N GLN H 1021 -23.22 -18.39 22.14
CA GLN H 1021 -22.49 -19.62 21.87
C GLN H 1021 -23.24 -20.84 22.40
N LEU H 1022 -24.02 -20.67 23.47
CA LEU H 1022 -24.84 -21.76 23.99
C LEU H 1022 -26.03 -22.08 23.10
N PHE H 1023 -26.44 -21.15 22.25
CA PHE H 1023 -27.57 -21.38 21.36
C PHE H 1023 -27.28 -22.44 20.31
N ASN H 1024 -26.01 -22.70 20.02
CA ASN H 1024 -25.62 -23.61 18.95
C ASN H 1024 -25.42 -25.04 19.42
N THR H 1025 -26.08 -25.45 20.50
CA THR H 1025 -26.00 -26.84 20.94
C THR H 1025 -26.90 -27.69 20.05
N PRO H 1026 -26.36 -28.70 19.37
CA PRO H 1026 -27.20 -29.51 18.47
C PRO H 1026 -28.24 -30.30 19.24
N THR H 1027 -29.35 -30.60 18.55
CA THR H 1027 -30.42 -31.38 19.16
C THR H 1027 -29.94 -32.79 19.46
N THR H 1028 -30.46 -33.36 20.54
CA THR H 1028 -30.04 -34.67 21.02
C THR H 1028 -31.06 -35.71 20.62
N VAL H 1029 -30.64 -36.68 19.81
CA VAL H 1029 -31.50 -37.77 19.37
C VAL H 1029 -31.08 -39.03 20.10
N GLU H 1030 -32.04 -39.72 20.71
CA GLU H 1030 -31.76 -40.90 21.52
C GLU H 1030 -32.65 -42.04 21.06
N VAL H 1031 -32.04 -43.14 20.65
CA VAL H 1031 -32.74 -44.36 20.31
C VAL H 1031 -32.46 -45.37 21.42
N TYR H 1032 -33.53 -45.86 22.05
CA TYR H 1032 -33.36 -46.69 23.24
C TYR H 1032 -32.89 -48.08 22.86
N SER H 1033 -32.73 -48.94 23.87
CA SER H 1033 -32.11 -50.24 23.71
C SER H 1033 -33.10 -51.39 23.66
N GLY H 1034 -34.40 -51.10 23.55
CA GLY H 1034 -35.37 -52.13 23.30
C GLY H 1034 -36.04 -51.91 21.96
N THR H 1035 -35.53 -50.93 21.22
CA THR H 1035 -36.15 -50.47 19.99
C THR H 1035 -35.94 -51.51 18.90
N GLY H 1036 -37.02 -52.16 18.48
CA GLY H 1036 -36.96 -53.05 17.34
C GLY H 1036 -37.01 -52.25 16.04
N LEU H 1037 -36.15 -52.62 15.11
CA LEU H 1037 -36.05 -51.93 13.84
C LEU H 1037 -35.89 -52.94 12.71
N GLY H 1038 -36.39 -52.60 11.53
CA GLY H 1038 -36.10 -53.39 10.36
C GLY H 1038 -34.73 -53.05 9.80
N ILE H 1039 -34.13 -54.02 9.13
CA ILE H 1039 -32.82 -53.83 8.50
C ILE H 1039 -32.99 -54.07 7.02
N LEU H 1040 -32.63 -53.05 6.24
CA LEU H 1040 -32.76 -53.05 4.79
C LEU H 1040 -31.37 -53.09 4.18
N PHE H 1041 -31.08 -54.14 3.41
CA PHE H 1041 -29.75 -54.34 2.85
C PHE H 1041 -29.71 -53.76 1.44
N THR H 1042 -28.81 -52.81 1.22
CA THR H 1042 -28.64 -52.20 -0.08
C THR H 1042 -27.56 -52.86 -0.93
N GLN H 1043 -27.01 -53.97 -0.46
CA GLN H 1043 -25.99 -54.71 -1.21
C GLN H 1043 -26.18 -56.20 -0.97
N ASP H 1044 -25.76 -57.00 -1.94
CA ASP H 1044 -25.84 -58.44 -1.80
C ASP H 1044 -24.85 -58.93 -0.75
N VAL H 1045 -25.21 -60.03 -0.09
CA VAL H 1045 -24.37 -60.66 0.92
C VAL H 1045 -23.87 -61.98 0.36
N THR H 1046 -22.55 -62.17 0.38
CA THR H 1046 -21.94 -63.37 -0.18
C THR H 1046 -21.42 -64.30 0.91
N ILE I 862 -11.31 -67.57 21.21
CA ILE I 862 -11.83 -66.71 20.15
C ILE I 862 -12.89 -65.78 20.70
N ILE I 863 -13.06 -64.63 20.04
CA ILE I 863 -14.09 -63.66 20.39
C ILE I 863 -14.65 -63.09 19.09
N LYS I 864 -15.94 -63.26 18.87
CA LYS I 864 -16.58 -62.76 17.67
C LYS I 864 -16.89 -61.27 17.83
N THR I 865 -17.46 -60.68 16.78
CA THR I 865 -17.84 -59.27 16.80
C THR I 865 -19.25 -59.14 17.35
N GLY I 866 -19.42 -58.22 18.30
CA GLY I 866 -20.68 -58.06 18.99
C GLY I 866 -20.80 -58.85 20.27
N ASP I 867 -19.83 -59.71 20.57
CA ASP I 867 -19.86 -60.46 21.83
C ASP I 867 -19.63 -59.52 23.00
N ILE I 868 -20.54 -59.58 23.97
CA ILE I 868 -20.51 -58.71 25.14
C ILE I 868 -20.07 -59.54 26.33
N MET I 869 -18.99 -59.11 26.99
CA MET I 869 -18.51 -59.76 28.20
C MET I 869 -18.47 -58.75 29.33
N PHE I 870 -18.92 -59.15 30.51
CA PHE I 870 -19.09 -58.22 31.63
C PHE I 870 -17.80 -58.10 32.41
N ALA I 871 -17.36 -56.86 32.62
CA ALA I 871 -16.14 -56.54 33.35
C ALA I 871 -16.49 -55.59 34.48
N VAL I 872 -15.53 -55.36 35.37
CA VAL I 872 -15.68 -54.38 36.44
C VAL I 872 -14.56 -53.36 36.31
N LEU I 873 -14.92 -52.08 36.29
CA LEU I 873 -13.93 -51.02 36.22
C LEU I 873 -13.27 -50.91 37.57
N ASP I 874 -12.01 -51.36 37.67
CA ASP I 874 -11.28 -51.32 38.93
C ASP I 874 -10.28 -50.17 38.99
N THR I 875 -10.34 -49.23 38.05
CA THR I 875 -9.54 -48.02 38.10
C THR I 875 -10.46 -46.84 37.82
N SER I 876 -10.73 -46.04 38.86
CA SER I 876 -11.57 -44.87 38.70
C SER I 876 -10.91 -43.87 37.75
N VAL I 877 -11.73 -43.20 36.94
CA VAL I 877 -11.24 -42.27 35.93
C VAL I 877 -11.93 -40.94 36.09
N ASN I 878 -11.26 -39.88 35.65
CA ASN I 878 -11.80 -38.54 35.67
C ASN I 878 -11.35 -37.87 34.37
N SER I 879 -12.27 -37.18 33.70
CA SER I 879 -12.01 -36.69 32.35
C SER I 879 -10.87 -35.70 32.28
N ASP I 880 -10.49 -35.08 33.39
CA ASP I 880 -9.46 -34.05 33.36
C ASP I 880 -8.09 -34.63 33.08
N GLU I 881 -7.73 -35.73 33.76
CA GLU I 881 -6.40 -36.31 33.62
C GLU I 881 -6.45 -37.48 32.65
N PRO I 882 -5.78 -37.41 31.50
CA PRO I 882 -5.77 -38.51 30.52
C PRO I 882 -4.82 -39.65 30.88
N GLY I 883 -5.31 -40.57 31.71
CA GLY I 883 -4.56 -41.75 32.07
C GLY I 883 -5.19 -43.01 31.52
N PRO I 884 -4.47 -44.12 31.60
CA PRO I 884 -5.01 -45.40 31.11
C PRO I 884 -6.09 -45.93 32.05
N ILE I 885 -6.89 -46.85 31.52
CA ILE I 885 -8.00 -47.43 32.25
C ILE I 885 -7.87 -48.94 32.25
N LEU I 886 -8.20 -49.56 33.37
CA LEU I 886 -8.11 -51.01 33.53
C LEU I 886 -9.46 -51.56 33.95
N ALA I 887 -9.86 -52.66 33.33
CA ALA I 887 -11.10 -53.35 33.68
C ALA I 887 -10.87 -54.85 33.72
N THR I 888 -11.35 -55.51 34.77
CA THR I 888 -11.15 -56.94 34.95
C THR I 888 -12.44 -57.67 34.62
N ILE I 889 -12.38 -58.59 33.65
CA ILE I 889 -13.55 -59.37 33.28
C ILE I 889 -13.90 -60.33 34.40
N VAL I 890 -15.18 -60.35 34.77
CA VAL I 890 -15.63 -61.13 35.93
C VAL I 890 -16.34 -62.40 35.52
N THR I 891 -17.08 -62.38 34.40
CA THR I 891 -17.91 -63.51 34.01
C THR I 891 -17.51 -64.00 32.63
N GLY I 892 -17.74 -65.28 32.38
CA GLY I 892 -17.51 -65.89 31.09
C GLY I 892 -16.35 -66.87 31.12
N LYS I 893 -15.93 -67.26 29.92
CA LYS I 893 -14.81 -68.17 29.73
C LYS I 893 -13.46 -67.48 29.79
N LEU I 894 -13.43 -66.16 29.94
CA LEU I 894 -12.21 -65.38 30.09
C LEU I 894 -12.21 -64.66 31.44
N LYS I 895 -12.68 -65.35 32.47
CA LYS I 895 -12.83 -64.77 33.80
C LYS I 895 -11.45 -64.42 34.35
N GLY I 896 -11.14 -63.13 34.43
CA GLY I 896 -9.89 -62.65 34.99
C GLY I 896 -9.00 -61.91 34.03
N SER I 897 -9.34 -61.78 32.75
CA SER I 897 -8.52 -61.01 31.83
C SER I 897 -8.53 -59.54 32.21
N LYS I 898 -7.46 -58.84 31.86
CA LYS I 898 -7.30 -57.43 32.17
C LYS I 898 -7.34 -56.61 30.89
N LEU I 899 -8.23 -55.64 30.83
CA LEU I 899 -8.45 -54.79 29.67
C LEU I 899 -7.85 -53.43 29.95
N ILE I 900 -6.90 -53.02 29.10
CA ILE I 900 -6.28 -51.72 29.17
C ILE I 900 -6.81 -50.87 28.01
N GLY I 901 -7.32 -49.70 28.34
CA GLY I 901 -7.85 -48.80 27.33
C GLY I 901 -7.75 -47.34 27.71
N SER I 902 -8.54 -46.50 27.05
CA SER I 902 -8.54 -45.07 27.29
C SER I 902 -9.97 -44.58 27.28
N PHE I 903 -10.14 -43.26 27.24
CA PHE I 903 -11.45 -42.63 27.20
C PHE I 903 -11.43 -41.49 26.20
N ASN I 904 -12.58 -40.87 25.99
CA ASN I 904 -12.70 -39.73 25.09
C ASN I 904 -13.98 -38.99 25.40
N LEU I 905 -13.88 -37.71 25.74
CA LEU I 905 -15.05 -36.88 25.96
C LEU I 905 -15.46 -36.25 24.64
N PRO I 906 -16.70 -36.44 24.18
CA PRO I 906 -17.07 -35.96 22.84
C PRO I 906 -17.24 -34.45 22.75
N SER I 907 -16.85 -33.72 23.80
CA SER I 907 -16.81 -32.26 23.81
C SER I 907 -18.20 -31.62 23.78
N ASN I 908 -19.24 -32.45 23.66
CA ASN I 908 -20.61 -31.96 23.74
C ASN I 908 -21.50 -32.84 24.60
N ALA I 909 -21.01 -33.97 25.09
CA ALA I 909 -21.80 -34.92 25.86
C ALA I 909 -21.44 -34.87 27.33
N ASP I 910 -22.38 -35.31 28.16
CA ASP I 910 -22.19 -35.39 29.60
C ASP I 910 -21.63 -36.73 30.04
N LYS I 911 -21.30 -37.62 29.10
CA LYS I 911 -20.75 -38.93 29.41
C LYS I 911 -19.53 -39.18 28.54
N MET I 912 -18.62 -40.00 29.05
CA MET I 912 -17.36 -40.28 28.38
C MET I 912 -17.37 -41.68 27.79
N VAL I 913 -16.65 -41.85 26.68
CA VAL I 913 -16.65 -43.09 25.91
C VAL I 913 -15.35 -43.84 26.20
N ILE I 914 -15.48 -44.99 26.86
CA ILE I 914 -14.32 -45.83 27.17
C ILE I 914 -14.11 -46.80 26.03
N THR I 915 -12.87 -46.87 25.53
CA THR I 915 -12.52 -47.78 24.44
C THR I 915 -11.28 -48.57 24.82
N PHE I 916 -11.46 -49.86 25.09
CA PHE I 916 -10.35 -50.73 25.44
C PHE I 916 -9.63 -51.20 24.19
N ASN I 917 -8.30 -51.23 24.27
CA ASN I 917 -7.50 -51.61 23.11
C ASN I 917 -6.34 -52.56 23.44
N THR I 918 -6.35 -53.18 24.62
CA THR I 918 -5.36 -54.22 24.90
C THR I 918 -5.99 -55.21 25.89
N MET I 919 -5.84 -56.50 25.63
CA MET I 919 -6.43 -57.52 26.49
C MET I 919 -5.35 -58.50 26.93
N SER I 920 -5.29 -58.78 28.22
CA SER I 920 -4.32 -59.70 28.82
C SER I 920 -5.09 -60.87 29.42
N ILE I 921 -5.03 -62.01 28.75
CA ILE I 921 -5.74 -63.22 29.18
C ILE I 921 -4.85 -63.98 30.15
N PRO I 922 -5.36 -64.40 31.31
CA PRO I 922 -4.54 -65.19 32.24
C PRO I 922 -4.15 -66.53 31.62
N GLY I 923 -2.85 -66.76 31.50
CA GLY I 923 -2.32 -67.94 30.87
C GLY I 923 -1.81 -67.72 29.47
N ALA I 924 -2.16 -66.60 28.84
CA ALA I 924 -1.63 -66.28 27.52
C ALA I 924 -0.15 -65.95 27.62
N GLU I 925 0.57 -66.23 26.54
CA GLU I 925 2.01 -65.91 26.50
C GLU I 925 2.22 -64.40 26.53
N LYS I 926 1.47 -63.67 25.71
CA LYS I 926 1.58 -62.23 25.63
C LYS I 926 0.18 -61.60 25.66
N THR I 927 0.13 -60.28 25.63
CA THR I 927 -1.12 -59.55 25.60
C THR I 927 -1.47 -59.22 24.16
N ILE I 928 -2.73 -59.45 23.80
CA ILE I 928 -3.19 -59.32 22.43
C ILE I 928 -3.89 -57.97 22.26
N SER I 929 -3.71 -57.37 21.08
CA SER I 929 -4.38 -56.12 20.77
C SER I 929 -5.80 -56.41 20.28
N ILE I 930 -6.77 -55.65 20.78
CA ILE I 930 -8.17 -55.85 20.47
C ILE I 930 -8.83 -54.51 20.22
N SER I 931 -10.09 -54.57 19.80
CA SER I 931 -10.94 -53.39 19.67
C SER I 931 -12.20 -53.66 20.48
N ALA I 932 -12.47 -52.81 21.47
CA ALA I 932 -13.61 -53.03 22.35
C ALA I 932 -14.09 -51.68 22.87
N TYR I 933 -15.37 -51.64 23.19
CA TYR I 933 -16.01 -50.44 23.72
C TYR I 933 -16.74 -50.81 24.99
N ALA I 934 -16.67 -49.93 25.99
CA ALA I 934 -17.32 -50.17 27.27
C ALA I 934 -18.71 -49.57 27.23
N ILE I 935 -19.72 -50.39 27.48
CA ILE I 935 -21.11 -49.96 27.55
C ILE I 935 -21.57 -50.03 28.99
N ASP I 936 -22.52 -49.18 29.33
CA ASP I 936 -23.01 -49.05 30.70
C ASP I 936 -24.24 -49.91 30.89
N PRO I 937 -24.22 -50.92 31.76
CA PRO I 937 -25.44 -51.68 32.05
C PRO I 937 -26.48 -50.79 32.69
N ASN I 938 -27.74 -51.22 32.58
CA ASN I 938 -28.95 -50.51 33.01
C ASN I 938 -29.28 -49.33 32.10
N THR I 939 -28.42 -49.00 31.14
CA THR I 939 -28.72 -47.96 30.17
C THR I 939 -28.41 -48.46 28.76
N ALA I 940 -27.47 -49.40 28.67
CA ALA I 940 -26.96 -50.03 27.45
C ALA I 940 -26.21 -49.06 26.55
N ARG I 941 -26.12 -47.78 26.91
CA ARG I 941 -25.37 -46.83 26.10
C ARG I 941 -23.87 -47.14 26.15
N THR I 942 -23.15 -46.72 25.11
CA THR I 942 -21.72 -46.97 25.04
C THR I 942 -20.90 -45.97 25.83
N ALA I 943 -21.51 -45.19 26.71
CA ALA I 943 -20.81 -44.17 27.48
C ALA I 943 -21.01 -44.38 28.96
N LEU I 944 -19.95 -44.19 29.73
CA LEU I 944 -19.95 -44.36 31.17
C LEU I 944 -19.86 -43.00 31.85
N ALA I 945 -20.66 -42.79 32.89
CA ALA I 945 -20.55 -41.59 33.69
C ALA I 945 -21.18 -41.86 35.05
N SER I 946 -20.35 -41.94 36.09
CA SER I 946 -20.86 -42.11 37.44
C SER I 946 -21.14 -40.78 38.13
N ARG I 947 -20.51 -39.70 37.67
CA ARG I 947 -20.77 -38.37 38.22
C ARG I 947 -20.33 -37.34 37.21
N THR I 948 -21.27 -36.54 36.71
CA THR I 948 -20.98 -35.48 35.76
C THR I 948 -21.05 -34.15 36.49
N ASN I 949 -20.01 -33.34 36.35
CA ASN I 949 -19.87 -32.10 37.11
C ASN I 949 -19.71 -30.94 36.13
N HIS I 950 -20.81 -30.23 35.88
CA HIS I 950 -20.73 -28.91 35.27
C HIS I 950 -20.45 -27.91 36.37
N HIS I 951 -19.48 -27.03 36.14
CA HIS I 951 -19.02 -26.10 37.18
C HIS I 951 -19.96 -24.90 37.17
N TYR I 952 -21.13 -25.09 37.79
CA TYR I 952 -22.14 -24.04 37.84
C TYR I 952 -21.84 -22.97 38.88
N LEU I 953 -20.99 -23.25 39.85
CA LEU I 953 -20.64 -22.24 40.85
C LEU I 953 -19.34 -21.52 40.55
N MET I 954 -18.44 -22.13 39.78
CA MET I 954 -17.21 -21.47 39.39
C MET I 954 -17.34 -20.68 38.10
N ARG I 955 -18.21 -21.11 37.19
CA ARG I 955 -18.43 -20.40 35.93
C ARG I 955 -19.61 -19.45 35.97
N TYR I 956 -20.73 -19.86 36.57
CA TYR I 956 -21.88 -18.98 36.73
C TYR I 956 -21.89 -18.24 38.06
N GLY I 957 -20.99 -18.57 38.97
CA GLY I 957 -20.88 -17.84 40.21
C GLY I 957 -19.81 -16.78 40.14
N SER I 958 -18.98 -16.84 39.10
CA SER I 958 -17.98 -15.82 38.83
C SER I 958 -18.36 -14.92 37.67
N LEU I 959 -19.35 -15.32 36.87
CA LEU I 959 -19.89 -14.47 35.82
C LEU I 959 -21.06 -13.63 36.28
N PHE I 960 -21.84 -14.13 37.24
CA PHE I 960 -22.97 -13.40 37.79
C PHE I 960 -22.61 -12.54 38.98
N ALA I 961 -21.43 -12.75 39.58
CA ALA I 961 -20.99 -11.98 40.74
C ALA I 961 -19.99 -10.90 40.41
N SER I 962 -19.09 -11.14 39.46
CA SER I 962 -18.17 -10.08 39.02
C SER I 962 -18.91 -9.01 38.23
N SER I 963 -19.73 -9.43 37.27
CA SER I 963 -20.48 -8.48 36.47
C SER I 963 -21.52 -7.74 37.30
N PHE I 964 -22.12 -8.42 38.29
CA PHE I 964 -23.03 -7.72 39.18
C PHE I 964 -22.31 -6.65 39.98
N LEU I 965 -21.10 -6.95 40.46
CA LEU I 965 -20.32 -5.94 41.17
C LEU I 965 -20.02 -4.76 40.26
N GLN I 966 -19.63 -5.04 39.01
CA GLN I 966 -19.34 -3.97 38.07
C GLN I 966 -20.57 -3.08 37.84
N GLY I 967 -21.72 -3.70 37.60
CA GLY I 967 -22.93 -2.93 37.37
C GLY I 967 -23.39 -2.16 38.60
N PHE I 968 -23.38 -2.82 39.76
CA PHE I 968 -23.81 -2.21 41.00
C PHE I 968 -22.89 -1.08 41.44
N GLY I 969 -21.63 -1.09 41.01
CA GLY I 969 -20.74 0.01 41.29
C GLY I 969 -20.86 1.14 40.29
N ASN I 970 -20.98 0.82 39.01
CA ASN I 970 -21.17 1.86 38.01
C ASN I 970 -22.49 2.59 38.21
N ALA I 971 -23.51 1.89 38.71
CA ALA I 971 -24.79 2.54 39.01
C ALA I 971 -24.62 3.60 40.08
N PHE I 972 -23.89 3.29 41.15
CA PHE I 972 -23.63 4.29 42.18
C PHE I 972 -22.73 5.40 41.67
N GLN I 973 -21.80 5.07 40.77
CA GLN I 973 -20.94 6.09 40.19
C GLN I 973 -21.75 7.09 39.38
N SER I 974 -22.69 6.60 38.57
CA SER I 974 -23.52 7.45 37.72
C SER I 974 -24.77 7.95 38.43
N ALA I 975 -24.95 7.60 39.70
CA ALA I 975 -26.11 8.06 40.47
C ALA I 975 -26.12 9.56 40.73
N ASN I 976 -25.10 10.30 40.27
CA ASN I 976 -25.13 11.76 40.36
C ASN I 976 -24.06 12.29 39.42
N THR I 977 -24.46 13.13 38.46
CA THR I 977 -23.52 13.72 37.51
C THR I 977 -23.96 15.15 37.21
N THR I 978 -23.00 16.06 37.23
CA THR I 978 -23.27 17.47 36.95
C THR I 978 -23.63 17.68 35.48
N ASN I 994 -22.83 19.29 41.44
CA ASN I 994 -21.86 18.56 42.25
C ASN I 994 -22.21 17.08 42.31
N GLY I 995 -21.29 16.28 42.82
CA GLY I 995 -21.46 14.84 42.94
C GLY I 995 -21.09 14.36 44.33
N VAL I 996 -21.40 15.18 45.34
CA VAL I 996 -20.95 14.90 46.71
C VAL I 996 -21.54 13.59 47.20
N ARG I 997 -20.67 12.75 47.77
CA ARG I 997 -21.04 11.42 48.23
C ARG I 997 -20.53 11.21 49.66
N ARG I 998 -20.91 10.08 50.23
CA ARG I 998 -20.44 9.66 51.55
C ARG I 998 -19.39 8.57 51.41
N SER I 999 -18.68 8.30 52.50
CA SER I 999 -17.49 7.45 52.43
C SER I 999 -17.83 6.02 51.99
N THR I 1000 -18.92 5.45 52.51
CA THR I 1000 -19.34 4.11 52.10
C THR I 1000 -20.12 4.12 50.79
N LEU I 1001 -20.60 5.28 50.35
CA LEU I 1001 -21.21 5.41 49.03
C LEU I 1001 -20.19 5.25 47.92
N GLU I 1002 -18.90 5.23 48.27
CA GLU I 1002 -17.85 4.90 47.32
C GLU I 1002 -16.86 3.87 47.85
N ASN I 1003 -17.01 3.41 49.10
CA ASN I 1003 -16.14 2.36 49.63
C ASN I 1003 -16.61 0.99 49.18
N ALA I 1004 -17.80 0.59 49.62
CA ALA I 1004 -18.30 -0.76 49.41
C ALA I 1004 -19.22 -0.87 48.20
N VAL I 1005 -19.36 0.18 47.41
CA VAL I 1005 -20.18 0.10 46.21
C VAL I 1005 -19.44 0.57 44.97
N ILE I 1006 -18.98 1.82 44.96
CA ILE I 1006 -18.37 2.37 43.75
C ILE I 1006 -17.02 1.73 43.49
N GLY I 1007 -16.22 1.53 44.55
CA GLY I 1007 -14.92 0.90 44.36
C GLY I 1007 -15.04 -0.50 43.81
N LEU I 1008 -16.06 -1.24 44.23
CA LEU I 1008 -16.27 -2.60 43.73
C LEU I 1008 -16.42 -2.61 42.22
N ALA I 1009 -16.93 -1.53 41.63
CA ALA I 1009 -17.08 -1.47 40.19
C ALA I 1009 -15.77 -1.72 39.45
N THR I 1010 -14.64 -1.45 40.09
CA THR I 1010 -13.38 -1.79 39.43
C THR I 1010 -13.03 -3.26 39.62
N VAL I 1011 -13.13 -3.77 40.86
CA VAL I 1011 -12.76 -5.17 41.06
C VAL I 1011 -13.71 -6.08 40.30
N GLY I 1012 -15.02 -5.82 40.37
CA GLY I 1012 -15.95 -6.58 39.57
C GLY I 1012 -15.66 -6.51 38.09
N LYS I 1013 -14.96 -5.46 37.65
CA LYS I 1013 -14.50 -5.43 36.27
C LYS I 1013 -13.32 -6.37 36.08
N ALA I 1014 -12.29 -6.24 36.91
CA ALA I 1014 -11.09 -7.06 36.76
C ALA I 1014 -11.43 -8.54 36.92
N TRP I 1015 -12.19 -8.87 37.96
CA TRP I 1015 -12.72 -10.22 38.12
C TRP I 1015 -13.42 -10.68 36.85
N SER I 1016 -14.22 -9.80 36.25
CA SER I 1016 -14.92 -10.16 35.02
C SER I 1016 -13.92 -10.51 33.92
N GLN I 1017 -12.84 -9.74 33.81
CA GLN I 1017 -11.83 -10.04 32.80
C GLN I 1017 -11.20 -11.40 33.04
N GLN I 1018 -11.18 -11.86 34.29
CA GLN I 1018 -10.66 -13.19 34.63
C GLN I 1018 -11.77 -14.22 34.82
N ALA I 1019 -13.02 -13.86 34.52
CA ALA I 1019 -14.12 -14.81 34.61
C ALA I 1019 -14.65 -15.23 33.25
N GLN I 1020 -14.34 -14.49 32.18
CA GLN I 1020 -14.67 -14.94 30.84
C GLN I 1020 -13.81 -16.12 30.40
N GLN I 1021 -12.68 -16.34 31.09
CA GLN I 1021 -11.84 -17.50 30.81
C GLN I 1021 -12.20 -18.69 31.69
N LEU I 1022 -12.72 -18.44 32.89
CA LEU I 1022 -13.19 -19.53 33.75
C LEU I 1022 -14.41 -20.23 33.17
N PHE I 1023 -15.11 -19.59 32.24
CA PHE I 1023 -16.29 -20.19 31.64
C PHE I 1023 -15.96 -21.38 30.75
N ASN I 1024 -14.72 -21.49 30.28
CA ASN I 1024 -14.33 -22.52 29.34
C ASN I 1024 -13.82 -23.79 30.02
N THR I 1025 -14.02 -23.93 31.32
CA THR I 1025 -13.62 -25.16 32.00
C THR I 1025 -14.55 -26.29 31.58
N PRO I 1026 -14.05 -27.35 30.98
CA PRO I 1026 -14.95 -28.42 30.51
C PRO I 1026 -15.58 -29.17 31.67
N THR I 1027 -16.74 -29.74 31.40
CA THR I 1027 -17.44 -30.55 32.40
C THR I 1027 -16.60 -31.77 32.74
N THR I 1028 -16.58 -32.13 34.02
CA THR I 1028 -15.75 -33.22 34.50
C THR I 1028 -16.60 -34.47 34.67
N VAL I 1029 -16.29 -35.52 33.90
CA VAL I 1029 -17.01 -36.78 33.95
C VAL I 1029 -16.16 -37.78 34.70
N GLU I 1030 -16.73 -38.41 35.72
CA GLU I 1030 -15.99 -39.32 36.59
C GLU I 1030 -16.70 -40.66 36.63
N VAL I 1031 -15.97 -41.72 36.31
CA VAL I 1031 -16.47 -43.09 36.41
C VAL I 1031 -15.72 -43.75 37.56
N TYR I 1032 -16.47 -44.29 38.52
CA TYR I 1032 -15.88 -44.77 39.76
C TYR I 1032 -15.20 -46.12 39.54
N SER I 1033 -14.68 -46.69 40.63
CA SER I 1033 -13.87 -47.90 40.59
C SER I 1033 -14.65 -49.14 41.01
N GLY I 1034 -15.97 -49.05 41.14
CA GLY I 1034 -16.77 -50.23 41.36
C GLY I 1034 -17.75 -50.41 40.21
N THR I 1035 -17.66 -49.54 39.22
CA THR I 1035 -18.63 -49.47 38.13
C THR I 1035 -18.46 -50.68 37.22
N GLY I 1036 -19.33 -51.67 37.38
CA GLY I 1036 -19.35 -52.77 36.45
C GLY I 1036 -19.91 -52.33 35.10
N LEU I 1037 -19.23 -52.75 34.04
CA LEU I 1037 -19.63 -52.38 32.69
C LEU I 1037 -19.67 -53.64 31.83
N GLY I 1038 -20.19 -53.49 30.61
CA GLY I 1038 -20.11 -54.52 29.61
C GLY I 1038 -19.07 -54.11 28.59
N ILE I 1039 -18.49 -55.09 27.90
CA ILE I 1039 -17.46 -54.84 26.90
C ILE I 1039 -17.96 -55.46 25.60
N LEU I 1040 -18.06 -54.63 24.56
CA LEU I 1040 -18.54 -55.02 23.25
C LEU I 1040 -17.36 -54.99 22.29
N PHE I 1041 -17.07 -56.13 21.67
CA PHE I 1041 -15.92 -56.25 20.78
C PHE I 1041 -16.36 -55.94 19.36
N THR I 1042 -15.82 -54.85 18.80
CA THR I 1042 -16.20 -54.41 17.46
C THR I 1042 -15.40 -55.08 16.36
N GLN I 1043 -14.48 -55.98 16.69
CA GLN I 1043 -13.72 -56.69 15.68
C GLN I 1043 -13.28 -58.05 16.23
N ASP I 1044 -12.98 -58.96 15.31
CA ASP I 1044 -12.63 -60.33 15.70
C ASP I 1044 -11.35 -60.34 16.52
N VAL I 1045 -11.32 -61.23 17.51
CA VAL I 1045 -10.17 -61.39 18.39
C VAL I 1045 -9.66 -62.83 18.25
N THR I 1046 -8.40 -62.97 17.85
CA THR I 1046 -7.81 -64.29 17.66
C THR I 1046 -6.57 -64.48 18.54
N ILE J 862 8.80 -62.06 35.31
CA ILE J 862 8.04 -61.35 34.29
C ILE J 862 6.88 -60.60 34.94
N ILE J 863 6.38 -59.58 34.25
CA ILE J 863 5.24 -58.80 34.69
C ILE J 863 4.27 -58.65 33.54
N LYS J 864 3.04 -59.11 33.72
CA LYS J 864 2.02 -59.01 32.69
C LYS J 864 1.40 -57.61 32.68
N THR J 865 0.72 -57.30 31.58
CA THR J 865 0.04 -56.01 31.45
C THR J 865 -1.15 -55.97 32.39
N GLY J 866 -1.31 -54.85 33.09
CA GLY J 866 -2.37 -54.69 34.05
C GLY J 866 -2.05 -55.15 35.45
N ASP J 867 -0.86 -55.72 35.67
CA ASP J 867 -0.49 -56.18 37.00
C ASP J 867 -0.23 -54.98 37.90
N ILE J 868 -0.93 -54.92 39.02
CA ILE J 868 -0.80 -53.84 39.98
C ILE J 868 0.07 -54.33 41.14
N MET J 869 1.17 -53.63 41.39
CA MET J 869 1.98 -53.92 42.57
C MET J 869 2.16 -52.65 43.39
N PHE J 870 2.10 -52.80 44.71
CA PHE J 870 2.07 -51.65 45.60
C PHE J 870 3.48 -51.17 45.91
N ALA J 871 3.72 -49.88 45.72
CA ALA J 871 5.01 -49.27 45.97
C ALA J 871 4.81 -48.00 46.77
N VAL J 872 5.66 -47.79 47.77
CA VAL J 872 5.60 -46.56 48.56
C VAL J 872 6.53 -45.53 47.96
N LEU J 873 6.09 -44.28 47.93
CA LEU J 873 6.92 -43.19 47.46
C LEU J 873 7.98 -42.87 48.50
N ASP J 874 9.14 -42.43 48.02
CA ASP J 874 10.18 -41.95 48.93
C ASP J 874 10.88 -40.72 48.37
N THR J 875 10.25 -40.01 47.44
CA THR J 875 10.75 -38.72 46.96
C THR J 875 9.54 -37.83 46.75
N SER J 876 9.30 -36.93 47.70
CA SER J 876 8.17 -36.01 47.59
C SER J 876 8.31 -35.15 46.33
N VAL J 877 7.21 -35.00 45.60
CA VAL J 877 7.22 -34.33 44.31
C VAL J 877 6.29 -33.12 44.36
N ASN J 878 6.77 -32.00 43.85
CA ASN J 878 6.02 -30.76 43.75
C ASN J 878 5.83 -30.42 42.28
N SER J 879 4.67 -29.86 41.96
CA SER J 879 4.28 -29.72 40.56
C SER J 879 5.23 -28.82 39.78
N ASP J 880 5.65 -27.71 40.37
CA ASP J 880 6.41 -26.69 39.65
C ASP J 880 7.91 -26.92 39.72
N GLU J 881 8.35 -28.06 40.26
CA GLU J 881 9.78 -28.41 40.32
C GLU J 881 9.97 -29.71 39.55
N PRO J 882 10.27 -29.62 38.25
CA PRO J 882 10.49 -30.85 37.47
C PRO J 882 11.68 -31.64 38.00
N GLY J 883 11.55 -32.96 37.98
CA GLY J 883 12.59 -33.84 38.45
C GLY J 883 12.10 -35.27 38.55
N PRO J 884 13.04 -36.22 38.62
CA PRO J 884 12.65 -37.62 38.72
C PRO J 884 12.00 -37.92 40.06
N ILE J 885 11.16 -38.95 40.06
CA ILE J 885 10.47 -39.40 41.25
C ILE J 885 10.76 -40.89 41.44
N LEU J 886 11.12 -41.26 42.66
CA LEU J 886 11.49 -42.63 42.99
C LEU J 886 10.41 -43.28 43.85
N ALA J 887 10.13 -44.54 43.58
CA ALA J 887 9.21 -45.34 44.37
C ALA J 887 9.85 -46.70 44.62
N THR J 888 9.44 -47.35 45.72
CA THR J 888 10.01 -48.63 46.11
C THR J 888 8.89 -49.63 46.31
N ILE J 889 8.91 -50.71 45.51
CA ILE J 889 7.90 -51.75 45.63
C ILE J 889 8.08 -52.45 46.96
N VAL J 890 7.00 -52.63 47.71
CA VAL J 890 7.07 -53.14 49.07
C VAL J 890 6.54 -54.56 49.15
N THR J 891 5.50 -54.87 48.39
CA THR J 891 4.88 -56.19 48.43
C THR J 891 4.91 -56.82 47.04
N GLY J 892 5.22 -58.10 47.01
CA GLY J 892 5.17 -58.89 45.78
C GLY J 892 6.43 -59.70 45.58
N LYS J 893 6.50 -60.34 44.41
CA LYS J 893 7.66 -61.15 44.07
C LYS J 893 8.92 -60.29 43.92
N LEU J 894 8.78 -59.12 43.31
CA LEU J 894 9.88 -58.17 43.16
C LEU J 894 9.77 -57.14 44.29
N LYS J 895 10.14 -57.57 45.49
CA LYS J 895 10.05 -56.75 46.69
C LYS J 895 11.36 -55.97 46.85
N GLY J 896 11.29 -54.65 46.69
CA GLY J 896 12.43 -53.78 46.88
C GLY J 896 12.95 -53.15 45.61
N SER J 897 12.33 -53.42 44.46
CA SER J 897 12.75 -52.79 43.21
C SER J 897 12.53 -51.29 43.27
N LYS J 898 13.38 -50.55 42.56
CA LYS J 898 13.34 -49.10 42.56
C LYS J 898 12.78 -48.61 41.23
N LEU J 899 11.65 -47.90 41.28
CA LEU J 899 10.98 -47.36 40.11
C LEU J 899 11.34 -45.89 39.97
N ILE J 900 11.95 -45.53 38.85
CA ILE J 900 12.27 -44.15 38.52
C ILE J 900 11.31 -43.68 37.45
N GLY J 901 10.65 -42.55 37.70
CA GLY J 901 9.71 -42.02 36.74
C GLY J 901 9.60 -40.51 36.79
N SER J 902 8.55 -39.97 36.16
CA SER J 902 8.32 -38.53 36.15
C SER J 902 6.85 -38.24 36.43
N PHE J 903 6.44 -36.99 36.29
CA PHE J 903 5.07 -36.59 36.51
C PHE J 903 4.63 -35.66 35.38
N ASN J 904 3.34 -35.34 35.37
CA ASN J 904 2.78 -34.44 34.35
C ASN J 904 1.47 -33.90 34.86
N LEU J 905 1.40 -32.59 35.06
CA LEU J 905 0.14 -31.93 35.41
C LEU J 905 -0.64 -31.64 34.14
N PRO J 906 -1.85 -32.16 33.99
CA PRO J 906 -2.59 -32.01 32.72
C PRO J 906 -3.18 -30.63 32.48
N SER J 907 -2.78 -29.61 33.25
CA SER J 907 -3.09 -28.20 33.05
C SER J 907 -4.56 -27.86 33.27
N ASN J 908 -5.41 -28.83 33.61
CA ASN J 908 -6.80 -28.53 33.91
C ASN J 908 -7.29 -29.35 35.10
N ALA J 909 -6.41 -30.03 35.82
CA ALA J 909 -6.78 -30.91 36.89
C ALA J 909 -6.03 -30.56 38.17
N ASP J 910 -6.60 -30.98 39.30
CA ASP J 910 -6.00 -30.76 40.60
C ASP J 910 -5.04 -31.86 41.01
N LYS J 911 -4.90 -32.92 40.21
CA LYS J 911 -4.00 -34.01 40.51
C LYS J 911 -3.15 -34.32 39.28
N MET J 912 -1.94 -34.80 39.51
CA MET J 912 -0.97 -35.05 38.45
C MET J 912 -0.68 -36.54 38.32
N VAL J 913 -0.29 -36.94 37.12
CA VAL J 913 -0.12 -38.34 36.77
C VAL J 913 1.36 -38.70 36.83
N ILE J 914 1.69 -39.72 37.60
CA ILE J 914 3.07 -40.19 37.75
C ILE J 914 3.28 -41.37 36.82
N THR J 915 4.19 -41.23 35.87
CA THR J 915 4.51 -42.30 34.93
C THR J 915 5.92 -42.80 35.23
N PHE J 916 6.03 -44.08 35.56
CA PHE J 916 7.32 -44.69 35.86
C PHE J 916 7.88 -45.36 34.62
N ASN J 917 9.14 -45.07 34.30
CA ASN J 917 9.74 -45.55 33.06
C ASN J 917 11.11 -46.18 33.24
N THR J 918 11.51 -46.53 34.47
CA THR J 918 12.72 -47.31 34.67
C THR J 918 12.53 -48.14 35.93
N MET J 919 12.94 -49.40 35.87
CA MET J 919 12.80 -50.29 37.02
C MET J 919 14.11 -50.99 37.30
N SER J 920 14.55 -50.95 38.56
CA SER J 920 15.79 -51.57 39.00
C SER J 920 15.43 -52.68 39.98
N ILE J 921 15.46 -53.91 39.50
CA ILE J 921 15.16 -55.08 40.33
C ILE J 921 16.42 -55.44 41.13
N PRO J 922 16.31 -55.68 42.44
CA PRO J 922 17.48 -56.09 43.21
C PRO J 922 17.97 -57.46 42.77
N GLY J 923 19.22 -57.51 42.32
CA GLY J 923 19.81 -58.71 41.78
C GLY J 923 19.89 -58.74 40.26
N ALA J 924 19.17 -57.86 39.58
CA ALA J 924 19.25 -57.78 38.13
C ALA J 924 20.60 -57.21 37.72
N GLU J 925 21.06 -57.60 36.53
CA GLU J 925 22.32 -57.08 36.03
C GLU J 925 22.23 -55.58 35.76
N LYS J 926 21.13 -55.13 35.16
CA LYS J 926 20.96 -53.72 34.83
C LYS J 926 19.50 -53.34 35.08
N THR J 927 19.18 -52.09 34.79
CA THR J 927 17.82 -51.58 34.94
C THR J 927 17.11 -51.64 33.60
N ILE J 928 15.89 -52.16 33.62
CA ILE J 928 15.13 -52.39 32.41
C ILE J 928 14.22 -51.20 32.14
N SER J 929 14.12 -50.81 30.87
CA SER J 929 13.10 -49.84 30.48
C SER J 929 11.73 -50.43 30.70
N ILE J 930 10.76 -49.57 31.01
CA ILE J 930 9.45 -50.03 31.48
C ILE J 930 8.41 -48.96 31.18
N SER J 931 7.15 -49.38 31.17
CA SER J 931 6.01 -48.48 31.04
C SER J 931 5.07 -48.75 32.19
N ALA J 932 4.76 -47.72 32.97
CA ALA J 932 3.92 -47.90 34.14
C ALA J 932 3.27 -46.57 34.49
N TYR J 933 2.18 -46.66 35.25
CA TYR J 933 1.48 -45.50 35.77
C TYR J 933 1.22 -45.72 37.25
N ALA J 934 1.14 -44.62 38.00
CA ALA J 934 0.94 -44.68 39.43
C ALA J 934 -0.51 -44.33 39.74
N ILE J 935 -1.21 -45.27 40.36
CA ILE J 935 -2.59 -45.08 40.78
C ILE J 935 -2.62 -44.89 42.29
N ASP J 936 -3.67 -44.23 42.76
CA ASP J 936 -3.78 -43.81 44.15
C ASP J 936 -4.79 -44.70 44.86
N PRO J 937 -4.36 -45.57 45.77
CA PRO J 937 -5.34 -46.38 46.50
C PRO J 937 -6.27 -45.51 47.33
N ASN J 938 -7.43 -46.08 47.66
CA ASN J 938 -8.59 -45.43 48.27
C ASN J 938 -9.34 -44.56 47.28
N THR J 939 -8.82 -44.36 46.07
CA THR J 939 -9.53 -43.65 45.02
C THR J 939 -9.45 -44.44 43.72
N ALA J 940 -8.37 -45.22 43.59
CA ALA J 940 -8.07 -46.06 42.42
C ALA J 940 -7.81 -45.23 41.17
N ARG J 941 -7.86 -43.91 41.29
CA ARG J 941 -7.58 -43.06 40.14
C ARG J 941 -6.10 -43.10 39.79
N THR J 942 -5.79 -42.85 38.51
CA THR J 942 -4.40 -42.86 38.05
C THR J 942 -3.66 -41.58 38.37
N ALA J 943 -4.18 -40.75 39.29
CA ALA J 943 -3.57 -39.47 39.61
C ALA J 943 -3.31 -39.38 41.11
N LEU J 944 -2.20 -38.75 41.46
CA LEU J 944 -1.77 -38.60 42.84
C LEU J 944 -1.81 -37.13 43.24
N ALA J 945 -2.31 -36.86 44.44
CA ALA J 945 -2.28 -35.51 44.99
C ALA J 945 -2.47 -35.61 46.50
N SER J 946 -1.45 -35.23 47.26
CA SER J 946 -1.56 -35.15 48.71
C SER J 946 -1.88 -33.74 49.20
N ARG J 947 -1.59 -32.72 48.40
CA ARG J 947 -1.95 -31.34 48.74
C ARG J 947 -2.02 -30.54 47.45
N THR J 948 -3.21 -30.02 47.15
CA THR J 948 -3.43 -29.21 45.95
C THR J 948 -3.60 -27.76 46.38
N ASN J 949 -2.80 -26.87 45.80
CA ASN J 949 -2.74 -25.48 46.23
C ASN J 949 -3.07 -24.58 45.04
N HIS J 950 -4.29 -24.06 45.01
CA HIS J 950 -4.63 -22.92 44.18
C HIS J 950 -4.32 -21.67 44.99
N HIS J 951 -3.62 -20.72 44.37
CA HIS J 951 -3.14 -19.54 45.07
C HIS J 951 -4.28 -18.53 45.18
N TYR J 952 -5.15 -18.77 46.17
CA TYR J 952 -6.34 -17.94 46.32
C TYR J 952 -6.04 -16.58 46.94
N LEU J 953 -5.05 -16.49 47.83
CA LEU J 953 -4.71 -15.22 48.44
C LEU J 953 -3.69 -14.43 47.63
N MET J 954 -2.97 -15.07 46.72
CA MET J 954 -1.98 -14.39 45.90
C MET J 954 -2.52 -14.01 44.52
N ARG J 955 -3.49 -14.77 44.00
CA ARG J 955 -4.11 -14.44 42.73
C ARG J 955 -5.39 -13.63 42.91
N TYR J 956 -6.23 -14.01 43.86
CA TYR J 956 -7.47 -13.29 44.11
C TYR J 956 -7.32 -12.23 45.19
N GLY J 957 -6.36 -12.39 46.11
CA GLY J 957 -6.08 -11.36 47.08
C GLY J 957 -5.31 -10.19 46.52
N SER J 958 -4.74 -10.32 45.33
CA SER J 958 -4.08 -9.22 44.64
C SER J 958 -4.87 -8.71 43.45
N LEU J 959 -5.81 -9.50 42.93
CA LEU J 959 -6.72 -9.02 41.90
C LEU J 959 -7.85 -8.19 42.49
N PHE J 960 -8.21 -8.45 43.74
CA PHE J 960 -9.28 -7.72 44.39
C PHE J 960 -8.78 -6.50 45.15
N ALA J 961 -7.63 -6.63 45.82
CA ALA J 961 -7.11 -5.51 46.60
C ALA J 961 -6.62 -4.38 45.70
N SER J 962 -5.87 -4.72 44.64
CA SER J 962 -5.35 -3.69 43.75
C SER J 962 -6.46 -2.97 43.00
N SER J 963 -7.39 -3.75 42.44
CA SER J 963 -8.51 -3.15 41.72
C SER J 963 -9.42 -2.36 42.66
N PHE J 964 -9.59 -2.84 43.90
CA PHE J 964 -10.38 -2.08 44.86
C PHE J 964 -9.71 -0.77 45.22
N LEU J 965 -8.38 -0.77 45.36
CA LEU J 965 -7.68 0.49 45.58
C LEU J 965 -7.86 1.43 44.40
N GLN J 966 -7.78 0.90 43.18
CA GLN J 966 -7.96 1.73 42.00
C GLN J 966 -9.36 2.32 41.94
N GLY J 967 -10.37 1.54 42.30
CA GLY J 967 -11.74 2.03 42.24
C GLY J 967 -12.18 2.83 43.44
N PHE J 968 -11.49 2.71 44.56
CA PHE J 968 -11.78 3.48 45.75
C PHE J 968 -11.02 4.80 45.80
N GLY J 969 -9.93 4.89 45.05
CA GLY J 969 -9.22 6.15 44.92
C GLY J 969 -9.85 7.03 43.86
N ASN J 970 -10.11 6.46 42.68
CA ASN J 970 -10.78 7.20 41.62
C ASN J 970 -12.17 7.66 42.03
N ALA J 971 -12.81 6.95 42.97
CA ALA J 971 -14.12 7.38 43.45
C ALA J 971 -14.03 8.62 44.31
N PHE J 972 -12.90 8.81 45.00
CA PHE J 972 -12.68 10.05 45.74
C PHE J 972 -12.21 11.18 44.85
N GLN J 973 -11.61 10.87 43.70
CA GLN J 973 -11.15 11.90 42.78
C GLN J 973 -12.32 12.73 42.26
N SER J 974 -13.43 12.08 41.90
CA SER J 974 -14.60 12.75 41.36
C SER J 974 -15.72 12.87 42.38
N ALA J 975 -15.38 13.07 43.66
CA ALA J 975 -16.39 13.12 44.69
C ALA J 975 -17.02 14.51 44.78
N ASN J 976 -16.24 15.52 45.15
CA ASN J 976 -16.76 16.87 45.31
C ASN J 976 -16.45 17.78 44.13
N THR J 977 -15.95 17.22 43.03
CA THR J 977 -15.62 17.99 41.85
C THR J 977 -16.82 18.06 40.92
N THR J 978 -16.60 18.58 39.71
CA THR J 978 -17.68 18.70 38.72
C THR J 978 -17.59 17.58 37.68
N ASN J 994 -13.67 21.43 41.78
CA ASN J 994 -12.80 20.83 42.80
C ASN J 994 -12.47 21.84 43.87
N GLY J 995 -13.23 21.82 44.97
CA GLY J 995 -13.00 22.73 46.09
C GLY J 995 -11.87 22.21 46.97
N VAL J 996 -11.70 22.84 48.13
CA VAL J 996 -10.64 22.44 49.05
C VAL J 996 -11.02 21.16 49.76
N ARG J 997 -10.10 20.20 49.78
CA ARG J 997 -10.30 18.93 50.46
C ARG J 997 -9.13 18.64 51.38
N ARG J 998 -9.38 17.80 52.38
CA ARG J 998 -8.38 17.54 53.40
C ARG J 998 -7.19 16.77 52.83
N SER J 999 -6.07 16.83 53.54
CA SER J 999 -4.86 16.18 53.08
C SER J 999 -5.00 14.66 53.08
N THR J 1000 -5.80 14.10 54.00
CA THR J 1000 -6.05 12.67 54.00
C THR J 1000 -7.02 12.26 52.91
N LEU J 1001 -7.89 13.17 52.46
CA LEU J 1001 -8.76 12.89 51.34
C LEU J 1001 -7.99 12.76 50.03
N GLU J 1002 -6.70 13.12 50.03
CA GLU J 1002 -5.80 12.88 48.91
C GLU J 1002 -4.66 11.94 49.25
N ASN J 1003 -4.35 11.74 50.54
CA ASN J 1003 -3.26 10.85 50.92
C ASN J 1003 -3.68 9.40 50.86
N ALA J 1004 -4.63 9.00 51.71
CA ALA J 1004 -4.95 7.60 51.90
C ALA J 1004 -6.08 7.12 51.01
N VAL J 1005 -6.61 7.96 50.13
CA VAL J 1005 -7.64 7.49 49.21
C VAL J 1005 -7.28 7.80 47.76
N ILE J 1006 -7.17 9.08 47.41
CA ILE J 1006 -6.92 9.43 46.01
C ILE J 1006 -5.51 9.01 45.60
N GLY J 1007 -4.54 9.18 46.49
CA GLY J 1007 -3.19 8.73 46.19
C GLY J 1007 -3.11 7.23 45.98
N LEU J 1008 -4.01 6.48 46.61
CA LEU J 1008 -4.05 5.04 46.44
C LEU J 1008 -4.61 4.61 45.09
N ALA J 1009 -5.25 5.52 44.35
CA ALA J 1009 -5.77 5.16 43.04
C ALA J 1009 -4.64 4.81 42.07
N THR J 1010 -3.54 5.57 42.10
CA THR J 1010 -2.45 5.33 41.16
C THR J 1010 -1.71 4.04 41.49
N VAL J 1011 -1.36 3.85 42.77
CA VAL J 1011 -0.61 2.64 43.14
C VAL J 1011 -1.43 1.41 42.82
N GLY J 1012 -2.73 1.44 43.12
CA GLY J 1012 -3.59 0.35 42.70
C GLY J 1012 -3.53 0.11 41.21
N LYS J 1013 -3.58 1.19 40.41
CA LYS J 1013 -3.48 1.04 38.98
C LYS J 1013 -2.18 0.38 38.57
N ALA J 1014 -1.10 0.63 39.31
CA ALA J 1014 0.15 -0.09 39.04
C ALA J 1014 0.05 -1.53 39.49
N TRP J 1015 -0.50 -1.75 40.70
CA TRP J 1015 -0.54 -3.09 41.26
C TRP J 1015 -1.40 -4.01 40.40
N SER J 1016 -2.55 -3.52 39.95
CA SER J 1016 -3.38 -4.30 39.04
C SER J 1016 -2.61 -4.65 37.77
N GLN J 1017 -1.79 -3.72 37.28
CA GLN J 1017 -0.98 -4.01 36.10
C GLN J 1017 -0.04 -5.19 36.34
N GLN J 1018 0.42 -5.36 37.58
CA GLN J 1018 1.25 -6.50 37.94
C GLN J 1018 0.45 -7.60 38.63
N ALA J 1019 -0.87 -7.51 38.62
CA ALA J 1019 -1.72 -8.56 39.18
C ALA J 1019 -2.35 -9.43 38.11
N GLN J 1020 -2.52 -8.92 36.89
CA GLN J 1020 -2.99 -9.76 35.79
C GLN J 1020 -2.01 -10.87 35.47
N GLN J 1021 -0.71 -10.52 35.42
CA GLN J 1021 0.30 -11.54 35.14
C GLN J 1021 0.44 -12.51 36.30
N LEU J 1022 0.22 -12.04 37.53
CA LEU J 1022 0.35 -12.90 38.69
C LEU J 1022 -0.81 -13.90 38.77
N PHE J 1023 -1.93 -13.60 38.12
CA PHE J 1023 -3.06 -14.51 38.12
C PHE J 1023 -2.76 -15.84 37.45
N ASN J 1024 -1.80 -15.87 36.54
CA ASN J 1024 -1.52 -17.05 35.73
C ASN J 1024 -0.58 -18.04 36.40
N THR J 1025 -0.39 -17.95 37.70
CA THR J 1025 0.41 -18.94 38.40
C THR J 1025 -0.36 -20.25 38.49
N PRO J 1026 0.15 -21.34 37.92
CA PRO J 1026 -0.58 -22.60 37.97
C PRO J 1026 -0.68 -23.16 39.38
N THR J 1027 -1.74 -23.92 39.62
CA THR J 1027 -1.90 -24.59 40.91
C THR J 1027 -0.78 -25.59 41.11
N THR J 1028 -0.32 -25.72 42.35
CA THR J 1028 0.78 -26.63 42.67
C THR J 1028 0.22 -27.88 43.33
N VAL J 1029 0.58 -29.03 42.78
CA VAL J 1029 0.15 -30.32 43.30
C VAL J 1029 1.36 -31.00 43.93
N GLU J 1030 1.20 -31.44 45.18
CA GLU J 1030 2.30 -32.04 45.93
C GLU J 1030 1.88 -33.41 46.41
N VAL J 1031 2.68 -34.42 46.06
CA VAL J 1031 2.52 -35.78 46.58
C VAL J 1031 3.63 -36.01 47.58
N TYR J 1032 3.26 -36.37 48.81
CA TYR J 1032 4.24 -36.49 49.87
C TYR J 1032 5.08 -37.75 49.70
N SER J 1033 6.03 -37.94 50.61
CA SER J 1033 7.00 -39.01 50.50
C SER J 1033 6.66 -40.23 51.34
N GLY J 1034 5.45 -40.27 51.91
CA GLY J 1034 4.99 -41.48 52.58
C GLY J 1034 3.85 -42.10 51.82
N THR J 1035 3.46 -41.46 50.72
CA THR J 1035 2.31 -41.88 49.93
C THR J 1035 2.60 -43.25 49.32
N GLY J 1036 1.88 -44.27 49.76
CA GLY J 1036 2.01 -45.59 49.19
C GLY J 1036 1.01 -45.79 48.07
N LEU J 1037 1.47 -45.73 46.83
CA LEU J 1037 0.61 -45.83 45.67
C LEU J 1037 0.70 -47.24 45.09
N GLY J 1038 -0.09 -47.49 44.06
CA GLY J 1038 -0.02 -48.73 43.30
C GLY J 1038 0.57 -48.44 41.95
N ILE J 1039 1.19 -49.44 41.34
CA ILE J 1039 1.82 -49.30 40.04
C ILE J 1039 1.14 -50.25 39.08
N LEU J 1040 0.63 -49.71 37.98
CA LEU J 1040 -0.06 -50.45 36.93
C LEU J 1040 0.80 -50.40 35.67
N PHE J 1041 1.16 -51.56 35.16
CA PHE J 1041 2.03 -51.66 33.99
C PHE J 1041 1.18 -51.78 32.73
N THR J 1042 1.35 -50.84 31.82
CA THR J 1042 0.58 -50.83 30.58
C THR J 1042 1.23 -51.65 29.48
N GLN J 1043 2.35 -52.31 29.74
CA GLN J 1043 3.01 -53.14 28.75
C GLN J 1043 3.83 -54.21 29.45
N ASP J 1044 4.19 -55.24 28.69
CA ASP J 1044 4.89 -56.39 29.24
C ASP J 1044 6.30 -56.00 29.68
N VAL J 1045 6.88 -56.84 30.54
CA VAL J 1045 8.21 -56.63 31.09
C VAL J 1045 9.10 -57.78 30.63
N THR J 1046 10.29 -57.45 30.13
CA THR J 1046 11.25 -58.44 29.66
C THR J 1046 11.58 -59.47 30.72
N ILE K 862 30.15 -50.31 41.41
CA ILE K 862 28.92 -50.13 40.66
C ILE K 862 27.93 -49.31 41.48
N ILE K 863 26.99 -48.68 40.80
CA ILE K 863 25.91 -47.94 41.44
C ILE K 863 24.64 -48.14 40.64
N LYS K 864 23.62 -48.72 41.26
CA LYS K 864 22.36 -48.97 40.59
C LYS K 864 21.57 -47.67 40.46
N THR K 865 20.56 -47.71 39.59
CA THR K 865 19.63 -46.59 39.46
C THR K 865 18.68 -46.58 40.66
N GLY K 866 18.50 -45.40 41.25
CA GLY K 866 17.71 -45.26 42.45
C GLY K 866 18.49 -45.33 43.74
N ASP K 867 19.78 -45.68 43.68
CA ASP K 867 20.59 -45.72 44.89
C ASP K 867 20.83 -44.32 45.42
N ILE K 868 20.61 -44.14 46.72
CA ILE K 868 20.76 -42.86 47.37
C ILE K 868 21.99 -42.93 48.28
N MET K 869 22.97 -42.07 48.00
CA MET K 869 24.13 -41.90 48.86
C MET K 869 24.11 -40.49 49.44
N PHE K 870 24.33 -40.39 50.74
CA PHE K 870 24.20 -39.11 51.43
C PHE K 870 25.48 -38.30 51.26
N ALA K 871 25.33 -37.05 50.83
CA ALA K 871 26.43 -36.15 50.62
C ALA K 871 26.31 -34.96 51.57
N VAL K 872 27.31 -34.09 51.54
CA VAL K 872 27.27 -32.79 52.20
C VAL K 872 27.72 -31.75 51.19
N LEU K 873 26.96 -30.68 51.08
CA LEU K 873 27.34 -29.58 50.21
C LEU K 873 28.46 -28.79 50.88
N ASP K 874 29.52 -28.50 50.14
CA ASP K 874 30.64 -27.73 50.65
C ASP K 874 30.93 -26.50 49.78
N THR K 875 30.03 -26.19 48.86
CA THR K 875 30.12 -24.97 48.04
C THR K 875 28.73 -24.34 48.03
N SER K 876 28.56 -23.26 48.78
CA SER K 876 27.27 -22.59 48.83
C SER K 876 26.90 -22.07 47.46
N VAL K 877 25.62 -22.19 47.11
CA VAL K 877 25.15 -21.83 45.79
C VAL K 877 24.16 -20.68 45.91
N ASN K 878 24.06 -19.89 44.85
CA ASN K 878 23.12 -18.79 44.76
C ASN K 878 22.52 -18.80 43.36
N SER K 879 21.21 -18.59 43.27
CA SER K 879 20.53 -18.70 41.99
C SER K 879 20.97 -17.62 41.02
N ASP K 880 21.41 -16.47 41.54
CA ASP K 880 21.78 -15.36 40.67
C ASP K 880 23.10 -15.60 39.95
N GLU K 881 24.01 -16.37 40.52
CA GLU K 881 25.35 -16.57 39.97
C GLU K 881 25.51 -18.01 39.50
N PRO K 882 25.45 -18.28 38.19
CA PRO K 882 25.71 -19.63 37.72
C PRO K 882 27.15 -20.04 38.02
N GLY K 883 27.32 -21.33 38.36
CA GLY K 883 28.62 -21.85 38.68
C GLY K 883 28.56 -23.31 39.10
N PRO K 884 29.72 -23.95 39.18
CA PRO K 884 29.74 -25.37 39.57
C PRO K 884 29.40 -25.54 41.04
N ILE K 885 28.90 -26.73 41.36
CA ILE K 885 28.51 -27.11 42.71
C ILE K 885 29.29 -28.36 43.08
N LEU K 886 29.94 -28.33 44.24
CA LEU K 886 30.70 -29.46 44.74
C LEU K 886 30.02 -30.05 45.97
N ALA K 887 29.92 -31.37 46.00
CA ALA K 887 29.36 -32.07 47.14
C ALA K 887 30.21 -33.28 47.48
N THR K 888 30.49 -33.49 48.75
CA THR K 888 31.35 -34.58 49.19
C THR K 888 30.50 -35.66 49.84
N ILE K 889 30.61 -36.89 49.34
CA ILE K 889 29.84 -37.99 49.90
C ILE K 889 30.45 -38.40 51.23
N VAL K 890 29.61 -38.54 52.25
CA VAL K 890 30.08 -38.81 53.61
C VAL K 890 29.90 -40.27 53.99
N THR K 891 28.74 -40.86 53.70
CA THR K 891 28.45 -42.24 54.08
C THR K 891 28.30 -43.10 52.84
N GLY K 892 28.83 -44.32 52.93
CA GLY K 892 28.70 -45.32 51.89
C GLY K 892 30.03 -45.98 51.58
N LYS K 893 29.98 -46.89 50.61
CA LYS K 893 31.18 -47.57 50.16
C LYS K 893 32.09 -46.66 49.33
N LEU K 894 31.59 -45.53 48.85
CA LEU K 894 32.38 -44.51 48.17
C LEU K 894 32.37 -43.28 49.06
N LYS K 895 33.28 -43.25 50.03
CA LYS K 895 33.32 -42.20 51.02
C LYS K 895 34.39 -41.18 50.65
N GLY K 896 33.97 -39.95 50.43
CA GLY K 896 34.89 -38.89 50.07
C GLY K 896 34.93 -38.53 48.61
N SER K 897 34.08 -39.14 47.78
CA SER K 897 34.03 -38.77 46.37
C SER K 897 33.50 -37.36 46.20
N LYS K 898 33.89 -36.72 45.11
CA LYS K 898 33.54 -35.33 44.84
C LYS K 898 32.56 -35.29 43.67
N LEU K 899 31.35 -34.81 43.93
CA LEU K 899 30.31 -34.68 42.92
C LEU K 899 30.31 -33.23 42.44
N ILE K 900 30.48 -33.05 41.13
CA ILE K 900 30.42 -31.75 40.48
C ILE K 900 29.13 -31.69 39.68
N GLY K 901 28.33 -30.66 39.94
CA GLY K 901 27.06 -30.51 39.27
C GLY K 901 26.65 -29.06 39.09
N SER K 902 25.38 -28.84 38.72
CA SER K 902 24.87 -27.50 38.46
C SER K 902 23.51 -27.38 39.12
N PHE K 903 22.82 -26.28 38.83
CA PHE K 903 21.48 -26.04 39.37
C PHE K 903 20.60 -25.50 38.26
N ASN K 904 19.31 -25.34 38.60
CA ASN K 904 18.34 -24.79 37.66
C ASN K 904 17.11 -24.35 38.43
N LEU K 905 16.77 -23.07 38.34
CA LEU K 905 15.54 -22.56 38.90
C LEU K 905 14.41 -22.76 37.91
N PRO K 906 13.33 -23.46 38.26
CA PRO K 906 12.27 -23.74 37.27
C PRO K 906 11.43 -22.52 36.92
N SER K 907 11.84 -21.34 37.37
CA SER K 907 11.24 -20.04 37.05
C SER K 907 9.85 -19.87 37.64
N ASN K 908 9.32 -20.86 38.35
CA ASN K 908 8.03 -20.71 39.02
C ASN K 908 8.02 -21.34 40.41
N ALA K 909 9.19 -21.71 40.94
CA ALA K 909 9.27 -22.43 42.20
C ALA K 909 10.23 -21.71 43.15
N ASP K 910 10.05 -21.97 44.43
CA ASP K 910 10.87 -21.40 45.48
C ASP K 910 12.07 -22.26 45.84
N LYS K 911 12.29 -23.35 45.10
CA LYS K 911 13.43 -24.23 45.32
C LYS K 911 14.16 -24.44 44.00
N MET K 912 15.42 -24.84 44.10
CA MET K 912 16.26 -25.03 42.93
C MET K 912 16.72 -26.49 42.85
N VAL K 913 16.84 -26.99 41.63
CA VAL K 913 17.12 -28.41 41.39
C VAL K 913 18.61 -28.57 41.09
N ILE K 914 19.33 -29.23 41.98
CA ILE K 914 20.75 -29.52 41.81
C ILE K 914 20.88 -30.84 41.07
N THR K 915 21.56 -30.83 39.93
CA THR K 915 21.70 -32.02 39.10
C THR K 915 23.19 -32.31 38.88
N PHE K 916 23.75 -33.14 39.75
CA PHE K 916 25.15 -33.52 39.64
C PHE K 916 25.40 -34.32 38.37
N ASN K 917 26.52 -34.05 37.72
CA ASN K 917 26.84 -34.73 36.46
C ASN K 917 28.29 -35.15 36.33
N THR K 918 29.09 -35.11 37.40
CA THR K 918 30.43 -35.68 37.37
C THR K 918 30.77 -36.19 38.75
N MET K 919 31.49 -37.31 38.81
CA MET K 919 31.86 -37.90 40.10
C MET K 919 33.32 -38.31 40.06
N SER K 920 34.09 -37.84 41.03
CA SER K 920 35.49 -38.19 41.18
C SER K 920 35.64 -39.07 42.42
N ILE K 921 35.89 -40.36 42.19
CA ILE K 921 36.04 -41.34 43.26
C ILE K 921 37.49 -41.35 43.72
N PRO K 922 37.76 -41.30 45.02
CA PRO K 922 39.15 -41.40 45.48
C PRO K 922 39.76 -42.75 45.10
N GLY K 923 40.92 -42.69 44.45
CA GLY K 923 41.57 -43.88 43.95
C GLY K 923 41.24 -44.21 42.51
N ALA K 924 40.24 -43.58 41.92
CA ALA K 924 39.94 -43.79 40.51
C ALA K 924 41.00 -43.12 39.63
N GLU K 925 41.25 -43.72 38.47
CA GLU K 925 42.20 -43.14 37.54
C GLU K 925 41.70 -41.81 36.99
N LYS K 926 40.42 -41.74 36.63
CA LYS K 926 39.84 -40.54 36.04
C LYS K 926 38.45 -40.34 36.61
N THR K 927 37.97 -39.10 36.52
CA THR K 927 36.60 -38.79 36.91
C THR K 927 35.64 -39.31 35.86
N ILE K 928 34.50 -39.79 36.31
CA ILE K 928 33.53 -40.48 35.46
C ILE K 928 32.29 -39.61 35.30
N SER K 929 31.76 -39.56 34.08
CA SER K 929 30.48 -38.92 33.86
C SER K 929 29.39 -39.68 34.58
N ILE K 930 28.34 -38.96 34.99
CA ILE K 930 27.33 -39.51 35.88
C ILE K 930 26.05 -38.72 35.71
N SER K 931 24.94 -39.30 36.15
CA SER K 931 23.65 -38.62 36.15
C SER K 931 23.02 -38.79 37.52
N ALA K 932 22.79 -37.69 38.21
CA ALA K 932 22.24 -37.74 39.56
C ALA K 932 21.58 -36.42 39.89
N TYR K 933 20.63 -36.47 40.81
CA TYR K 933 19.96 -35.29 41.33
C TYR K 933 20.10 -35.25 42.85
N ALA K 934 20.22 -34.04 43.38
CA ALA K 934 20.32 -33.84 44.82
C ALA K 934 18.93 -33.64 45.39
N ILE K 935 18.50 -34.58 46.22
CA ILE K 935 17.22 -34.50 46.93
C ILE K 935 17.49 -34.01 48.34
N ASP K 936 16.61 -33.15 48.83
CA ASP K 936 16.76 -32.56 50.15
C ASP K 936 16.32 -33.55 51.23
N PRO K 937 17.18 -33.95 52.14
CA PRO K 937 16.73 -34.76 53.27
C PRO K 937 15.84 -33.94 54.20
N ASN K 938 15.12 -34.65 55.07
CA ASN K 938 14.12 -34.10 55.99
C ASN K 938 12.88 -33.60 55.26
N THR K 939 12.90 -33.56 53.93
CA THR K 939 11.71 -33.27 53.13
C THR K 939 11.52 -34.23 51.97
N ALA K 940 12.57 -34.92 51.52
CA ALA K 940 12.60 -35.89 50.44
C ALA K 940 12.31 -35.28 49.07
N ARG K 941 12.09 -33.98 48.99
CA ARG K 941 11.86 -33.34 47.69
C ARG K 941 13.14 -33.36 46.87
N THR K 942 12.97 -33.27 45.55
CA THR K 942 14.11 -33.30 44.65
C THR K 942 14.80 -31.95 44.49
N ALA K 943 14.30 -30.90 45.15
CA ALA K 943 14.87 -29.58 45.04
C ALA K 943 15.25 -29.05 46.42
N LEU K 944 16.20 -28.12 46.43
CA LEU K 944 16.78 -27.61 47.67
C LEU K 944 16.69 -26.08 47.72
N ALA K 945 16.49 -25.56 48.93
CA ALA K 945 16.52 -24.12 49.16
C ALA K 945 16.73 -23.89 50.64
N SER K 946 17.88 -23.34 51.02
CA SER K 946 18.11 -22.95 52.40
C SER K 946 17.62 -21.55 52.71
N ARG K 947 17.42 -20.72 51.68
CA ARG K 947 16.84 -19.40 51.86
C ARG K 947 16.30 -18.92 50.52
N THR K 948 14.99 -18.73 50.44
CA THR K 948 14.35 -18.18 49.26
C THR K 948 13.99 -16.72 49.53
N ASN K 949 14.46 -15.84 48.67
CA ASN K 949 14.33 -14.39 48.87
C ASN K 949 13.53 -13.82 47.71
N HIS K 950 12.24 -13.56 47.97
CA HIS K 950 11.47 -12.67 47.12
C HIS K 950 11.73 -11.24 47.58
N HIS K 951 12.04 -10.36 46.62
CA HIS K 951 12.43 -8.99 46.95
C HIS K 951 11.18 -8.14 47.14
N TYR K 952 10.49 -8.41 48.25
CA TYR K 952 9.22 -7.73 48.52
C TYR K 952 9.40 -6.24 48.76
N LEU K 953 10.56 -5.81 49.24
CA LEU K 953 10.81 -4.38 49.42
C LEU K 953 11.40 -3.72 48.19
N MET K 954 12.15 -4.47 47.37
CA MET K 954 12.73 -3.92 46.16
C MET K 954 11.72 -3.76 45.03
N ARG K 955 10.76 -4.68 44.91
CA ARG K 955 9.76 -4.62 43.85
C ARG K 955 8.43 -4.04 44.29
N TYR K 956 7.89 -4.47 45.42
CA TYR K 956 6.65 -3.91 45.93
C TYR K 956 6.85 -2.62 46.70
N GLY K 957 8.03 -2.41 47.29
CA GLY K 957 8.32 -1.13 47.92
C GLY K 957 8.60 -0.03 46.93
N SER K 958 9.03 -0.38 45.72
CA SER K 958 9.20 0.59 44.64
C SER K 958 7.97 0.68 43.74
N LEU K 959 6.96 -0.15 43.97
CA LEU K 959 5.69 -0.06 43.27
C LEU K 959 4.62 0.64 44.09
N PHE K 960 4.66 0.50 45.41
CA PHE K 960 3.69 1.12 46.28
C PHE K 960 4.12 2.49 46.77
N ALA K 961 5.34 2.90 46.48
CA ALA K 961 5.84 4.22 46.85
C ALA K 961 6.14 5.12 45.67
N SER K 962 6.60 4.56 44.56
CA SER K 962 6.79 5.38 43.36
C SER K 962 5.46 5.80 42.76
N SER K 963 4.50 4.89 42.73
CA SER K 963 3.18 5.22 42.20
C SER K 963 2.35 6.04 43.17
N PHE K 964 2.54 5.83 44.48
CA PHE K 964 1.81 6.62 45.47
C PHE K 964 2.19 8.09 45.38
N LEU K 965 3.47 8.38 45.12
CA LEU K 965 3.88 9.76 44.94
C LEU K 965 3.22 10.35 43.69
N GLN K 966 3.07 9.55 42.64
CA GLN K 966 2.40 10.02 41.43
C GLN K 966 0.93 10.33 41.67
N GLY K 967 0.32 9.67 42.65
CA GLY K 967 -1.08 9.92 42.95
C GLY K 967 -1.27 11.00 43.98
N PHE K 968 -0.42 10.99 45.01
CA PHE K 968 -0.46 12.03 46.04
C PHE K 968 -0.08 13.39 45.50
N GLY K 969 0.68 13.45 44.40
CA GLY K 969 1.03 14.70 43.79
C GLY K 969 -0.05 15.21 42.86
N ASN K 970 -0.50 14.36 41.94
CA ASN K 970 -1.59 14.73 41.05
C ASN K 970 -2.88 15.03 41.80
N ALA K 971 -3.04 14.47 43.00
CA ALA K 971 -4.21 14.78 43.81
C ALA K 971 -4.18 16.22 44.29
N PHE K 972 -3.00 16.73 44.64
CA PHE K 972 -2.87 18.13 45.03
C PHE K 972 -2.86 19.05 43.80
N GLN K 973 -2.41 18.53 42.66
CA GLN K 973 -2.36 19.35 41.45
C GLN K 973 -3.75 19.80 41.04
N SER K 974 -4.73 18.89 41.11
CA SER K 974 -6.11 19.20 40.75
C SER K 974 -6.98 19.47 41.98
N ALA K 975 -6.37 19.83 43.11
CA ALA K 975 -7.14 20.08 44.32
C ALA K 975 -8.08 21.26 44.14
N ASN K 976 -7.60 22.33 43.54
CA ASN K 976 -8.41 23.51 43.22
C ASN K 976 -8.19 23.87 41.77
N THR K 977 -9.28 24.11 41.04
CA THR K 977 -9.21 24.43 39.63
C THR K 977 -10.21 25.54 39.30
N THR K 978 -9.92 26.27 38.22
CA THR K 978 -10.77 27.37 37.80
C THR K 978 -12.11 26.87 37.30
N ASN K 994 -4.17 25.67 39.08
CA ASN K 994 -4.79 26.86 38.54
C ASN K 994 -5.33 27.75 39.65
N GLY K 995 -4.70 27.69 40.82
CA GLY K 995 -5.14 28.45 41.97
C GLY K 995 -3.94 28.85 42.81
N VAL K 996 -4.13 29.87 43.64
CA VAL K 996 -3.06 30.35 44.51
C VAL K 996 -2.86 29.36 45.66
N ARG K 997 -1.61 28.90 45.83
CA ARG K 997 -1.30 27.91 46.84
C ARG K 997 0.06 28.22 47.46
N ARG K 998 0.28 27.65 48.64
CA ARG K 998 1.50 27.89 49.39
C ARG K 998 2.68 27.15 48.77
N SER K 999 3.88 27.56 49.16
CA SER K 999 5.10 27.02 48.56
C SER K 999 5.27 25.54 48.84
N THR K 1000 4.99 25.11 50.08
CA THR K 1000 5.15 23.71 50.44
C THR K 1000 4.04 22.84 49.88
N LEU K 1001 2.90 23.43 49.50
CA LEU K 1001 1.86 22.66 48.82
C LEU K 1001 2.35 22.13 47.48
N GLU K 1002 3.38 22.74 46.91
CA GLU K 1002 4.00 22.25 45.69
C GLU K 1002 5.45 21.83 45.88
N ASN K 1003 6.10 22.23 46.99
CA ASN K 1003 7.48 21.84 47.22
C ASN K 1003 7.62 20.34 47.32
N ALA K 1004 7.08 19.76 48.38
CA ALA K 1004 7.22 18.34 48.64
C ALA K 1004 5.95 17.56 48.35
N VAL K 1005 5.00 18.14 47.62
CA VAL K 1005 3.76 17.43 47.34
C VAL K 1005 3.49 17.37 45.84
N ILE K 1006 3.25 18.53 45.21
CA ILE K 1006 2.95 18.53 43.79
C ILE K 1006 4.19 18.21 42.98
N GLY K 1007 5.35 18.72 43.39
CA GLY K 1007 6.58 18.40 42.70
C GLY K 1007 6.97 16.94 42.80
N LEU K 1008 6.38 16.22 43.76
CA LEU K 1008 6.65 14.79 43.89
C LEU K 1008 5.91 13.96 42.85
N ALA K 1009 4.97 14.55 42.10
CA ALA K 1009 4.28 13.81 41.06
C ALA K 1009 5.23 13.36 39.97
N THR K 1010 6.14 14.25 39.56
CA THR K 1010 7.04 13.93 38.46
C THR K 1010 8.09 12.91 38.87
N VAL K 1011 8.65 13.05 40.08
CA VAL K 1011 9.61 12.05 40.55
C VAL K 1011 8.92 10.73 40.78
N GLY K 1012 7.67 10.74 41.23
CA GLY K 1012 6.90 9.52 41.32
C GLY K 1012 6.71 8.86 39.95
N LYS K 1013 6.40 9.67 38.94
CA LYS K 1013 6.22 9.12 37.60
C LYS K 1013 7.51 8.52 37.06
N ALA K 1014 8.64 9.24 37.21
CA ALA K 1014 9.91 8.73 36.73
C ALA K 1014 10.33 7.46 37.48
N TRP K 1015 10.17 7.46 38.81
CA TRP K 1015 10.49 6.29 39.61
C TRP K 1015 9.62 5.11 39.21
N SER K 1016 8.32 5.34 38.98
CA SER K 1016 7.43 4.26 38.55
C SER K 1016 7.85 3.72 37.20
N GLN K 1017 8.23 4.61 36.27
CA GLN K 1017 8.73 4.16 34.98
C GLN K 1017 10.00 3.32 35.16
N GLN K 1018 10.82 3.64 36.14
CA GLN K 1018 12.01 2.87 36.44
C GLN K 1018 11.76 1.74 37.46
N ALA K 1019 10.51 1.54 37.87
CA ALA K 1019 10.18 0.50 38.83
C ALA K 1019 9.43 -0.68 38.24
N GLN K 1020 8.84 -0.53 37.06
CA GLN K 1020 8.27 -1.69 36.37
C GLN K 1020 9.35 -2.69 36.00
N GLN K 1021 10.52 -2.20 35.60
CA GLN K 1021 11.64 -3.11 35.31
C GLN K 1021 12.17 -3.76 36.58
N LEU K 1022 12.07 -3.08 37.72
CA LEU K 1022 12.52 -3.65 38.97
C LEU K 1022 11.61 -4.79 39.43
N PHE K 1023 10.37 -4.84 38.95
CA PHE K 1023 9.44 -5.87 39.37
C PHE K 1023 9.77 -7.24 38.79
N ASN K 1024 10.65 -7.31 37.79
CA ASN K 1024 10.96 -8.56 37.10
C ASN K 1024 12.21 -9.22 37.65
N THR K 1025 12.73 -8.78 38.77
CA THR K 1025 13.90 -9.42 39.36
C THR K 1025 13.53 -10.80 39.86
N PRO K 1026 14.18 -11.87 39.40
CA PRO K 1026 13.81 -13.21 39.85
C PRO K 1026 14.13 -13.42 41.32
N THR K 1027 13.38 -14.32 41.95
CA THR K 1027 13.62 -14.66 43.33
C THR K 1027 14.99 -15.33 43.48
N THR K 1028 15.65 -15.05 44.59
CA THR K 1028 17.01 -15.55 44.83
C THR K 1028 16.93 -16.77 45.75
N VAL K 1029 17.26 -17.94 45.21
CA VAL K 1029 17.27 -19.18 45.97
C VAL K 1029 18.72 -19.49 46.32
N GLU K 1030 18.99 -19.67 47.61
CA GLU K 1030 20.35 -19.89 48.07
C GLU K 1030 20.39 -21.16 48.92
N VAL K 1031 21.30 -22.06 48.57
CA VAL K 1031 21.55 -23.28 49.34
C VAL K 1031 22.91 -23.12 50.00
N TYR K 1032 22.95 -23.28 51.32
CA TYR K 1032 24.16 -23.00 52.07
C TYR K 1032 25.19 -24.10 51.88
N SER K 1033 26.36 -23.92 52.47
CA SER K 1033 27.52 -24.78 52.25
C SER K 1033 27.74 -25.78 53.37
N GLY K 1034 26.71 -26.10 54.14
CA GLY K 1034 26.82 -27.13 55.14
C GLY K 1034 25.65 -28.08 55.11
N THR K 1035 24.76 -27.89 54.14
CA THR K 1035 23.54 -28.67 54.05
C THR K 1035 23.83 -30.06 53.51
N GLY K 1036 23.38 -31.08 54.24
CA GLY K 1036 23.50 -32.43 53.74
C GLY K 1036 22.51 -32.70 52.62
N LEU K 1037 22.86 -33.65 51.77
CA LEU K 1037 22.07 -33.97 50.60
C LEU K 1037 21.79 -35.47 50.56
N GLY K 1038 20.91 -35.85 49.66
CA GLY K 1038 20.84 -37.22 49.16
C GLY K 1038 21.08 -37.15 47.67
N ILE K 1039 21.73 -38.19 47.13
CA ILE K 1039 22.10 -38.20 45.72
C ILE K 1039 21.36 -39.35 45.07
N LEU K 1040 20.29 -39.05 44.35
CA LEU K 1040 19.52 -40.04 43.62
C LEU K 1040 20.12 -40.20 42.23
N PHE K 1041 20.63 -41.40 41.94
CA PHE K 1041 21.27 -41.68 40.66
C PHE K 1041 20.24 -42.21 39.69
N THR K 1042 20.04 -41.48 38.59
CA THR K 1042 19.08 -41.89 37.57
C THR K 1042 19.69 -42.72 36.46
N GLN K 1043 20.98 -43.04 36.55
CA GLN K 1043 21.66 -43.85 35.55
C GLN K 1043 22.62 -44.80 36.23
N ASP K 1044 22.85 -45.96 35.61
CA ASP K 1044 23.83 -46.91 36.11
C ASP K 1044 25.23 -46.34 36.01
N VAL K 1045 26.05 -46.60 37.02
CA VAL K 1045 27.41 -46.08 37.09
C VAL K 1045 28.37 -47.24 36.94
N THR K 1046 29.14 -47.24 35.87
CA THR K 1046 30.12 -48.30 35.61
C THR K 1046 31.53 -47.73 35.49
N ILE L 862 49.48 -34.11 39.71
CA ILE L 862 48.14 -34.16 39.15
C ILE L 862 47.14 -33.49 40.10
N ILE L 863 46.08 -32.92 39.53
CA ILE L 863 45.00 -32.34 40.30
C ILE L 863 43.68 -32.91 39.77
N LYS L 864 42.96 -33.63 40.62
CA LYS L 864 41.71 -34.24 40.23
C LYS L 864 40.57 -33.23 40.29
N THR L 865 39.44 -33.58 39.70
CA THR L 865 38.27 -32.73 39.73
C THR L 865 37.73 -32.63 41.15
N GLY L 866 37.40 -31.40 41.56
CA GLY L 866 36.93 -31.15 42.90
C GLY L 866 38.00 -30.76 43.90
N ASP L 867 39.27 -30.88 43.52
CA ASP L 867 40.35 -30.52 44.45
C ASP L 867 40.39 -29.01 44.64
N ILE L 868 40.40 -28.59 45.90
CA ILE L 868 40.40 -27.17 46.26
C ILE L 868 41.80 -26.81 46.73
N MET L 869 42.40 -25.81 46.09
CA MET L 869 43.70 -25.30 46.49
C MET L 869 43.58 -23.82 46.81
N PHE L 870 44.09 -23.42 47.96
CA PHE L 870 43.92 -22.04 48.42
C PHE L 870 44.96 -21.14 47.76
N ALA L 871 44.49 -20.07 47.13
CA ALA L 871 45.36 -19.16 46.39
C ALA L 871 45.00 -17.72 46.74
N VAL L 872 46.00 -16.88 46.88
CA VAL L 872 45.78 -15.47 47.18
C VAL L 872 45.76 -14.69 45.88
N LEU L 873 44.77 -13.82 45.73
CA LEU L 873 44.74 -12.90 44.61
C LEU L 873 45.83 -11.85 44.81
N ASP L 874 46.42 -11.41 43.70
CA ASP L 874 47.42 -10.34 43.75
C ASP L 874 47.21 -9.34 42.61
N THR L 875 46.04 -9.37 41.98
CA THR L 875 45.68 -8.37 40.98
C THR L 875 44.24 -7.97 41.26
N SER L 876 44.06 -6.77 41.81
CA SER L 876 42.72 -6.28 42.11
C SER L 876 41.91 -6.17 40.82
N VAL L 877 40.62 -6.53 40.91
CA VAL L 877 39.77 -6.58 39.74
C VAL L 877 38.62 -5.60 39.92
N ASN L 878 38.00 -5.23 38.80
CA ASN L 878 36.84 -4.34 38.80
C ASN L 878 35.96 -4.75 37.62
N SER L 879 34.65 -4.76 37.83
CA SER L 879 33.75 -5.26 36.80
C SER L 879 33.65 -4.33 35.60
N ASP L 880 33.99 -3.05 35.75
CA ASP L 880 33.84 -2.12 34.64
C ASP L 880 34.83 -2.39 33.53
N GLU L 881 36.11 -2.55 33.88
CA GLU L 881 37.14 -2.75 32.86
C GLU L 881 37.56 -4.22 32.82
N PRO L 882 37.39 -4.90 31.70
CA PRO L 882 37.76 -6.31 31.60
C PRO L 882 39.26 -6.50 31.41
N GLY L 883 39.87 -7.23 32.33
CA GLY L 883 41.28 -7.55 32.24
C GLY L 883 41.58 -8.91 32.85
N PRO L 884 42.78 -9.41 32.63
CA PRO L 884 43.16 -10.70 33.21
C PRO L 884 43.32 -10.61 34.71
N ILE L 885 43.13 -11.75 35.37
CA ILE L 885 43.21 -11.86 36.82
C ILE L 885 44.31 -12.84 37.16
N LEU L 886 45.22 -12.45 38.05
CA LEU L 886 46.31 -13.30 38.47
C LEU L 886 46.11 -13.71 39.93
N ALA L 887 46.34 -14.98 40.21
CA ALA L 887 46.33 -15.49 41.58
C ALA L 887 47.51 -16.43 41.76
N THR L 888 48.01 -16.50 42.99
CA THR L 888 49.15 -17.36 43.31
C THR L 888 48.77 -18.34 44.39
N ILE L 889 48.99 -19.63 44.14
CA ILE L 889 48.65 -20.65 45.12
C ILE L 889 49.66 -20.61 46.25
N VAL L 890 49.15 -20.60 47.49
CA VAL L 890 50.01 -20.45 48.66
C VAL L 890 50.21 -21.75 49.41
N THR L 891 49.24 -22.67 49.38
CA THR L 891 49.34 -23.92 50.11
C THR L 891 49.17 -25.11 49.16
N GLY L 892 49.89 -26.17 49.44
CA GLY L 892 49.76 -27.42 48.72
C GLY L 892 51.07 -27.89 48.11
N LYS L 893 50.97 -28.98 47.37
CA LYS L 893 52.11 -29.53 46.66
C LYS L 893 52.50 -28.69 45.45
N LEU L 894 51.64 -27.75 45.03
CA LEU L 894 51.96 -26.79 43.98
C LEU L 894 51.87 -25.41 44.61
N LYS L 895 52.97 -24.99 45.23
CA LYS L 895 53.02 -23.70 45.91
C LYS L 895 53.80 -22.72 45.03
N GLY L 896 53.15 -21.60 44.70
CA GLY L 896 53.75 -20.59 43.87
C GLY L 896 53.33 -20.61 42.42
N SER L 897 52.36 -21.44 42.04
CA SER L 897 51.85 -21.41 40.69
C SER L 897 51.12 -20.09 40.42
N LYS L 898 50.92 -19.80 39.14
CA LYS L 898 50.35 -18.51 38.72
C LYS L 898 49.12 -18.78 37.87
N LEU L 899 47.95 -18.76 38.51
CA LEU L 899 46.68 -18.92 37.82
C LEU L 899 46.30 -17.63 37.11
N ILE L 900 46.06 -17.70 35.81
CA ILE L 900 45.61 -16.56 35.02
C ILE L 900 44.20 -16.86 34.54
N GLY L 901 43.28 -15.93 34.82
CA GLY L 901 41.89 -16.14 34.47
C GLY L 901 41.14 -14.87 34.14
N SER L 902 39.82 -14.94 34.14
CA SER L 902 38.97 -13.81 33.80
C SER L 902 37.84 -13.74 34.82
N PHE L 903 36.84 -12.92 34.54
CA PHE L 903 35.68 -12.78 35.41
C PHE L 903 34.43 -12.63 34.57
N ASN L 904 33.29 -12.80 35.23
CA ASN L 904 31.99 -12.63 34.57
C ASN L 904 30.99 -12.11 35.60
N LEU L 905 30.23 -11.09 35.21
CA LEU L 905 29.16 -10.57 36.05
C LEU L 905 27.84 -11.05 35.52
N PRO L 906 27.03 -11.78 36.31
CA PRO L 906 25.80 -12.37 35.78
C PRO L 906 24.70 -11.38 35.45
N SER L 907 24.96 -10.08 35.54
CA SER L 907 24.04 -9.02 35.12
C SER L 907 22.79 -8.96 36.00
N ASN L 908 22.68 -9.84 36.98
CA ASN L 908 21.60 -9.77 37.95
C ASN L 908 22.10 -10.07 39.36
N ALA L 909 23.41 -10.23 39.55
CA ALA L 909 23.99 -10.62 40.82
C ALA L 909 24.90 -9.53 41.34
N ASP L 910 25.12 -9.53 42.65
CA ASP L 910 25.98 -8.57 43.30
C ASP L 910 27.42 -9.08 43.46
N LYS L 911 27.74 -10.25 42.91
CA LYS L 911 29.09 -10.79 42.99
C LYS L 911 29.49 -11.32 41.62
N MET L 912 30.79 -11.36 41.38
CA MET L 912 31.36 -11.76 40.10
C MET L 912 32.02 -13.12 40.21
N VAL L 913 31.94 -13.90 39.13
CA VAL L 913 32.47 -15.25 39.09
C VAL L 913 33.82 -15.22 38.40
N ILE L 914 34.86 -15.68 39.09
CA ILE L 914 36.22 -15.72 38.56
C ILE L 914 36.49 -17.14 38.05
N THR L 915 36.90 -17.24 36.79
CA THR L 915 37.13 -18.53 36.15
C THR L 915 38.53 -18.57 35.56
N PHE L 916 39.47 -19.16 36.30
CA PHE L 916 40.84 -19.28 35.82
C PHE L 916 40.92 -20.33 34.71
N ASN L 917 41.77 -20.06 33.71
CA ASN L 917 41.89 -20.97 32.58
C ASN L 917 43.33 -21.18 32.12
N THR L 918 44.31 -20.82 32.94
CA THR L 918 45.72 -21.04 32.62
C THR L 918 46.49 -21.14 33.92
N MET L 919 47.43 -22.08 33.99
CA MET L 919 48.18 -22.32 35.21
C MET L 919 49.65 -22.53 34.86
N SER L 920 50.52 -21.78 35.53
CA SER L 920 51.96 -21.83 35.29
C SER L 920 52.63 -22.40 36.54
N ILE L 921 52.90 -23.69 36.53
CA ILE L 921 53.55 -24.35 37.68
C ILE L 921 55.03 -23.98 37.68
N PRO L 922 55.58 -23.57 38.83
CA PRO L 922 57.02 -23.28 38.88
C PRO L 922 57.84 -24.55 38.66
N GLY L 923 58.70 -24.52 37.66
CA GLY L 923 59.48 -25.66 37.25
C GLY L 923 58.95 -26.39 36.04
N ALA L 924 57.70 -26.13 35.66
CA ALA L 924 57.15 -26.74 34.46
C ALA L 924 57.77 -26.13 33.21
N GLU L 925 57.77 -26.91 32.13
CA GLU L 925 58.30 -26.42 30.87
C GLU L 925 57.43 -25.31 30.29
N LYS L 926 56.11 -25.53 30.28
CA LYS L 926 55.17 -24.57 29.72
C LYS L 926 53.97 -24.46 30.66
N THR L 927 53.07 -23.54 30.34
CA THR L 927 51.86 -23.35 31.11
C THR L 927 50.75 -24.23 30.52
N ILE L 928 50.05 -24.93 31.40
CA ILE L 928 49.03 -25.89 31.00
C ILE L 928 47.66 -25.22 31.05
N SER L 929 46.82 -25.54 30.07
CA SER L 929 45.44 -25.08 30.11
C SER L 929 44.72 -25.71 31.29
N ILE L 930 43.85 -24.94 31.94
CA ILE L 930 43.20 -25.37 33.17
C ILE L 930 41.73 -24.99 33.12
N SER L 931 40.93 -25.67 33.94
CA SER L 931 39.53 -25.33 34.16
C SER L 931 39.31 -25.22 35.65
N ALA L 932 39.05 -24.00 36.13
CA ALA L 932 38.95 -23.77 37.56
C ALA L 932 38.01 -22.62 37.82
N TYR L 933 37.52 -22.56 39.05
CA TYR L 933 36.67 -21.48 39.53
C TYR L 933 37.22 -20.99 40.85
N ALA L 934 36.94 -19.74 41.17
CA ALA L 934 37.41 -19.13 42.41
C ALA L 934 36.24 -19.02 43.37
N ILE L 935 36.29 -19.80 44.44
CA ILE L 935 35.28 -19.76 45.50
C ILE L 935 35.81 -18.87 46.62
N ASP L 936 34.88 -18.29 47.37
CA ASP L 936 35.21 -17.30 48.37
C ASP L 936 35.14 -17.91 49.76
N PRO L 937 36.25 -18.07 50.47
CA PRO L 937 36.18 -18.63 51.83
C PRO L 937 35.32 -17.76 52.74
N ASN L 938 34.85 -18.38 53.82
CA ASN L 938 33.88 -17.84 54.78
C ASN L 938 32.48 -17.77 54.20
N THR L 939 32.31 -18.05 52.91
CA THR L 939 30.98 -18.11 52.29
C THR L 939 30.85 -19.39 51.48
N ALA L 940 31.98 -19.84 50.93
CA ALA L 940 32.12 -20.98 50.03
C ALA L 940 31.44 -20.77 48.68
N ARG L 941 30.78 -19.65 48.47
CA ARG L 941 30.15 -19.37 47.20
C ARG L 941 31.20 -19.20 46.11
N THR L 942 30.83 -19.57 44.88
CA THR L 942 31.76 -19.53 43.76
C THR L 942 32.00 -18.12 43.23
N ALA L 943 31.50 -17.09 43.91
CA ALA L 943 31.67 -15.71 43.48
C ALA L 943 32.27 -14.88 44.59
N LEU L 944 33.03 -13.86 44.21
CA LEU L 944 33.73 -13.00 45.15
C LEU L 944 33.31 -11.55 44.93
N ALA L 945 33.23 -10.78 46.02
CA ALA L 945 32.96 -9.36 45.93
C ALA L 945 33.49 -8.69 47.19
N SER L 946 34.66 -8.07 47.10
CA SER L 946 35.18 -7.33 48.23
C SER L 946 34.45 -6.01 48.44
N ARG L 947 33.85 -5.46 47.38
CA ARG L 947 33.04 -4.26 47.51
C ARG L 947 32.13 -4.15 46.29
N THR L 948 30.83 -4.02 46.54
CA THR L 948 29.83 -3.92 45.48
C THR L 948 29.20 -2.53 45.53
N ASN L 949 29.20 -1.85 44.39
CA ASN L 949 28.76 -0.47 44.29
C ASN L 949 27.57 -0.40 43.34
N HIS L 950 26.38 -0.20 43.90
CA HIS L 950 25.24 0.30 43.16
C HIS L 950 25.27 1.82 43.24
N HIS L 951 25.11 2.48 42.10
CA HIS L 951 25.25 3.93 42.05
C HIS L 951 23.93 4.56 42.48
N TYR L 952 23.68 4.54 43.79
CA TYR L 952 22.43 5.08 44.31
C TYR L 952 22.37 6.59 44.19
N LEU L 953 23.47 7.30 44.41
CA LEU L 953 23.47 8.74 44.25
C LEU L 953 23.58 9.18 42.80
N MET L 954 24.25 8.39 41.96
CA MET L 954 24.37 8.74 40.55
C MET L 954 23.09 8.46 39.77
N ARG L 955 22.38 7.38 40.12
CA ARG L 955 21.19 6.97 39.40
C ARG L 955 19.89 7.45 40.03
N TYR L 956 19.77 7.39 41.36
CA TYR L 956 18.58 7.86 42.03
C TYR L 956 18.69 9.31 42.47
N GLY L 957 19.90 9.77 42.80
CA GLY L 957 20.06 11.18 43.12
C GLY L 957 19.90 12.08 41.92
N SER L 958 20.20 11.56 40.73
CA SER L 958 19.99 12.29 39.48
C SER L 958 18.63 12.02 38.86
N LEU L 959 17.84 11.12 39.45
CA LEU L 959 16.47 10.89 39.01
C LEU L 959 15.45 11.52 39.93
N PHE L 960 15.76 11.66 41.22
CA PHE L 960 14.88 12.29 42.18
C PHE L 960 15.11 13.79 42.29
N ALA L 961 16.11 14.32 41.60
CA ALA L 961 16.38 15.75 41.59
C ALA L 961 16.06 16.40 40.26
N SER L 962 16.32 15.72 39.15
CA SER L 962 15.91 16.23 37.84
C SER L 962 14.40 16.24 37.71
N SER L 963 13.75 15.12 38.02
CA SER L 963 12.29 15.04 37.95
C SER L 963 11.65 15.95 38.97
N PHE L 964 12.24 16.05 40.16
CA PHE L 964 11.70 16.96 41.16
C PHE L 964 11.79 18.41 40.69
N LEU L 965 12.89 18.79 40.06
CA LEU L 965 13.00 20.13 39.51
C LEU L 965 11.95 20.36 38.44
N GLN L 966 11.75 19.37 37.56
CA GLN L 966 10.76 19.50 36.50
C GLN L 966 9.35 19.69 37.06
N GLY L 967 9.01 18.94 38.12
CA GLY L 967 7.67 19.06 38.68
C GLY L 967 7.48 20.23 39.61
N PHE L 968 8.56 20.70 40.24
CA PHE L 968 8.47 21.87 41.11
C PHE L 968 8.39 23.14 40.30
N GLY L 969 9.09 23.19 39.16
CA GLY L 969 8.96 24.34 38.28
C GLY L 969 7.61 24.41 37.59
N ASN L 970 7.14 23.29 37.08
CA ASN L 970 5.83 23.27 36.43
C ASN L 970 4.70 23.56 37.41
N ALA L 971 4.91 23.23 38.69
CA ALA L 971 3.89 23.51 39.70
C ALA L 971 3.68 25.01 39.87
N PHE L 972 4.75 25.79 39.80
CA PHE L 972 4.62 27.24 39.86
C PHE L 972 4.07 27.82 38.56
N GLN L 973 4.36 27.17 37.43
CA GLN L 973 3.86 27.66 36.15
C GLN L 973 2.34 27.63 36.11
N SER L 974 1.73 26.56 36.59
CA SER L 974 0.29 26.40 36.61
C SER L 974 -0.34 26.88 37.91
N ALA L 975 0.33 27.77 38.63
CA ALA L 975 -0.19 28.26 39.90
C ALA L 975 -1.19 29.40 39.74
N ASN L 976 -1.44 29.85 38.51
CA ASN L 976 -2.44 30.87 38.27
C ASN L 976 -2.96 30.72 36.85
N THR L 977 -4.27 30.95 36.67
CA THR L 977 -4.90 30.80 35.38
C THR L 977 -5.93 31.91 35.19
N THR L 978 -5.88 32.57 34.03
CA THR L 978 -6.79 33.66 33.74
C THR L 978 -8.23 33.16 33.61
N ASN L 994 -4.05 36.75 34.69
CA ASN L 994 -3.32 37.21 35.87
C ASN L 994 -2.00 36.46 36.01
N GLY L 995 -0.90 37.16 35.74
CA GLY L 995 0.44 36.60 35.79
C GLY L 995 1.40 37.58 36.50
N VAL L 996 1.00 38.01 37.69
CA VAL L 996 1.68 39.07 38.44
C VAL L 996 3.00 38.56 39.02
N ARG L 997 3.39 37.35 38.64
CA ARG L 997 4.59 36.68 39.17
C ARG L 997 5.78 37.63 39.29
N ARG L 998 6.52 37.46 40.39
CA ARG L 998 7.73 38.23 40.65
C ARG L 998 8.92 37.60 39.95
N SER L 999 10.10 38.20 40.14
CA SER L 999 11.28 37.76 39.41
C SER L 999 11.77 36.40 39.88
N THR L 1000 11.79 36.17 41.20
CA THR L 1000 12.26 34.90 41.72
C THR L 1000 11.24 33.79 41.56
N LEU L 1001 9.97 34.12 41.37
CA LEU L 1001 8.96 33.12 41.02
C LEU L 1001 9.15 32.60 39.61
N GLU L 1002 10.07 33.17 38.84
CA GLU L 1002 10.48 32.65 37.55
C GLU L 1002 11.97 32.36 37.47
N ASN L 1003 12.77 32.87 38.40
CA ASN L 1003 14.21 32.62 38.40
C ASN L 1003 14.53 31.25 38.97
N ALA L 1004 14.25 31.05 40.25
CA ALA L 1004 14.70 29.87 40.97
C ALA L 1004 13.64 28.78 41.07
N VAL L 1005 12.47 28.96 40.45
CA VAL L 1005 11.48 27.90 40.47
C VAL L 1005 10.99 27.54 39.07
N ILE L 1006 10.38 28.48 38.35
CA ILE L 1006 9.83 28.16 37.04
C ILE L 1006 10.93 27.89 36.03
N GLY L 1007 11.99 28.70 36.06
CA GLY L 1007 13.11 28.47 35.17
C GLY L 1007 13.80 27.14 35.41
N LEU L 1008 13.63 26.57 36.60
CA LEU L 1008 14.20 25.25 36.89
C LEU L 1008 13.38 24.11 36.30
N ALA L 1009 12.16 24.38 35.83
CA ALA L 1009 11.36 23.33 35.21
C ALA L 1009 12.01 22.83 33.92
N THR L 1010 12.58 23.75 33.13
CA THR L 1010 13.18 23.34 31.86
C THR L 1010 14.47 22.58 32.08
N VAL L 1011 15.40 23.16 32.84
CA VAL L 1011 16.69 22.49 33.09
C VAL L 1011 16.46 21.13 33.71
N GLY L 1012 15.60 21.06 34.73
CA GLY L 1012 15.24 19.77 35.30
C GLY L 1012 14.77 18.80 34.24
N LYS L 1013 13.87 19.24 33.36
CA LYS L 1013 13.41 18.38 32.28
C LYS L 1013 14.58 17.87 31.46
N ALA L 1014 15.48 18.77 31.05
CA ALA L 1014 16.65 18.34 30.29
C ALA L 1014 17.47 17.34 31.08
N TRP L 1015 17.67 17.60 32.37
CA TRP L 1015 18.40 16.68 33.22
C TRP L 1015 17.71 15.32 33.24
N SER L 1016 16.37 15.32 33.28
CA SER L 1016 15.64 14.06 33.24
C SER L 1016 15.93 13.32 31.95
N GLN L 1017 16.03 14.04 30.83
CA GLN L 1017 16.35 13.39 29.56
C GLN L 1017 17.72 12.70 29.62
N GLN L 1018 18.63 13.20 30.45
CA GLN L 1018 19.94 12.59 30.62
C GLN L 1018 20.02 11.76 31.89
N ALA L 1019 18.90 11.55 32.58
CA ALA L 1019 18.86 10.68 33.75
C ALA L 1019 18.22 9.33 33.47
N GLN L 1020 17.37 9.22 32.45
CA GLN L 1020 16.83 7.93 32.07
C GLN L 1020 17.89 7.04 31.45
N GLN L 1021 18.92 7.62 30.83
CA GLN L 1021 20.02 6.84 30.27
C GLN L 1021 21.14 6.60 31.27
N LEU L 1022 21.31 7.50 32.24
CA LEU L 1022 22.30 7.31 33.29
C LEU L 1022 21.85 6.29 34.32
N PHE L 1023 20.55 5.99 34.38
CA PHE L 1023 20.04 4.99 35.31
C PHE L 1023 20.54 3.59 35.01
N ASN L 1024 21.01 3.34 33.79
CA ASN L 1024 21.39 2.01 33.36
C ASN L 1024 22.87 1.71 33.56
N THR L 1025 23.54 2.43 34.45
CA THR L 1025 24.93 2.11 34.75
C THR L 1025 24.99 0.85 35.60
N PRO L 1026 25.67 -0.20 35.16
CA PRO L 1026 25.70 -1.45 35.93
C PRO L 1026 26.48 -1.28 37.22
N THR L 1027 26.10 -2.09 38.21
CA THR L 1027 26.81 -2.11 39.48
C THR L 1027 28.24 -2.60 39.28
N THR L 1028 29.17 -2.03 40.03
CA THR L 1028 30.58 -2.37 39.90
C THR L 1028 30.99 -3.25 41.08
N VAL L 1029 31.59 -4.40 40.77
CA VAL L 1029 32.04 -5.36 41.77
C VAL L 1029 33.56 -5.36 41.74
N GLU L 1030 34.17 -5.18 42.90
CA GLU L 1030 35.63 -5.15 43.02
C GLU L 1030 36.08 -6.19 44.04
N VAL L 1031 36.97 -7.07 43.61
CA VAL L 1031 37.68 -8.00 44.49
C VAL L 1031 39.09 -7.46 44.65
N TYR L 1032 39.49 -7.21 45.91
CA TYR L 1032 40.77 -6.55 46.15
C TYR L 1032 41.92 -7.51 45.89
N SER L 1033 43.14 -7.02 46.15
CA SER L 1033 44.36 -7.72 45.77
C SER L 1033 45.01 -8.46 46.94
N GLY L 1034 44.34 -8.53 48.09
CA GLY L 1034 44.82 -9.35 49.18
C GLY L 1034 43.86 -10.49 49.45
N THR L 1035 42.85 -10.60 48.58
CA THR L 1035 41.75 -11.53 48.79
C THR L 1035 42.23 -12.96 48.57
N GLY L 1036 42.33 -13.74 49.63
CA GLY L 1036 42.69 -15.13 49.51
C GLY L 1036 41.49 -16.01 49.25
N LEU L 1037 41.36 -16.48 48.01
CA LEU L 1037 40.25 -17.31 47.59
C LEU L 1037 40.68 -18.78 47.57
N GLY L 1038 39.73 -19.65 47.27
CA GLY L 1038 40.02 -21.06 47.01
C GLY L 1038 39.79 -21.31 45.54
N ILE L 1039 40.47 -22.31 45.00
CA ILE L 1039 40.40 -22.64 43.58
C ILE L 1039 39.87 -24.06 43.47
N LEU L 1040 38.76 -24.21 42.76
CA LEU L 1040 38.06 -25.47 42.56
C LEU L 1040 38.23 -25.89 41.12
N PHE L 1041 38.93 -27.00 40.88
CA PHE L 1041 39.18 -27.48 39.53
C PHE L 1041 38.05 -28.40 39.09
N THR L 1042 37.45 -28.08 37.95
CA THR L 1042 36.37 -28.89 37.39
C THR L 1042 36.86 -29.83 36.30
N GLN L 1043 38.16 -29.96 36.11
CA GLN L 1043 38.72 -30.85 35.10
C GLN L 1043 40.03 -31.43 35.60
N ASP L 1044 40.42 -32.56 35.01
CA ASP L 1044 41.66 -33.22 35.38
C ASP L 1044 42.86 -32.41 34.87
N VAL L 1045 44.04 -32.80 35.33
CA VAL L 1045 45.29 -32.13 34.98
C VAL L 1045 46.22 -33.15 34.34
N THR L 1046 46.78 -32.81 33.18
CA THR L 1046 47.71 -33.69 32.50
C THR L 1046 49.02 -32.97 32.20
N ILE M 862 63.83 -16.06 28.81
CA ILE M 862 62.45 -16.51 28.77
C ILE M 862 61.63 -15.83 29.85
N ILE M 863 60.34 -15.65 29.61
CA ILE M 863 59.41 -15.13 30.59
C ILE M 863 58.20 -16.03 30.64
N LYS M 864 57.81 -16.45 31.83
CA LYS M 864 56.66 -17.32 32.01
C LYS M 864 55.37 -16.52 31.92
N THR M 865 54.25 -17.18 32.24
CA THR M 865 52.95 -16.54 32.28
C THR M 865 52.64 -16.16 33.72
N GLY M 866 52.24 -14.90 33.93
CA GLY M 866 52.04 -14.36 35.25
C GLY M 866 53.24 -13.65 35.83
N ASP M 867 54.37 -13.70 35.15
CA ASP M 867 55.56 -12.99 35.62
C ASP M 867 55.35 -11.50 35.52
N ILE M 868 55.63 -10.78 36.60
CA ILE M 868 55.44 -9.34 36.69
C ILE M 868 56.82 -8.69 36.69
N MET M 869 57.05 -7.79 35.74
CA MET M 869 58.27 -6.99 35.72
C MET M 869 57.92 -5.51 35.78
N PHE M 870 58.64 -4.78 36.62
CA PHE M 870 58.34 -3.37 36.81
C PHE M 870 58.92 -2.55 35.67
N ALA M 871 58.13 -1.59 35.17
CA ALA M 871 58.50 -0.82 34.00
C ALA M 871 57.91 0.57 34.12
N VAL M 872 58.76 1.60 34.07
CA VAL M 872 58.27 2.96 34.18
C VAL M 872 57.82 3.46 32.82
N LEU M 873 56.65 4.08 32.77
CA LEU M 873 56.18 4.69 31.54
C LEU M 873 57.05 5.88 31.19
N ASP M 874 57.18 6.15 29.90
CA ASP M 874 57.88 7.34 29.44
C ASP M 874 57.19 8.01 28.27
N THR M 875 55.96 7.60 27.93
CA THR M 875 55.15 8.29 26.94
C THR M 875 53.78 8.50 27.57
N SER M 876 53.46 9.75 27.89
CA SER M 876 52.16 10.06 28.46
C SER M 876 51.06 9.75 27.46
N VAL M 877 49.95 9.21 27.95
CA VAL M 877 48.86 8.79 27.09
C VAL M 877 47.61 9.59 27.44
N ASN M 878 46.69 9.65 26.49
CA ASN M 878 45.43 10.36 26.66
C ASN M 878 44.37 9.59 25.90
N SER M 879 43.21 9.38 26.52
CA SER M 879 42.18 8.55 25.92
C SER M 879 41.66 9.13 24.61
N ASP M 880 41.75 10.46 24.44
CA ASP M 880 41.21 11.08 23.24
C ASP M 880 42.03 10.76 22.00
N GLU M 881 43.34 10.66 22.14
CA GLU M 881 44.24 10.50 21.00
C GLU M 881 44.79 9.09 20.95
N PRO M 882 44.35 8.25 20.01
CA PRO M 882 44.97 6.93 19.85
C PRO M 882 46.43 7.08 19.45
N GLY M 883 47.26 6.19 19.98
CA GLY M 883 48.68 6.21 19.69
C GLY M 883 49.46 5.17 20.47
N PRO M 884 50.68 4.89 20.03
CA PRO M 884 51.49 3.88 20.72
C PRO M 884 51.93 4.36 22.09
N ILE M 885 52.19 3.39 22.97
CA ILE M 885 52.63 3.64 24.32
C ILE M 885 53.95 2.91 24.53
N LEU M 886 54.96 3.62 25.02
CA LEU M 886 56.29 3.06 25.23
C LEU M 886 56.59 3.00 26.73
N ALA M 887 57.00 1.84 27.21
CA ALA M 887 57.39 1.65 28.59
C ALA M 887 58.71 0.92 28.67
N THR M 888 59.64 1.41 29.47
CA THR M 888 60.97 0.81 29.59
C THR M 888 61.07 0.04 30.89
N ILE M 889 61.35 -1.26 30.80
CA ILE M 889 61.52 -2.09 31.98
C ILE M 889 62.74 -1.63 32.76
N VAL M 890 62.60 -1.51 34.07
CA VAL M 890 63.65 -0.96 34.92
C VAL M 890 64.33 -2.04 35.75
N THR M 891 63.56 -2.92 36.39
CA THR M 891 64.10 -3.94 37.28
C THR M 891 63.93 -5.32 36.64
N GLY M 892 64.99 -6.13 36.69
CA GLY M 892 64.95 -7.49 36.24
C GLY M 892 66.12 -7.84 35.35
N LYS M 893 66.15 -9.10 34.92
CA LYS M 893 67.18 -9.54 33.99
C LYS M 893 67.01 -8.88 32.63
N LEU M 894 65.77 -8.66 32.21
CA LEU M 894 65.49 -7.97 30.94
C LEU M 894 65.35 -6.46 31.20
N LYS M 895 66.38 -5.91 31.84
CA LYS M 895 66.38 -4.50 32.20
C LYS M 895 66.70 -3.64 30.98
N GLY M 896 65.84 -2.67 30.70
CA GLY M 896 66.05 -1.74 29.60
C GLY M 896 65.27 -2.04 28.34
N SER M 897 64.50 -3.12 28.32
CA SER M 897 63.69 -3.42 27.14
C SER M 897 62.61 -2.37 26.95
N LYS M 898 62.13 -2.24 25.71
CA LYS M 898 61.12 -1.26 25.36
C LYS M 898 59.84 -2.00 24.97
N LEU M 899 58.74 -1.68 25.65
CA LEU M 899 57.44 -2.28 25.41
C LEU M 899 56.59 -1.29 24.66
N ILE M 900 56.06 -1.71 23.51
CA ILE M 900 55.14 -0.92 22.71
C ILE M 900 53.78 -1.59 22.76
N GLY M 901 52.76 -0.82 23.11
CA GLY M 901 51.41 -1.33 23.21
C GLY M 901 50.40 -0.26 22.87
N SER M 902 49.21 -0.39 23.43
CA SER M 902 48.11 0.54 23.18
C SER M 902 47.26 0.64 24.44
N PHE M 903 46.08 1.23 24.31
CA PHE M 903 45.16 1.37 25.43
C PHE M 903 43.76 1.06 24.95
N ASN M 904 42.82 1.07 25.89
CA ASN M 904 41.42 0.82 25.58
C ASN M 904 40.56 1.34 26.73
N LEU M 905 39.65 2.26 26.42
CA LEU M 905 38.69 2.72 27.42
C LEU M 905 37.41 1.91 27.29
N PRO M 906 37.01 1.16 28.31
CA PRO M 906 35.87 0.25 28.15
C PRO M 906 34.51 0.93 28.17
N SER M 907 34.49 2.25 28.01
CA SER M 907 33.31 3.09 27.83
C SER M 907 32.42 3.17 29.07
N ASN M 908 32.76 2.46 30.15
CA ASN M 908 32.01 2.55 31.39
C ASN M 908 32.90 2.69 32.61
N ALA M 909 34.22 2.77 32.42
CA ALA M 909 35.16 2.84 33.52
C ALA M 909 35.92 4.16 33.48
N ASP M 910 36.34 4.61 34.65
CA ASP M 910 37.13 5.82 34.79
C ASP M 910 38.63 5.57 34.61
N LYS M 911 39.03 4.35 34.28
CA LYS M 911 40.42 4.01 34.08
C LYS M 911 40.57 3.26 32.76
N MET M 912 41.76 3.33 32.19
CA MET M 912 42.05 2.77 30.87
C MET M 912 43.00 1.59 31.00
N VAL M 913 42.88 0.65 30.06
CA VAL M 913 43.61 -0.62 30.12
C VAL M 913 44.75 -0.57 29.11
N ILE M 914 45.98 -0.50 29.61
CA ILE M 914 47.17 -0.49 28.77
C ILE M 914 47.57 -1.93 28.51
N THR M 915 47.66 -2.30 27.22
CA THR M 915 48.05 -3.65 26.83
C THR M 915 49.23 -3.57 25.88
N PHE M 916 50.36 -4.16 26.28
CA PHE M 916 51.57 -4.14 25.48
C PHE M 916 51.63 -5.36 24.58
N ASN M 917 52.06 -5.15 23.34
CA ASN M 917 52.08 -6.24 22.37
C ASN M 917 53.37 -6.29 21.54
N THR M 918 54.42 -5.59 21.93
CA THR M 918 55.71 -5.74 21.27
C THR M 918 56.80 -5.44 22.28
N MET M 919 57.83 -6.30 22.34
CA MET M 919 58.93 -6.11 23.28
C MET M 919 60.23 -6.07 22.52
N SER M 920 61.09 -5.11 22.86
CA SER M 920 62.39 -4.92 22.23
C SER M 920 63.46 -5.05 23.31
N ILE M 921 64.12 -6.21 23.35
CA ILE M 921 65.15 -6.50 24.35
C ILE M 921 66.47 -5.93 23.87
N PRO M 922 67.20 -5.19 24.70
CA PRO M 922 68.52 -4.69 24.28
C PRO M 922 69.48 -5.84 24.03
N GLY M 923 70.05 -5.87 22.84
CA GLY M 923 70.93 -6.95 22.42
C GLY M 923 70.26 -8.04 21.62
N ALA M 924 68.94 -8.01 21.48
CA ALA M 924 68.23 -8.96 20.66
C ALA M 924 68.37 -8.61 19.19
N GLU M 925 68.28 -9.63 18.34
CA GLU M 925 68.37 -9.40 16.89
C GLU M 925 67.19 -8.56 16.41
N LYS M 926 65.98 -8.88 16.87
CA LYS M 926 64.78 -8.18 16.45
C LYS M 926 63.85 -8.04 17.65
N THR M 927 62.69 -7.43 17.42
CA THR M 927 61.68 -7.26 18.45
C THR M 927 60.67 -8.39 18.35
N ILE M 928 60.38 -9.01 19.48
CA ILE M 928 59.52 -10.18 19.53
C ILE M 928 58.08 -9.74 19.81
N SER M 929 57.13 -10.43 19.19
CA SER M 929 55.74 -10.25 19.55
C SER M 929 55.51 -10.75 20.96
N ILE M 930 54.51 -10.19 21.64
CA ILE M 930 54.33 -10.42 23.06
C ILE M 930 52.88 -10.14 23.44
N SER M 931 52.47 -10.68 24.58
CA SER M 931 51.16 -10.42 25.16
C SER M 931 51.36 -10.00 26.60
N ALA M 932 50.97 -8.76 26.93
CA ALA M 932 51.22 -8.23 28.26
C ALA M 932 50.17 -7.19 28.59
N TYR M 933 49.99 -6.97 29.89
CA TYR M 933 49.04 -6.01 30.41
C TYR M 933 49.73 -5.18 31.49
N ALA M 934 49.49 -3.88 31.47
CA ALA M 934 50.09 -2.99 32.46
C ALA M 934 49.14 -2.85 33.64
N ILE M 935 49.59 -3.29 34.81
CA ILE M 935 48.83 -3.14 36.05
C ILE M 935 49.41 -1.97 36.82
N ASP M 936 48.55 -1.29 37.57
CA ASP M 936 48.95 -0.11 38.32
C ASP M 936 49.42 -0.51 39.71
N PRO M 937 50.69 -0.32 40.05
CA PRO M 937 51.13 -0.62 41.42
C PRO M 937 50.45 0.30 42.41
N ASN M 938 50.49 -0.12 43.68
CA ASN M 938 49.84 0.55 44.80
C ASN M 938 48.34 0.35 44.76
N THR M 939 47.85 -0.31 43.69
CA THR M 939 46.46 -0.73 43.59
C THR M 939 46.30 -2.13 43.02
N ALA M 940 47.25 -2.61 42.23
CA ALA M 940 47.30 -3.93 41.58
C ALA M 940 46.25 -4.10 40.49
N ARG M 941 45.38 -3.13 40.27
CA ARG M 941 44.39 -3.24 39.21
C ARG M 941 45.07 -3.16 37.85
N THR M 942 44.45 -3.78 36.84
CA THR M 942 45.02 -3.80 35.51
C THR M 942 44.73 -2.53 34.71
N ALA M 943 44.35 -1.44 35.37
CA ALA M 943 43.98 -0.21 34.69
C ALA M 943 44.77 0.96 35.27
N LEU M 944 45.02 1.94 34.41
CA LEU M 944 45.84 3.11 34.75
C LEU M 944 45.04 4.38 34.55
N ALA M 945 45.11 5.28 35.53
CA ALA M 945 44.50 6.60 35.38
C ALA M 945 45.22 7.56 36.33
N SER M 946 46.13 8.36 35.79
CA SER M 946 46.76 9.40 36.58
C SER M 946 45.84 10.58 36.81
N ARG M 947 44.95 10.86 35.85
CA ARG M 947 43.95 11.91 36.01
C ARG M 947 42.74 11.57 35.15
N THR M 948 41.58 11.49 35.77
CA THR M 948 40.34 11.21 35.07
C THR M 948 39.50 12.48 35.07
N ASN M 949 39.01 12.87 33.89
CA ASN M 949 38.33 14.15 33.71
C ASN M 949 36.97 13.88 33.06
N HIS M 950 35.93 13.87 33.89
CA HIS M 950 34.56 14.00 33.40
C HIS M 950 34.31 15.48 33.18
N HIS M 951 33.74 15.83 32.03
CA HIS M 951 33.54 17.22 31.66
C HIS M 951 32.25 17.71 32.32
N TYR M 952 32.35 18.02 33.62
CA TYR M 952 31.18 18.45 34.36
C TYR M 952 30.78 19.89 34.05
N LEU M 953 31.73 20.75 33.71
CA LEU M 953 31.42 22.14 33.38
C LEU M 953 31.05 22.33 31.93
N MET M 954 31.49 21.45 31.03
CA MET M 954 31.16 21.55 29.62
C MET M 954 29.87 20.81 29.27
N ARG M 955 29.55 19.74 29.99
CA ARG M 955 28.34 18.96 29.73
C ARG M 955 27.18 19.32 30.64
N TYR M 956 27.44 19.56 31.92
CA TYR M 956 26.39 20.00 32.83
C TYR M 956 26.30 21.51 32.97
N GLY M 957 27.39 22.23 32.72
CA GLY M 957 27.35 23.67 32.75
C GLY M 957 26.72 24.24 31.50
N SER M 958 26.69 23.46 30.43
CA SER M 958 26.02 23.84 29.20
C SER M 958 24.66 23.17 29.06
N LEU M 959 24.26 22.36 30.03
CA LEU M 959 22.91 21.79 30.07
C LEU M 959 22.04 22.43 31.13
N PHE M 960 22.63 22.89 32.23
CA PHE M 960 21.88 23.57 33.28
C PHE M 960 21.79 25.07 33.04
N ALA M 961 22.62 25.62 32.16
CA ALA M 961 22.58 27.04 31.84
C ALA M 961 21.91 27.32 30.50
N SER M 962 22.06 26.43 29.53
CA SER M 962 21.35 26.59 28.26
C SER M 962 19.86 26.38 28.45
N SER M 963 19.46 25.37 29.22
CA SER M 963 18.05 25.12 29.45
C SER M 963 17.45 26.09 30.45
N PHE M 964 18.26 26.60 31.39
CA PHE M 964 17.74 27.58 32.34
C PHE M 964 17.34 28.87 31.63
N LEU M 965 18.12 29.28 30.63
CA LEU M 965 17.75 30.48 29.88
C LEU M 965 16.41 30.30 29.18
N GLN M 966 16.17 29.10 28.62
CA GLN M 966 14.92 28.84 27.93
C GLN M 966 13.73 28.98 28.88
N GLY M 967 13.78 28.34 30.04
CA GLY M 967 12.69 28.44 30.99
C GLY M 967 12.55 29.83 31.57
N PHE M 968 13.67 30.47 31.91
CA PHE M 968 13.64 31.81 32.48
C PHE M 968 13.09 32.83 31.49
N GLY M 969 13.24 32.58 30.20
CA GLY M 969 12.69 33.46 29.20
C GLY M 969 11.23 33.17 28.91
N ASN M 970 10.86 31.89 28.80
CA ASN M 970 9.46 31.56 28.57
C ASN M 970 8.58 31.97 29.75
N ALA M 971 9.12 31.93 30.97
CA ALA M 971 8.37 32.39 32.12
C ALA M 971 8.05 33.87 32.01
N PHE M 972 9.02 34.68 31.63
CA PHE M 972 8.76 36.10 31.41
C PHE M 972 7.83 36.32 30.23
N GLN M 973 7.91 35.46 29.22
CA GLN M 973 7.03 35.58 28.05
C GLN M 973 5.58 35.36 28.44
N SER M 974 5.32 34.32 29.24
CA SER M 974 3.96 34.00 29.67
C SER M 974 3.58 34.72 30.95
N ALA M 975 4.44 35.58 31.47
CA ALA M 975 4.19 36.28 32.73
C ALA M 975 3.37 37.56 32.56
N ASN M 976 2.78 37.79 31.39
CA ASN M 976 1.88 38.92 31.24
C ASN M 976 0.65 38.61 30.40
N THR M 977 0.53 37.40 29.86
CA THR M 977 -0.56 37.10 28.94
C THR M 977 -1.90 37.03 29.68
N THR M 978 -2.97 37.27 28.93
CA THR M 978 -4.31 37.21 29.46
C THR M 978 -5.15 36.20 28.67
N ASN M 994 -4.04 42.39 27.44
CA ASN M 994 -2.87 43.18 27.11
C ASN M 994 -1.59 42.47 27.50
N GLY M 995 -0.52 42.71 26.75
CA GLY M 995 0.79 42.10 26.99
C GLY M 995 1.88 43.15 26.94
N VAL M 996 1.68 44.25 27.65
CA VAL M 996 2.62 45.36 27.65
C VAL M 996 3.72 45.09 28.66
N ARG M 997 4.98 45.32 28.25
CA ARG M 997 6.11 45.07 29.12
C ARG M 997 7.23 46.06 28.78
N ARG M 998 8.25 46.09 29.64
CA ARG M 998 9.35 47.01 29.49
C ARG M 998 10.38 46.47 28.49
N SER M 999 11.34 47.32 28.14
CA SER M 999 12.35 46.92 27.16
C SER M 999 13.30 45.88 27.72
N THR M 1000 13.66 46.00 29.00
CA THR M 1000 14.49 44.98 29.63
C THR M 1000 13.69 43.73 29.97
N LEU M 1001 12.36 43.86 30.08
CA LEU M 1001 11.49 42.70 30.27
C LEU M 1001 11.46 41.80 29.05
N GLU M 1002 12.02 42.23 27.92
CA GLU M 1002 12.14 41.41 26.73
C GLU M 1002 13.55 41.32 26.18
N ASN M 1003 14.46 42.18 26.64
CA ASN M 1003 15.83 42.13 26.16
C ASN M 1003 16.64 41.08 26.90
N ALA M 1004 16.81 41.27 28.21
CA ALA M 1004 17.71 40.43 28.99
C ALA M 1004 17.02 39.21 29.57
N VAL M 1005 15.74 39.01 29.30
CA VAL M 1005 15.06 37.84 29.84
C VAL M 1005 14.32 37.06 28.76
N ILE M 1006 13.39 37.70 28.05
CA ILE M 1006 12.58 36.97 27.08
C ILE M 1006 13.41 36.57 25.87
N GLY M 1007 14.30 37.46 25.42
CA GLY M 1007 15.13 37.13 24.27
C GLY M 1007 16.02 35.93 24.54
N LEU M 1008 16.51 35.81 25.77
CA LEU M 1008 17.37 34.68 26.14
C LEU M 1008 16.62 33.35 26.04
N ALA M 1009 15.28 33.37 25.99
CA ALA M 1009 14.55 32.14 25.78
C ALA M 1009 14.83 31.53 24.41
N THR M 1010 15.31 32.32 23.46
CA THR M 1010 15.61 31.75 22.15
C THR M 1010 17.04 31.25 22.06
N VAL M 1011 18.01 32.03 22.56
CA VAL M 1011 19.38 31.52 22.61
C VAL M 1011 19.43 30.26 23.47
N GLY M 1012 18.67 30.25 24.57
CA GLY M 1012 18.59 29.05 25.38
C GLY M 1012 18.02 27.88 24.61
N LYS M 1013 17.11 28.14 23.67
CA LYS M 1013 16.59 27.05 22.85
C LYS M 1013 17.60 26.61 21.80
N ALA M 1014 18.49 27.51 21.37
CA ALA M 1014 19.50 27.12 20.41
C ALA M 1014 20.67 26.42 21.11
N TRP M 1015 21.21 27.06 22.13
CA TRP M 1015 22.29 26.48 22.92
C TRP M 1015 21.94 25.07 23.40
N SER M 1016 20.74 24.92 23.97
CA SER M 1016 20.32 23.60 24.43
C SER M 1016 20.24 22.62 23.27
N GLN M 1017 19.72 23.07 22.12
CA GLN M 1017 19.67 22.19 20.96
C GLN M 1017 21.07 21.76 20.52
N GLN M 1018 22.08 22.58 20.84
CA GLN M 1018 23.46 22.25 20.52
C GLN M 1018 24.23 21.74 21.72
N ALA M 1019 23.54 21.51 22.85
CA ALA M 1019 24.19 20.98 24.05
C ALA M 1019 23.76 19.56 24.38
N GLN M 1020 22.66 19.07 23.82
CA GLN M 1020 22.32 17.67 23.96
C GLN M 1020 23.34 16.76 23.28
N GLN M 1021 24.03 17.27 22.25
CA GLN M 1021 25.10 16.52 21.61
C GLN M 1021 26.44 16.72 22.31
N LEU M 1022 26.64 17.87 22.94
CA LEU M 1022 27.86 18.11 23.70
C LEU M 1022 27.92 17.25 24.96
N PHE M 1023 26.77 16.76 25.43
CA PHE M 1023 26.73 15.94 26.63
C PHE M 1023 27.46 14.61 26.46
N ASN M 1024 27.62 14.14 25.22
CA ASN M 1024 28.17 12.82 24.97
C ASN M 1024 29.68 12.83 24.75
N THR M 1025 30.39 13.82 25.30
CA THR M 1025 31.85 13.81 25.23
C THR M 1025 32.39 12.80 26.23
N PRO M 1026 33.15 11.80 25.79
CA PRO M 1026 33.62 10.76 26.72
C PRO M 1026 34.60 11.31 27.73
N THR M 1027 34.64 10.67 28.90
CA THR M 1027 35.57 11.06 29.94
C THR M 1027 37.01 10.86 29.46
N THR M 1028 37.88 11.79 29.84
CA THR M 1028 39.26 11.78 29.37
C THR M 1028 40.16 11.19 30.46
N VAL M 1029 40.80 10.07 30.17
CA VAL M 1029 41.70 9.41 31.10
C VAL M 1029 43.12 9.65 30.64
N GLU M 1030 43.96 10.16 31.54
CA GLU M 1030 45.32 10.53 31.21
C GLU M 1030 46.28 9.82 32.15
N VAL M 1031 47.24 9.10 31.58
CA VAL M 1031 48.31 8.45 32.33
C VAL M 1031 49.60 9.18 32.01
N TYR M 1032 50.31 9.63 33.04
CA TYR M 1032 51.45 10.50 32.85
C TYR M 1032 52.66 9.71 32.35
N SER M 1033 53.79 10.41 32.25
CA SER M 1033 55.00 9.86 31.65
C SER M 1033 56.06 9.46 32.66
N GLY M 1034 55.72 9.44 33.94
CA GLY M 1034 56.64 8.94 34.94
C GLY M 1034 56.00 7.85 35.76
N THR M 1035 54.84 7.38 35.31
CA THR M 1035 54.04 6.43 36.06
C THR M 1035 54.60 5.03 35.89
N GLY M 1036 55.11 4.45 36.96
CA GLY M 1036 55.56 3.07 36.92
C GLY M 1036 54.40 2.11 36.78
N LEU M 1037 54.70 0.93 36.26
CA LEU M 1037 53.70 -0.09 36.00
C LEU M 1037 54.29 -1.44 36.37
N GLY M 1038 53.42 -2.42 36.57
CA GLY M 1038 53.83 -3.80 36.60
C GLY M 1038 53.35 -4.48 35.36
N ILE M 1039 54.25 -4.92 34.50
CA ILE M 1039 53.87 -5.63 33.29
C ILE M 1039 53.63 -7.08 33.64
N LEU M 1040 52.43 -7.57 33.35
CA LEU M 1040 52.00 -8.94 33.58
C LEU M 1040 51.87 -9.62 32.23
N PHE M 1041 52.60 -10.71 32.03
CA PHE M 1041 52.60 -11.41 30.75
C PHE M 1041 51.62 -12.57 30.79
N THR M 1042 50.63 -12.54 29.91
CA THR M 1042 49.63 -13.59 29.82
C THR M 1042 50.02 -14.65 28.81
N GLN M 1043 51.25 -14.64 28.30
CA GLN M 1043 51.70 -15.62 27.33
C GLN M 1043 53.19 -15.86 27.51
N ASP M 1044 53.65 -17.02 27.07
CA ASP M 1044 55.06 -17.34 27.13
C ASP M 1044 55.84 -16.52 26.11
N VAL M 1045 57.16 -16.43 26.33
CA VAL M 1045 58.05 -15.66 25.48
C VAL M 1045 59.07 -16.62 24.88
N THR M 1046 59.25 -16.53 23.56
CA THR M 1046 60.18 -17.40 22.84
C THR M 1046 61.62 -17.19 23.32
N ILE N 862 70.82 0.48 11.77
CA ILE N 862 69.44 0.10 11.99
C ILE N 862 68.88 0.83 13.20
N ILE N 863 67.55 1.01 13.24
CA ILE N 863 66.87 1.65 14.34
C ILE N 863 65.89 0.65 14.93
N LYS N 864 66.08 0.33 16.21
CA LYS N 864 65.21 -0.63 16.89
C LYS N 864 63.88 0.02 17.26
N THR N 865 62.89 -0.83 17.53
CA THR N 865 61.59 -0.34 17.94
C THR N 865 61.69 0.35 19.30
N GLY N 866 61.04 1.51 19.41
CA GLY N 866 61.07 2.30 20.62
C GLY N 866 62.20 3.28 20.71
N ASP N 867 63.08 3.34 19.71
CA ASP N 867 64.21 4.26 19.75
C ASP N 867 63.72 5.67 19.46
N ILE N 868 63.80 6.54 20.46
CA ILE N 868 63.39 7.93 20.31
C ILE N 868 64.59 8.74 19.85
N MET N 869 64.46 9.40 18.71
CA MET N 869 65.49 10.35 18.27
C MET N 869 64.85 11.72 18.05
N PHE N 870 65.58 12.75 18.46
CA PHE N 870 65.03 14.10 18.50
C PHE N 870 65.12 14.76 17.13
N ALA N 871 64.04 15.39 16.71
CA ALA N 871 63.93 16.06 15.43
C ALA N 871 63.43 17.49 15.67
N VAL N 872 63.42 18.30 14.60
CA VAL N 872 62.82 19.62 14.65
C VAL N 872 61.87 19.74 13.47
N LEU N 873 60.63 20.13 13.74
CA LEU N 873 59.68 20.40 12.67
C LEU N 873 60.14 21.62 11.91
N ASP N 874 60.09 21.55 10.58
CA ASP N 874 60.43 22.71 9.74
C ASP N 874 59.38 22.97 8.68
N THR N 875 58.22 22.31 8.76
CA THR N 875 57.06 22.62 7.95
C THR N 875 55.87 22.75 8.89
N SER N 876 55.41 23.98 9.10
CA SER N 876 54.27 24.20 9.98
C SER N 876 53.04 23.48 9.43
N VAL N 877 52.34 22.78 10.32
CA VAL N 877 51.21 21.93 9.92
C VAL N 877 49.94 22.48 10.56
N ASN N 878 48.93 22.70 9.74
CA ASN N 878 47.62 23.18 10.18
C ASN N 878 46.60 22.08 9.91
N SER N 879 45.73 21.85 10.89
CA SER N 879 44.76 20.75 10.78
C SER N 879 43.78 20.96 9.63
N ASP N 880 43.54 22.20 9.22
CA ASP N 880 42.56 22.46 8.18
C ASP N 880 43.06 21.99 6.82
N GLU N 881 44.35 22.15 6.54
CA GLU N 881 44.91 21.86 5.23
C GLU N 881 45.70 20.57 5.25
N PRO N 882 45.19 19.49 4.66
CA PRO N 882 46.01 18.27 4.56
C PRO N 882 47.24 18.51 3.69
N GLY N 883 48.33 17.85 4.06
CA GLY N 883 49.57 17.99 3.34
C GLY N 883 50.71 17.29 4.04
N PRO N 884 51.85 17.14 3.36
CA PRO N 884 53.00 16.49 3.97
C PRO N 884 53.61 17.33 5.07
N ILE N 885 54.27 16.64 5.99
CA ILE N 885 54.96 17.25 7.12
C ILE N 885 56.40 16.82 7.08
N LEU N 886 57.32 17.78 7.18
CA LEU N 886 58.75 17.51 7.13
C LEU N 886 59.37 17.75 8.50
N ALA N 887 60.23 16.82 8.92
CA ALA N 887 60.98 16.96 10.15
C ALA N 887 62.44 16.61 9.88
N THR N 888 63.32 17.20 10.67
CA THR N 888 64.76 17.05 10.48
C THR N 888 65.39 16.54 11.76
N ILE N 889 65.93 15.32 11.72
CA ILE N 889 66.58 14.76 12.91
C ILE N 889 67.83 15.56 13.21
N VAL N 890 67.97 16.00 14.46
CA VAL N 890 69.05 16.91 14.84
C VAL N 890 70.13 16.25 15.69
N THR N 891 69.81 15.21 16.46
CA THR N 891 70.78 14.56 17.32
C THR N 891 70.81 13.06 17.01
N GLY N 892 72.02 12.52 17.02
CA GLY N 892 72.23 11.09 16.85
C GLY N 892 73.12 10.79 15.66
N LYS N 893 73.26 9.48 15.41
CA LYS N 893 74.06 9.02 14.27
C LYS N 893 73.45 9.46 12.96
N LEU N 894 72.12 9.40 12.84
CA LEU N 894 71.42 9.80 11.62
C LEU N 894 70.99 11.26 11.73
N LYS N 895 71.99 12.12 11.91
CA LYS N 895 71.77 13.55 12.07
C LYS N 895 71.60 14.18 10.69
N GLY N 896 70.40 14.66 10.40
CA GLY N 896 70.11 15.33 9.14
C GLY N 896 69.11 14.61 8.25
N SER N 897 68.56 13.47 8.65
CA SER N 897 67.59 12.78 7.83
C SER N 897 66.31 13.59 7.71
N LYS N 898 65.62 13.41 6.60
CA LYS N 898 64.40 14.16 6.28
C LYS N 898 63.21 13.22 6.44
N LEU N 899 62.53 13.33 7.57
CA LEU N 899 61.33 12.54 7.84
C LEU N 899 60.13 13.19 7.16
N ILE N 900 59.43 12.44 6.33
CA ILE N 900 58.21 12.90 5.67
C ILE N 900 57.04 12.11 6.24
N GLY N 901 56.02 12.82 6.70
CA GLY N 901 54.87 12.18 7.29
C GLY N 901 53.57 12.93 7.09
N SER N 902 52.52 12.52 7.80
CA SER N 902 51.22 13.15 7.73
C SER N 902 50.70 13.36 9.15
N PHE N 903 49.49 13.89 9.26
CA PHE N 903 48.86 14.16 10.54
C PHE N 903 47.48 13.54 10.58
N ASN N 904 46.91 13.51 11.78
CA ASN N 904 45.55 13.03 11.98
C ASN N 904 44.95 13.70 13.19
N LEU N 905 43.76 14.26 13.04
CA LEU N 905 43.01 14.82 14.15
C LEU N 905 42.02 13.79 14.66
N PRO N 906 42.07 13.39 15.93
CA PRO N 906 41.24 12.27 16.39
C PRO N 906 39.77 12.60 16.51
N SER N 907 39.35 13.78 16.03
CA SER N 907 37.97 14.23 15.93
C SER N 907 37.32 14.48 17.29
N ASN N 908 38.03 14.23 18.40
CA ASN N 908 37.48 14.53 19.71
C ASN N 908 38.57 15.11 20.61
N ALA N 909 39.75 15.40 20.07
CA ALA N 909 40.89 15.85 20.85
C ALA N 909 41.34 17.24 20.41
N ASP N 910 42.06 17.91 21.30
CA ASP N 910 42.60 19.24 21.02
C ASP N 910 44.02 19.18 20.45
N LYS N 911 44.54 17.99 20.18
CA LYS N 911 45.89 17.84 19.66
C LYS N 911 45.88 16.85 18.51
N MET N 912 46.87 16.98 17.62
CA MET N 912 46.94 16.21 16.39
C MET N 912 48.13 15.25 16.45
N VAL N 913 47.94 14.05 15.92
CA VAL N 913 48.96 13.01 15.94
C VAL N 913 49.72 13.06 14.63
N ILE N 914 51.04 13.25 14.71
CA ILE N 914 51.90 13.30 13.53
C ILE N 914 52.56 11.95 13.36
N THR N 915 52.30 11.28 12.25
CA THR N 915 52.85 9.97 11.96
C THR N 915 53.75 10.05 10.73
N PHE N 916 55.01 9.69 10.89
CA PHE N 916 55.99 9.76 9.83
C PHE N 916 56.13 8.39 9.17
N ASN N 917 56.22 8.38 7.83
CA ASN N 917 56.23 7.12 7.09
C ASN N 917 57.27 7.11 5.98
N THR N 918 58.24 8.01 6.01
CA THR N 918 59.33 8.01 5.03
C THR N 918 60.53 8.70 5.66
N MET N 919 61.71 8.10 5.50
CA MET N 919 62.93 8.65 6.07
C MET N 919 64.01 8.67 4.99
N SER N 920 64.68 9.81 4.85
CA SER N 920 65.69 10.02 3.81
C SER N 920 67.03 10.28 4.51
N ILE N 921 67.75 9.21 4.78
CA ILE N 921 69.05 9.32 5.45
C ILE N 921 70.05 9.98 4.52
N PRO N 922 70.83 10.97 4.97
CA PRO N 922 71.83 11.59 4.09
C PRO N 922 72.92 10.59 3.75
N GLY N 923 73.14 10.38 2.46
CA GLY N 923 74.09 9.41 1.97
C GLY N 923 73.47 8.09 1.55
N ALA N 924 72.23 7.83 1.94
CA ALA N 924 71.55 6.62 1.50
C ALA N 924 71.24 6.69 0.01
N GLU N 925 71.19 5.52 -0.62
CA GLU N 925 70.89 5.48 -2.05
C GLU N 925 69.46 5.95 -2.32
N LYS N 926 68.51 5.52 -1.49
CA LYS N 926 67.10 5.87 -1.67
C LYS N 926 66.47 6.09 -0.32
N THR N 927 65.21 6.53 -0.33
CA THR N 927 64.45 6.73 0.90
C THR N 927 63.73 5.44 1.27
N ILE N 928 63.73 5.14 2.56
CA ILE N 928 63.19 3.88 3.07
C ILE N 928 61.83 4.12 3.69
N SER N 929 60.89 3.23 3.42
CA SER N 929 59.61 3.27 4.13
C SER N 929 59.85 3.01 5.60
N ILE N 930 59.00 3.59 6.44
CA ILE N 930 59.24 3.61 7.88
C ILE N 930 57.91 3.75 8.61
N SER N 931 57.92 3.40 9.90
CA SER N 931 56.77 3.60 10.77
C SER N 931 57.26 4.37 11.99
N ALA N 932 56.63 5.52 12.24
CA ALA N 932 57.08 6.37 13.33
C ALA N 932 55.93 7.28 13.77
N TYR N 933 56.07 7.79 14.98
CA TYR N 933 55.14 8.76 15.55
C TYR N 933 55.95 9.89 16.16
N ALA N 934 55.34 11.07 16.22
CA ALA N 934 55.99 12.24 16.78
C ALA N 934 55.40 12.51 18.16
N ILE N 935 56.27 12.56 19.16
CA ILE N 935 55.87 12.84 20.53
C ILE N 935 56.39 14.22 20.92
N ASP N 936 55.68 14.86 21.84
CA ASP N 936 55.95 16.24 22.19
C ASP N 936 56.79 16.30 23.46
N PRO N 937 58.02 16.79 23.40
CA PRO N 937 58.80 16.96 24.62
C PRO N 937 58.11 17.91 25.59
N ASN N 938 58.44 17.75 26.87
CA ASN N 938 57.83 18.41 28.03
C ASN N 938 56.45 17.87 28.35
N THR N 939 55.89 16.99 27.52
CA THR N 939 54.61 16.35 27.82
C THR N 939 54.71 14.85 27.57
N ALA N 940 55.62 14.47 26.67
CA ALA N 940 55.88 13.09 26.27
C ALA N 940 54.68 12.45 25.57
N ARG N 941 53.59 13.20 25.41
CA ARG N 941 52.43 12.68 24.70
C ARG N 941 52.73 12.52 23.22
N THR N 942 52.03 11.59 22.58
CA THR N 942 52.22 11.34 21.16
C THR N 942 51.49 12.35 20.27
N ALA N 943 51.06 13.48 20.82
CA ALA N 943 50.27 14.45 20.08
C ALA N 943 50.90 15.83 20.18
N LEU N 944 50.73 16.62 19.13
CA LEU N 944 51.34 17.93 18.99
C LEU N 944 50.26 19.00 18.85
N ALA N 945 50.44 20.12 19.55
CA ALA N 945 49.57 21.27 19.38
C ALA N 945 50.29 22.50 19.91
N SER N 946 50.68 23.40 19.02
CA SER N 946 51.23 24.69 19.41
C SER N 946 50.16 25.77 19.55
N ARG N 947 49.02 25.59 18.89
CA ARG N 947 47.90 26.51 19.05
C ARG N 947 46.62 25.77 18.68
N THR N 948 45.70 25.64 19.64
CA THR N 948 44.43 24.97 19.42
C THR N 948 43.34 26.03 19.38
N ASN N 949 42.56 26.04 18.31
CA ASN N 949 41.58 27.09 18.06
C ASN N 949 40.19 26.46 17.97
N HIS N 950 39.42 26.61 19.04
CA HIS N 950 37.98 26.41 18.98
C HIS N 950 37.36 27.77 18.63
N HIS N 951 36.47 27.77 17.65
CA HIS N 951 35.92 29.01 17.14
C HIS N 951 34.79 29.46 18.07
N TYR N 952 35.19 30.12 19.16
CA TYR N 952 34.24 30.51 20.19
C TYR N 952 33.48 31.79 19.84
N LEU N 953 34.02 32.63 18.97
CA LEU N 953 33.30 33.82 18.52
C LEU N 953 32.58 33.64 17.21
N MET N 954 32.94 32.62 16.43
CA MET N 954 32.30 32.34 15.16
C MET N 954 31.21 31.30 15.25
N ARG N 955 31.30 30.36 16.19
CA ARG N 955 30.24 29.38 16.42
C ARG N 955 29.31 29.76 17.57
N TYR N 956 29.85 30.34 18.64
CA TYR N 956 29.02 30.75 19.76
C TYR N 956 28.62 32.21 19.70
N GLY N 957 29.44 33.06 19.09
CA GLY N 957 29.04 34.44 18.87
C GLY N 957 28.02 34.61 17.77
N SER N 958 27.92 33.64 16.86
CA SER N 958 26.91 33.64 15.82
C SER N 958 25.71 32.77 16.18
N LEU N 959 25.72 32.14 17.35
CA LEU N 959 24.57 31.41 17.86
C LEU N 959 23.88 32.09 19.02
N PHE N 960 24.60 32.88 19.81
CA PHE N 960 24.01 33.65 20.89
C PHE N 960 23.58 35.04 20.45
N ALA N 961 23.92 35.45 19.23
CA ALA N 961 23.50 36.73 18.69
C ALA N 961 22.51 36.61 17.55
N SER N 962 22.57 35.52 16.77
CA SER N 962 21.56 35.28 15.75
C SER N 962 20.24 34.89 16.38
N SER N 963 20.28 34.04 17.41
CA SER N 963 19.08 33.65 18.12
C SER N 963 18.57 34.73 19.06
N PHE N 964 19.44 35.59 19.56
CA PHE N 964 18.99 36.66 20.43
C PHE N 964 18.19 37.71 19.68
N LEU N 965 18.54 37.95 18.41
CA LEU N 965 17.72 38.83 17.59
C LEU N 965 16.33 38.24 17.38
N GLN N 966 16.26 36.93 17.16
CA GLN N 966 14.98 36.27 16.95
C GLN N 966 14.08 36.37 18.18
N GLY N 967 14.65 36.22 19.37
CA GLY N 967 13.86 36.28 20.58
C GLY N 967 13.65 37.67 21.13
N PHE N 968 14.48 38.63 20.73
CA PHE N 968 14.32 40.02 21.11
C PHE N 968 13.43 40.79 20.14
N GLY N 969 13.21 40.26 18.95
CA GLY N 969 12.28 40.85 18.01
C GLY N 969 10.88 40.29 18.15
N ASN N 970 10.78 38.96 18.22
CA ASN N 970 9.50 38.32 18.45
C ASN N 970 8.89 38.73 19.78
N ALA N 971 9.71 39.18 20.74
CA ALA N 971 9.18 39.64 22.01
C ALA N 971 8.52 41.00 21.89
N PHE N 972 8.96 41.82 20.94
CA PHE N 972 8.25 43.07 20.66
C PHE N 972 7.00 42.82 19.84
N GLN N 973 7.00 41.79 19.00
CA GLN N 973 5.83 41.49 18.19
C GLN N 973 4.64 41.12 19.06
N SER N 974 4.86 40.31 20.09
CA SER N 974 3.78 39.85 20.95
C SER N 974 3.43 40.85 22.05
N ALA N 975 4.15 41.96 22.16
CA ALA N 975 3.84 42.97 23.15
C ALA N 975 2.72 43.88 22.66
N ASN N 976 1.94 44.41 23.62
CA ASN N 976 0.83 45.31 23.38
C ASN N 976 -0.26 44.70 22.51
N THR N 977 -0.21 43.40 22.26
CA THR N 977 -1.21 42.74 21.42
C THR N 977 -2.50 42.54 22.20
N THR N 978 -3.61 42.53 21.47
CA THR N 978 -4.94 42.33 22.06
C THR N 978 -5.02 41.00 22.80
N ASN N 994 -0.56 45.04 17.26
CA ASN N 994 -1.96 45.27 16.91
C ASN N 994 -2.45 46.58 17.51
N GLY N 995 -1.54 47.53 17.69
CA GLY N 995 -1.86 48.84 18.22
C GLY N 995 -0.90 49.86 17.63
N VAL N 996 -0.91 51.07 18.19
CA VAL N 996 -0.03 52.12 17.70
C VAL N 996 1.41 51.79 18.08
N ARG N 997 2.28 51.80 17.08
CA ARG N 997 3.70 51.48 17.28
C ARG N 997 4.55 52.58 16.68
N ARG N 998 5.66 52.87 17.35
CA ARG N 998 6.63 53.81 16.81
C ARG N 998 7.45 53.16 15.70
N SER N 999 8.04 53.99 14.84
CA SER N 999 8.77 53.47 13.71
C SER N 999 10.00 52.66 14.14
N THR N 1000 10.65 53.07 15.23
CA THR N 1000 11.77 52.30 15.77
C THR N 1000 11.32 51.10 16.58
N LEU N 1001 10.06 51.07 17.03
CA LEU N 1001 9.52 49.90 17.69
C LEU N 1001 9.30 48.75 16.73
N GLU N 1002 9.58 48.95 15.45
CA GLU N 1002 9.63 47.88 14.46
C GLU N 1002 10.85 47.93 13.55
N ASN N 1003 11.53 49.07 13.45
CA ASN N 1003 12.76 49.15 12.67
C ASN N 1003 13.84 48.26 13.26
N ALA N 1004 14.31 48.60 14.45
CA ALA N 1004 15.49 47.97 15.01
C ALA N 1004 15.17 46.90 16.05
N VAL N 1005 13.91 46.53 16.21
CA VAL N 1005 13.58 45.44 17.12
C VAL N 1005 12.77 44.35 16.43
N ILE N 1006 11.57 44.67 15.94
CA ILE N 1006 10.73 43.64 15.33
C ILE N 1006 11.32 43.19 14.00
N GLY N 1007 11.86 44.13 13.21
CA GLY N 1007 12.47 43.77 11.95
C GLY N 1007 13.66 42.86 12.09
N LEU N 1008 14.32 42.88 13.25
CA LEU N 1008 15.44 41.98 13.48
C LEU N 1008 14.98 40.54 13.65
N ALA N 1009 13.78 40.34 14.19
CA ALA N 1009 13.29 38.98 14.45
C ALA N 1009 13.33 38.12 13.20
N THR N 1010 13.18 38.73 12.03
CA THR N 1010 13.28 37.96 10.79
C THR N 1010 14.74 37.68 10.43
N VAL N 1011 15.59 38.72 10.43
CA VAL N 1011 16.96 38.51 10.00
C VAL N 1011 17.67 37.54 10.93
N GLY N 1012 17.43 37.68 12.24
CA GLY N 1012 17.93 36.68 13.17
C GLY N 1012 17.46 35.29 12.81
N LYS N 1013 16.18 35.14 12.47
CA LYS N 1013 15.68 33.83 12.08
C LYS N 1013 16.40 33.30 10.85
N ALA N 1014 16.83 34.19 9.95
CA ALA N 1014 17.65 33.75 8.83
C ALA N 1014 19.06 33.43 9.29
N TRP N 1015 19.63 34.27 10.15
CA TRP N 1015 21.01 34.07 10.58
C TRP N 1015 21.14 32.77 11.38
N SER N 1016 20.19 32.50 12.27
CA SER N 1016 20.18 31.25 12.99
C SER N 1016 20.04 30.06 12.03
N GLN N 1017 19.39 30.27 10.89
CA GLN N 1017 19.33 29.20 9.89
C GLN N 1017 20.71 28.91 9.32
N GLN N 1018 21.55 29.92 9.18
CA GLN N 1018 22.91 29.76 8.68
C GLN N 1018 23.94 29.64 9.80
N ALA N 1019 23.49 29.54 11.04
CA ALA N 1019 24.39 29.43 12.18
C ALA N 1019 24.50 28.02 12.74
N GLN N 1020 23.45 27.21 12.66
CA GLN N 1020 23.55 25.82 13.08
C GLN N 1020 24.52 25.05 12.19
N GLN N 1021 24.45 25.29 10.88
CA GLN N 1021 25.41 24.66 9.97
C GLN N 1021 26.82 25.17 10.20
N LEU N 1022 26.95 26.43 10.58
CA LEU N 1022 28.26 27.02 10.85
C LEU N 1022 28.86 26.50 12.15
N PHE N 1023 28.03 26.03 13.07
CA PHE N 1023 28.50 25.53 14.36
C PHE N 1023 29.45 24.35 14.22
N ASN N 1024 29.34 23.58 13.14
CA ASN N 1024 30.08 22.34 13.00
C ASN N 1024 31.48 22.53 12.41
N THR N 1025 32.04 23.72 12.51
CA THR N 1025 33.42 23.91 12.07
C THR N 1025 34.35 23.26 13.07
N PRO N 1026 35.16 22.30 12.67
CA PRO N 1026 36.05 21.62 13.63
C PRO N 1026 37.13 22.56 14.15
N THR N 1027 37.60 22.27 15.36
CA THR N 1027 38.71 23.01 15.94
C THR N 1027 39.96 22.80 15.10
N THR N 1028 40.78 23.85 15.00
CA THR N 1028 41.98 23.80 14.18
C THR N 1028 43.20 23.70 15.10
N VAL N 1029 44.05 22.71 14.85
CA VAL N 1029 45.25 22.48 15.62
C VAL N 1029 46.44 22.86 14.74
N GLU N 1030 47.32 23.70 15.27
CA GLU N 1030 48.46 24.21 14.52
C GLU N 1030 49.73 23.89 15.27
N VAL N 1031 50.66 23.20 14.61
CA VAL N 1031 52.00 22.95 15.12
C VAL N 1031 52.97 23.82 14.32
N TYR N 1032 53.75 24.62 15.01
CA TYR N 1032 54.59 25.62 14.35
C TYR N 1032 55.80 24.93 13.72
N SER N 1033 56.72 25.73 13.18
CA SER N 1033 57.84 25.22 12.39
C SER N 1033 59.16 25.29 13.12
N GLY N 1034 59.14 25.37 14.44
CA GLY N 1034 60.37 25.30 15.22
C GLY N 1034 60.23 24.31 16.36
N THR N 1035 59.13 23.58 16.37
CA THR N 1035 58.81 22.69 17.49
C THR N 1035 59.73 21.48 17.46
N GLY N 1036 60.44 21.24 18.56
CA GLY N 1036 61.18 20.01 18.70
C GLY N 1036 60.24 18.82 18.87
N LEU N 1037 60.70 17.68 18.39
CA LEU N 1037 59.91 16.46 18.41
C LEU N 1037 60.77 15.31 18.89
N GLY N 1038 60.12 14.28 19.43
CA GLY N 1038 60.80 13.02 19.62
C GLY N 1038 60.17 12.00 18.70
N ILE N 1039 60.92 11.53 17.71
CA ILE N 1039 60.39 10.52 16.80
C ILE N 1039 60.58 9.16 17.44
N LEU N 1040 59.47 8.44 17.61
CA LEU N 1040 59.44 7.10 18.16
C LEU N 1040 59.07 6.12 17.06
N PHE N 1041 59.91 5.12 16.83
CA PHE N 1041 59.70 4.16 15.76
C PHE N 1041 59.04 2.91 16.31
N THR N 1042 57.87 2.58 15.79
CA THR N 1042 57.14 1.39 16.20
C THR N 1042 57.54 0.16 15.39
N GLN N 1043 58.50 0.29 14.47
CA GLN N 1043 58.93 -0.82 13.63
C GLN N 1043 60.43 -0.76 13.45
N ASP N 1044 61.04 -1.91 13.21
CA ASP N 1044 62.46 -1.98 12.95
C ASP N 1044 62.77 -1.35 11.59
N VAL N 1045 63.93 -0.70 11.50
CA VAL N 1045 64.38 -0.05 10.28
C VAL N 1045 65.64 -0.77 9.81
N THR N 1046 65.62 -1.24 8.57
CA THR N 1046 66.75 -1.97 8.00
C THR N 1046 66.97 -1.60 6.55
N ILE O 862 69.55 14.57 -9.74
CA ILE O 862 68.83 13.82 -8.73
C ILE O 862 68.21 14.77 -7.72
N ILE O 863 67.14 14.33 -7.06
CA ILE O 863 66.48 15.08 -6.00
C ILE O 863 65.97 14.10 -4.96
N LYS O 864 66.45 14.21 -3.73
CA LYS O 864 66.01 13.34 -2.66
C LYS O 864 64.67 13.82 -2.10
N THR O 865 63.98 12.92 -1.41
CA THR O 865 62.73 13.26 -0.75
C THR O 865 63.01 14.18 0.42
N GLY O 866 62.22 15.25 0.53
CA GLY O 866 62.42 16.26 1.55
C GLY O 866 63.27 17.43 1.13
N ASP O 867 63.87 17.38 -0.05
CA ASP O 867 64.68 18.49 -0.53
C ASP O 867 63.79 19.67 -0.89
N ILE O 868 64.15 20.85 -0.39
CA ILE O 868 63.39 22.07 -0.62
C ILE O 868 64.18 22.94 -1.58
N MET O 869 63.57 23.27 -2.71
CA MET O 869 64.15 24.20 -3.68
C MET O 869 63.26 25.43 -3.80
N PHE O 870 63.88 26.61 -3.79
CA PHE O 870 63.12 27.85 -3.79
C PHE O 870 62.73 28.22 -5.21
N ALA O 871 61.45 28.50 -5.42
CA ALA O 871 60.90 28.87 -6.71
C ALA O 871 60.14 30.18 -6.57
N VAL O 872 59.76 30.76 -7.70
CA VAL O 872 58.92 31.94 -7.74
C VAL O 872 57.71 31.62 -8.60
N LEU O 873 56.52 31.92 -8.09
CA LEU O 873 55.32 31.79 -8.90
C LEU O 873 55.33 32.86 -9.99
N ASP O 874 54.87 32.48 -11.18
CA ASP O 874 54.73 33.42 -12.28
C ASP O 874 53.39 33.28 -12.99
N THR O 875 52.46 32.54 -12.41
CA THR O 875 51.09 32.43 -12.92
C THR O 875 50.16 32.57 -11.71
N SER O 876 49.55 33.75 -11.57
CA SER O 876 48.65 33.98 -10.45
C SER O 876 47.47 33.04 -10.52
N VAL O 877 47.07 32.52 -9.37
CA VAL O 877 46.01 31.52 -9.30
C VAL O 877 44.82 32.10 -8.53
N ASN O 878 43.64 31.59 -8.83
CA ASN O 878 42.43 31.95 -8.13
C ASN O 878 41.67 30.66 -7.81
N SER O 879 40.96 30.67 -6.70
CA SER O 879 40.39 29.43 -6.17
C SER O 879 39.33 28.85 -7.11
N ASP O 880 38.48 29.70 -7.67
CA ASP O 880 37.32 29.22 -8.43
C ASP O 880 37.58 29.09 -9.91
N GLU O 881 38.81 29.34 -10.37
CA GLU O 881 39.18 29.17 -11.77
C GLU O 881 40.24 28.06 -11.85
N PRO O 882 39.83 26.82 -12.09
CA PRO O 882 40.80 25.72 -12.16
C PRO O 882 41.66 25.84 -13.40
N GLY O 883 42.98 25.75 -13.20
CA GLY O 883 43.93 25.84 -14.28
C GLY O 883 45.33 25.47 -13.83
N PRO O 884 46.23 25.29 -14.78
CA PRO O 884 47.60 24.93 -14.42
C PRO O 884 48.33 26.08 -13.74
N ILE O 885 49.32 25.72 -12.93
CA ILE O 885 50.14 26.68 -12.20
C ILE O 885 51.59 26.46 -12.60
N LEU O 886 52.27 27.54 -13.00
CA LEU O 886 53.67 27.48 -13.38
C LEU O 886 54.51 28.17 -12.33
N ALA O 887 55.65 27.56 -11.99
CA ALA O 887 56.60 28.14 -11.05
C ALA O 887 58.01 27.93 -11.55
N THR O 888 58.84 28.96 -11.48
CA THR O 888 60.20 28.90 -12.00
C THR O 888 61.18 28.83 -10.84
N ILE O 889 62.02 27.79 -10.82
CA ILE O 889 63.01 27.66 -9.75
C ILE O 889 64.10 28.70 -9.93
N VAL O 890 64.46 29.38 -8.84
CA VAL O 890 65.38 30.51 -8.93
C VAL O 890 66.75 30.16 -8.37
N THR O 891 66.78 29.35 -7.30
CA THR O 891 68.03 29.00 -6.64
C THR O 891 68.22 27.49 -6.64
N GLY O 892 69.45 27.07 -6.88
CA GLY O 892 69.83 25.67 -6.82
C GLY O 892 70.57 25.23 -8.05
N LYS O 893 70.95 23.95 -8.06
CA LYS O 893 71.61 23.38 -9.22
C LYS O 893 70.65 23.26 -10.40
N LEU O 894 69.37 23.02 -10.15
CA LEU O 894 68.35 22.97 -11.19
C LEU O 894 67.67 24.33 -11.27
N LYS O 895 68.42 25.31 -11.77
CA LYS O 895 67.94 26.68 -11.88
C LYS O 895 67.17 26.85 -13.17
N GLY O 896 66.03 27.53 -13.09
CA GLY O 896 65.23 27.85 -14.25
C GLY O 896 64.27 26.76 -14.70
N SER O 897 64.20 25.64 -13.99
CA SER O 897 63.24 24.60 -14.34
C SER O 897 61.82 25.10 -14.15
N LYS O 898 60.90 24.57 -14.95
CA LYS O 898 59.50 24.98 -14.91
C LYS O 898 58.66 23.90 -14.26
N LEU O 899 58.05 24.23 -13.14
CA LEU O 899 57.18 23.32 -12.41
C LEU O 899 55.74 23.61 -12.81
N ILE O 900 55.06 22.60 -13.35
CA ILE O 900 53.64 22.67 -13.69
C ILE O 900 52.88 21.85 -12.66
N GLY O 901 51.90 22.49 -12.02
CA GLY O 901 51.12 21.83 -11.00
C GLY O 901 49.70 22.34 -10.90
N SER O 902 48.99 21.98 -9.83
CA SER O 902 47.62 22.39 -9.65
C SER O 902 47.39 22.87 -8.22
N PHE O 903 46.13 23.09 -7.84
CA PHE O 903 45.80 23.52 -6.50
C PHE O 903 44.59 22.73 -6.00
N ASN O 904 44.25 22.96 -4.73
CA ASN O 904 43.09 22.32 -4.13
C ASN O 904 42.71 23.09 -2.88
N LEU O 905 41.49 23.60 -2.85
CA LEU O 905 40.98 24.25 -1.65
C LEU O 905 40.32 23.21 -0.77
N PRO O 906 40.74 23.06 0.49
CA PRO O 906 40.25 21.93 1.31
C PRO O 906 38.82 22.11 1.81
N SER O 907 38.11 23.11 1.30
CA SER O 907 36.70 23.38 1.56
C SER O 907 36.43 23.80 3.00
N ASN O 908 37.45 23.86 3.85
CA ASN O 908 37.26 24.34 5.22
C ASN O 908 38.41 25.23 5.66
N ALA O 909 39.31 25.62 4.77
CA ALA O 909 40.50 26.37 5.11
C ALA O 909 40.57 27.65 4.28
N ASP O 910 41.33 28.61 4.78
CA ASP O 910 41.52 29.89 4.13
C ASP O 910 42.77 29.92 3.25
N LYS O 911 43.39 28.77 3.03
CA LYS O 911 44.58 28.67 2.19
C LYS O 911 44.43 27.48 1.25
N MET O 912 45.15 27.53 0.14
CA MET O 912 45.05 26.52 -0.90
C MET O 912 46.39 25.79 -1.04
N VAL O 913 46.32 24.51 -1.37
CA VAL O 913 47.50 23.64 -1.41
C VAL O 913 47.91 23.45 -2.87
N ILE O 914 49.10 23.94 -3.22
CA ILE O 914 49.64 23.80 -4.57
C ILE O 914 50.41 22.50 -4.65
N THR O 915 50.06 21.66 -5.62
CA THR O 915 50.64 20.32 -5.76
C THR O 915 51.28 20.22 -7.14
N PHE O 916 52.55 20.61 -7.23
CA PHE O 916 53.28 20.48 -8.48
C PHE O 916 53.47 19.02 -8.84
N ASN O 917 53.24 18.69 -10.11
CA ASN O 917 53.35 17.31 -10.56
C ASN O 917 54.03 17.14 -11.90
N THR O 918 54.72 18.16 -12.41
CA THR O 918 55.52 18.02 -13.62
C THR O 918 56.68 19.00 -13.54
N MET O 919 57.86 18.57 -13.96
CA MET O 919 59.05 19.41 -13.91
C MET O 919 59.78 19.37 -15.24
N SER O 920 60.06 20.54 -15.80
CA SER O 920 60.77 20.68 -17.06
C SER O 920 62.13 21.31 -16.77
N ILE O 921 63.17 20.48 -16.73
CA ILE O 921 64.53 20.93 -16.47
C ILE O 921 65.14 21.46 -17.76
N PRO O 922 65.78 22.62 -17.76
CA PRO O 922 66.49 23.08 -18.97
C PRO O 922 67.59 22.10 -19.34
N GLY O 923 67.77 21.90 -20.64
CA GLY O 923 68.75 20.95 -21.11
C GLY O 923 68.37 19.51 -20.92
N ALA O 924 67.08 19.22 -20.75
CA ALA O 924 66.58 17.86 -20.63
C ALA O 924 65.84 17.47 -21.90
N GLU O 925 65.92 16.18 -22.24
CA GLU O 925 65.25 15.71 -23.46
C GLU O 925 63.74 15.84 -23.35
N LYS O 926 63.17 15.48 -22.20
CA LYS O 926 61.73 15.51 -22.01
C LYS O 926 61.43 16.00 -20.60
N THR O 927 60.16 16.29 -20.33
CA THR O 927 59.70 16.67 -19.02
C THR O 927 59.37 15.42 -18.22
N ILE O 928 59.69 15.44 -16.93
CA ILE O 928 59.62 14.27 -16.08
C ILE O 928 58.45 14.43 -15.11
N SER O 929 57.70 13.35 -14.92
CA SER O 929 56.69 13.33 -13.88
C SER O 929 57.36 13.44 -12.52
N ILE O 930 56.66 14.05 -11.56
CA ILE O 930 57.28 14.45 -10.30
C ILE O 930 56.17 14.60 -9.27
N SER O 931 56.56 14.58 -7.99
CA SER O 931 55.63 14.79 -6.89
C SER O 931 56.23 15.82 -5.95
N ALA O 932 55.53 16.94 -5.78
CA ALA O 932 56.05 18.03 -4.95
C ALA O 932 54.89 18.86 -4.45
N TYR O 933 55.15 19.59 -3.36
CA TYR O 933 54.19 20.51 -2.77
C TYR O 933 54.85 21.86 -2.59
N ALA O 934 54.05 22.92 -2.75
CA ALA O 934 54.54 24.27 -2.57
C ALA O 934 54.25 24.71 -1.14
N ILE O 935 55.31 25.03 -0.41
CA ILE O 935 55.20 25.55 0.94
C ILE O 935 55.45 27.05 0.91
N ASP O 936 54.81 27.77 1.82
CA ASP O 936 54.87 29.22 1.85
C ASP O 936 56.00 29.67 2.76
N PRO O 937 57.03 30.32 2.25
CA PRO O 937 58.07 30.86 3.14
C PRO O 937 57.51 31.94 4.04
N ASN O 938 58.21 32.18 5.14
CA ASN O 938 57.83 33.04 6.26
C ASN O 938 56.74 32.40 7.12
N THR O 939 56.18 31.27 6.70
CA THR O 939 55.24 30.50 7.51
C THR O 939 55.54 29.01 7.52
N ALA O 940 56.24 28.50 6.51
CA ALA O 940 56.64 27.10 6.38
C ALA O 940 55.45 26.17 6.21
N ARG O 941 54.23 26.72 6.17
CA ARG O 941 53.06 25.91 5.94
C ARG O 941 53.02 25.43 4.49
N THR O 942 52.34 24.31 4.25
CA THR O 942 52.22 23.75 2.92
C THR O 942 51.06 24.34 2.14
N ALA O 943 50.61 25.54 2.50
CA ALA O 943 49.48 26.17 1.85
C ALA O 943 49.80 27.63 1.55
N LEU O 944 49.25 28.12 0.44
CA LEU O 944 49.53 29.46 -0.06
C LEU O 944 48.26 30.28 -0.12
N ALA O 945 48.35 31.54 0.28
CA ALA O 945 47.24 32.48 0.12
C ALA O 945 47.78 33.89 0.20
N SER O 946 47.75 34.61 -0.92
CA SER O 946 48.10 36.02 -0.92
C SER O 946 46.93 36.91 -0.59
N ARG O 947 45.70 36.43 -0.83
CA ARG O 947 44.50 37.17 -0.44
C ARG O 947 43.34 36.19 -0.35
N THR O 948 42.72 36.11 0.82
CA THR O 948 41.57 35.26 1.04
C THR O 948 40.31 36.13 1.15
N ASN O 949 39.30 35.77 0.37
CA ASN O 949 38.09 36.57 0.24
C ASN O 949 36.89 35.74 0.68
N HIS O 950 36.40 36.03 1.87
CA HIS O 950 35.07 35.62 2.29
C HIS O 950 34.12 36.73 1.88
N HIS O 951 33.09 36.40 1.12
CA HIS O 951 32.18 37.40 0.59
C HIS O 951 31.20 37.79 1.70
N TYR O 952 31.63 38.75 2.53
CA TYR O 952 30.80 39.18 3.64
C TYR O 952 29.69 40.14 3.22
N LEU O 953 29.75 40.71 2.03
CA LEU O 953 28.68 41.54 1.52
C LEU O 953 27.69 40.77 0.64
N MET O 954 28.18 39.84 -0.17
CA MET O 954 27.28 39.02 -0.97
C MET O 954 26.47 38.06 -0.10
N ARG O 955 27.06 37.57 0.98
CA ARG O 955 26.41 36.55 1.82
C ARG O 955 25.75 37.11 3.06
N TYR O 956 26.35 38.11 3.71
CA TYR O 956 25.76 38.71 4.90
C TYR O 956 25.12 40.06 4.65
N GLY O 957 25.41 40.71 3.52
CA GLY O 957 24.72 41.92 3.17
C GLY O 957 23.43 41.63 2.45
N SER O 958 23.34 40.43 1.87
CA SER O 958 22.11 39.96 1.24
C SER O 958 21.29 39.07 2.15
N LEU O 959 21.79 38.77 3.35
CA LEU O 959 21.03 38.02 4.35
C LEU O 959 20.54 38.88 5.49
N PHE O 960 21.25 39.97 5.80
CA PHE O 960 20.83 40.90 6.84
C PHE O 960 20.00 42.05 6.29
N ALA O 961 19.83 42.13 4.98
CA ALA O 961 19.02 43.16 4.34
C ALA O 961 17.80 42.62 3.63
N SER O 962 17.93 41.46 2.98
CA SER O 962 16.75 40.82 2.39
C SER O 962 15.76 40.38 3.45
N SER O 963 16.26 39.81 4.56
CA SER O 963 15.39 39.40 5.64
C SER O 963 14.92 40.58 6.48
N PHE O 964 15.75 41.60 6.63
CA PHE O 964 15.33 42.77 7.40
C PHE O 964 14.17 43.48 6.71
N LEU O 965 14.19 43.54 5.39
CA LEU O 965 13.06 44.13 4.68
C LEU O 965 11.79 43.34 4.93
N GLN O 966 11.89 42.01 4.93
CA GLN O 966 10.73 41.17 5.22
C GLN O 966 10.21 41.43 6.63
N GLY O 967 11.11 41.52 7.61
CA GLY O 967 10.68 41.78 8.97
C GLY O 967 10.05 43.15 9.13
N PHE O 968 10.66 44.17 8.53
CA PHE O 968 10.11 45.52 8.58
C PHE O 968 8.74 45.59 7.94
N GLY O 969 8.58 44.96 6.77
CA GLY O 969 7.29 44.97 6.10
C GLY O 969 6.22 44.23 6.87
N ASN O 970 6.54 43.05 7.39
CA ASN O 970 5.56 42.30 8.15
C ASN O 970 5.24 42.98 9.48
N ALA O 971 6.19 43.75 10.03
CA ALA O 971 5.91 44.49 11.24
C ALA O 971 5.01 45.68 10.97
N PHE O 972 5.17 46.32 9.81
CA PHE O 972 4.29 47.43 9.46
C PHE O 972 2.92 46.93 9.02
N GLN O 973 2.85 45.71 8.50
CA GLN O 973 1.57 45.16 8.04
C GLN O 973 0.64 44.89 9.21
N SER O 974 1.15 44.22 10.24
CA SER O 974 0.37 43.91 11.43
C SER O 974 0.46 44.99 12.50
N ALA O 975 0.76 46.23 12.10
CA ALA O 975 0.90 47.31 13.08
C ALA O 975 -0.42 47.62 13.75
N ASN O 976 -1.41 48.04 12.96
CA ASN O 976 -2.74 48.34 13.48
C ASN O 976 -3.74 47.35 12.89
N THR O 977 -4.45 46.64 13.74
CA THR O 977 -5.43 45.66 13.30
C THR O 977 -6.52 45.57 14.36
N THR O 978 -7.67 45.02 13.96
CA THR O 978 -8.81 44.89 14.86
C THR O 978 -8.50 44.00 16.06
N ASN O 994 -7.80 46.11 8.37
CA ASN O 994 -6.92 47.06 9.03
C ASN O 994 -7.63 48.39 9.27
N GLY O 995 -6.96 49.48 8.90
CA GLY O 995 -7.51 50.82 9.07
C GLY O 995 -6.87 51.74 8.04
N VAL O 996 -7.26 53.01 8.06
CA VAL O 996 -6.76 53.96 7.07
C VAL O 996 -5.30 54.28 7.36
N ARG O 997 -4.48 54.21 6.32
CA ARG O 997 -3.07 54.52 6.43
C ARG O 997 -2.60 55.23 5.16
N ARG O 998 -1.60 56.10 5.32
CA ARG O 998 -1.12 56.88 4.19
C ARG O 998 -0.32 55.99 3.24
N SER O 999 -0.15 56.49 2.01
CA SER O 999 0.41 55.69 0.93
C SER O 999 1.83 55.22 1.21
N THR O 1000 2.59 55.94 2.04
CA THR O 1000 3.94 55.50 2.34
C THR O 1000 3.98 54.33 3.32
N LEU O 1001 2.92 54.12 4.10
CA LEU O 1001 2.82 52.91 4.90
C LEU O 1001 2.59 51.67 4.05
N GLU O 1002 2.17 51.83 2.80
CA GLU O 1002 2.07 50.71 1.87
C GLU O 1002 3.23 50.65 0.89
N ASN O 1003 3.89 51.77 0.64
CA ASN O 1003 4.91 51.87 -0.40
C ASN O 1003 6.28 51.46 0.14
N ALA O 1004 6.80 52.21 1.10
CA ALA O 1004 8.19 52.06 1.51
C ALA O 1004 8.38 51.10 2.67
N VAL O 1005 7.31 50.54 3.23
CA VAL O 1005 7.48 49.60 4.32
C VAL O 1005 6.76 48.28 4.05
N ILE O 1006 5.44 48.31 3.90
CA ILE O 1006 4.70 47.06 3.72
C ILE O 1006 5.01 46.44 2.36
N GLY O 1007 5.07 47.26 1.31
CA GLY O 1007 5.40 46.74 0.00
C GLY O 1007 6.78 46.15 -0.10
N LEU O 1008 7.66 46.50 0.83
CA LEU O 1008 8.99 45.90 0.88
C LEU O 1008 9.01 44.55 1.56
N ALA O 1009 7.88 44.11 2.13
CA ALA O 1009 7.83 42.78 2.74
C ALA O 1009 7.95 41.69 1.68
N THR O 1010 7.30 41.86 0.54
CA THR O 1010 7.29 40.82 -0.48
C THR O 1010 8.65 40.71 -1.17
N VAL O 1011 9.25 41.84 -1.54
CA VAL O 1011 10.58 41.79 -2.14
C VAL O 1011 11.57 41.21 -1.15
N GLY O 1012 11.49 41.62 0.12
CA GLY O 1012 12.30 41.00 1.15
C GLY O 1012 12.08 39.50 1.23
N LYS O 1013 10.88 39.04 0.91
CA LYS O 1013 10.64 37.60 0.88
C LYS O 1013 11.23 36.94 -0.37
N ALA O 1014 11.26 37.65 -1.49
CA ALA O 1014 11.81 37.07 -2.71
C ALA O 1014 13.33 37.12 -2.69
N TRP O 1015 13.89 38.29 -2.39
CA TRP O 1015 15.34 38.43 -2.26
C TRP O 1015 15.90 37.41 -1.28
N SER O 1016 15.29 37.28 -0.11
CA SER O 1016 15.75 36.31 0.87
C SER O 1016 15.65 34.89 0.31
N GLN O 1017 14.63 34.63 -0.51
CA GLN O 1017 14.52 33.30 -1.12
C GLN O 1017 15.65 33.06 -2.11
N GLN O 1018 16.18 34.12 -2.72
CA GLN O 1018 17.30 34.01 -3.64
C GLN O 1018 18.63 34.39 -3.00
N ALA O 1019 18.65 34.58 -1.68
CA ALA O 1019 19.88 34.90 -0.96
C ALA O 1019 20.39 33.75 -0.12
N GLN O 1020 19.56 32.74 0.17
CA GLN O 1020 20.06 31.53 0.79
C GLN O 1020 21.06 30.82 -0.10
N GLN O 1021 20.78 30.79 -1.41
CA GLN O 1021 21.70 30.18 -2.36
C GLN O 1021 22.97 31.01 -2.51
N LEU O 1022 22.87 32.33 -2.37
CA LEU O 1022 24.04 33.19 -2.42
C LEU O 1022 24.95 32.99 -1.22
N PHE O 1023 24.43 32.46 -0.12
CA PHE O 1023 25.24 32.23 1.07
C PHE O 1023 26.24 31.08 0.88
N ASN O 1024 26.07 30.26 -0.14
CA ASN O 1024 26.91 29.09 -0.34
C ASN O 1024 28.07 29.36 -1.29
N THR O 1025 28.32 30.60 -1.66
CA THR O 1025 29.47 30.91 -2.51
C THR O 1025 30.75 30.66 -1.74
N PRO O 1026 31.63 29.78 -2.21
CA PRO O 1026 32.85 29.48 -1.46
C PRO O 1026 33.81 30.66 -1.42
N THR O 1027 34.59 30.71 -0.35
CA THR O 1027 35.63 31.73 -0.23
C THR O 1027 36.66 31.52 -1.33
N THR O 1028 37.18 32.63 -1.86
CA THR O 1028 38.15 32.56 -2.95
C THR O 1028 39.54 32.89 -2.42
N VAL O 1029 40.49 32.00 -2.68
CA VAL O 1029 41.87 32.18 -2.24
C VAL O 1029 42.70 32.48 -3.49
N GLU O 1030 43.41 33.60 -3.47
CA GLU O 1030 44.21 34.04 -4.60
C GLU O 1030 45.66 34.13 -4.20
N VAL O 1031 46.52 33.44 -4.94
CA VAL O 1031 47.97 33.52 -4.78
C VAL O 1031 48.51 34.32 -5.96
N TYR O 1032 49.23 35.40 -5.67
CA TYR O 1032 49.66 36.31 -6.71
C TYR O 1032 50.78 35.68 -7.54
N SER O 1033 51.20 36.41 -8.57
CA SER O 1033 52.13 35.89 -9.57
C SER O 1033 53.56 36.33 -9.33
N GLY O 1034 53.87 36.82 -8.14
CA GLY O 1034 55.23 37.16 -7.80
C GLY O 1034 55.67 36.55 -6.50
N THR O 1035 54.80 35.74 -5.90
CA THR O 1035 55.06 35.17 -4.60
C THR O 1035 56.06 34.02 -4.71
N GLY O 1036 57.10 34.08 -3.89
CA GLY O 1036 58.05 32.98 -3.83
C GLY O 1036 57.53 31.83 -2.99
N LEU O 1037 57.96 30.64 -3.36
CA LEU O 1037 57.57 29.41 -2.66
C LEU O 1037 58.81 28.59 -2.39
N GLY O 1038 58.68 27.64 -1.47
CA GLY O 1038 59.58 26.52 -1.39
C GLY O 1038 58.88 25.35 -2.03
N ILE O 1039 59.65 24.45 -2.62
CA ILE O 1039 59.10 23.25 -3.24
C ILE O 1039 59.71 22.06 -2.50
N LEU O 1040 58.84 21.26 -1.88
CA LEU O 1040 59.22 20.11 -1.09
C LEU O 1040 58.81 18.86 -1.85
N PHE O 1041 59.76 17.97 -2.12
CA PHE O 1041 59.53 16.81 -2.96
C PHE O 1041 59.24 15.60 -2.08
N THR O 1042 58.07 15.00 -2.27
CA THR O 1042 57.69 13.81 -1.51
C THR O 1042 58.09 12.52 -2.20
N GLN O 1043 58.76 12.59 -3.35
CA GLN O 1043 59.20 11.41 -4.09
C GLN O 1043 60.58 11.66 -4.68
N ASP O 1044 61.33 10.58 -4.83
CA ASP O 1044 62.65 10.68 -5.45
C ASP O 1044 62.51 11.04 -6.93
N VAL O 1045 63.41 11.89 -7.40
CA VAL O 1045 63.38 12.38 -8.77
C VAL O 1045 64.60 11.81 -9.47
N THR O 1046 64.40 10.76 -10.27
CA THR O 1046 65.49 10.12 -10.99
C THR O 1046 65.45 10.48 -12.47
N ILE P 862 60.12 22.31 -31.75
CA ILE P 862 60.01 21.78 -30.40
C ILE P 862 59.55 22.87 -29.44
N ILE P 863 58.60 22.53 -28.58
CA ILE P 863 58.15 23.44 -27.51
C ILE P 863 58.08 22.63 -26.22
N LYS P 864 58.83 23.08 -25.22
CA LYS P 864 58.86 22.40 -23.93
C LYS P 864 57.68 22.83 -23.07
N THR P 865 57.41 22.01 -22.04
CA THR P 865 56.33 22.30 -21.11
C THR P 865 56.67 23.54 -20.29
N GLY P 866 55.70 24.44 -20.16
CA GLY P 866 55.89 25.68 -19.44
C GLY P 866 56.36 26.84 -20.28
N ASP P 867 56.67 26.61 -21.56
CA ASP P 867 57.10 27.70 -22.42
C ASP P 867 55.92 28.61 -22.72
N ILE P 868 56.11 29.91 -22.51
CA ILE P 868 55.08 30.91 -22.72
C ILE P 868 55.42 31.67 -24.00
N MET P 869 54.50 31.66 -24.95
CA MET P 869 54.63 32.43 -26.18
C MET P 869 53.51 33.45 -26.25
N PHE P 870 53.86 34.69 -26.59
CA PHE P 870 52.90 35.78 -26.59
C PHE P 870 52.11 35.76 -27.88
N ALA P 871 50.78 35.80 -27.76
CA ALA P 871 49.87 35.75 -28.89
C ALA P 871 48.90 36.91 -28.82
N VAL P 872 48.11 37.07 -29.87
CA VAL P 872 47.01 38.03 -29.88
C VAL P 872 45.75 37.33 -30.30
N LEU P 873 44.66 37.59 -29.59
CA LEU P 873 43.35 37.07 -29.96
C LEU P 873 42.81 37.88 -31.13
N ASP P 874 42.27 37.19 -32.13
CA ASP P 874 41.66 37.86 -33.28
C ASP P 874 40.24 37.36 -33.53
N THR P 875 39.66 36.64 -32.57
CA THR P 875 38.27 36.23 -32.62
C THR P 875 37.66 36.51 -31.25
N SER P 876 36.83 37.53 -31.16
CA SER P 876 36.17 37.86 -29.91
C SER P 876 35.30 36.71 -29.46
N VAL P 877 35.26 36.47 -28.15
CA VAL P 877 34.52 35.34 -27.60
C VAL P 877 33.48 35.86 -26.62
N ASN P 878 32.43 35.06 -26.44
CA ASN P 878 31.36 35.35 -25.50
C ASN P 878 30.99 34.05 -24.79
N SER P 879 30.69 34.16 -23.50
CA SER P 879 30.38 32.97 -22.72
C SER P 879 29.06 32.33 -23.11
N ASP P 880 28.15 33.09 -23.72
CA ASP P 880 26.82 32.56 -24.02
C ASP P 880 26.87 31.58 -25.19
N GLU P 881 27.46 31.98 -26.31
CA GLU P 881 27.47 31.14 -27.50
C GLU P 881 28.79 30.39 -27.61
N PRO P 882 28.77 29.06 -27.57
CA PRO P 882 30.03 28.31 -27.71
C PRO P 882 30.52 28.33 -29.14
N GLY P 883 31.84 28.46 -29.28
CA GLY P 883 32.47 28.47 -30.58
C GLY P 883 33.97 28.38 -30.49
N PRO P 884 34.64 28.12 -31.60
CA PRO P 884 36.10 28.06 -31.60
C PRO P 884 36.71 29.43 -31.38
N ILE P 885 37.90 29.44 -30.82
CA ILE P 885 38.65 30.65 -30.52
C ILE P 885 39.97 30.59 -31.28
N LEU P 886 40.26 31.63 -32.06
CA LEU P 886 41.48 31.71 -32.83
C LEU P 886 42.42 32.73 -32.22
N ALA P 887 43.69 32.36 -32.13
CA ALA P 887 44.74 33.28 -31.69
C ALA P 887 45.95 33.11 -32.59
N THR P 888 46.70 34.19 -32.78
CA THR P 888 47.89 34.16 -33.62
C THR P 888 49.10 34.58 -32.81
N ILE P 889 50.15 33.75 -32.84
CA ILE P 889 51.36 34.04 -32.10
C ILE P 889 52.14 35.14 -32.82
N VAL P 890 52.52 36.18 -32.08
CA VAL P 890 53.15 37.35 -32.67
C VAL P 890 54.66 37.34 -32.47
N THR P 891 55.14 36.88 -31.31
CA THR P 891 56.56 36.91 -30.99
C THR P 891 57.07 35.49 -30.81
N GLY P 892 58.29 35.24 -31.30
CA GLY P 892 58.99 33.99 -31.09
C GLY P 892 59.45 33.40 -32.40
N LYS P 893 60.00 32.18 -32.31
CA LYS P 893 60.42 31.45 -33.50
C LYS P 893 59.24 30.90 -34.30
N LEU P 894 58.04 30.94 -33.75
CA LEU P 894 56.82 30.55 -34.44
C LEU P 894 55.95 31.80 -34.53
N LYS P 895 56.20 32.61 -35.54
CA LYS P 895 55.55 33.91 -35.69
C LYS P 895 54.47 33.79 -36.76
N GLY P 896 53.23 33.60 -36.33
CA GLY P 896 52.12 33.54 -37.26
C GLY P 896 51.36 32.23 -37.24
N SER P 897 51.56 31.44 -36.19
CA SER P 897 50.79 30.21 -36.05
C SER P 897 49.33 30.53 -35.71
N LYS P 898 48.48 29.52 -35.82
CA LYS P 898 47.04 29.69 -35.65
C LYS P 898 46.57 28.71 -34.58
N LEU P 899 46.53 29.18 -33.33
CA LEU P 899 46.02 28.38 -32.23
C LEU P 899 44.50 28.38 -32.26
N ILE P 900 43.90 27.20 -32.31
CA ILE P 900 42.46 27.03 -32.28
C ILE P 900 42.09 26.32 -30.98
N GLY P 901 41.21 26.94 -30.20
CA GLY P 901 40.86 26.40 -28.91
C GLY P 901 39.42 26.65 -28.50
N SER P 902 39.13 26.43 -27.21
CA SER P 902 37.78 26.61 -26.69
C SER P 902 37.83 27.40 -25.40
N PHE P 903 36.69 27.50 -24.71
CA PHE P 903 36.62 28.21 -23.43
C PHE P 903 35.77 27.41 -22.46
N ASN P 904 35.94 27.74 -21.19
CA ASN P 904 35.15 27.13 -20.12
C ASN P 904 34.86 28.17 -19.05
N LEU P 905 33.61 28.24 -18.61
CA LEU P 905 33.23 29.11 -17.51
C LEU P 905 33.01 28.26 -16.27
N PRO P 906 33.78 28.47 -15.19
CA PRO P 906 33.69 27.58 -14.03
C PRO P 906 32.41 27.69 -13.23
N SER P 907 31.42 28.47 -13.70
CA SER P 907 30.09 28.55 -13.12
C SER P 907 30.09 29.17 -11.72
N ASN P 908 31.26 29.58 -11.23
CA ASN P 908 31.34 30.29 -9.97
C ASN P 908 32.38 31.41 -10.08
N ALA P 909 32.92 31.66 -11.27
CA ALA P 909 33.99 32.61 -11.46
C ALA P 909 33.56 33.70 -12.43
N ASP P 910 34.21 34.85 -12.32
CA ASP P 910 33.94 35.99 -13.17
C ASP P 910 34.83 36.04 -14.40
N LYS P 911 35.65 35.01 -14.63
CA LYS P 911 36.52 34.96 -15.78
C LYS P 911 36.47 33.57 -16.39
N MET P 912 36.77 33.50 -17.69
CA MET P 912 36.69 32.26 -18.44
C MET P 912 38.08 31.75 -18.81
N VAL P 913 38.23 30.44 -18.83
CA VAL P 913 39.52 29.80 -19.09
C VAL P 913 39.56 29.36 -20.55
N ILE P 914 40.57 29.84 -21.28
CA ILE P 914 40.75 29.50 -22.69
C ILE P 914 41.79 28.40 -22.79
N THR P 915 41.44 27.31 -23.46
CA THR P 915 42.33 26.15 -23.58
C THR P 915 42.49 25.77 -25.05
N PHE P 916 43.59 26.22 -25.65
CA PHE P 916 43.87 25.89 -27.04
C PHE P 916 44.29 24.44 -27.17
N ASN P 917 43.86 23.79 -28.26
CA ASN P 917 44.14 22.38 -28.45
C ASN P 917 44.50 22.02 -29.89
N THR P 918 44.89 23.00 -30.71
CA THR P 918 45.29 22.74 -32.09
C THR P 918 46.13 23.91 -32.57
N MET P 919 47.28 23.61 -33.16
CA MET P 919 48.22 24.65 -33.59
C MET P 919 48.64 24.39 -35.02
N SER P 920 48.54 25.42 -35.85
CA SER P 920 48.88 25.34 -37.27
C SER P 920 50.10 26.22 -37.52
N ILE P 921 51.28 25.62 -37.57
CA ILE P 921 52.52 26.35 -37.80
C ILE P 921 52.62 26.70 -39.28
N PRO P 922 52.98 27.92 -39.63
CA PRO P 922 53.19 28.25 -41.04
C PRO P 922 54.34 27.44 -41.62
N GLY P 923 54.09 26.81 -42.77
CA GLY P 923 55.06 25.94 -43.39
C GLY P 923 55.01 24.50 -42.94
N ALA P 924 54.21 24.18 -41.93
CA ALA P 924 54.05 22.80 -41.51
C ALA P 924 53.19 22.03 -42.48
N GLU P 925 53.42 20.72 -42.57
CA GLU P 925 52.62 19.88 -43.44
C GLU P 925 51.17 19.84 -42.99
N LYS P 926 50.95 19.69 -41.68
CA LYS P 926 49.60 19.59 -41.13
C LYS P 926 49.59 20.20 -39.74
N THR P 927 48.39 20.53 -39.28
CA THR P 927 48.21 21.05 -37.93
C THR P 927 48.41 19.94 -36.91
N ILE P 928 49.01 20.30 -35.78
CA ILE P 928 49.39 19.34 -34.75
C ILE P 928 48.50 19.54 -33.54
N SER P 929 48.06 18.44 -32.94
CA SER P 929 47.36 18.52 -31.67
C SER P 929 48.29 19.06 -30.60
N ILE P 930 47.72 19.74 -29.62
CA ILE P 930 48.51 20.50 -28.65
C ILE P 930 47.71 20.67 -27.38
N SER P 931 48.41 20.97 -26.29
CA SER P 931 47.78 21.31 -25.02
C SER P 931 48.33 22.65 -24.57
N ALA P 932 47.44 23.61 -24.30
CA ALA P 932 47.87 24.95 -23.97
C ALA P 932 46.77 25.65 -23.19
N TYR P 933 47.15 26.72 -22.50
CA TYR P 933 46.23 27.58 -21.79
C TYR P 933 46.58 29.01 -22.08
N ALA P 934 45.58 29.90 -22.01
CA ALA P 934 45.78 31.31 -22.26
C ALA P 934 45.80 32.04 -20.94
N ILE P 935 46.94 32.63 -20.60
CA ILE P 935 47.08 33.44 -19.40
C ILE P 935 46.98 34.91 -19.80
N ASP P 936 46.50 35.73 -18.88
CA ASP P 936 46.21 37.12 -19.15
C ASP P 936 47.38 37.98 -18.70
N PRO P 937 48.10 38.64 -19.61
CA PRO P 937 49.18 39.53 -19.17
C PRO P 937 48.62 40.66 -18.31
N ASN P 938 49.49 41.19 -17.45
CA ASN P 938 49.24 42.18 -16.40
C ASN P 938 48.57 41.54 -15.18
N THR P 939 48.16 40.28 -15.24
CA THR P 939 47.63 39.59 -14.08
C THR P 939 48.28 38.21 -13.93
N ALA P 940 48.71 37.64 -15.06
CA ALA P 940 49.30 36.32 -15.21
C ALA P 940 48.32 35.20 -14.92
N ARG P 941 47.09 35.52 -14.51
CA ARG P 941 46.09 34.49 -14.23
C ARG P 941 45.71 33.76 -15.51
N THR P 942 45.39 32.47 -15.38
CA THR P 942 45.05 31.66 -16.55
C THR P 942 43.68 31.97 -17.12
N ALA P 943 42.97 33.01 -16.69
CA ALA P 943 41.62 33.28 -17.16
C ALA P 943 41.55 34.68 -17.76
N LEU P 944 40.61 34.85 -18.68
CA LEU P 944 40.44 36.10 -19.43
C LEU P 944 39.04 36.64 -19.24
N ALA P 945 38.94 37.96 -19.07
CA ALA P 945 37.65 38.64 -19.07
C ALA P 945 37.88 40.10 -19.43
N SER P 946 37.63 40.46 -20.68
CA SER P 946 37.66 41.87 -21.06
C SER P 946 36.42 42.62 -20.60
N ARG P 947 35.33 41.92 -20.35
CA ARG P 947 34.11 42.54 -19.82
C ARG P 947 33.23 41.45 -19.24
N THR P 948 32.91 41.57 -17.95
CA THR P 948 32.08 40.59 -17.26
C THR P 948 30.74 41.23 -16.90
N ASN P 949 29.65 40.59 -17.30
CA ASN P 949 28.31 41.16 -17.15
C ASN P 949 27.47 40.22 -16.30
N HIS P 950 27.22 40.63 -15.05
CA HIS P 950 26.12 40.08 -14.27
C HIS P 950 24.90 40.94 -14.56
N HIS P 951 23.77 40.30 -14.84
CA HIS P 951 22.57 41.01 -15.26
C HIS P 951 21.85 41.52 -14.02
N TYR P 952 22.36 42.63 -13.48
CA TYR P 952 21.76 43.19 -12.27
C TYR P 952 20.40 43.80 -12.56
N LEU P 953 20.27 44.52 -13.66
CA LEU P 953 18.97 45.11 -14.00
C LEU P 953 17.98 44.05 -14.49
N MET P 954 18.47 43.00 -15.15
CA MET P 954 17.58 41.97 -15.65
C MET P 954 17.11 41.03 -14.55
N ARG P 955 17.97 40.73 -13.58
CA ARG P 955 17.67 39.76 -12.53
C ARG P 955 17.16 40.41 -11.25
N TYR P 956 17.79 41.50 -10.81
CA TYR P 956 17.36 42.20 -9.62
C TYR P 956 16.37 43.30 -9.91
N GLY P 957 16.44 43.93 -11.08
CA GLY P 957 15.44 44.92 -11.45
C GLY P 957 14.09 44.30 -11.75
N SER P 958 14.07 43.03 -12.18
CA SER P 958 12.84 42.30 -12.41
C SER P 958 12.41 41.49 -11.19
N LEU P 959 13.21 41.49 -10.12
CA LEU P 959 12.84 40.86 -8.87
C LEU P 959 12.45 41.86 -7.79
N PHE P 960 13.02 43.06 -7.82
CA PHE P 960 12.66 44.11 -6.87
C PHE P 960 11.51 44.97 -7.35
N ALA P 961 11.07 44.79 -8.59
CA ALA P 961 9.93 45.50 -9.13
C ALA P 961 8.68 44.65 -9.27
N SER P 962 8.84 43.37 -9.62
CA SER P 962 7.71 42.47 -9.64
C SER P 962 7.19 42.19 -8.23
N SER P 963 8.10 41.85 -7.31
CA SER P 963 7.71 41.59 -5.94
C SER P 963 7.23 42.84 -5.24
N PHE P 964 7.83 44.00 -5.52
CA PHE P 964 7.33 45.24 -4.94
C PHE P 964 5.93 45.54 -5.45
N LEU P 965 5.68 45.29 -6.73
CA LEU P 965 4.32 45.46 -7.26
C LEU P 965 3.34 44.54 -6.54
N GLN P 966 3.74 43.28 -6.33
CA GLN P 966 2.86 42.34 -5.64
C GLN P 966 2.57 42.81 -4.21
N GLY P 967 3.59 43.30 -3.50
CA GLY P 967 3.38 43.73 -2.13
C GLY P 967 2.60 45.03 -2.02
N PHE P 968 2.89 45.98 -2.91
CA PHE P 968 2.15 47.24 -2.93
C PHE P 968 0.69 46.99 -3.28
N GLY P 969 0.42 46.04 -4.17
CA GLY P 969 -0.95 45.69 -4.49
C GLY P 969 -1.69 45.06 -3.32
N ASN P 970 -1.06 44.06 -2.70
CA ASN P 970 -1.68 43.44 -1.53
C ASN P 970 -1.34 44.24 -0.28
N ALA P 971 -1.52 45.55 -0.37
CA ALA P 971 -1.41 46.44 0.78
C ALA P 971 -2.51 47.48 0.83
N PHE P 972 -3.13 47.81 -0.32
CA PHE P 972 -4.39 48.53 -0.33
C PHE P 972 -5.58 47.59 -0.26
N GLN P 973 -5.40 46.35 -0.71
CA GLN P 973 -6.47 45.37 -0.62
C GLN P 973 -6.83 45.09 0.83
N SER P 974 -5.82 44.96 1.68
CA SER P 974 -6.00 44.76 3.11
C SER P 974 -6.00 46.06 3.90
N ALA P 975 -5.99 47.20 3.22
CA ALA P 975 -5.95 48.48 3.92
C ALA P 975 -7.19 48.68 4.77
N ASN P 976 -8.36 48.33 4.23
CA ASN P 976 -9.61 48.39 4.98
C ASN P 976 -10.41 47.14 4.67
N THR P 977 -10.70 46.34 5.69
CA THR P 977 -11.45 45.11 5.52
C THR P 977 -12.43 44.96 6.68
N THR P 978 -13.53 44.26 6.41
CA THR P 978 -14.57 44.04 7.41
C THR P 978 -14.17 42.93 8.37
N ASN P 994 -17.20 47.47 5.90
CA ASN P 994 -17.23 47.86 4.50
C ASN P 994 -15.81 47.98 3.94
N GLY P 995 -15.71 48.02 2.61
CA GLY P 995 -14.42 48.14 1.94
C GLY P 995 -14.49 49.12 0.77
N VAL P 996 -15.31 50.17 0.90
CA VAL P 996 -15.54 51.08 -0.22
C VAL P 996 -14.23 51.76 -0.62
N ARG P 997 -13.96 51.80 -1.93
CA ARG P 997 -12.72 52.32 -2.47
C ARG P 997 -13.03 53.30 -3.59
N ARG P 998 -11.98 53.81 -4.22
CA ARG P 998 -12.08 54.68 -5.39
C ARG P 998 -11.47 53.98 -6.60
N SER P 999 -11.67 54.58 -7.78
CA SER P 999 -11.28 53.91 -9.01
C SER P 999 -9.77 53.72 -9.10
N THR P 1000 -8.99 54.72 -8.73
CA THR P 1000 -7.54 54.59 -8.78
C THR P 1000 -6.98 53.84 -7.58
N LEU P 1001 -7.76 53.70 -6.50
CA LEU P 1001 -7.36 52.86 -5.39
C LEU P 1001 -7.39 51.39 -5.75
N GLU P 1002 -7.83 51.05 -6.95
CA GLU P 1002 -7.77 49.69 -7.47
C GLU P 1002 -7.30 49.62 -8.92
N ASN P 1003 -7.07 50.77 -9.58
CA ASN P 1003 -6.57 50.77 -10.94
C ASN P 1003 -5.07 50.52 -10.97
N ALA P 1004 -4.30 51.45 -10.42
CA ALA P 1004 -2.85 51.42 -10.50
C ALA P 1004 -2.18 50.99 -9.20
N VAL P 1005 -2.95 50.48 -8.23
CA VAL P 1005 -2.34 49.95 -7.02
C VAL P 1005 -2.77 48.52 -6.74
N ILE P 1006 -4.08 48.28 -6.56
CA ILE P 1006 -4.55 46.93 -6.27
C ILE P 1006 -4.47 46.06 -7.52
N GLY P 1007 -4.80 46.63 -8.67
CA GLY P 1007 -4.71 45.88 -9.91
C GLY P 1007 -3.29 45.45 -10.25
N LEU P 1008 -2.29 46.13 -9.70
CA LEU P 1008 -0.91 45.73 -9.91
C LEU P 1008 -0.47 44.59 -9.01
N ALA P 1009 -1.31 44.18 -8.05
CA ALA P 1009 -0.97 43.01 -7.25
C ALA P 1009 -0.88 41.76 -8.10
N THR P 1010 -1.82 41.60 -9.04
CA THR P 1010 -1.85 40.38 -9.84
C THR P 1010 -0.71 40.36 -10.86
N VAL P 1011 -0.61 41.41 -11.67
CA VAL P 1011 0.44 41.44 -12.70
C VAL P 1011 1.80 41.29 -12.06
N GLY P 1012 2.06 42.06 -10.98
CA GLY P 1012 3.30 41.87 -10.24
C GLY P 1012 3.49 40.42 -9.83
N LYS P 1013 2.45 39.80 -9.28
CA LYS P 1013 2.54 38.39 -8.91
C LYS P 1013 2.96 37.54 -10.10
N ALA P 1014 2.31 37.74 -11.25
CA ALA P 1014 2.66 36.98 -12.43
C ALA P 1014 4.10 37.24 -12.83
N TRP P 1015 4.52 38.50 -12.75
CA TRP P 1015 5.91 38.84 -13.04
C TRP P 1015 6.84 38.13 -12.08
N SER P 1016 6.45 38.06 -10.80
CA SER P 1016 7.27 37.36 -9.82
C SER P 1016 7.35 35.87 -10.12
N GLN P 1017 6.37 35.33 -10.85
CA GLN P 1017 6.46 33.95 -11.30
C GLN P 1017 7.42 33.77 -12.46
N GLN P 1018 7.63 34.82 -13.25
CA GLN P 1018 8.52 34.77 -14.40
C GLN P 1018 9.86 35.43 -14.12
N ALA P 1019 10.11 35.84 -12.88
CA ALA P 1019 11.38 36.42 -12.50
C ALA P 1019 12.29 35.46 -11.76
N GLN P 1020 11.72 34.41 -11.15
CA GLN P 1020 12.56 33.37 -10.55
C GLN P 1020 13.36 32.64 -11.61
N GLN P 1021 12.75 32.35 -12.76
CA GLN P 1021 13.48 31.70 -13.84
C GLN P 1021 14.44 32.66 -14.53
N LEU P 1022 14.12 33.96 -14.52
CA LEU P 1022 15.01 34.95 -15.09
C LEU P 1022 16.21 35.22 -14.22
N PHE P 1023 16.14 34.87 -12.93
CA PHE P 1023 17.26 35.10 -12.03
C PHE P 1023 18.44 34.19 -12.32
N ASN P 1024 18.22 33.03 -12.94
CA ASN P 1024 19.26 32.05 -13.17
C ASN P 1024 19.99 32.26 -14.49
N THR P 1025 19.99 33.47 -15.03
CA THR P 1025 20.75 33.74 -16.24
C THR P 1025 22.23 33.85 -15.87
N PRO P 1026 23.10 33.01 -16.44
CA PRO P 1026 24.52 33.06 -16.06
C PRO P 1026 25.18 34.35 -16.51
N THR P 1027 26.18 34.77 -15.75
CA THR P 1027 26.96 35.94 -16.12
C THR P 1027 27.71 35.70 -17.42
N THR P 1028 27.82 36.73 -18.25
CA THR P 1028 28.46 36.59 -19.55
C THR P 1028 29.85 37.22 -19.51
N VAL P 1029 30.85 36.46 -19.91
CA VAL P 1029 32.24 36.90 -19.95
C VAL P 1029 32.63 37.08 -21.40
N GLU P 1030 33.18 38.25 -21.73
CA GLU P 1030 33.52 38.59 -23.10
C GLU P 1030 34.99 38.98 -23.15
N VAL P 1031 35.77 38.26 -23.95
CA VAL P 1031 37.16 38.59 -24.23
C VAL P 1031 37.20 39.15 -25.64
N TYR P 1032 37.70 40.37 -25.80
CA TYR P 1032 37.63 41.05 -27.07
C TYR P 1032 38.64 40.46 -28.06
N SER P 1033 38.72 41.07 -29.24
CA SER P 1033 39.45 40.51 -30.36
C SER P 1033 40.77 41.24 -30.63
N GLY P 1034 41.30 41.94 -29.65
CA GLY P 1034 42.62 42.55 -29.79
C GLY P 1034 43.45 42.30 -28.55
N THR P 1035 42.96 41.44 -27.68
CA THR P 1035 43.60 41.22 -26.39
C THR P 1035 44.81 40.32 -26.53
N GLY P 1036 45.94 40.76 -25.98
CA GLY P 1036 47.11 39.91 -25.94
C GLY P 1036 46.91 38.74 -24.99
N LEU P 1037 47.67 37.68 -25.25
CA LEU P 1037 47.58 36.44 -24.47
C LEU P 1037 48.98 35.91 -24.25
N GLY P 1038 49.13 35.12 -23.20
CA GLY P 1038 50.32 34.30 -23.07
C GLY P 1038 49.94 32.86 -23.16
N ILE P 1039 50.30 32.19 -24.24
CA ILE P 1039 49.99 30.78 -24.42
C ILE P 1039 51.04 29.96 -23.68
N LEU P 1040 50.60 29.22 -22.67
CA LEU P 1040 51.46 28.39 -21.84
C LEU P 1040 51.10 26.93 -22.09
N PHE P 1041 52.06 26.16 -22.59
CA PHE P 1041 51.82 24.79 -23.00
C PHE P 1041 52.12 23.85 -21.84
N THR P 1042 51.14 23.01 -21.50
CA THR P 1042 51.28 22.07 -20.41
C THR P 1042 51.79 20.71 -20.86
N GLN P 1043 52.13 20.54 -22.13
CA GLN P 1043 52.70 19.29 -22.61
C GLN P 1043 53.61 19.59 -23.80
N ASP P 1044 54.54 18.67 -24.05
CA ASP P 1044 55.51 18.85 -25.11
C ASP P 1044 54.85 18.84 -26.48
N VAL P 1045 55.45 19.59 -27.41
CA VAL P 1045 54.96 19.69 -28.78
C VAL P 1045 56.04 19.14 -29.71
N THR P 1046 55.68 18.14 -30.50
CA THR P 1046 56.62 17.48 -31.40
C THR P 1046 57.16 18.43 -32.45
#